data_6ZNG
#
_entry.id   6ZNG
#
_cell.length_a   250.422
_cell.length_b   144.792
_cell.length_c   171.138
_cell.angle_alpha   90.000
_cell.angle_beta   100.610
_cell.angle_gamma   90.000
#
_symmetry.space_group_name_H-M   'C 1 2 1'
#
loop_
_entity.id
_entity.type
_entity.pdbx_description
1 polymer 'NADP-dependent malate dehydrogenase,Malate dehydrogenase'
2 non-polymer 'ACETYL COENZYME *A'
#
_entity_poly.entity_id   1
_entity_poly.type   'polypeptide(L)'
_entity_poly.pdbx_seq_one_letter_code
;MGSSHHHHHHSMDNKTETKIEPKTGTTNFDQEALLYHQQGKPGKIEVISSKPCATEKDLSLAYSPGVAAPCKAIAKDPAK
VYDYTAKGNLVAVISNGTAVLGLGNIGPAAGKPVMEGKGILFKQFAGIDVFDIEVAATDVDVFCNAVRVLEPTFGGINLE
DIKAPECFEIEERLKKEMNIPVFHDDQHGTAIVSGAALLNACSITNRKMETVRIVVNGAGASANSCAKIFIALGARRENI
IMCDSQGVIYKGRTAGMNKYKEYFASETEARTLTEALRGADVFVGLSVAGALTPEMLKDMAKDPIIFAMANPEPEITPDK
ARAARPDAIIATGRSDYPNQVNNVLGFPSIFRGALDTRSTQINEEMKLAAVHALAKLAREDVPDKVSATYGGKSFKFGRD
YLIPKPFDTRVLLWVAPEVAKAAMKSGVATRAIEDWDQYRESLEALQGPSKVFIRSAINRVHQNSAANGGELPRIVFPEG
TSTKVLKALATLVEEKICQPILLGYPERVKEKIKALDIPLLNDVSIVHPSSHPKYFSFVEKLYSLRQRKGINLGEAERLM
ADPNYFAAMMVNQGEADGMVSGSSINYADAVRPILQTIGVYKEGIPAGLNFVLLEDKFLVLADTTVNLNPTAEQCAQIAL
QAAKIVEYFGIEPRVAMLSYSNFSGAEGTPRKMKKAAEIARSLRPDLMIEGDMQADTAVNPEIMERLFPFSGLKGGANVL
VFPNLESSNIAYKLIQQIGKAEVIGPFLTGVRRSANVLQRTTTVDGIVNSVVFTALEAQYIKEVLKSRGKK
;
_entity_poly.pdbx_strand_id   A,B,C,D,E,F
#
loop_
_chem_comp.id
_chem_comp.type
_chem_comp.name
_chem_comp.formula
ACO non-polymer 'ACETYL COENZYME *A' 'C23 H38 N7 O17 P3 S'
#
# COMPACT_ATOMS: atom_id res chain seq x y z
N THR A 26 49.63 -18.54 -47.50
CA THR A 26 48.71 -18.27 -46.40
C THR A 26 47.27 -18.06 -46.89
N THR A 27 46.73 -19.07 -47.56
CA THR A 27 45.43 -18.95 -48.24
C THR A 27 44.19 -18.96 -47.31
N ASN A 28 44.41 -19.06 -45.99
CA ASN A 28 43.30 -18.94 -45.03
C ASN A 28 42.93 -17.47 -44.99
N PHE A 29 43.97 -16.68 -44.76
CA PHE A 29 43.93 -15.23 -44.76
C PHE A 29 43.41 -14.77 -46.11
N ASP A 30 43.93 -15.40 -47.17
CA ASP A 30 43.52 -15.09 -48.54
C ASP A 30 42.01 -15.31 -48.76
N GLN A 31 41.50 -16.48 -48.35
CA GLN A 31 40.08 -16.79 -48.52
C GLN A 31 39.22 -15.80 -47.75
N GLU A 32 39.72 -15.44 -46.57
CA GLU A 32 39.06 -14.47 -45.71
C GLU A 32 38.93 -13.11 -46.44
N ALA A 33 40.03 -12.65 -47.04
CA ALA A 33 40.02 -11.42 -47.84
C ALA A 33 39.06 -11.53 -49.03
N LEU A 34 39.11 -12.65 -49.75
CA LEU A 34 38.20 -12.88 -50.89
C LEU A 34 36.73 -12.71 -50.51
N LEU A 35 36.32 -13.43 -49.47
CA LEU A 35 34.92 -13.34 -49.02
C LEU A 35 34.60 -11.93 -48.52
N TYR A 36 35.59 -11.28 -47.89
CA TYR A 36 35.43 -9.89 -47.46
C TYR A 36 35.03 -9.00 -48.65
N HIS A 37 35.66 -9.23 -49.80
CA HIS A 37 35.32 -8.46 -51.00
C HIS A 37 34.01 -8.85 -51.71
N GLN A 38 33.65 -10.14 -51.70
CA GLN A 38 32.47 -10.56 -52.47
C GLN A 38 31.16 -10.41 -51.67
N GLN A 39 31.24 -10.48 -50.34
CA GLN A 39 30.04 -10.39 -49.50
C GLN A 39 29.30 -9.07 -49.67
N GLY A 40 28.00 -9.09 -49.37
CA GLY A 40 27.15 -7.92 -49.48
C GLY A 40 27.18 -7.30 -50.86
N LYS A 41 27.39 -5.99 -50.91
CA LYS A 41 27.60 -5.31 -52.18
C LYS A 41 28.98 -5.61 -52.72
N PRO A 42 29.08 -6.01 -54.00
CA PRO A 42 30.39 -6.26 -54.58
C PRO A 42 31.30 -5.05 -54.39
N GLY A 43 32.56 -5.27 -54.04
CA GLY A 43 33.52 -4.19 -53.87
C GLY A 43 33.57 -3.58 -52.48
N LYS A 44 34.21 -2.42 -52.38
CA LYS A 44 34.44 -1.76 -51.10
C LYS A 44 33.86 -0.36 -51.03
N ILE A 45 33.26 0.12 -52.11
CA ILE A 45 32.77 1.51 -52.10
C ILE A 45 31.35 1.65 -52.60
N GLU A 46 30.76 2.79 -52.27
CA GLU A 46 29.43 3.15 -52.73
C GLU A 46 29.31 4.68 -52.69
N VAL A 47 28.57 5.26 -53.64
CA VAL A 47 28.37 6.71 -53.70
C VAL A 47 26.97 7.09 -53.23
N ILE A 48 26.87 7.92 -52.21
CA ILE A 48 25.56 8.31 -51.66
C ILE A 48 25.38 9.82 -51.64
N SER A 49 24.14 10.25 -51.44
CA SER A 49 23.81 11.67 -51.38
C SER A 49 24.24 12.31 -50.07
N SER A 50 24.80 13.51 -50.14
CA SER A 50 25.17 14.23 -48.93
C SER A 50 24.05 15.17 -48.55
N LYS A 51 22.95 15.08 -49.29
CA LYS A 51 21.81 15.99 -49.14
C LYS A 51 20.50 15.22 -49.28
N PRO A 52 19.41 15.78 -48.75
CA PRO A 52 18.10 15.14 -48.81
C PRO A 52 17.56 15.00 -50.21
N CYS A 53 16.93 13.87 -50.51
CA CYS A 53 16.40 13.62 -51.83
C CYS A 53 15.24 12.65 -51.83
N ALA A 54 14.37 12.77 -50.83
CA ALA A 54 13.25 11.85 -50.72
C ALA A 54 11.99 12.47 -51.34
N THR A 55 11.82 13.78 -51.17
CA THR A 55 10.63 14.45 -51.68
C THR A 55 10.84 15.07 -53.05
N GLU A 56 9.75 15.32 -53.77
CA GLU A 56 9.84 15.93 -55.09
C GLU A 56 10.44 17.31 -55.05
N LYS A 57 10.21 18.07 -53.99
CA LYS A 57 10.77 19.41 -53.91
C LYS A 57 12.29 19.26 -53.77
N ASP A 58 12.69 18.31 -52.92
CA ASP A 58 14.11 18.00 -52.71
C ASP A 58 14.81 17.54 -53.98
N LEU A 59 14.09 16.79 -54.81
CA LEU A 59 14.66 16.33 -56.06
C LEU A 59 14.67 17.47 -57.08
N SER A 60 13.68 18.35 -56.96
CA SER A 60 13.57 19.56 -57.79
C SER A 60 14.66 20.56 -57.42
N LEU A 61 15.32 20.31 -56.30
CA LEU A 61 16.48 21.10 -55.91
C LEU A 61 17.74 20.34 -56.30
N ALA A 62 17.70 19.02 -56.21
CA ALA A 62 18.85 18.22 -56.62
C ALA A 62 19.02 18.23 -58.14
N TYR A 63 17.91 18.35 -58.86
CA TYR A 63 17.93 18.37 -60.33
C TYR A 63 17.17 19.60 -60.86
N SER A 64 16.60 19.53 -62.07
CA SER A 64 15.86 20.67 -62.61
C SER A 64 14.59 20.87 -61.78
N PRO A 65 14.13 22.13 -61.64
CA PRO A 65 14.73 23.35 -62.21
C PRO A 65 15.76 24.04 -61.31
N GLY A 66 15.84 23.63 -60.06
CA GLY A 66 16.69 24.29 -59.07
C GLY A 66 18.18 24.19 -59.34
N VAL A 67 18.62 23.04 -59.84
CA VAL A 67 20.04 22.78 -60.05
C VAL A 67 20.66 23.73 -61.07
N ALA A 68 19.81 24.38 -61.87
CA ALA A 68 20.28 25.36 -62.84
C ALA A 68 20.97 26.52 -62.16
N ALA A 69 20.57 26.81 -60.92
CA ALA A 69 21.08 27.99 -60.22
C ALA A 69 22.58 27.94 -59.92
N PRO A 70 23.09 26.87 -59.25
CA PRO A 70 24.54 26.87 -59.01
C PRO A 70 25.32 26.87 -60.32
N CYS A 71 24.85 26.13 -61.32
CA CYS A 71 25.47 26.14 -62.64
C CYS A 71 25.59 27.56 -63.17
N LYS A 72 24.46 28.27 -63.25
CA LYS A 72 24.46 29.66 -63.71
C LYS A 72 25.50 30.44 -62.90
N ALA A 73 25.64 30.09 -61.62
CA ALA A 73 26.58 30.80 -60.75
C ALA A 73 28.03 30.55 -61.18
N ILE A 74 28.38 29.28 -61.41
CA ILE A 74 29.75 28.93 -61.77
C ILE A 74 30.09 29.44 -63.19
N ALA A 75 29.07 29.53 -64.04
CA ALA A 75 29.23 30.02 -65.40
C ALA A 75 29.86 31.40 -65.38
N LYS A 76 29.57 32.13 -64.31
CA LYS A 76 30.08 33.49 -64.12
C LYS A 76 31.47 33.50 -63.45
N ASP A 77 31.66 32.58 -62.50
CA ASP A 77 32.87 32.47 -61.69
C ASP A 77 33.32 31.01 -61.49
N PRO A 78 34.27 30.53 -62.30
CA PRO A 78 34.66 29.12 -62.31
C PRO A 78 35.10 28.53 -60.96
N ALA A 79 35.78 29.33 -60.13
CA ALA A 79 36.27 28.88 -58.82
C ALA A 79 35.17 28.33 -57.90
N LYS A 80 33.96 28.88 -58.00
CA LYS A 80 32.84 28.42 -57.16
C LYS A 80 32.44 26.97 -57.42
N VAL A 81 33.08 26.32 -58.38
CA VAL A 81 32.88 24.88 -58.54
C VAL A 81 33.32 24.16 -57.25
N TYR A 82 34.28 24.75 -56.54
CA TYR A 82 34.70 24.18 -55.27
C TYR A 82 33.67 24.52 -54.14
N ASP A 83 32.76 25.47 -54.38
CA ASP A 83 31.81 26.01 -53.39
C ASP A 83 30.45 25.34 -53.36
N TYR A 84 30.00 24.92 -54.53
CA TYR A 84 28.67 24.35 -54.71
C TYR A 84 28.76 22.87 -55.02
N THR A 85 29.98 22.33 -55.02
CA THR A 85 30.19 20.97 -55.45
C THR A 85 31.25 20.28 -54.58
N ALA A 86 31.29 18.96 -54.65
CA ALA A 86 32.18 18.13 -53.85
C ALA A 86 33.65 18.28 -54.20
N LYS A 87 33.95 19.08 -55.22
CA LYS A 87 35.32 19.30 -55.68
C LYS A 87 36.32 19.54 -54.55
N GLY A 88 35.97 20.42 -53.64
CA GLY A 88 36.87 20.85 -52.58
C GLY A 88 37.30 19.73 -51.65
N ASN A 89 36.73 18.54 -51.86
CA ASN A 89 37.10 17.40 -51.06
C ASN A 89 37.11 16.11 -51.91
N LEU A 90 37.22 16.27 -53.22
CA LEU A 90 37.16 15.12 -54.12
C LEU A 90 38.52 14.89 -54.77
N VAL A 91 39.10 13.71 -54.53
CA VAL A 91 40.42 13.35 -55.07
C VAL A 91 40.39 12.12 -55.98
N ALA A 92 41.12 12.16 -57.09
CA ALA A 92 41.25 11.01 -57.99
C ALA A 92 42.49 10.17 -57.65
N VAL A 93 42.30 8.87 -57.46
CA VAL A 93 43.40 7.92 -57.34
C VAL A 93 43.54 7.21 -58.68
N ILE A 94 44.55 7.59 -59.47
CA ILE A 94 44.62 7.12 -60.85
C ILE A 94 45.76 6.14 -61.13
N SER A 95 45.39 4.99 -61.70
CA SER A 95 46.35 3.94 -62.01
C SER A 95 45.87 2.96 -63.07
N ASN A 96 46.80 2.40 -63.85
CA ASN A 96 46.49 1.29 -64.75
C ASN A 96 47.12 -0.05 -64.32
N GLY A 97 47.69 -0.08 -63.11
CA GLY A 97 48.15 -1.33 -62.51
C GLY A 97 49.43 -1.90 -63.07
N THR A 98 50.39 -1.02 -63.35
CA THR A 98 51.67 -1.47 -63.89
C THR A 98 52.74 -1.61 -62.79
N ALA A 99 52.42 -1.18 -61.56
CA ALA A 99 53.33 -1.37 -60.42
C ALA A 99 52.59 -1.46 -59.07
N VAL A 100 51.66 -2.40 -58.97
CA VAL A 100 50.81 -2.56 -57.78
C VAL A 100 51.53 -3.22 -56.61
N LEU A 101 51.67 -2.48 -55.50
CA LEU A 101 52.37 -2.97 -54.31
C LEU A 101 53.72 -3.61 -54.67
N GLY A 102 53.84 -4.91 -54.41
CA GLY A 102 55.01 -5.68 -54.80
C GLY A 102 54.60 -6.76 -55.78
N LEU A 103 53.50 -6.53 -56.48
CA LEU A 103 52.91 -7.53 -57.36
C LEU A 103 53.19 -7.25 -58.84
N GLY A 104 53.69 -6.05 -59.11
CA GLY A 104 54.09 -5.66 -60.46
C GLY A 104 52.96 -5.26 -61.39
N ASN A 105 53.15 -5.51 -62.69
CA ASN A 105 52.19 -5.09 -63.71
C ASN A 105 51.06 -6.09 -63.92
N ILE A 106 49.99 -5.92 -63.14
CA ILE A 106 48.90 -6.87 -63.17
C ILE A 106 47.64 -6.38 -63.90
N GLY A 107 47.64 -5.12 -64.33
CA GLY A 107 46.56 -4.61 -65.17
C GLY A 107 45.52 -3.80 -64.39
N PRO A 108 44.73 -2.98 -65.10
CA PRO A 108 43.78 -2.09 -64.42
C PRO A 108 42.62 -2.86 -63.78
N ALA A 109 42.04 -3.80 -64.52
CA ALA A 109 40.90 -4.59 -64.01
C ALA A 109 41.31 -5.34 -62.75
N ALA A 110 42.52 -5.88 -62.74
CA ALA A 110 43.00 -6.64 -61.59
C ALA A 110 43.51 -5.70 -60.49
N GLY A 111 43.83 -4.46 -60.86
CA GLY A 111 44.36 -3.48 -59.93
C GLY A 111 43.37 -2.58 -59.23
N LYS A 112 42.12 -2.60 -59.67
CA LYS A 112 41.10 -1.74 -59.06
C LYS A 112 40.92 -1.94 -57.53
N PRO A 113 40.92 -3.20 -57.04
CA PRO A 113 40.76 -3.37 -55.58
C PRO A 113 41.78 -2.62 -54.71
N VAL A 114 43.03 -2.53 -55.15
CA VAL A 114 44.03 -1.84 -54.34
C VAL A 114 43.80 -0.33 -54.42
N MET A 115 43.19 0.13 -55.51
CA MET A 115 42.88 1.54 -55.69
C MET A 115 41.67 1.97 -54.85
N GLU A 116 40.63 1.14 -54.83
CA GLU A 116 39.51 1.32 -53.91
C GLU A 116 40.03 1.32 -52.47
N GLY A 117 40.88 0.34 -52.16
CA GLY A 117 41.53 0.28 -50.85
C GLY A 117 42.24 1.58 -50.51
N LYS A 118 43.01 2.11 -51.46
CA LYS A 118 43.69 3.39 -51.25
C LYS A 118 42.72 4.55 -51.00
N GLY A 119 41.65 4.59 -51.78
CA GLY A 119 40.58 5.55 -51.56
C GLY A 119 40.05 5.48 -50.14
N ILE A 120 39.76 4.26 -49.71
CA ILE A 120 39.35 4.00 -48.34
C ILE A 120 40.37 4.60 -47.37
N LEU A 121 41.65 4.37 -47.64
CA LEU A 121 42.73 4.91 -46.80
C LEU A 121 42.62 6.43 -46.68
N PHE A 122 42.40 7.08 -47.82
CA PHE A 122 42.13 8.52 -47.90
C PHE A 122 40.98 8.99 -47.01
N LYS A 123 39.83 8.34 -47.15
CA LYS A 123 38.63 8.70 -46.38
C LYS A 123 38.81 8.46 -44.88
N GLN A 124 39.44 7.35 -44.53
CA GLN A 124 39.56 6.96 -43.15
C GLN A 124 40.57 7.82 -42.41
N PHE A 125 41.58 8.32 -43.13
CA PHE A 125 42.63 9.07 -42.45
C PHE A 125 42.59 10.57 -42.63
N ALA A 126 41.91 11.04 -43.67
CA ALA A 126 41.83 12.47 -43.90
C ALA A 126 40.44 12.92 -44.29
N GLY A 127 39.49 11.99 -44.29
CA GLY A 127 38.13 12.33 -44.66
C GLY A 127 38.06 12.77 -46.11
N ILE A 128 38.96 12.24 -46.93
CA ILE A 128 39.00 12.60 -48.34
C ILE A 128 38.12 11.67 -49.16
N ASP A 129 37.23 12.26 -49.94
CA ASP A 129 36.38 11.50 -50.84
C ASP A 129 37.22 11.11 -52.04
N VAL A 130 37.02 9.90 -52.56
CA VAL A 130 37.89 9.45 -53.63
C VAL A 130 37.17 8.79 -54.80
N PHE A 131 37.54 9.22 -56.00
CA PHE A 131 37.20 8.50 -57.20
C PHE A 131 38.41 7.69 -57.61
N ASP A 132 38.21 6.39 -57.74
CA ASP A 132 39.23 5.48 -58.23
C ASP A 132 39.19 5.46 -59.76
N ILE A 133 40.31 5.74 -60.41
CA ILE A 133 40.33 5.79 -61.87
C ILE A 133 41.31 4.78 -62.48
N GLU A 134 40.75 3.71 -63.03
CA GLU A 134 41.54 2.67 -63.68
C GLU A 134 41.52 2.88 -65.18
N VAL A 135 42.69 3.20 -65.73
CA VAL A 135 42.83 3.62 -67.12
C VAL A 135 43.44 2.54 -67.99
N ALA A 136 42.89 2.29 -69.17
CA ALA A 136 43.46 1.28 -70.05
C ALA A 136 44.49 1.88 -71.03
N ALA A 137 45.60 2.41 -70.50
CA ALA A 137 46.62 3.06 -71.33
C ALA A 137 48.04 2.78 -70.87
N THR A 138 48.79 2.06 -71.70
CA THR A 138 50.20 1.77 -71.43
C THR A 138 51.06 2.84 -72.08
N ASP A 139 50.52 3.51 -73.09
CA ASP A 139 51.21 4.61 -73.73
C ASP A 139 51.12 5.87 -72.86
N VAL A 140 52.26 6.51 -72.63
CA VAL A 140 52.33 7.73 -71.82
C VAL A 140 51.47 8.86 -72.40
N ASP A 141 51.53 9.03 -73.72
CA ASP A 141 50.91 10.18 -74.38
C ASP A 141 49.38 10.21 -74.26
N VAL A 142 48.70 9.10 -74.56
CA VAL A 142 47.24 9.10 -74.44
C VAL A 142 46.82 9.11 -72.96
N PHE A 143 47.56 8.39 -72.11
CA PHE A 143 47.28 8.40 -70.69
C PHE A 143 47.22 9.84 -70.17
N CYS A 144 48.27 10.60 -70.46
CA CYS A 144 48.34 11.98 -70.04
C CYS A 144 47.23 12.81 -70.71
N ASN A 145 46.96 12.52 -71.99
CA ASN A 145 45.89 13.23 -72.72
C ASN A 145 44.50 13.04 -72.13
N ALA A 146 44.27 11.86 -71.57
CA ALA A 146 43.01 11.49 -70.95
C ALA A 146 42.88 12.08 -69.57
N VAL A 147 43.95 11.98 -68.80
CA VAL A 147 43.93 12.40 -67.42
C VAL A 147 43.91 13.91 -67.27
N ARG A 148 44.74 14.60 -68.05
CA ARG A 148 44.90 16.05 -67.91
C ARG A 148 43.55 16.80 -67.96
N VAL A 149 42.64 16.29 -68.77
CA VAL A 149 41.41 17.02 -69.10
C VAL A 149 40.30 16.66 -68.12
N LEU A 150 40.63 15.81 -67.14
CA LEU A 150 39.66 15.47 -66.10
C LEU A 150 39.74 16.49 -64.96
N GLU A 151 40.62 17.47 -65.10
CA GLU A 151 40.93 18.44 -64.03
C GLU A 151 39.74 19.12 -63.34
N PRO A 152 38.72 19.58 -64.09
CA PRO A 152 37.61 20.22 -63.39
C PRO A 152 36.90 19.33 -62.36
N THR A 153 36.95 18.01 -62.57
CA THR A 153 36.22 17.05 -61.73
C THR A 153 36.82 16.91 -60.33
N PHE A 154 38.13 17.03 -60.25
CA PHE A 154 38.84 16.66 -59.04
C PHE A 154 39.54 17.86 -58.43
N GLY A 155 39.73 17.81 -57.12
CA GLY A 155 40.44 18.85 -56.41
C GLY A 155 41.91 18.53 -56.40
N GLY A 156 42.22 17.26 -56.60
CA GLY A 156 43.59 16.80 -56.66
C GLY A 156 43.70 15.41 -57.24
N ILE A 157 44.89 15.08 -57.72
CA ILE A 157 45.14 13.78 -58.33
C ILE A 157 46.23 13.03 -57.57
N ASN A 158 45.89 11.84 -57.07
CA ASN A 158 46.87 10.97 -56.43
C ASN A 158 47.21 9.81 -57.37
N LEU A 159 48.33 9.97 -58.08
CA LEU A 159 48.87 8.95 -58.97
C LEU A 159 49.34 7.78 -58.12
N GLU A 160 49.11 6.55 -58.56
CA GLU A 160 49.40 5.41 -57.68
C GLU A 160 49.87 4.15 -58.40
N ASP A 161 50.95 3.55 -57.89
CA ASP A 161 51.43 2.24 -58.35
C ASP A 161 51.62 2.20 -59.86
N ILE A 162 52.39 3.16 -60.38
CA ILE A 162 52.73 3.22 -61.80
C ILE A 162 54.23 3.06 -62.03
N LYS A 163 54.61 2.18 -62.96
CA LYS A 163 56.01 1.82 -63.13
C LYS A 163 56.94 2.95 -63.56
N ALA A 164 58.19 2.81 -63.16
CA ALA A 164 59.32 3.65 -63.56
C ALA A 164 59.89 3.16 -64.90
N PRO A 165 60.51 4.06 -65.68
CA PRO A 165 60.73 5.48 -65.39
C PRO A 165 59.58 6.36 -65.88
N GLU A 166 58.57 5.72 -66.46
CA GLU A 166 57.43 6.42 -67.04
C GLU A 166 56.76 7.34 -66.03
N CYS A 167 56.67 6.90 -64.79
CA CYS A 167 55.99 7.66 -63.74
C CYS A 167 56.61 9.04 -63.51
N PHE A 168 57.93 9.16 -63.71
CA PHE A 168 58.60 10.46 -63.58
C PHE A 168 58.15 11.38 -64.70
N GLU A 169 58.18 10.85 -65.92
CA GLU A 169 57.78 11.58 -67.10
C GLU A 169 56.33 12.07 -66.96
N ILE A 170 55.44 11.15 -66.57
CA ILE A 170 54.02 11.43 -66.37
C ILE A 170 53.77 12.42 -65.23
N GLU A 171 54.41 12.18 -64.08
CA GLU A 171 54.20 13.06 -62.94
C GLU A 171 54.67 14.46 -63.26
N GLU A 172 55.90 14.61 -63.73
CA GLU A 172 56.42 15.94 -64.06
C GLU A 172 55.51 16.63 -65.10
N ARG A 173 55.10 15.87 -66.12
CA ARG A 173 54.27 16.41 -67.17
C ARG A 173 52.92 16.92 -66.66
N LEU A 174 52.17 16.09 -65.93
CA LEU A 174 50.85 16.51 -65.41
C LEU A 174 50.96 17.55 -64.29
N LYS A 175 52.06 17.52 -63.55
CA LYS A 175 52.33 18.53 -62.53
C LYS A 175 52.42 19.89 -63.20
N LYS A 176 53.08 19.96 -64.35
CA LYS A 176 53.16 21.23 -65.06
C LYS A 176 51.85 21.56 -65.81
N GLU A 177 51.35 20.62 -66.60
CA GLU A 177 50.20 20.80 -67.50
C GLU A 177 48.87 21.10 -66.80
N MET A 178 48.74 20.70 -65.54
CA MET A 178 47.46 20.78 -64.85
C MET A 178 47.45 21.88 -63.79
N ASN A 179 46.27 22.46 -63.55
CA ASN A 179 46.12 23.54 -62.58
C ASN A 179 45.54 23.06 -61.25
N ILE A 180 45.64 21.76 -61.00
CA ILE A 180 45.32 21.17 -59.70
C ILE A 180 46.50 20.31 -59.21
N PRO A 181 46.58 20.04 -57.90
CA PRO A 181 47.72 19.29 -57.37
C PRO A 181 47.91 17.91 -57.99
N VAL A 182 49.16 17.59 -58.30
CA VAL A 182 49.53 16.27 -58.82
C VAL A 182 50.63 15.67 -57.96
N PHE A 183 50.45 14.41 -57.55
CA PHE A 183 51.33 13.82 -56.54
C PHE A 183 51.35 12.28 -56.62
N HIS A 184 52.48 11.69 -57.04
CA HIS A 184 52.59 10.23 -57.03
C HIS A 184 53.22 9.72 -55.73
N ASP A 185 52.36 9.15 -54.88
CA ASP A 185 52.72 8.80 -53.50
C ASP A 185 53.85 7.77 -53.37
N ASP A 186 53.87 6.75 -54.22
CA ASP A 186 54.91 5.73 -54.13
C ASP A 186 56.30 6.34 -54.21
N GLN A 187 56.41 7.43 -54.96
CA GLN A 187 57.67 8.14 -55.09
C GLN A 187 58.03 8.97 -53.84
N HIS A 188 57.08 9.73 -53.31
CA HIS A 188 57.43 10.76 -52.33
C HIS A 188 57.13 10.41 -50.88
N GLY A 189 56.19 9.50 -50.66
CA GLY A 189 55.80 9.10 -49.32
C GLY A 189 56.91 8.54 -48.44
N THR A 190 57.47 7.43 -48.90
CA THR A 190 58.54 6.74 -48.19
C THR A 190 59.69 7.72 -47.92
N ALA A 191 59.97 8.54 -48.93
CA ALA A 191 61.00 9.58 -48.85
C ALA A 191 60.75 10.63 -47.75
N ILE A 192 59.55 11.21 -47.73
CA ILE A 192 59.18 12.22 -46.74
C ILE A 192 59.25 11.65 -45.32
N VAL A 193 58.65 10.47 -45.13
CA VAL A 193 58.61 9.83 -43.81
C VAL A 193 60.04 9.53 -43.32
N SER A 194 60.83 8.90 -44.19
CA SER A 194 62.21 8.57 -43.84
C SER A 194 63.07 9.81 -43.64
N GLY A 195 62.70 10.90 -44.31
CA GLY A 195 63.31 12.19 -44.08
C GLY A 195 63.13 12.70 -42.66
N ALA A 196 61.88 12.71 -42.20
CA ALA A 196 61.59 13.07 -40.81
C ALA A 196 62.35 12.16 -39.83
N ALA A 197 62.25 10.85 -40.08
CA ALA A 197 62.95 9.85 -39.27
C ALA A 197 64.46 10.08 -39.17
N LEU A 198 65.09 10.43 -40.29
CA LEU A 198 66.53 10.65 -40.32
C LEU A 198 66.89 11.96 -39.63
N LEU A 199 66.07 13.00 -39.82
CA LEU A 199 66.26 14.26 -39.10
C LEU A 199 66.35 13.99 -37.59
N ASN A 200 65.33 13.30 -37.06
CA ASN A 200 65.32 12.96 -35.63
C ASN A 200 66.50 12.07 -35.23
N ALA A 201 66.77 11.08 -36.06
CA ALA A 201 67.87 10.12 -35.84
C ALA A 201 69.25 10.77 -35.79
N CYS A 202 69.45 11.79 -36.61
CA CYS A 202 70.70 12.54 -36.58
C CYS A 202 70.79 13.48 -35.38
N SER A 203 69.69 14.18 -35.05
CA SER A 203 69.73 15.03 -33.87
C SER A 203 70.02 14.25 -32.59
N ILE A 204 69.38 13.10 -32.41
CA ILE A 204 69.68 12.26 -31.24
C ILE A 204 71.15 11.79 -31.27
N THR A 205 71.67 11.48 -32.45
CA THR A 205 73.00 10.91 -32.60
C THR A 205 74.05 12.02 -32.88
N ASN A 206 73.65 13.28 -32.67
CA ASN A 206 74.52 14.44 -32.85
C ASN A 206 75.14 14.57 -34.23
N ARG A 207 74.37 14.36 -35.30
CA ARG A 207 74.91 14.66 -36.63
C ARG A 207 74.23 15.90 -37.18
N LYS A 208 74.93 16.65 -38.01
CA LYS A 208 74.31 17.74 -38.77
C LYS A 208 74.26 17.40 -40.26
N MET A 209 73.23 17.93 -40.92
CA MET A 209 72.84 17.48 -42.25
C MET A 209 73.92 17.60 -43.31
N GLU A 210 74.77 18.61 -43.18
CA GLU A 210 75.83 18.83 -44.17
C GLU A 210 76.87 17.73 -44.21
N THR A 211 77.04 17.01 -43.09
CA THR A 211 78.15 16.06 -42.99
C THR A 211 77.79 14.59 -43.16
N VAL A 212 76.50 14.27 -43.18
CA VAL A 212 76.11 12.88 -43.22
C VAL A 212 76.16 12.33 -44.63
N ARG A 213 76.88 11.21 -44.80
CA ARG A 213 76.97 10.53 -46.08
C ARG A 213 75.92 9.42 -46.14
N ILE A 214 75.02 9.55 -47.10
CA ILE A 214 73.85 8.68 -47.19
C ILE A 214 73.99 7.81 -48.45
N VAL A 215 73.60 6.55 -48.36
CA VAL A 215 73.69 5.63 -49.49
C VAL A 215 72.36 4.94 -49.82
N VAL A 216 71.99 4.94 -51.10
CA VAL A 216 70.76 4.27 -51.53
C VAL A 216 71.05 2.98 -52.30
N ASN A 217 70.41 1.89 -51.89
CA ASN A 217 70.56 0.60 -52.56
C ASN A 217 69.21 0.21 -53.13
N GLY A 218 69.07 0.35 -54.45
CA GLY A 218 67.79 0.16 -55.09
C GLY A 218 67.55 1.38 -55.95
N ALA A 219 66.95 1.18 -57.12
CA ALA A 219 66.70 2.29 -58.04
C ALA A 219 65.23 2.37 -58.42
N GLY A 220 64.35 2.03 -57.47
CA GLY A 220 62.92 2.11 -57.67
C GLY A 220 62.37 3.53 -57.78
N ALA A 221 61.05 3.66 -57.60
CA ALA A 221 60.40 4.95 -57.77
C ALA A 221 60.75 5.93 -56.65
N SER A 222 61.13 5.40 -55.49
CA SER A 222 61.33 6.19 -54.29
C SER A 222 62.70 6.88 -54.21
N ALA A 223 63.65 6.40 -55.00
CA ALA A 223 65.05 6.77 -54.82
C ALA A 223 65.34 8.23 -55.21
N ASN A 224 64.92 8.61 -56.40
CA ASN A 224 65.12 9.98 -56.88
C ASN A 224 64.57 11.00 -55.90
N SER A 225 63.39 10.70 -55.37
CA SER A 225 62.71 11.57 -54.43
C SER A 225 63.41 11.57 -53.08
N CYS A 226 64.01 10.44 -52.71
CA CYS A 226 64.85 10.37 -51.51
C CYS A 226 65.98 11.38 -51.58
N ALA A 227 66.72 11.32 -52.69
CA ALA A 227 67.84 12.23 -52.91
C ALA A 227 67.33 13.67 -52.91
N LYS A 228 66.21 13.85 -53.59
CA LYS A 228 65.55 15.13 -53.78
C LYS A 228 65.26 15.78 -52.42
N ILE A 229 64.60 15.03 -51.54
CA ILE A 229 64.22 15.54 -50.22
C ILE A 229 65.39 15.69 -49.25
N PHE A 230 66.32 14.73 -49.24
CA PHE A 230 67.49 14.88 -48.39
C PHE A 230 68.30 16.11 -48.76
N ILE A 231 68.46 16.38 -50.05
CA ILE A 231 69.15 17.60 -50.47
C ILE A 231 68.33 18.83 -50.10
N ALA A 232 67.01 18.73 -50.27
CA ALA A 232 66.11 19.83 -49.91
C ALA A 232 66.18 20.23 -48.42
N LEU A 233 66.48 19.26 -47.55
CA LEU A 233 66.59 19.51 -46.11
C LEU A 233 67.93 20.07 -45.67
N GLY A 234 68.91 20.09 -46.57
CA GLY A 234 70.19 20.69 -46.26
C GLY A 234 71.38 19.79 -46.48
N ALA A 235 71.13 18.51 -46.77
CA ALA A 235 72.23 17.63 -47.14
C ALA A 235 72.70 18.07 -48.51
N ARG A 236 73.96 17.84 -48.81
CA ARG A 236 74.46 18.24 -50.10
C ARG A 236 74.62 17.00 -50.97
N ARG A 237 74.40 17.19 -52.26
CA ARG A 237 74.30 16.10 -53.23
C ARG A 237 75.44 15.07 -53.35
N GLU A 238 76.70 15.50 -53.34
CA GLU A 238 77.83 14.58 -53.49
C GLU A 238 77.83 13.51 -52.38
N ASN A 239 77.11 13.80 -51.31
CA ASN A 239 77.03 12.93 -50.15
C ASN A 239 76.04 11.79 -50.38
N ILE A 240 75.49 11.71 -51.59
CA ILE A 240 74.52 10.68 -51.91
C ILE A 240 75.00 9.79 -53.07
N ILE A 241 74.99 8.48 -52.86
CA ILE A 241 75.45 7.50 -53.83
C ILE A 241 74.33 6.51 -54.19
N MET A 242 74.10 6.30 -55.48
CA MET A 242 73.05 5.39 -55.93
C MET A 242 73.57 4.02 -56.38
N CYS A 243 72.83 2.97 -56.03
CA CYS A 243 73.17 1.61 -56.42
C CYS A 243 71.95 0.92 -57.04
N ASP A 244 72.19 0.02 -57.99
CA ASP A 244 71.12 -0.85 -58.49
C ASP A 244 71.61 -2.31 -58.66
N SER A 245 70.93 -3.09 -59.50
CA SER A 245 71.29 -4.50 -59.70
C SER A 245 72.70 -4.70 -60.26
N GLN A 246 73.15 -3.76 -61.09
CA GLN A 246 74.45 -3.86 -61.75
C GLN A 246 75.54 -3.23 -60.90
N GLY A 247 75.16 -2.70 -59.73
CA GLY A 247 76.09 -2.06 -58.81
C GLY A 247 75.85 -0.57 -58.63
N VAL A 248 76.89 0.15 -58.25
CA VAL A 248 76.79 1.59 -58.04
C VAL A 248 76.41 2.31 -59.34
N ILE A 249 75.56 3.32 -59.22
CA ILE A 249 75.18 4.14 -60.37
C ILE A 249 76.11 5.34 -60.53
N TYR A 250 77.15 5.19 -61.34
CA TYR A 250 78.07 6.30 -61.60
C TYR A 250 77.75 7.03 -62.91
N LYS A 251 78.16 8.31 -62.97
CA LYS A 251 77.98 9.14 -64.15
C LYS A 251 78.81 8.56 -65.29
N GLY A 252 78.18 8.37 -66.44
CA GLY A 252 78.89 7.81 -67.56
C GLY A 252 78.62 6.34 -67.73
N ARG A 253 77.68 5.80 -66.95
CA ARG A 253 77.33 4.38 -66.96
C ARG A 253 76.61 4.00 -68.24
N THR A 254 76.78 2.75 -68.63
CA THR A 254 76.25 2.27 -69.90
C THR A 254 75.28 1.11 -69.68
N ALA A 255 75.66 0.17 -68.82
CA ALA A 255 74.86 -1.04 -68.64
C ALA A 255 73.54 -0.75 -67.93
N GLY A 256 72.50 -0.49 -68.72
CA GLY A 256 71.17 -0.28 -68.21
C GLY A 256 70.74 1.07 -67.65
N MET A 257 71.06 2.15 -68.34
CA MET A 257 70.67 3.48 -67.88
C MET A 257 69.52 4.06 -68.67
N ASN A 258 69.00 5.17 -68.15
CA ASN A 258 68.07 6.00 -68.87
C ASN A 258 68.06 7.40 -68.26
N LYS A 259 67.24 8.26 -68.84
CA LYS A 259 67.13 9.69 -68.52
C LYS A 259 67.04 10.06 -67.03
N TYR A 260 66.34 9.25 -66.24
CA TYR A 260 66.04 9.63 -64.86
C TYR A 260 67.02 9.03 -63.83
N LYS A 261 67.69 7.92 -64.17
CA LYS A 261 68.76 7.39 -63.31
C LYS A 261 69.99 8.28 -63.42
N GLU A 262 69.92 9.22 -64.34
CA GLU A 262 71.01 10.16 -64.60
C GLU A 262 70.94 11.30 -63.58
N TYR A 263 69.74 11.50 -63.01
CA TYR A 263 69.45 12.60 -62.07
C TYR A 263 70.38 12.80 -60.85
N PHE A 264 70.80 11.71 -60.21
CA PHE A 264 71.57 11.83 -58.98
C PHE A 264 72.68 10.79 -58.81
N ALA A 265 73.21 10.29 -59.92
CA ALA A 265 74.33 9.37 -59.91
C ALA A 265 75.63 10.01 -59.39
N SER A 266 76.33 9.33 -58.50
CA SER A 266 77.58 9.87 -57.94
C SER A 266 78.82 9.24 -58.61
N GLU A 267 79.90 10.00 -58.83
CA GLU A 267 81.10 9.42 -59.43
C GLU A 267 82.32 9.14 -58.53
N THR A 268 82.16 8.91 -57.24
CA THR A 268 83.37 8.60 -56.46
C THR A 268 83.79 7.21 -56.97
N GLU A 269 85.08 6.89 -56.88
CA GLU A 269 85.61 5.65 -57.43
C GLU A 269 84.98 4.34 -56.90
N ALA A 270 84.21 4.40 -55.81
CA ALA A 270 83.53 3.19 -55.32
C ALA A 270 82.53 2.65 -56.35
N ARG A 271 82.51 1.32 -56.54
CA ARG A 271 81.70 0.70 -57.59
C ARG A 271 80.80 -0.45 -57.12
N THR A 272 81.25 -1.18 -56.09
CA THR A 272 80.47 -2.28 -55.51
C THR A 272 79.60 -1.83 -54.33
N LEU A 273 78.69 -2.70 -53.88
CA LEU A 273 77.80 -2.37 -52.78
C LEU A 273 78.51 -2.12 -51.45
N THR A 274 79.38 -3.04 -51.04
CA THR A 274 80.05 -2.92 -49.74
C THR A 274 81.00 -1.72 -49.60
N GLU A 275 81.69 -1.33 -50.66
CA GLU A 275 82.61 -0.20 -50.60
C GLU A 275 81.95 1.17 -50.60
N ALA A 276 80.86 1.30 -51.35
CA ALA A 276 80.10 2.55 -51.39
C ALA A 276 79.43 2.85 -50.05
N LEU A 277 78.94 1.80 -49.39
CA LEU A 277 78.20 1.94 -48.13
C LEU A 277 79.13 2.08 -46.92
N ARG A 278 80.43 2.20 -47.16
CA ARG A 278 81.43 2.23 -46.10
C ARG A 278 81.92 3.63 -45.72
N GLY A 279 82.04 3.86 -44.41
CA GLY A 279 82.28 5.17 -43.85
C GLY A 279 81.04 6.00 -44.01
N ALA A 280 79.97 5.30 -44.37
CA ALA A 280 78.65 5.89 -44.55
C ALA A 280 77.96 5.89 -43.20
N ASP A 281 77.13 6.90 -42.98
CA ASP A 281 76.37 7.02 -41.74
C ASP A 281 75.03 6.27 -41.86
N VAL A 282 74.41 6.40 -43.03
CA VAL A 282 73.03 5.96 -43.24
C VAL A 282 72.88 5.01 -44.44
N PHE A 283 72.13 3.94 -44.23
CA PHE A 283 71.78 3.02 -45.33
C PHE A 283 70.29 3.03 -45.65
N VAL A 284 69.98 3.41 -46.89
CA VAL A 284 68.62 3.44 -47.39
C VAL A 284 68.36 2.23 -48.30
N GLY A 285 67.70 1.22 -47.73
CA GLY A 285 67.50 -0.06 -48.40
C GLY A 285 66.21 -0.22 -49.19
N LEU A 286 66.32 -0.33 -50.51
CA LEU A 286 65.16 -0.48 -51.38
C LEU A 286 65.20 -1.76 -52.24
N SER A 287 65.45 -2.92 -51.63
CA SER A 287 65.71 -4.12 -52.42
C SER A 287 64.89 -5.36 -52.02
N VAL A 288 65.61 -6.39 -51.57
CA VAL A 288 65.02 -7.71 -51.27
C VAL A 288 65.64 -8.16 -49.96
N ALA A 289 64.96 -9.04 -49.22
CA ALA A 289 65.48 -9.52 -47.94
C ALA A 289 66.85 -10.18 -48.08
N GLY A 290 67.73 -9.88 -47.14
CA GLY A 290 69.06 -10.47 -47.11
C GLY A 290 70.12 -9.70 -47.89
N ALA A 291 69.70 -8.64 -48.58
CA ALA A 291 70.63 -7.84 -49.38
C ALA A 291 71.74 -7.28 -48.49
N LEU A 292 71.40 -7.03 -47.23
CA LEU A 292 72.37 -6.53 -46.27
C LEU A 292 72.79 -7.64 -45.30
N THR A 293 74.08 -7.99 -45.32
CA THR A 293 74.65 -9.08 -44.52
C THR A 293 75.57 -8.48 -43.43
N PRO A 294 75.72 -9.15 -42.26
CA PRO A 294 76.58 -8.56 -41.21
C PRO A 294 78.04 -8.18 -41.60
N GLU A 295 78.66 -8.87 -42.55
CA GLU A 295 80.00 -8.45 -42.97
C GLU A 295 79.93 -7.07 -43.63
N MET A 296 78.86 -6.83 -44.39
CA MET A 296 78.65 -5.53 -45.01
C MET A 296 78.49 -4.49 -43.90
N LEU A 297 77.85 -4.90 -42.82
CA LEU A 297 77.59 -4.05 -41.66
C LEU A 297 78.87 -3.68 -40.91
N LYS A 298 79.84 -4.58 -40.89
CA LYS A 298 81.05 -4.44 -40.06
C LYS A 298 81.79 -3.09 -40.09
N ASP A 299 81.85 -2.42 -41.23
CA ASP A 299 82.63 -1.17 -41.34
C ASP A 299 81.87 0.18 -41.40
N MET A 300 80.60 0.21 -41.00
CA MET A 300 79.87 1.49 -40.93
C MET A 300 80.27 2.41 -39.77
N ALA A 301 79.86 3.68 -39.89
CA ALA A 301 80.15 4.68 -38.88
C ALA A 301 79.51 4.39 -37.53
N LYS A 302 79.91 5.15 -36.51
CA LYS A 302 79.35 5.03 -35.16
C LYS A 302 77.87 5.35 -35.13
N ASP A 303 77.13 4.56 -34.35
CA ASP A 303 75.67 4.70 -34.26
C ASP A 303 74.97 4.65 -35.62
N PRO A 304 75.13 3.53 -36.36
CA PRO A 304 74.60 3.39 -37.73
C PRO A 304 73.06 3.31 -37.83
N ILE A 305 72.50 3.93 -38.87
CA ILE A 305 71.06 3.97 -39.11
C ILE A 305 70.61 3.05 -40.26
N ILE A 306 69.71 2.11 -39.98
CA ILE A 306 69.28 1.12 -40.98
C ILE A 306 67.80 1.26 -41.40
N PHE A 307 67.58 1.60 -42.67
CA PHE A 307 66.24 1.63 -43.27
C PHE A 307 66.01 0.46 -44.22
N ALA A 308 65.35 -0.60 -43.73
CA ALA A 308 65.08 -1.80 -44.52
C ALA A 308 63.63 -1.81 -45.06
N MET A 309 63.44 -1.28 -46.26
CA MET A 309 62.09 -0.99 -46.78
C MET A 309 61.61 -1.93 -47.91
N ALA A 310 62.27 -3.07 -48.06
CA ALA A 310 61.92 -4.06 -49.08
C ALA A 310 60.57 -4.76 -48.83
N ASN A 311 59.89 -5.17 -49.92
CA ASN A 311 58.70 -6.01 -49.80
C ASN A 311 58.90 -7.32 -50.55
N PRO A 312 58.38 -8.43 -49.99
CA PRO A 312 57.63 -8.50 -48.73
C PRO A 312 58.50 -8.51 -47.47
N GLU A 313 59.76 -8.93 -47.56
CA GLU A 313 60.64 -9.02 -46.39
C GLU A 313 61.83 -8.05 -46.45
N PRO A 314 62.15 -7.40 -45.32
CA PRO A 314 63.20 -6.37 -45.23
C PRO A 314 64.62 -6.93 -45.37
N GLU A 315 65.58 -6.07 -45.67
CA GLU A 315 66.99 -6.45 -45.88
C GLU A 315 67.65 -7.18 -44.71
N ILE A 316 67.29 -6.81 -43.50
CA ILE A 316 67.81 -7.47 -42.31
C ILE A 316 66.87 -7.17 -41.15
N THR A 317 66.70 -8.11 -40.23
CA THR A 317 65.81 -7.88 -39.08
C THR A 317 66.53 -6.95 -38.12
N PRO A 318 65.76 -6.19 -37.31
CA PRO A 318 66.37 -5.27 -36.34
C PRO A 318 67.35 -5.96 -35.37
N ASP A 319 67.00 -7.17 -34.94
CA ASP A 319 67.84 -7.96 -34.03
C ASP A 319 69.21 -8.36 -34.60
N LYS A 320 69.30 -8.64 -35.89
CA LYS A 320 70.56 -8.97 -36.55
C LYS A 320 71.47 -7.75 -36.71
N ALA A 321 70.87 -6.62 -37.09
CA ALA A 321 71.58 -5.36 -37.24
C ALA A 321 72.13 -4.91 -35.89
N ARG A 322 71.35 -5.11 -34.85
CA ARG A 322 71.75 -4.81 -33.48
C ARG A 322 72.71 -5.86 -32.93
N ALA A 323 72.60 -7.09 -33.43
CA ALA A 323 73.48 -8.19 -33.07
C ALA A 323 74.91 -7.94 -33.51
N ALA A 324 75.06 -7.52 -34.76
CA ALA A 324 76.37 -7.21 -35.29
C ALA A 324 77.00 -6.03 -34.54
N ARG A 325 76.27 -4.92 -34.46
CA ARG A 325 76.73 -3.77 -33.70
C ARG A 325 75.58 -3.15 -32.89
N PRO A 326 75.61 -3.32 -31.56
CA PRO A 326 74.56 -2.92 -30.60
C PRO A 326 74.14 -1.45 -30.65
N ASP A 327 74.98 -0.56 -31.18
CA ASP A 327 74.66 0.87 -31.18
C ASP A 327 73.76 1.27 -32.34
N ALA A 328 73.21 0.29 -33.06
CA ALA A 328 72.42 0.56 -34.26
C ALA A 328 71.00 1.05 -33.95
N ILE A 329 70.50 1.91 -34.85
CA ILE A 329 69.14 2.47 -34.81
C ILE A 329 68.36 2.05 -36.07
N ILE A 330 67.09 1.66 -35.88
CA ILE A 330 66.36 0.89 -36.89
C ILE A 330 64.91 1.27 -37.28
N ALA A 331 64.62 1.15 -38.59
CA ALA A 331 63.27 1.30 -39.15
C ALA A 331 62.97 0.20 -40.19
N THR A 332 61.70 -0.24 -40.23
CA THR A 332 61.28 -1.35 -41.09
C THR A 332 60.00 -0.97 -41.87
N GLY A 333 59.60 -1.79 -42.85
CA GLY A 333 58.32 -1.64 -43.53
C GLY A 333 57.21 -2.53 -42.99
N ARG A 334 57.55 -3.26 -41.93
CA ARG A 334 56.65 -4.21 -41.30
C ARG A 334 56.05 -3.69 -40.02
N SER A 335 54.83 -4.12 -39.74
CA SER A 335 54.12 -3.70 -38.54
C SER A 335 54.66 -4.37 -37.28
N ASP A 336 55.43 -5.45 -37.46
CA ASP A 336 56.02 -6.16 -36.33
C ASP A 336 57.14 -5.41 -35.59
N TYR A 337 57.84 -4.51 -36.27
CA TYR A 337 58.96 -3.80 -35.65
C TYR A 337 58.78 -2.27 -35.54
N PRO A 338 59.45 -1.66 -34.54
CA PRO A 338 59.39 -0.21 -34.34
C PRO A 338 59.83 0.61 -35.54
N ASN A 339 59.54 1.91 -35.47
CA ASN A 339 59.89 2.87 -36.51
C ASN A 339 59.40 2.42 -37.88
N GLN A 340 58.17 1.90 -37.93
CA GLN A 340 57.57 1.49 -39.19
C GLN A 340 57.32 2.67 -40.13
N VAL A 341 57.82 2.56 -41.36
CA VAL A 341 57.50 3.50 -42.42
C VAL A 341 56.35 2.95 -43.27
N ASN A 342 55.26 3.70 -43.35
CA ASN A 342 54.06 3.30 -44.09
C ASN A 342 53.58 4.51 -44.88
N ASN A 343 53.10 4.27 -46.09
CA ASN A 343 52.79 5.33 -47.03
C ASN A 343 51.74 6.30 -46.49
N VAL A 344 51.00 5.83 -45.50
CA VAL A 344 49.82 6.51 -44.94
C VAL A 344 50.04 7.76 -44.06
N LEU A 345 51.26 8.01 -43.59
CA LEU A 345 51.49 9.19 -42.76
C LEU A 345 51.54 10.51 -43.55
N GLY A 346 51.71 10.39 -44.86
CA GLY A 346 51.98 11.54 -45.70
C GLY A 346 50.80 12.07 -46.47
N PHE A 347 50.35 11.32 -47.46
CA PHE A 347 49.33 11.81 -48.40
C PHE A 347 48.02 12.32 -47.78
N PRO A 348 47.52 11.72 -46.66
CA PRO A 348 46.21 12.19 -46.22
C PRO A 348 46.19 13.66 -45.79
N SER A 349 47.14 14.01 -44.91
CA SER A 349 47.20 15.36 -44.38
C SER A 349 47.63 16.37 -45.44
N ILE A 350 48.57 15.96 -46.30
CA ILE A 350 49.07 16.83 -47.35
C ILE A 350 47.93 17.17 -48.34
N PHE A 351 47.21 16.15 -48.81
CA PHE A 351 46.10 16.38 -49.71
C PHE A 351 45.00 17.20 -49.05
N ARG A 352 44.74 16.92 -47.77
CA ARG A 352 43.75 17.67 -47.00
C ARG A 352 44.07 19.16 -46.97
N GLY A 353 45.30 19.46 -46.59
CA GLY A 353 45.80 20.82 -46.49
C GLY A 353 45.70 21.49 -47.86
N ALA A 354 46.03 20.72 -48.89
CA ALA A 354 46.01 21.23 -50.25
C ALA A 354 44.59 21.67 -50.65
N LEU A 355 43.63 20.77 -50.43
CA LEU A 355 42.24 21.03 -50.78
C LEU A 355 41.61 22.16 -49.97
N ASP A 356 41.94 22.22 -48.69
CA ASP A 356 41.33 23.22 -47.81
C ASP A 356 41.85 24.62 -48.10
N THR A 357 43.05 24.71 -48.67
CA THR A 357 43.57 25.98 -49.14
C THR A 357 43.38 26.13 -50.64
N ARG A 358 42.77 25.11 -51.25
CA ARG A 358 42.58 25.07 -52.70
C ARG A 358 43.85 25.33 -53.52
N SER A 359 44.96 24.71 -53.14
CA SER A 359 46.23 24.99 -53.80
C SER A 359 46.23 24.53 -55.26
N THR A 360 47.10 25.11 -56.07
CA THR A 360 47.13 24.77 -57.48
C THR A 360 48.05 23.58 -57.74
N GLN A 361 49.05 23.36 -56.88
CA GLN A 361 49.79 22.10 -56.88
C GLN A 361 50.36 21.82 -55.47
N ILE A 362 51.03 20.68 -55.34
CA ILE A 362 51.82 20.43 -54.13
C ILE A 362 53.31 20.41 -54.45
N ASN A 363 53.96 21.53 -54.17
CA ASN A 363 55.38 21.69 -54.45
C ASN A 363 56.19 21.15 -53.28
N GLU A 364 57.51 21.26 -53.40
CA GLU A 364 58.43 20.72 -52.40
C GLU A 364 58.34 21.41 -51.04
N GLU A 365 57.98 22.70 -51.05
CA GLU A 365 57.88 23.48 -49.83
C GLU A 365 56.85 22.88 -48.86
N MET A 366 55.71 22.43 -49.40
CA MET A 366 54.68 21.77 -48.62
C MET A 366 55.14 20.41 -48.08
N LYS A 367 55.79 19.64 -48.94
CA LYS A 367 56.37 18.36 -48.57
C LYS A 367 57.33 18.52 -47.38
N LEU A 368 58.17 19.55 -47.44
CA LEU A 368 59.09 19.84 -46.34
C LEU A 368 58.30 20.22 -45.08
N ALA A 369 57.25 21.02 -45.26
CA ALA A 369 56.36 21.37 -44.14
C ALA A 369 55.87 20.11 -43.44
N ALA A 370 55.46 19.12 -44.23
CA ALA A 370 55.07 17.81 -43.71
C ALA A 370 56.20 17.12 -42.95
N VAL A 371 57.40 17.08 -43.54
CA VAL A 371 58.56 16.47 -42.89
C VAL A 371 58.84 17.06 -41.52
N HIS A 372 59.03 18.38 -41.48
CA HIS A 372 59.34 19.11 -40.25
C HIS A 372 58.21 19.01 -39.22
N ALA A 373 56.97 19.04 -39.68
CA ALA A 373 55.83 18.89 -38.78
C ALA A 373 55.82 17.50 -38.12
N LEU A 374 55.98 16.45 -38.92
CA LEU A 374 56.08 15.08 -38.42
C LEU A 374 57.23 14.90 -37.41
N ALA A 375 58.40 15.37 -37.83
CA ALA A 375 59.60 15.31 -37.00
C ALA A 375 59.35 16.05 -35.69
N LYS A 376 58.64 17.17 -35.77
CA LYS A 376 58.32 17.99 -34.60
C LYS A 376 57.36 17.29 -33.64
N LEU A 377 56.36 16.61 -34.19
CA LEU A 377 55.40 15.87 -33.37
C LEU A 377 56.10 14.72 -32.65
N ALA A 378 56.97 14.02 -33.36
CA ALA A 378 57.72 12.91 -32.78
C ALA A 378 58.58 13.31 -31.57
N ARG A 379 59.03 14.57 -31.52
CA ARG A 379 59.94 15.03 -30.47
C ARG A 379 59.19 15.50 -29.21
N GLU A 380 57.87 15.33 -29.16
CA GLU A 380 57.12 15.74 -27.98
C GLU A 380 56.92 14.56 -27.01
N ASP A 381 56.41 14.84 -25.82
CA ASP A 381 56.13 13.83 -24.79
C ASP A 381 55.25 12.69 -25.30
N PHE A 395 54.34 7.52 -25.08
CA PHE A 395 55.68 7.14 -25.50
C PHE A 395 56.74 8.22 -25.24
N LYS A 396 57.98 7.79 -25.43
CA LYS A 396 59.15 8.65 -25.31
C LYS A 396 60.03 8.61 -26.57
N PHE A 397 60.38 9.80 -27.04
CA PHE A 397 61.26 9.98 -28.18
C PHE A 397 62.63 9.35 -27.92
N GLY A 398 63.11 8.60 -28.90
CA GLY A 398 64.39 7.92 -28.77
C GLY A 398 64.82 7.07 -29.94
N ARG A 399 65.76 6.18 -29.67
CA ARG A 399 66.40 5.35 -30.68
C ARG A 399 65.42 4.30 -31.23
N ASP A 400 64.37 4.06 -30.47
CA ASP A 400 63.36 3.07 -30.82
C ASP A 400 62.07 3.77 -31.27
N TYR A 401 62.14 5.10 -31.35
CA TYR A 401 61.01 5.91 -31.79
C TYR A 401 61.44 7.17 -32.53
N LEU A 402 61.62 7.08 -33.85
CA LEU A 402 62.08 8.22 -34.63
C LEU A 402 60.92 8.92 -35.34
N ILE A 403 59.79 8.23 -35.49
CA ILE A 403 58.62 8.79 -36.16
C ILE A 403 57.32 8.42 -35.48
N PRO A 404 56.23 9.16 -35.78
CA PRO A 404 54.94 8.70 -35.29
C PRO A 404 54.59 7.34 -35.88
N LYS A 405 53.80 6.57 -35.15
CA LYS A 405 53.31 5.28 -35.63
C LYS A 405 52.28 5.53 -36.73
N PRO A 406 52.09 4.55 -37.63
CA PRO A 406 51.20 4.80 -38.77
C PRO A 406 49.78 5.26 -38.45
N PHE A 407 49.16 4.68 -37.41
CA PHE A 407 47.75 4.96 -37.14
C PHE A 407 47.53 5.97 -36.02
N ASP A 408 48.51 6.84 -35.85
CA ASP A 408 48.47 7.93 -34.87
C ASP A 408 47.44 8.97 -35.31
N THR A 409 46.46 9.24 -34.45
CA THR A 409 45.35 10.13 -34.78
C THR A 409 45.76 11.60 -34.84
N ARG A 410 46.98 11.90 -34.40
CA ARG A 410 47.50 13.27 -34.37
C ARG A 410 48.12 13.75 -35.68
N VAL A 411 48.39 12.83 -36.60
CA VAL A 411 49.13 13.14 -37.82
C VAL A 411 48.47 14.28 -38.59
N LEU A 412 47.15 14.20 -38.69
CA LEU A 412 46.37 15.15 -39.46
C LEU A 412 46.44 16.58 -38.90
N LEU A 413 46.28 16.73 -37.59
CA LEU A 413 46.28 18.07 -36.95
C LEU A 413 47.58 18.84 -37.00
N TRP A 414 48.72 18.17 -36.93
CA TRP A 414 49.99 18.87 -37.01
C TRP A 414 50.46 19.00 -38.46
N VAL A 415 50.16 18.02 -39.31
CA VAL A 415 50.70 18.09 -40.66
C VAL A 415 49.84 18.99 -41.56
N ALA A 416 48.52 18.83 -41.51
CA ALA A 416 47.65 19.58 -42.41
C ALA A 416 47.78 21.12 -42.30
N PRO A 417 47.82 21.67 -41.06
CA PRO A 417 48.04 23.13 -40.98
C PRO A 417 49.44 23.59 -41.39
N GLU A 418 50.48 22.79 -41.18
CA GLU A 418 51.84 23.20 -41.57
C GLU A 418 51.98 23.14 -43.10
N VAL A 419 51.30 22.18 -43.70
CA VAL A 419 51.18 22.07 -45.15
C VAL A 419 50.40 23.28 -45.68
N ALA A 420 49.32 23.63 -44.98
CA ALA A 420 48.54 24.84 -45.29
C ALA A 420 49.43 26.09 -45.27
N LYS A 421 50.25 26.19 -44.21
CA LYS A 421 51.20 27.29 -44.05
C LYS A 421 52.13 27.37 -45.26
N ALA A 422 52.68 26.22 -45.64
CA ALA A 422 53.59 26.16 -46.79
C ALA A 422 52.91 26.50 -48.12
N ALA A 423 51.65 26.10 -48.27
CA ALA A 423 50.86 26.41 -49.47
C ALA A 423 50.55 27.90 -49.61
N MET A 424 50.12 28.51 -48.51
CA MET A 424 49.82 29.93 -48.47
C MET A 424 51.07 30.80 -48.63
N LYS A 425 52.14 30.44 -47.91
CA LYS A 425 53.40 31.17 -47.98
C LYS A 425 54.04 31.04 -49.37
N SER A 426 53.85 29.88 -50.02
CA SER A 426 54.43 29.65 -51.35
C SER A 426 53.57 30.24 -52.48
N GLY A 427 52.39 30.76 -52.13
CA GLY A 427 51.55 31.46 -53.09
C GLY A 427 50.74 30.58 -54.02
N VAL A 428 50.84 29.27 -53.82
CA VAL A 428 50.11 28.31 -54.66
C VAL A 428 48.69 28.07 -54.16
N ALA A 429 48.42 28.52 -52.94
CA ALA A 429 47.08 28.47 -52.35
C ALA A 429 46.19 29.52 -53.02
N THR A 430 44.89 29.24 -53.15
CA THR A 430 44.00 30.23 -53.76
C THR A 430 42.91 30.71 -52.79
N ARG A 431 42.85 30.10 -51.61
CA ARG A 431 42.00 30.58 -50.53
C ARG A 431 42.72 30.35 -49.21
N ALA A 432 42.98 31.44 -48.49
CA ALA A 432 43.77 31.38 -47.27
C ALA A 432 42.96 30.88 -46.07
N ILE A 433 43.60 30.07 -45.23
CA ILE A 433 43.01 29.70 -43.96
C ILE A 433 43.50 30.72 -42.96
N GLU A 434 42.55 31.40 -42.34
CA GLU A 434 42.85 32.53 -41.47
C GLU A 434 42.65 32.10 -40.05
N ASP A 435 41.48 31.54 -39.81
CA ASP A 435 41.17 31.03 -38.50
C ASP A 435 41.87 29.69 -38.40
N TRP A 436 43.02 29.69 -37.72
CA TRP A 436 43.83 28.49 -37.62
C TRP A 436 43.21 27.47 -36.69
N ASP A 437 42.62 27.97 -35.60
CA ASP A 437 41.96 27.11 -34.62
C ASP A 437 40.66 26.52 -35.14
N GLN A 438 39.85 27.29 -35.87
CA GLN A 438 38.60 26.77 -36.42
C GLN A 438 38.94 25.65 -37.39
N TYR A 439 40.07 25.81 -38.08
CA TYR A 439 40.56 24.80 -38.99
C TYR A 439 41.03 23.55 -38.26
N ARG A 440 41.80 23.73 -37.18
CA ARG A 440 42.26 22.59 -36.38
C ARG A 440 41.06 21.83 -35.83
N GLU A 441 40.02 22.59 -35.46
CA GLU A 441 38.73 22.05 -35.04
C GLU A 441 38.14 21.17 -36.13
N SER A 442 38.01 21.75 -37.32
CA SER A 442 37.43 21.07 -38.47
C SER A 442 38.19 19.78 -38.77
N LEU A 443 39.50 19.84 -38.59
CA LEU A 443 40.38 18.68 -38.79
C LEU A 443 40.16 17.57 -37.75
N GLU A 444 40.04 17.94 -36.49
CA GLU A 444 39.69 16.97 -35.45
C GLU A 444 38.37 16.28 -35.76
N ALA A 445 37.41 17.04 -36.27
CA ALA A 445 36.09 16.50 -36.62
C ALA A 445 36.10 15.32 -37.61
N LEU A 446 37.12 15.26 -38.47
CA LEU A 446 37.15 14.27 -39.55
C LEU A 446 37.54 12.86 -39.12
N GLN A 447 38.14 12.71 -37.96
CA GLN A 447 38.54 11.37 -37.51
C GLN A 447 37.94 11.00 -36.15
N GLY A 448 36.61 10.96 -36.08
CA GLY A 448 35.90 10.68 -34.85
C GLY A 448 35.84 9.21 -34.49
N PRO A 449 35.18 8.89 -33.37
CA PRO A 449 35.17 7.55 -32.77
C PRO A 449 34.70 6.42 -33.70
N SER A 450 33.76 6.71 -34.60
CA SER A 450 33.26 5.68 -35.51
C SER A 450 34.35 5.08 -36.39
N LYS A 451 35.42 5.84 -36.60
CA LYS A 451 36.52 5.38 -37.40
C LYS A 451 37.65 4.80 -36.58
N VAL A 452 37.88 5.33 -35.38
CA VAL A 452 39.14 5.06 -34.71
C VAL A 452 39.07 4.51 -33.29
N PHE A 453 37.87 4.47 -32.70
CA PHE A 453 37.78 4.20 -31.27
C PHE A 453 38.34 2.82 -30.92
N ILE A 454 37.88 1.79 -31.63
CA ILE A 454 38.34 0.42 -31.41
C ILE A 454 39.81 0.23 -31.82
N ARG A 455 40.23 0.92 -32.88
CA ARG A 455 41.64 0.94 -33.31
C ARG A 455 42.52 1.33 -32.12
N SER A 456 42.16 2.43 -31.49
CA SER A 456 42.92 2.97 -30.37
C SER A 456 42.82 2.05 -29.18
N ALA A 457 41.65 1.44 -29.02
CA ALA A 457 41.44 0.48 -27.93
C ALA A 457 42.43 -0.67 -28.01
N ILE A 458 42.47 -1.34 -29.16
CA ILE A 458 43.39 -2.45 -29.35
C ILE A 458 44.85 -1.96 -29.22
N ASN A 459 45.19 -0.81 -29.81
CA ASN A 459 46.54 -0.27 -29.63
C ASN A 459 46.90 -0.09 -28.15
N ARG A 460 45.96 0.42 -27.37
CA ARG A 460 46.18 0.66 -25.96
C ARG A 460 46.38 -0.64 -25.20
N VAL A 461 45.59 -1.67 -25.53
CA VAL A 461 45.76 -2.97 -24.85
C VAL A 461 47.16 -3.52 -25.15
N HIS A 462 47.59 -3.41 -26.40
CA HIS A 462 48.93 -3.88 -26.76
C HIS A 462 50.03 -3.13 -26.00
N GLN A 463 49.88 -1.81 -25.87
CA GLN A 463 50.89 -1.02 -25.16
C GLN A 463 50.94 -1.38 -23.68
N ASN A 464 49.75 -1.64 -23.13
CA ASN A 464 49.63 -2.14 -21.79
C ASN A 464 50.42 -3.44 -21.66
N SER A 465 50.24 -4.35 -22.62
CA SER A 465 50.98 -5.62 -22.62
C SER A 465 52.48 -5.41 -22.65
N ALA A 466 52.93 -4.49 -23.50
CA ALA A 466 54.38 -4.24 -23.61
C ALA A 466 54.95 -3.76 -22.29
N ALA A 467 54.23 -2.89 -21.61
CA ALA A 467 54.69 -2.30 -20.35
C ALA A 467 54.63 -3.27 -19.15
N ASN A 468 54.05 -4.43 -19.38
CA ASN A 468 53.85 -5.39 -18.31
C ASN A 468 54.71 -6.63 -18.48
N GLY A 469 55.86 -6.45 -19.13
CA GLY A 469 56.83 -7.52 -19.32
C GLY A 469 56.33 -8.49 -20.37
N GLY A 470 55.37 -8.04 -21.16
CA GLY A 470 54.83 -8.81 -22.26
C GLY A 470 53.68 -9.74 -21.84
N GLU A 471 53.33 -9.71 -20.56
CA GLU A 471 52.24 -10.52 -20.02
C GLU A 471 50.89 -10.09 -20.62
N LEU A 472 50.11 -11.05 -21.13
CA LEU A 472 48.73 -10.80 -21.61
C LEU A 472 47.75 -11.02 -20.45
N PRO A 473 46.62 -10.28 -20.46
CA PRO A 473 45.57 -10.49 -19.44
C PRO A 473 44.95 -11.87 -19.52
N ARG A 474 44.87 -12.56 -18.38
CA ARG A 474 44.18 -13.83 -18.33
C ARG A 474 42.68 -13.55 -18.22
N ILE A 475 41.95 -13.88 -19.28
CA ILE A 475 40.50 -13.71 -19.27
C ILE A 475 39.85 -15.09 -19.37
N VAL A 476 39.03 -15.44 -18.40
CA VAL A 476 38.42 -16.76 -18.41
C VAL A 476 37.03 -16.75 -19.05
N PHE A 477 36.77 -17.77 -19.87
CA PHE A 477 35.50 -17.91 -20.53
C PHE A 477 34.86 -19.21 -20.08
N PRO A 478 33.87 -19.12 -19.18
CA PRO A 478 33.26 -20.32 -18.59
C PRO A 478 32.40 -21.12 -19.56
N GLU A 479 31.99 -20.51 -20.67
CA GLU A 479 31.16 -21.25 -21.63
C GLU A 479 32.04 -21.78 -22.74
N GLY A 480 33.03 -22.58 -22.33
CA GLY A 480 34.08 -23.10 -23.20
C GLY A 480 33.62 -23.95 -24.38
N THR A 481 32.37 -24.38 -24.34
CA THR A 481 31.85 -25.21 -25.40
C THR A 481 30.96 -24.44 -26.37
N SER A 482 30.85 -23.12 -26.16
CA SER A 482 30.05 -22.21 -27.00
C SER A 482 30.74 -21.91 -28.31
N THR A 483 30.08 -22.17 -29.43
CA THR A 483 30.77 -21.98 -30.71
C THR A 483 31.08 -20.48 -30.98
N LYS A 484 30.17 -19.55 -30.67
CA LYS A 484 30.46 -18.11 -30.86
C LYS A 484 31.70 -17.69 -30.11
N VAL A 485 31.84 -18.19 -28.89
CA VAL A 485 32.97 -17.85 -28.04
C VAL A 485 34.29 -18.33 -28.68
N LEU A 486 34.33 -19.59 -29.10
CA LEU A 486 35.50 -20.16 -29.74
C LEU A 486 35.87 -19.41 -31.02
N LYS A 487 34.86 -19.12 -31.84
CA LYS A 487 35.06 -18.40 -33.09
C LYS A 487 35.69 -17.03 -32.82
N ALA A 488 35.20 -16.35 -31.79
CA ALA A 488 35.78 -15.07 -31.40
C ALA A 488 37.23 -15.22 -30.97
N LEU A 489 37.47 -16.26 -30.19
CA LEU A 489 38.81 -16.51 -29.65
C LEU A 489 39.86 -16.76 -30.73
N ALA A 490 39.46 -17.38 -31.83
CA ALA A 490 40.36 -17.50 -32.97
C ALA A 490 41.01 -16.14 -33.29
N THR A 491 40.17 -15.18 -33.63
CA THR A 491 40.60 -13.81 -33.90
C THR A 491 41.36 -13.19 -32.73
N LEU A 492 40.81 -13.36 -31.53
CA LEU A 492 41.32 -12.69 -30.34
C LEU A 492 42.76 -13.09 -30.02
N VAL A 493 43.05 -14.39 -30.10
CA VAL A 493 44.40 -14.88 -29.78
C VAL A 493 45.31 -14.60 -30.99
N GLU A 494 44.76 -14.67 -32.20
CA GLU A 494 45.52 -14.35 -33.40
C GLU A 494 46.06 -12.93 -33.34
N GLU A 495 45.24 -12.04 -32.79
CA GLU A 495 45.60 -10.64 -32.75
C GLU A 495 46.04 -10.28 -31.34
N LYS A 496 46.38 -11.32 -30.58
CA LYS A 496 47.05 -11.20 -29.28
C LYS A 496 46.31 -10.27 -28.30
N ILE A 497 45.02 -10.49 -28.10
CA ILE A 497 44.22 -9.62 -27.24
C ILE A 497 44.22 -10.06 -25.78
N CYS A 498 44.28 -11.37 -25.54
CA CYS A 498 44.29 -11.89 -24.19
C CYS A 498 44.84 -13.32 -24.11
N GLN A 499 44.96 -13.80 -22.88
CA GLN A 499 45.26 -15.20 -22.66
C GLN A 499 43.95 -15.84 -22.19
N PRO A 500 43.25 -16.52 -23.13
CA PRO A 500 41.97 -17.14 -22.80
C PRO A 500 42.14 -18.36 -21.92
N ILE A 501 41.22 -18.53 -20.96
CA ILE A 501 41.16 -19.76 -20.20
C ILE A 501 39.76 -20.34 -20.37
N LEU A 502 39.66 -21.56 -20.88
CA LEU A 502 38.36 -22.19 -21.10
C LEU A 502 37.92 -23.07 -19.92
N LEU A 503 36.61 -23.14 -19.66
CA LEU A 503 36.10 -23.99 -18.58
C LEU A 503 35.13 -25.05 -19.09
N GLY A 504 35.28 -26.28 -18.64
CA GLY A 504 34.40 -27.37 -19.04
C GLY A 504 35.10 -28.71 -18.99
N TYR A 505 34.44 -29.76 -19.45
CA TYR A 505 35.11 -31.07 -19.56
C TYR A 505 36.02 -31.02 -20.78
N PRO A 506 37.34 -31.15 -20.57
CA PRO A 506 38.35 -31.04 -21.63
C PRO A 506 38.03 -31.81 -22.92
N GLU A 507 37.61 -33.05 -22.81
CA GLU A 507 37.23 -33.81 -24.01
C GLU A 507 36.18 -33.11 -24.88
N ARG A 508 35.10 -32.60 -24.27
CA ARG A 508 33.99 -31.99 -25.01
C ARG A 508 34.44 -30.74 -25.74
N VAL A 509 35.26 -29.94 -25.07
CA VAL A 509 35.73 -28.70 -25.67
C VAL A 509 36.76 -28.95 -26.77
N LYS A 510 37.68 -29.89 -26.56
CA LYS A 510 38.58 -30.26 -27.64
C LYS A 510 37.85 -30.86 -28.85
N GLU A 511 36.80 -31.64 -28.60
CA GLU A 511 35.99 -32.12 -29.71
C GLU A 511 35.40 -30.93 -30.44
N LYS A 512 34.90 -29.95 -29.69
CA LYS A 512 34.28 -28.79 -30.32
C LYS A 512 35.26 -27.96 -31.14
N ILE A 513 36.43 -27.68 -30.56
CA ILE A 513 37.46 -26.93 -31.27
C ILE A 513 37.82 -27.67 -32.55
N LYS A 514 37.89 -29.00 -32.52
CA LYS A 514 38.17 -29.72 -33.76
C LYS A 514 37.03 -29.66 -34.77
N ALA A 515 35.79 -29.77 -34.28
CA ALA A 515 34.63 -29.71 -35.14
C ALA A 515 34.58 -28.40 -35.91
N LEU A 516 35.03 -27.33 -35.26
CA LEU A 516 34.93 -26.01 -35.88
C LEU A 516 36.16 -25.57 -36.68
N ASP A 517 37.21 -26.38 -36.66
CA ASP A 517 38.43 -26.15 -37.43
C ASP A 517 39.06 -24.82 -37.04
N ILE A 518 39.30 -24.67 -35.74
CA ILE A 518 39.96 -23.50 -35.22
C ILE A 518 41.33 -23.95 -34.69
N PRO A 519 42.36 -23.84 -35.55
CA PRO A 519 43.62 -24.46 -35.13
C PRO A 519 44.35 -23.61 -34.09
N LEU A 520 43.96 -22.34 -33.99
CA LEU A 520 44.68 -21.39 -33.17
C LEU A 520 44.44 -21.57 -31.68
N LEU A 521 43.54 -22.47 -31.29
CA LEU A 521 43.20 -22.59 -29.87
C LEU A 521 43.57 -23.95 -29.29
N ASN A 522 44.57 -24.58 -29.87
CA ASN A 522 45.00 -25.88 -29.39
C ASN A 522 45.91 -25.72 -28.17
N ASP A 523 46.38 -24.51 -27.97
CA ASP A 523 47.28 -24.18 -26.85
C ASP A 523 46.50 -23.66 -25.64
N VAL A 524 45.24 -23.28 -25.85
CA VAL A 524 44.49 -22.59 -24.82
C VAL A 524 44.20 -23.53 -23.65
N SER A 525 44.42 -23.04 -22.43
CA SER A 525 44.19 -23.84 -21.24
C SER A 525 42.72 -24.15 -21.02
N ILE A 526 42.42 -25.41 -20.75
CA ILE A 526 41.07 -25.82 -20.43
C ILE A 526 40.98 -26.51 -19.09
N VAL A 527 40.12 -26.00 -18.22
CA VAL A 527 40.04 -26.55 -16.88
C VAL A 527 38.62 -26.98 -16.52
N HIS A 528 38.53 -28.17 -15.94
CA HIS A 528 37.31 -28.67 -15.32
C HIS A 528 37.32 -28.26 -13.84
N PRO A 529 36.33 -27.45 -13.43
CA PRO A 529 36.25 -26.79 -12.13
C PRO A 529 36.58 -27.70 -10.95
N SER A 530 35.91 -28.85 -10.83
CA SER A 530 36.11 -29.77 -9.71
C SER A 530 37.52 -30.35 -9.66
N SER A 531 38.20 -30.28 -10.79
CA SER A 531 39.49 -30.91 -10.95
C SER A 531 40.63 -29.90 -10.95
N HIS A 532 40.34 -28.68 -10.56
CA HIS A 532 41.39 -27.68 -10.41
C HIS A 532 42.02 -27.79 -9.03
N PRO A 533 43.31 -27.48 -8.92
CA PRO A 533 43.91 -27.53 -7.58
C PRO A 533 43.23 -26.60 -6.56
N LYS A 534 42.90 -25.37 -6.95
CA LYS A 534 42.44 -24.40 -5.97
C LYS A 534 40.94 -24.49 -5.72
N TYR A 535 40.31 -25.52 -6.29
CA TYR A 535 38.86 -25.70 -6.20
C TYR A 535 38.36 -25.62 -4.79
N PHE A 536 38.89 -26.49 -3.94
CA PHE A 536 38.41 -26.60 -2.57
C PHE A 536 38.69 -25.29 -1.86
N SER A 537 39.83 -24.68 -2.20
CA SER A 537 40.15 -23.41 -1.59
C SER A 537 39.06 -22.41 -1.95
N PHE A 538 38.66 -22.41 -3.22
CA PHE A 538 37.60 -21.55 -3.72
C PHE A 538 36.31 -21.81 -2.99
N VAL A 539 35.94 -23.09 -2.83
CA VAL A 539 34.65 -23.33 -2.19
C VAL A 539 34.68 -22.73 -0.79
N GLU A 540 35.82 -22.87 -0.11
CA GLU A 540 35.92 -22.37 1.24
C GLU A 540 35.59 -20.88 1.23
N LYS A 541 36.23 -20.19 0.29
CA LYS A 541 36.05 -18.74 0.14
C LYS A 541 34.59 -18.37 -0.03
N LEU A 542 33.92 -19.05 -0.95
CA LEU A 542 32.52 -18.75 -1.22
C LEU A 542 31.72 -18.92 0.05
N TYR A 543 31.96 -20.05 0.71
CA TYR A 543 31.33 -20.35 1.98
C TYR A 543 31.49 -19.19 2.92
N SER A 544 32.72 -18.77 3.11
CA SER A 544 32.93 -17.77 4.12
C SER A 544 32.24 -16.48 3.75
N LEU A 545 32.14 -16.15 2.47
CA LEU A 545 31.44 -14.91 2.15
C LEU A 545 29.92 -15.09 2.08
N ARG A 546 29.40 -16.27 1.81
CA ARG A 546 27.93 -16.35 1.68
C ARG A 546 27.23 -17.34 2.65
N GLN A 547 27.87 -17.63 3.78
CA GLN A 547 27.34 -18.62 4.70
C GLN A 547 26.07 -18.17 5.38
N ARG A 548 25.84 -16.85 5.42
CA ARG A 548 24.66 -16.31 6.07
C ARG A 548 23.72 -15.76 5.02
N LYS A 549 23.99 -16.12 3.76
CA LYS A 549 23.14 -15.75 2.63
C LYS A 549 22.65 -16.98 1.92
N GLY A 550 22.43 -18.05 2.67
CA GLY A 550 21.79 -19.21 2.12
C GLY A 550 22.74 -20.21 1.51
N ILE A 551 24.03 -20.12 1.80
CA ILE A 551 24.98 -21.05 1.22
C ILE A 551 25.86 -21.70 2.28
N ASN A 552 25.69 -22.99 2.58
CA ASN A 552 26.71 -23.64 3.45
C ASN A 552 27.74 -24.40 2.62
N LEU A 553 28.66 -25.12 3.30
CA LEU A 553 29.74 -25.83 2.62
C LEU A 553 29.27 -26.79 1.54
N GLY A 554 28.21 -27.52 1.83
CA GLY A 554 27.67 -28.41 0.83
C GLY A 554 27.30 -27.62 -0.39
N GLU A 555 26.52 -26.58 -0.18
CA GLU A 555 26.02 -25.78 -1.30
C GLU A 555 27.15 -25.06 -1.97
N ALA A 556 28.16 -24.66 -1.19
CA ALA A 556 29.27 -23.93 -1.76
C ALA A 556 29.98 -24.82 -2.74
N GLU A 557 30.23 -26.04 -2.29
CA GLU A 557 30.85 -27.04 -3.12
C GLU A 557 30.06 -27.23 -4.40
N ARG A 558 28.75 -27.43 -4.25
CA ARG A 558 27.91 -27.68 -5.41
C ARG A 558 28.02 -26.53 -6.44
N LEU A 559 27.90 -25.29 -5.97
CA LEU A 559 27.96 -24.12 -6.85
C LEU A 559 29.31 -23.93 -7.52
N MET A 560 30.39 -24.12 -6.78
CA MET A 560 31.72 -23.83 -7.32
C MET A 560 32.07 -24.74 -8.48
N ALA A 561 31.32 -25.82 -8.64
CA ALA A 561 31.50 -26.70 -9.78
C ALA A 561 30.86 -26.04 -11.01
N ASP A 562 30.02 -25.04 -10.79
CA ASP A 562 29.44 -24.30 -11.90
C ASP A 562 30.52 -23.39 -12.48
N PRO A 563 30.77 -23.49 -13.79
CA PRO A 563 31.77 -22.67 -14.48
C PRO A 563 31.60 -21.17 -14.24
N ASN A 564 30.37 -20.69 -14.14
CA ASN A 564 30.18 -19.27 -13.87
C ASN A 564 30.75 -18.88 -12.50
N TYR A 565 30.40 -19.62 -11.47
CA TYR A 565 30.93 -19.33 -10.14
C TYR A 565 32.43 -19.51 -10.10
N PHE A 566 32.92 -20.50 -10.81
CA PHE A 566 34.36 -20.77 -10.81
C PHE A 566 35.14 -19.62 -11.46
N ALA A 567 34.69 -19.18 -12.63
CA ALA A 567 35.27 -18.03 -13.32
C ALA A 567 35.29 -16.81 -12.40
N ALA A 568 34.12 -16.56 -11.82
CA ALA A 568 33.95 -15.46 -10.88
C ALA A 568 34.98 -15.51 -9.76
N MET A 569 35.15 -16.70 -9.18
CA MET A 569 36.06 -16.85 -8.05
C MET A 569 37.52 -16.69 -8.46
N MET A 570 37.88 -17.20 -9.64
CA MET A 570 39.23 -17.07 -10.15
C MET A 570 39.60 -15.62 -10.26
N VAL A 571 38.68 -14.87 -10.83
CA VAL A 571 38.87 -13.44 -11.03
C VAL A 571 39.02 -12.76 -9.68
N ASN A 572 38.14 -13.14 -8.75
CA ASN A 572 38.12 -12.58 -7.40
C ASN A 572 39.44 -12.74 -6.70
N GLN A 573 40.00 -13.95 -6.79
CA GLN A 573 41.23 -14.30 -6.09
C GLN A 573 42.51 -13.92 -6.84
N GLY A 574 42.37 -13.50 -8.09
CA GLY A 574 43.51 -13.09 -8.88
C GLY A 574 44.18 -14.23 -9.63
N GLU A 575 43.49 -15.36 -9.76
CA GLU A 575 44.01 -16.47 -10.55
C GLU A 575 43.63 -16.26 -12.01
N ALA A 576 42.92 -15.16 -12.25
CA ALA A 576 42.60 -14.67 -13.58
C ALA A 576 42.36 -13.17 -13.46
N ASP A 577 42.57 -12.42 -14.54
CA ASP A 577 42.53 -10.96 -14.42
C ASP A 577 41.14 -10.47 -14.78
N GLY A 578 40.38 -11.31 -15.47
CA GLY A 578 39.03 -10.95 -15.84
C GLY A 578 38.28 -12.09 -16.46
N MET A 579 36.98 -11.90 -16.66
CA MET A 579 36.13 -12.94 -17.21
C MET A 579 35.04 -12.39 -18.12
N VAL A 580 34.65 -13.22 -19.08
CA VAL A 580 33.57 -12.89 -20.01
C VAL A 580 32.62 -14.08 -20.11
N SER A 581 31.35 -13.83 -19.78
CA SER A 581 30.34 -14.85 -19.84
C SER A 581 29.05 -14.32 -20.46
N GLY A 582 28.03 -15.17 -20.49
CA GLY A 582 26.72 -14.75 -20.94
C GLY A 582 26.46 -14.95 -22.42
N SER A 583 27.28 -15.76 -23.09
CA SER A 583 27.06 -15.92 -24.51
C SER A 583 25.92 -16.90 -24.82
N SER A 584 25.59 -17.79 -23.89
CA SER A 584 24.60 -18.81 -24.20
C SER A 584 23.60 -18.96 -23.08
N ILE A 585 23.57 -17.97 -22.19
CA ILE A 585 22.62 -17.97 -21.09
C ILE A 585 22.02 -16.55 -20.90
N ASN A 586 20.82 -16.47 -20.33
CA ASN A 586 20.19 -15.19 -20.08
C ASN A 586 21.04 -14.34 -19.13
N TYR A 587 20.89 -13.03 -19.18
CA TYR A 587 21.80 -12.14 -18.49
C TYR A 587 21.77 -12.28 -16.97
N ALA A 588 20.58 -12.46 -16.38
CA ALA A 588 20.44 -12.55 -14.93
C ALA A 588 21.23 -13.73 -14.39
N ASP A 589 21.05 -14.88 -15.01
CA ASP A 589 21.74 -16.07 -14.58
C ASP A 589 23.25 -15.92 -14.75
N ALA A 590 23.68 -15.23 -15.79
CA ALA A 590 25.11 -15.12 -16.04
C ALA A 590 25.74 -14.12 -15.10
N VAL A 591 25.01 -13.07 -14.78
CA VAL A 591 25.56 -11.96 -14.03
C VAL A 591 25.45 -12.21 -12.52
N ARG A 592 24.48 -13.03 -12.12
CA ARG A 592 24.25 -13.18 -10.70
C ARG A 592 25.45 -13.70 -9.92
N PRO A 593 26.07 -14.82 -10.36
CA PRO A 593 27.23 -15.30 -9.58
C PRO A 593 28.37 -14.29 -9.56
N ILE A 594 28.47 -13.48 -10.60
CA ILE A 594 29.47 -12.44 -10.59
C ILE A 594 29.19 -11.49 -9.42
N LEU A 595 27.94 -11.08 -9.28
CA LEU A 595 27.59 -10.11 -8.25
C LEU A 595 27.66 -10.72 -6.86
N GLN A 596 27.35 -12.01 -6.74
CA GLN A 596 27.40 -12.71 -5.46
C GLN A 596 28.84 -12.95 -5.00
N THR A 597 29.72 -13.21 -5.97
CA THR A 597 31.11 -13.52 -5.71
C THR A 597 32.01 -12.30 -5.65
N ILE A 598 32.09 -11.54 -6.75
CA ILE A 598 33.00 -10.40 -6.76
C ILE A 598 32.39 -9.21 -6.06
N GLY A 599 31.14 -8.90 -6.39
CA GLY A 599 30.44 -7.81 -5.75
C GLY A 599 30.84 -6.39 -6.13
N VAL A 600 30.10 -5.44 -5.58
CA VAL A 600 30.30 -4.04 -5.88
C VAL A 600 31.36 -3.45 -4.96
N TYR A 601 32.06 -2.39 -5.40
CA TYR A 601 32.94 -1.62 -4.51
C TYR A 601 32.16 -0.60 -3.66
N LYS A 602 32.84 0.07 -2.72
CA LYS A 602 32.16 1.02 -1.82
C LYS A 602 31.45 2.13 -2.61
N GLU A 603 30.17 2.31 -2.29
CA GLU A 603 29.28 3.30 -2.90
C GLU A 603 28.93 2.93 -4.35
N GLY A 604 29.44 1.81 -4.84
CA GLY A 604 29.19 1.41 -6.21
C GLY A 604 27.85 0.74 -6.49
N ILE A 605 27.48 0.72 -7.76
CA ILE A 605 26.25 0.06 -8.23
C ILE A 605 26.54 -0.69 -9.52
N PRO A 606 26.12 -1.97 -9.60
CA PRO A 606 26.33 -2.71 -10.83
C PRO A 606 25.48 -2.11 -11.95
N ALA A 607 26.10 -1.77 -13.07
CA ALA A 607 25.38 -1.12 -14.14
C ALA A 607 26.00 -1.41 -15.49
N GLY A 608 25.17 -1.85 -16.41
CA GLY A 608 25.60 -2.10 -17.76
C GLY A 608 25.77 -0.79 -18.49
N LEU A 609 26.83 -0.70 -19.28
CA LEU A 609 27.13 0.52 -19.98
C LEU A 609 27.44 0.21 -21.42
N ASN A 610 26.84 0.95 -22.36
CA ASN A 610 27.23 0.75 -23.76
C ASN A 610 27.79 1.99 -24.42
N PHE A 611 28.68 1.78 -25.39
CA PHE A 611 29.18 2.88 -26.21
C PHE A 611 28.53 2.83 -27.55
N VAL A 612 28.07 3.98 -28.01
CA VAL A 612 27.56 4.16 -29.37
C VAL A 612 28.61 4.97 -30.12
N LEU A 613 29.16 4.40 -31.19
CA LEU A 613 30.28 5.06 -31.85
C LEU A 613 29.87 5.83 -33.10
N LEU A 614 29.61 7.13 -32.91
CA LEU A 614 29.17 8.01 -33.98
C LEU A 614 30.36 8.73 -34.58
N GLU A 615 30.10 9.67 -35.48
CA GLU A 615 31.17 10.28 -36.26
C GLU A 615 31.86 11.44 -35.53
N ASP A 616 31.06 12.27 -34.86
CA ASP A 616 31.58 13.45 -34.18
C ASP A 616 31.89 13.23 -32.70
N LYS A 617 31.23 12.25 -32.09
CA LYS A 617 31.36 12.00 -30.66
C LYS A 617 31.10 10.52 -30.42
N PHE A 618 31.26 10.05 -29.18
CA PHE A 618 30.68 8.77 -28.83
C PHE A 618 29.67 9.02 -27.71
N LEU A 619 28.62 8.20 -27.67
CA LEU A 619 27.62 8.32 -26.60
C LEU A 619 27.74 7.13 -25.65
N VAL A 620 27.61 7.40 -24.35
CA VAL A 620 27.59 6.34 -23.35
C VAL A 620 26.17 6.16 -22.79
N LEU A 621 25.68 4.92 -22.76
CA LEU A 621 24.33 4.65 -22.27
C LEU A 621 24.33 3.80 -21.01
N ALA A 622 23.63 4.24 -19.97
CA ALA A 622 23.53 3.43 -18.75
C ALA A 622 22.25 3.74 -17.99
N ASP A 623 21.75 2.83 -17.14
CA ASP A 623 22.20 1.46 -16.96
C ASP A 623 21.34 0.55 -17.86
N THR A 624 22.00 -0.08 -18.83
CA THR A 624 21.33 -0.86 -19.87
C THR A 624 21.04 -2.29 -19.44
N THR A 625 21.44 -2.63 -18.23
CA THR A 625 21.50 -4.03 -17.94
C THR A 625 20.99 -4.54 -16.57
N VAL A 626 21.27 -3.84 -15.47
CA VAL A 626 21.05 -4.44 -14.16
C VAL A 626 19.77 -4.00 -13.49
N ASN A 627 19.67 -2.69 -13.25
CA ASN A 627 18.64 -2.06 -12.43
C ASN A 627 17.32 -1.78 -13.10
N LEU A 628 16.27 -2.50 -12.72
CA LEU A 628 14.93 -2.26 -13.28
C LEU A 628 14.51 -0.82 -13.19
N ASN A 629 14.54 -0.27 -12.00
CA ASN A 629 13.91 1.03 -11.77
C ASN A 629 14.68 1.86 -10.77
N PRO A 630 15.89 2.26 -11.12
CA PRO A 630 16.81 2.88 -10.16
C PRO A 630 16.28 4.17 -9.57
N THR A 631 16.63 4.41 -8.31
CA THR A 631 16.27 5.66 -7.66
C THR A 631 17.04 6.84 -8.22
N ALA A 632 16.71 8.02 -7.72
CA ALA A 632 17.44 9.22 -8.06
C ALA A 632 18.89 9.05 -7.67
N GLU A 633 19.11 8.60 -6.43
CA GLU A 633 20.47 8.40 -5.90
C GLU A 633 21.25 7.41 -6.75
N GLN A 634 20.57 6.32 -7.11
CA GLN A 634 21.18 5.32 -7.94
C GLN A 634 21.52 5.82 -9.34
N CYS A 635 20.60 6.59 -9.93
CA CYS A 635 20.85 7.20 -11.23
C CYS A 635 22.06 8.13 -11.17
N ALA A 636 22.19 8.84 -10.04
CA ALA A 636 23.31 9.73 -9.82
C ALA A 636 24.61 8.94 -9.81
N GLN A 637 24.63 7.85 -9.06
CA GLN A 637 25.85 7.06 -8.97
C GLN A 637 26.21 6.43 -10.32
N ILE A 638 25.22 5.93 -11.04
CA ILE A 638 25.44 5.39 -12.38
C ILE A 638 26.09 6.43 -13.27
N ALA A 639 25.51 7.62 -13.27
CA ALA A 639 26.05 8.75 -14.00
C ALA A 639 27.52 8.96 -13.65
N LEU A 640 27.83 8.98 -12.36
CA LEU A 640 29.23 9.16 -11.96
C LEU A 640 30.17 8.07 -12.49
N GLN A 641 29.74 6.82 -12.41
CA GLN A 641 30.57 5.70 -12.87
C GLN A 641 30.87 5.82 -14.37
N ALA A 642 29.82 6.04 -15.14
CA ALA A 642 29.98 6.26 -16.58
C ALA A 642 30.89 7.47 -16.80
N ALA A 643 30.72 8.50 -15.99
CA ALA A 643 31.48 9.75 -16.11
C ALA A 643 32.98 9.46 -16.03
N LYS A 644 33.36 8.73 -14.98
CA LYS A 644 34.77 8.41 -14.80
C LYS A 644 35.27 7.54 -15.96
N ILE A 645 34.43 6.61 -16.42
CA ILE A 645 34.81 5.77 -17.55
C ILE A 645 35.07 6.61 -18.80
N VAL A 646 34.18 7.56 -19.08
CA VAL A 646 34.38 8.46 -20.22
C VAL A 646 35.69 9.25 -20.07
N GLU A 647 35.99 9.67 -18.83
CA GLU A 647 37.21 10.43 -18.57
C GLU A 647 38.45 9.61 -18.84
N TYR A 648 38.38 8.32 -18.56
CA TYR A 648 39.45 7.38 -18.87
C TYR A 648 39.87 7.47 -20.34
N PHE A 649 38.92 7.84 -21.19
CA PHE A 649 39.20 8.01 -22.62
C PHE A 649 39.46 9.47 -23.00
N GLY A 650 39.79 10.29 -22.00
CA GLY A 650 40.22 11.65 -22.23
C GLY A 650 39.16 12.58 -22.75
N ILE A 651 37.90 12.27 -22.47
CA ILE A 651 36.80 13.14 -22.90
C ILE A 651 36.10 13.77 -21.71
N GLU A 652 35.69 15.02 -21.86
CA GLU A 652 34.89 15.71 -20.86
C GLU A 652 33.50 15.13 -20.82
N PRO A 653 33.12 14.50 -19.69
CA PRO A 653 31.76 13.98 -19.64
C PRO A 653 30.71 15.09 -19.53
N ARG A 654 29.64 14.91 -20.30
CA ARG A 654 28.45 15.74 -20.25
C ARG A 654 27.23 14.85 -20.09
N VAL A 655 26.56 15.03 -18.96
CA VAL A 655 25.61 14.05 -18.48
C VAL A 655 24.18 14.56 -18.62
N ALA A 656 23.31 13.71 -19.16
CA ALA A 656 21.87 13.97 -19.20
C ALA A 656 21.11 12.89 -18.46
N MET A 657 20.19 13.29 -17.59
CA MET A 657 19.28 12.34 -16.97
C MET A 657 18.00 12.27 -17.82
N LEU A 658 17.80 11.20 -18.55
CA LEU A 658 16.74 11.14 -19.55
C LEU A 658 15.33 11.02 -18.95
N SER A 659 14.36 11.59 -19.64
CA SER A 659 12.97 11.51 -19.21
C SER A 659 12.10 11.62 -20.46
N TYR A 660 10.80 11.47 -20.29
CA TYR A 660 9.89 11.73 -21.40
C TYR A 660 9.50 13.21 -21.39
N SER A 661 10.10 13.95 -20.47
CA SER A 661 9.71 15.32 -20.22
C SER A 661 10.89 16.28 -20.31
N ASN A 662 10.60 17.58 -20.58
CA ASN A 662 11.59 18.65 -20.53
C ASN A 662 11.46 19.55 -19.31
N PHE A 663 12.37 19.37 -18.35
CA PHE A 663 12.52 20.25 -17.20
C PHE A 663 11.20 20.56 -16.54
N SER A 664 10.41 19.53 -16.26
CA SER A 664 9.12 19.71 -15.61
C SER A 664 9.19 19.38 -14.13
N GLY A 665 10.03 18.40 -13.78
CA GLY A 665 10.20 17.96 -12.42
C GLY A 665 8.90 17.44 -11.85
N ALA A 666 7.97 17.09 -12.74
CA ALA A 666 6.66 16.55 -12.35
C ALA A 666 6.78 15.28 -11.53
N GLU A 667 5.74 15.00 -10.75
CA GLU A 667 5.67 13.74 -10.00
C GLU A 667 6.01 12.58 -10.92
N GLY A 668 6.77 11.60 -10.43
CA GLY A 668 7.10 10.45 -11.28
C GLY A 668 8.52 10.47 -11.81
N THR A 669 8.72 10.03 -13.06
CA THR A 669 10.06 10.01 -13.62
C THR A 669 10.76 11.36 -13.81
N PRO A 670 10.01 12.44 -14.17
CA PRO A 670 10.68 13.74 -14.30
C PRO A 670 11.41 14.17 -13.04
N ARG A 671 10.72 14.11 -11.90
CA ARG A 671 11.32 14.49 -10.62
C ARG A 671 12.51 13.61 -10.31
N LYS A 672 12.39 12.33 -10.67
CA LYS A 672 13.45 11.41 -10.33
C LYS A 672 14.69 11.86 -11.06
N MET A 673 14.56 12.18 -12.34
CA MET A 673 15.75 12.53 -13.09
C MET A 673 16.28 13.92 -12.73
N LYS A 674 15.41 14.86 -12.41
CA LYS A 674 15.86 16.18 -11.96
C LYS A 674 16.62 16.10 -10.63
N LYS A 675 16.06 15.35 -9.69
CA LYS A 675 16.70 15.19 -8.41
C LYS A 675 18.00 14.38 -8.58
N ALA A 676 17.98 13.39 -9.48
CA ALA A 676 19.14 12.58 -9.81
C ALA A 676 20.28 13.49 -10.25
N ALA A 677 19.95 14.39 -11.17
CA ALA A 677 20.90 15.35 -11.64
C ALA A 677 21.44 16.22 -10.51
N GLU A 678 20.55 16.73 -9.65
CA GLU A 678 20.99 17.60 -8.54
C GLU A 678 22.00 16.92 -7.61
N ILE A 679 21.73 15.67 -7.32
CA ILE A 679 22.63 14.89 -6.50
C ILE A 679 23.99 14.66 -7.19
N ALA A 680 23.95 14.25 -8.45
CA ALA A 680 25.18 14.06 -9.21
C ALA A 680 26.01 15.34 -9.19
N ARG A 681 25.37 16.47 -9.49
CA ARG A 681 26.02 17.77 -9.50
C ARG A 681 26.66 18.04 -8.14
N SER A 682 25.97 17.64 -7.08
CA SER A 682 26.50 17.80 -5.74
C SER A 682 27.78 16.99 -5.50
N LEU A 683 27.83 15.77 -6.03
CA LEU A 683 29.02 14.95 -5.82
C LEU A 683 30.16 15.32 -6.75
N ARG A 684 29.87 16.07 -7.80
CA ARG A 684 30.88 16.41 -8.80
C ARG A 684 30.62 17.80 -9.39
N PRO A 685 30.84 18.85 -8.59
CA PRO A 685 30.43 20.22 -8.96
C PRO A 685 31.15 20.72 -10.21
N ASP A 686 32.16 19.98 -10.63
CA ASP A 686 32.96 20.39 -11.77
C ASP A 686 32.39 19.93 -13.12
N LEU A 687 31.43 19.01 -13.09
CA LEU A 687 30.87 18.43 -14.32
C LEU A 687 29.51 18.97 -14.73
N MET A 688 29.27 18.98 -16.04
CA MET A 688 27.97 19.35 -16.54
C MET A 688 27.03 18.15 -16.49
N ILE A 689 26.10 18.24 -15.55
CA ILE A 689 25.09 17.22 -15.32
C ILE A 689 23.74 17.93 -15.28
N GLU A 690 22.79 17.49 -16.08
CA GLU A 690 21.52 18.19 -16.15
C GLU A 690 20.33 17.24 -16.36
N GLY A 691 19.14 17.70 -15.96
CA GLY A 691 17.90 16.96 -16.07
C GLY A 691 16.81 17.71 -15.31
N ASP A 692 15.54 17.33 -15.48
CA ASP A 692 15.10 16.27 -16.39
C ASP A 692 15.05 16.79 -17.82
N MET A 693 15.29 15.92 -18.79
CA MET A 693 15.16 16.31 -20.20
C MET A 693 14.90 15.09 -21.08
N GLN A 694 14.33 15.35 -22.26
CA GLN A 694 14.10 14.33 -23.28
C GLN A 694 15.39 14.02 -24.04
N ALA A 695 15.36 12.96 -24.84
CA ALA A 695 16.58 12.47 -25.46
C ALA A 695 17.18 13.40 -26.50
N ASP A 696 16.34 13.93 -27.39
CA ASP A 696 16.86 14.84 -28.42
C ASP A 696 17.31 16.16 -27.80
N THR A 697 16.58 16.67 -26.81
CA THR A 697 17.05 17.84 -26.08
C THR A 697 18.46 17.59 -25.57
N ALA A 698 18.70 16.37 -25.11
CA ALA A 698 19.97 16.00 -24.51
C ALA A 698 21.10 15.94 -25.53
N VAL A 699 20.90 15.19 -26.62
CA VAL A 699 22.02 14.94 -27.52
C VAL A 699 22.32 16.11 -28.47
N ASN A 700 21.31 16.95 -28.71
CA ASN A 700 21.36 18.03 -29.69
C ASN A 700 21.50 19.41 -29.04
N PRO A 701 22.61 20.10 -29.30
CA PRO A 701 22.87 21.35 -28.58
C PRO A 701 21.98 22.48 -29.09
N GLU A 702 21.48 22.32 -30.32
CA GLU A 702 20.61 23.31 -30.99
C GLU A 702 19.24 23.37 -30.37
N ILE A 703 18.69 22.19 -30.12
CA ILE A 703 17.43 22.07 -29.42
C ILE A 703 17.56 22.71 -28.04
N MET A 704 18.63 22.37 -27.33
CA MET A 704 18.90 22.91 -26.01
C MET A 704 18.94 24.43 -26.01
N GLU A 705 19.74 24.98 -26.92
CA GLU A 705 19.90 26.41 -26.99
C GLU A 705 18.61 27.09 -27.38
N ARG A 706 17.84 26.45 -28.26
CA ARG A 706 16.62 27.07 -28.78
C ARG A 706 15.50 27.06 -27.77
N LEU A 707 15.37 25.97 -27.00
CA LEU A 707 14.23 25.83 -26.11
C LEU A 707 14.54 26.01 -24.64
N PHE A 708 15.74 25.63 -24.22
CA PHE A 708 16.09 25.66 -22.79
C PHE A 708 17.49 26.17 -22.53
N PRO A 709 17.79 27.41 -22.97
CA PRO A 709 19.13 27.93 -22.77
C PRO A 709 19.49 28.10 -21.29
N PHE A 710 18.50 28.02 -20.41
CA PHE A 710 18.77 28.19 -18.98
C PHE A 710 19.61 27.01 -18.47
N SER A 711 19.54 25.89 -19.18
CA SER A 711 20.23 24.67 -18.78
C SER A 711 21.74 24.82 -18.70
N GLY A 712 22.37 24.04 -17.83
CA GLY A 712 23.81 24.06 -17.66
C GLY A 712 24.56 23.07 -18.55
N LEU A 713 23.81 22.37 -19.41
CA LEU A 713 24.40 21.43 -20.35
C LEU A 713 24.58 22.07 -21.72
N LYS A 714 25.82 22.20 -22.16
CA LYS A 714 26.09 22.89 -23.40
C LYS A 714 26.97 22.05 -24.32
N GLY A 715 26.58 21.96 -25.58
CA GLY A 715 27.34 21.22 -26.57
C GLY A 715 26.85 19.79 -26.66
N GLY A 716 25.70 19.50 -26.06
CA GLY A 716 25.18 18.14 -26.10
C GLY A 716 25.84 17.19 -25.11
N ALA A 717 25.05 16.24 -24.60
CA ALA A 717 25.55 15.23 -23.68
C ALA A 717 26.21 14.07 -24.41
N ASN A 718 27.22 13.47 -23.79
CA ASN A 718 27.80 12.23 -24.31
C ASN A 718 27.58 11.04 -23.36
N VAL A 719 27.02 11.31 -22.18
CA VAL A 719 26.57 10.23 -21.32
C VAL A 719 25.09 10.44 -20.94
N LEU A 720 24.30 9.43 -21.26
CA LEU A 720 22.88 9.42 -21.04
C LEU A 720 22.50 8.38 -20.01
N VAL A 721 21.98 8.78 -18.85
CA VAL A 721 21.52 7.73 -17.95
C VAL A 721 19.97 7.66 -18.02
N PHE A 722 19.46 6.43 -18.08
CA PHE A 722 18.05 6.19 -18.36
C PHE A 722 17.27 5.97 -17.05
N PRO A 723 15.97 6.31 -17.06
CA PRO A 723 15.21 6.24 -15.81
C PRO A 723 14.76 4.84 -15.46
N ASN A 724 14.81 3.93 -16.43
CA ASN A 724 14.49 2.54 -16.15
C ASN A 724 15.08 1.54 -17.16
N LEU A 725 15.11 0.26 -16.79
CA LEU A 725 15.77 -0.75 -17.60
C LEU A 725 15.10 -0.97 -18.98
N GLU A 726 13.77 -0.81 -19.05
CA GLU A 726 13.08 -0.90 -20.34
C GLU A 726 13.66 0.12 -21.32
N SER A 727 13.72 1.37 -20.89
CA SER A 727 14.17 2.44 -21.76
C SER A 727 15.63 2.24 -22.21
N SER A 728 16.53 1.91 -21.30
CA SER A 728 17.94 1.74 -21.65
C SER A 728 18.15 0.55 -22.58
N ASN A 729 17.58 -0.59 -22.18
CA ASN A 729 17.80 -1.87 -22.87
C ASN A 729 17.25 -1.80 -24.29
N ILE A 730 16.00 -1.32 -24.39
CA ILE A 730 15.37 -1.14 -25.69
C ILE A 730 16.11 -0.11 -26.54
N ALA A 731 16.53 1.01 -25.95
CA ALA A 731 17.25 2.02 -26.70
C ALA A 731 18.52 1.48 -27.33
N TYR A 732 19.43 0.93 -26.52
CA TYR A 732 20.72 0.51 -27.05
C TYR A 732 20.50 -0.60 -28.07
N LYS A 733 19.62 -1.55 -27.79
CA LYS A 733 19.47 -2.65 -28.75
C LYS A 733 18.88 -2.13 -30.10
N LEU A 734 17.93 -1.20 -30.04
CA LEU A 734 17.38 -0.62 -31.28
C LEU A 734 18.41 0.18 -32.08
N ILE A 735 19.12 1.08 -31.39
CA ILE A 735 20.17 1.84 -32.03
C ILE A 735 21.13 0.90 -32.72
N GLN A 736 21.54 -0.14 -32.00
CA GLN A 736 22.48 -1.13 -32.50
C GLN A 736 21.98 -1.78 -33.80
N GLN A 737 20.72 -2.18 -33.84
CA GLN A 737 20.21 -2.82 -35.05
C GLN A 737 19.96 -1.87 -36.23
N ILE A 738 19.32 -0.73 -35.99
CA ILE A 738 18.80 0.05 -37.11
C ILE A 738 19.58 1.34 -37.38
N GLY A 739 20.27 1.86 -36.37
CA GLY A 739 21.15 2.99 -36.58
C GLY A 739 22.34 2.49 -37.36
N LYS A 740 23.13 3.36 -37.96
CA LYS A 740 24.21 2.81 -38.75
C LYS A 740 25.53 3.08 -38.05
N ALA A 741 25.56 2.68 -36.79
CA ALA A 741 26.70 2.91 -35.94
C ALA A 741 26.97 1.67 -35.10
N GLU A 742 28.24 1.31 -34.94
CA GLU A 742 28.59 0.20 -34.08
C GLU A 742 28.33 0.55 -32.63
N VAL A 743 27.77 -0.38 -31.86
CA VAL A 743 27.67 -0.16 -30.42
C VAL A 743 28.30 -1.33 -29.68
N ILE A 744 29.11 -1.02 -28.69
CA ILE A 744 29.84 -2.06 -27.99
C ILE A 744 29.36 -2.15 -26.55
N GLY A 745 29.34 -3.38 -26.03
CA GLY A 745 28.81 -3.67 -24.72
C GLY A 745 27.76 -4.77 -24.73
N PRO A 746 26.97 -4.86 -23.65
CA PRO A 746 27.14 -4.01 -22.47
C PRO A 746 28.42 -4.38 -21.70
N PHE A 747 28.94 -3.41 -20.96
CA PHE A 747 30.06 -3.66 -20.09
C PHE A 747 29.59 -3.47 -18.66
N LEU A 748 29.83 -4.47 -17.82
CA LEU A 748 29.44 -4.41 -16.43
C LEU A 748 30.33 -3.45 -15.64
N THR A 749 29.70 -2.43 -15.08
CA THR A 749 30.36 -1.42 -14.26
C THR A 749 29.98 -1.58 -12.78
N GLY A 750 30.81 -1.06 -11.88
CA GLY A 750 30.51 -1.06 -10.45
C GLY A 750 31.13 -2.18 -9.64
N VAL A 751 31.75 -3.15 -10.30
CA VAL A 751 32.20 -4.36 -9.61
C VAL A 751 33.71 -4.32 -9.33
N ARG A 752 34.13 -4.97 -8.24
CA ARG A 752 35.51 -4.84 -7.75
C ARG A 752 36.57 -5.33 -8.73
N ARG A 753 36.28 -6.41 -9.45
CA ARG A 753 37.27 -7.00 -10.34
C ARG A 753 36.68 -7.03 -11.74
N SER A 754 37.48 -7.36 -12.74
CA SER A 754 37.04 -7.25 -14.12
C SER A 754 36.16 -8.42 -14.55
N ALA A 755 34.91 -8.10 -14.90
CA ALA A 755 33.97 -9.10 -15.37
C ALA A 755 32.96 -8.43 -16.27
N ASN A 756 32.60 -9.09 -17.35
CA ASN A 756 31.55 -8.58 -18.23
C ASN A 756 30.64 -9.68 -18.71
N VAL A 757 29.36 -9.37 -18.84
CA VAL A 757 28.42 -10.35 -19.33
C VAL A 757 27.97 -9.91 -20.70
N LEU A 758 28.21 -10.76 -21.68
CA LEU A 758 27.78 -10.51 -23.05
C LEU A 758 26.26 -10.48 -23.09
N GLN A 759 25.69 -9.75 -24.04
CA GLN A 759 24.29 -9.95 -24.40
C GLN A 759 24.23 -11.25 -25.17
N ARG A 760 23.34 -12.17 -24.81
CA ARG A 760 23.33 -13.46 -25.45
C ARG A 760 23.01 -13.35 -26.94
N THR A 761 22.47 -12.20 -27.35
CA THR A 761 22.17 -11.96 -28.76
C THR A 761 23.39 -11.49 -29.56
N THR A 762 24.56 -11.39 -28.91
CA THR A 762 25.77 -10.90 -29.56
C THR A 762 26.12 -11.68 -30.81
N THR A 763 26.82 -11.02 -31.73
CA THR A 763 27.48 -11.69 -32.85
C THR A 763 28.91 -12.00 -32.44
N VAL A 764 29.65 -12.69 -33.30
CA VAL A 764 31.03 -13.06 -32.97
C VAL A 764 31.94 -11.83 -32.88
N ASP A 765 31.74 -10.89 -33.80
CA ASP A 765 32.48 -9.63 -33.76
C ASP A 765 32.08 -8.87 -32.50
N GLY A 766 30.82 -9.02 -32.11
CA GLY A 766 30.35 -8.45 -30.86
C GLY A 766 31.22 -8.90 -29.71
N ILE A 767 31.48 -10.20 -29.66
CA ILE A 767 32.31 -10.76 -28.61
C ILE A 767 33.74 -10.28 -28.72
N VAL A 768 34.33 -10.26 -29.90
CA VAL A 768 35.73 -9.77 -29.93
C VAL A 768 35.80 -8.32 -29.41
N ASN A 769 34.85 -7.47 -29.80
CA ASN A 769 34.86 -6.10 -29.29
C ASN A 769 34.79 -6.05 -27.77
N SER A 770 33.79 -6.75 -27.24
CA SER A 770 33.58 -6.81 -25.79
C SER A 770 34.83 -7.30 -25.09
N VAL A 771 35.42 -8.35 -25.64
CA VAL A 771 36.60 -8.94 -25.03
C VAL A 771 37.76 -7.97 -25.06
N VAL A 772 37.92 -7.21 -26.14
CA VAL A 772 38.94 -6.16 -26.18
C VAL A 772 38.83 -5.27 -24.96
N PHE A 773 37.64 -4.75 -24.75
CA PHE A 773 37.51 -3.81 -23.65
C PHE A 773 37.62 -4.49 -22.28
N THR A 774 37.25 -5.77 -22.21
CA THR A 774 37.45 -6.52 -20.98
C THR A 774 38.94 -6.64 -20.69
N ALA A 775 39.74 -6.88 -21.73
CA ALA A 775 41.18 -6.95 -21.60
C ALA A 775 41.73 -5.65 -21.06
N LEU A 776 41.25 -4.54 -21.61
CA LEU A 776 41.67 -3.24 -21.13
C LEU A 776 41.37 -2.99 -19.65
N GLU A 777 40.12 -3.25 -19.27
CA GLU A 777 39.70 -3.03 -17.88
C GLU A 777 40.51 -3.97 -16.96
N ALA A 778 40.69 -5.22 -17.39
CA ALA A 778 41.46 -6.20 -16.66
C ALA A 778 42.87 -5.69 -16.35
N GLN A 779 43.53 -5.12 -17.34
CA GLN A 779 44.86 -4.61 -17.16
C GLN A 779 44.89 -3.45 -16.20
N TYR A 780 44.05 -2.46 -16.47
CA TYR A 780 44.01 -1.29 -15.62
C TYR A 780 43.89 -1.69 -14.18
N ILE A 781 42.90 -2.52 -13.91
CA ILE A 781 42.67 -2.95 -12.58
C ILE A 781 43.87 -3.68 -12.03
N LYS A 782 44.43 -4.61 -12.80
CA LYS A 782 45.60 -5.35 -12.32
C LYS A 782 46.65 -4.38 -11.83
N GLU A 783 46.85 -3.35 -12.62
CA GLU A 783 47.81 -2.31 -12.31
C GLU A 783 47.51 -1.61 -11.01
N VAL A 784 46.35 -0.97 -10.93
CA VAL A 784 46.02 -0.26 -9.71
C VAL A 784 46.11 -1.19 -8.52
N LEU A 785 45.90 -2.46 -8.80
CA LEU A 785 45.96 -3.48 -7.80
C LEU A 785 47.34 -3.47 -7.28
N LYS A 786 48.26 -4.02 -8.06
CA LYS A 786 49.66 -4.08 -7.67
C LYS A 786 50.13 -2.76 -7.11
N SER A 787 49.39 -1.70 -7.36
CA SER A 787 49.76 -0.41 -6.81
C SER A 787 49.91 -0.56 -5.30
N THR B 27 15.46 35.05 -57.07
CA THR B 27 14.14 34.68 -56.57
C THR B 27 14.29 33.79 -55.35
N ASN B 28 13.18 33.41 -54.71
CA ASN B 28 13.25 32.52 -53.57
C ASN B 28 13.62 31.08 -53.91
N PHE B 29 12.96 30.48 -54.89
CA PHE B 29 13.25 29.10 -55.26
C PHE B 29 14.74 28.96 -55.63
N ASP B 30 15.24 29.92 -56.42
CA ASP B 30 16.64 29.93 -56.83
C ASP B 30 17.61 29.94 -55.65
N GLN B 31 17.41 30.86 -54.72
CA GLN B 31 18.26 30.94 -53.52
C GLN B 31 18.12 29.70 -52.66
N GLU B 32 16.93 29.11 -52.67
CA GLU B 32 16.64 27.86 -51.97
C GLU B 32 17.59 26.79 -52.49
N ALA B 33 17.68 26.70 -53.82
CA ALA B 33 18.62 25.78 -54.46
C ALA B 33 20.07 26.08 -54.06
N LEU B 34 20.42 27.37 -54.11
CA LEU B 34 21.76 27.79 -53.72
C LEU B 34 22.16 27.29 -52.34
N LEU B 35 21.33 27.58 -51.35
CA LEU B 35 21.66 27.18 -49.99
C LEU B 35 21.66 25.66 -49.92
N TYR B 36 20.77 25.02 -50.68
CA TYR B 36 20.75 23.55 -50.73
C TYR B 36 22.10 22.98 -51.16
N HIS B 37 22.74 23.59 -52.16
CA HIS B 37 24.08 23.13 -52.58
C HIS B 37 25.25 23.57 -51.69
N GLN B 38 25.16 24.74 -51.08
CA GLN B 38 26.29 25.26 -50.32
C GLN B 38 26.40 24.77 -48.87
N GLN B 39 25.26 24.52 -48.23
CA GLN B 39 25.23 24.15 -46.82
C GLN B 39 25.92 22.81 -46.52
N GLY B 40 26.37 22.65 -45.28
CA GLY B 40 27.03 21.43 -44.84
C GLY B 40 28.24 21.05 -45.67
N LYS B 41 28.30 19.79 -46.10
CA LYS B 41 29.36 19.31 -47.00
C LYS B 41 29.16 19.88 -48.39
N PRO B 42 30.23 20.43 -48.96
CA PRO B 42 30.15 20.95 -50.32
C PRO B 42 29.63 19.88 -51.28
N GLY B 43 28.72 20.26 -52.17
CA GLY B 43 28.18 19.33 -53.15
C GLY B 43 27.00 18.49 -52.68
N LYS B 44 26.69 17.47 -53.48
CA LYS B 44 25.53 16.62 -53.23
C LYS B 44 25.93 15.16 -53.14
N ILE B 45 27.22 14.88 -53.23
CA ILE B 45 27.71 13.50 -53.22
C ILE B 45 28.78 13.28 -52.16
N GLU B 46 28.97 12.02 -51.80
CA GLU B 46 29.98 11.60 -50.84
C GLU B 46 30.36 10.14 -51.11
N VAL B 47 31.64 9.82 -50.92
CA VAL B 47 32.10 8.45 -51.11
C VAL B 47 32.43 7.80 -49.76
N ILE B 48 31.71 6.73 -49.44
CA ILE B 48 31.91 6.00 -48.18
C ILE B 48 32.12 4.52 -48.46
N SER B 49 32.69 3.84 -47.47
CA SER B 49 32.97 2.42 -47.58
C SER B 49 31.74 1.55 -47.34
N SER B 50 31.59 0.50 -48.13
CA SER B 50 30.48 -0.45 -47.96
C SER B 50 30.90 -1.65 -47.09
N LYS B 51 32.09 -1.58 -46.50
CA LYS B 51 32.67 -2.69 -45.75
C LYS B 51 33.33 -2.14 -44.48
N PRO B 52 33.53 -3.02 -43.47
CA PRO B 52 34.16 -2.55 -42.23
C PRO B 52 35.59 -2.11 -42.46
N CYS B 53 36.00 -1.02 -41.82
CA CYS B 53 37.37 -0.53 -41.98
C CYS B 53 37.77 0.32 -40.79
N ALA B 54 37.36 -0.13 -39.60
CA ALA B 54 37.65 0.59 -38.36
C ALA B 54 38.87 -0.01 -37.67
N THR B 55 39.01 -1.32 -37.71
CA THR B 55 40.16 -1.95 -37.03
C THR B 55 41.28 -2.20 -38.03
N GLU B 56 42.51 -2.36 -37.53
CA GLU B 56 43.67 -2.63 -38.38
C GLU B 56 43.47 -3.90 -39.21
N LYS B 57 42.69 -4.84 -38.69
CA LYS B 57 42.40 -6.11 -39.36
C LYS B 57 41.62 -5.88 -40.65
N ASP B 58 40.55 -5.11 -40.51
CA ASP B 58 39.67 -4.76 -41.61
C ASP B 58 40.47 -4.01 -42.67
N LEU B 59 41.42 -3.21 -42.21
CA LEU B 59 42.29 -2.42 -43.08
C LEU B 59 43.33 -3.32 -43.76
N SER B 60 43.76 -4.37 -43.04
CA SER B 60 44.70 -5.35 -43.58
C SER B 60 44.03 -6.25 -44.61
N LEU B 61 42.70 -6.25 -44.64
CA LEU B 61 41.98 -6.95 -45.70
C LEU B 61 41.54 -6.02 -46.83
N ALA B 62 41.17 -4.79 -46.49
CA ALA B 62 40.75 -3.79 -47.47
C ALA B 62 41.92 -3.31 -48.30
N TYR B 63 43.11 -3.33 -47.68
CA TYR B 63 44.34 -2.94 -48.34
C TYR B 63 45.35 -4.07 -48.18
N SER B 64 46.64 -3.73 -48.22
CA SER B 64 47.69 -4.73 -48.09
CA SER B 64 47.71 -4.71 -48.09
C SER B 64 47.71 -5.31 -46.68
N PRO B 65 48.10 -6.59 -46.55
CA PRO B 65 48.49 -7.54 -47.62
C PRO B 65 47.31 -8.33 -48.17
N GLY B 66 46.14 -8.20 -47.53
CA GLY B 66 44.98 -8.98 -47.89
C GLY B 66 44.47 -8.68 -49.28
N VAL B 67 44.53 -7.41 -49.68
CA VAL B 67 44.01 -6.98 -50.96
C VAL B 67 44.75 -7.63 -52.12
N ALA B 68 45.93 -8.17 -51.85
CA ALA B 68 46.70 -8.89 -52.87
C ALA B 68 45.92 -10.12 -53.35
N ALA B 69 45.08 -10.66 -52.47
CA ALA B 69 44.36 -11.90 -52.78
C ALA B 69 43.29 -11.77 -53.89
N PRO B 70 42.35 -10.80 -53.77
CA PRO B 70 41.37 -10.69 -54.86
C PRO B 70 41.95 -10.32 -56.22
N CYS B 71 42.90 -9.39 -56.22
CA CYS B 71 43.57 -8.95 -57.44
C CYS B 71 44.12 -10.12 -58.24
N LYS B 72 44.93 -10.94 -57.57
CA LYS B 72 45.52 -12.11 -58.20
C LYS B 72 44.43 -12.94 -58.87
N ALA B 73 43.28 -13.06 -58.20
CA ALA B 73 42.21 -13.90 -58.71
C ALA B 73 41.73 -13.29 -60.02
N ILE B 74 41.52 -11.98 -60.02
CA ILE B 74 41.05 -11.29 -61.23
C ILE B 74 42.14 -11.35 -62.30
N ALA B 75 43.41 -11.38 -61.87
CA ALA B 75 44.49 -11.50 -62.82
C ALA B 75 44.39 -12.81 -63.58
N LYS B 76 43.88 -13.84 -62.90
CA LYS B 76 43.81 -15.20 -63.45
C LYS B 76 42.54 -15.39 -64.27
N ASP B 77 41.45 -14.81 -63.79
CA ASP B 77 40.14 -14.88 -64.45
C ASP B 77 39.48 -13.51 -64.39
N PRO B 78 39.69 -12.67 -65.42
CA PRO B 78 39.27 -11.27 -65.40
C PRO B 78 37.81 -11.02 -65.04
N ALA B 79 36.89 -11.90 -65.42
CA ALA B 79 35.46 -11.67 -65.16
C ALA B 79 35.19 -11.35 -63.68
N LYS B 80 35.99 -11.92 -62.80
CA LYS B 80 35.79 -11.74 -61.37
C LYS B 80 35.96 -10.28 -60.88
N VAL B 81 36.36 -9.33 -61.74
CA VAL B 81 36.34 -7.92 -61.29
C VAL B 81 34.89 -7.53 -60.96
N TYR B 82 33.92 -8.15 -61.64
CA TYR B 82 32.54 -7.79 -61.31
C TYR B 82 32.14 -8.36 -59.95
N ASP B 83 32.90 -9.33 -59.47
CA ASP B 83 32.59 -10.05 -58.23
C ASP B 83 33.36 -9.47 -57.02
N TYR B 84 34.54 -8.91 -57.26
CA TYR B 84 35.42 -8.47 -56.17
C TYR B 84 35.50 -6.94 -56.09
N THR B 85 34.85 -6.24 -57.02
CA THR B 85 34.88 -4.78 -57.07
C THR B 85 33.50 -4.24 -57.36
N ALA B 86 33.35 -2.95 -57.13
CA ALA B 86 32.08 -2.26 -57.30
C ALA B 86 31.64 -2.02 -58.75
N LYS B 87 32.47 -2.40 -59.71
CA LYS B 87 32.22 -2.12 -61.13
C LYS B 87 30.79 -2.45 -61.55
N GLY B 88 30.27 -3.59 -61.09
CA GLY B 88 28.96 -4.07 -61.46
C GLY B 88 27.79 -3.18 -61.06
N ASN B 89 28.08 -2.07 -60.40
CA ASN B 89 27.05 -1.13 -59.96
C ASN B 89 27.53 0.32 -60.13
N LEU B 90 28.58 0.52 -60.91
CA LEU B 90 29.17 1.84 -61.10
C LEU B 90 29.08 2.39 -62.54
N VAL B 91 28.44 3.54 -62.68
CA VAL B 91 28.29 4.21 -63.95
C VAL B 91 28.94 5.59 -63.88
N ALA B 92 29.62 5.97 -64.96
CA ALA B 92 30.20 7.30 -65.10
C ALA B 92 29.20 8.22 -65.79
N VAL B 93 28.97 9.38 -65.20
CA VAL B 93 28.24 10.44 -65.89
C VAL B 93 29.26 11.44 -66.41
N ILE B 94 29.54 11.40 -67.71
CA ILE B 94 30.64 12.19 -68.25
C ILE B 94 30.12 13.31 -69.15
N SER B 95 30.67 14.51 -68.95
CA SER B 95 30.23 15.68 -69.72
C SER B 95 31.29 16.76 -69.91
N ASN B 96 31.19 17.49 -71.02
CA ASN B 96 32.02 18.66 -71.23
C ASN B 96 31.18 19.93 -71.07
N GLY B 97 29.91 19.74 -70.74
CA GLY B 97 29.06 20.86 -70.41
C GLY B 97 28.71 21.68 -71.64
N THR B 98 28.48 21.01 -72.76
CA THR B 98 28.18 21.73 -73.99
C THR B 98 26.69 21.86 -74.28
N ALA B 99 25.86 21.17 -73.50
CA ALA B 99 24.42 21.30 -73.62
C ALA B 99 23.77 21.03 -72.26
N VAL B 100 24.16 21.84 -71.27
CA VAL B 100 23.71 21.60 -69.90
C VAL B 100 22.25 22.02 -69.78
N LEU B 101 21.38 21.02 -69.57
CA LEU B 101 19.93 21.23 -69.51
C LEU B 101 19.50 22.13 -70.67
N GLY B 102 19.04 23.35 -70.39
CA GLY B 102 18.71 24.29 -71.46
C GLY B 102 19.55 25.55 -71.48
N LEU B 103 20.74 25.48 -70.90
CA LEU B 103 21.60 26.64 -70.73
C LEU B 103 22.75 26.62 -71.75
N GLY B 104 22.92 25.48 -72.42
CA GLY B 104 23.90 25.33 -73.48
C GLY B 104 25.34 25.10 -73.04
N ASN B 105 26.30 25.56 -73.86
CA ASN B 105 27.71 25.33 -73.58
C ASN B 105 28.30 26.37 -72.63
N ILE B 106 28.14 26.07 -71.34
CA ILE B 106 28.52 26.93 -70.22
C ILE B 106 29.80 26.42 -69.53
N GLY B 107 30.36 25.32 -70.04
CA GLY B 107 31.64 24.82 -69.60
C GLY B 107 31.59 23.61 -68.69
N PRO B 108 32.71 22.90 -68.59
CA PRO B 108 32.75 21.63 -67.84
C PRO B 108 32.64 21.83 -66.34
N ALA B 109 33.40 22.78 -65.79
CA ALA B 109 33.39 23.06 -64.35
C ALA B 109 32.00 23.52 -63.89
N ALA B 110 31.31 24.28 -64.73
CA ALA B 110 30.02 24.84 -64.36
C ALA B 110 28.88 23.83 -64.42
N GLY B 111 29.09 22.73 -65.13
CA GLY B 111 28.04 21.73 -65.23
C GLY B 111 28.05 20.63 -64.19
N LYS B 112 29.10 20.56 -63.38
CA LYS B 112 29.28 19.47 -62.42
C LYS B 112 28.06 19.27 -61.45
N PRO B 113 27.42 20.35 -60.95
CA PRO B 113 26.23 20.13 -60.09
C PRO B 113 25.14 19.27 -60.73
N VAL B 114 24.95 19.42 -62.04
CA VAL B 114 23.95 18.67 -62.80
C VAL B 114 24.40 17.21 -63.01
N MET B 115 25.71 16.99 -63.07
CA MET B 115 26.21 15.64 -63.28
C MET B 115 26.07 14.85 -61.98
N GLU B 116 26.43 15.50 -60.88
CA GLU B 116 26.16 14.96 -59.55
C GLU B 116 24.67 14.71 -59.35
N GLY B 117 23.84 15.69 -59.70
CA GLY B 117 22.40 15.54 -59.63
C GLY B 117 21.89 14.32 -60.39
N LYS B 118 22.35 14.18 -61.63
CA LYS B 118 21.98 13.07 -62.48
C LYS B 118 22.39 11.78 -61.78
N GLY B 119 23.56 11.83 -61.14
CA GLY B 119 24.02 10.75 -60.29
C GLY B 119 23.07 10.35 -59.17
N ILE B 120 22.62 11.34 -58.38
CA ILE B 120 21.58 11.12 -57.38
C ILE B 120 20.35 10.47 -58.00
N LEU B 121 19.89 10.95 -59.16
CA LEU B 121 18.78 10.25 -59.81
C LEU B 121 19.10 8.79 -60.06
N PHE B 122 20.30 8.50 -60.58
CA PHE B 122 20.76 7.12 -60.77
C PHE B 122 20.65 6.27 -59.50
N LYS B 123 21.18 6.80 -58.40
CA LYS B 123 21.14 6.08 -57.13
C LYS B 123 19.72 5.89 -56.55
N GLN B 124 18.93 6.94 -56.60
CA GLN B 124 17.59 6.96 -56.02
C GLN B 124 16.58 6.14 -56.83
N PHE B 125 16.80 6.04 -58.14
CA PHE B 125 15.83 5.33 -58.98
C PHE B 125 16.27 3.94 -59.42
N ALA B 126 17.57 3.66 -59.38
CA ALA B 126 18.03 2.32 -59.75
C ALA B 126 19.13 1.78 -58.82
N GLY B 127 19.48 2.54 -57.79
CA GLY B 127 20.51 2.11 -56.88
C GLY B 127 21.85 2.00 -57.56
N ILE B 128 22.05 2.79 -58.60
CA ILE B 128 23.30 2.75 -59.36
C ILE B 128 24.27 3.76 -58.77
N ASP B 129 25.49 3.31 -58.46
CA ASP B 129 26.53 4.24 -58.02
C ASP B 129 27.15 4.96 -59.21
N VAL B 130 27.52 6.22 -59.00
CA VAL B 130 27.99 7.05 -60.10
C VAL B 130 29.21 7.89 -59.80
N PHE B 131 30.13 7.95 -60.74
CA PHE B 131 31.15 8.99 -60.71
C PHE B 131 30.82 10.06 -61.75
N ASP B 132 30.67 11.31 -61.30
CA ASP B 132 30.48 12.39 -62.25
C ASP B 132 31.83 12.89 -62.74
N ILE B 133 32.06 12.80 -64.05
CA ILE B 133 33.33 13.15 -64.63
C ILE B 133 33.17 14.27 -65.66
N GLU B 134 33.68 15.43 -65.29
CA GLU B 134 33.58 16.62 -66.12
C GLU B 134 34.87 16.79 -66.92
N VAL B 135 34.77 16.63 -68.23
CA VAL B 135 35.94 16.63 -69.12
C VAL B 135 36.02 17.93 -69.91
N ALA B 136 37.19 18.54 -69.95
CA ALA B 136 37.40 19.76 -70.71
C ALA B 136 37.85 19.45 -72.14
N ALA B 137 36.97 18.85 -72.91
CA ALA B 137 37.29 18.46 -74.29
C ALA B 137 36.09 18.66 -75.23
N THR B 138 36.20 19.62 -76.15
CA THR B 138 35.13 19.91 -77.11
C THR B 138 35.28 19.23 -78.47
N ASP B 139 36.50 18.88 -78.83
CA ASP B 139 36.74 18.14 -80.07
C ASP B 139 36.42 16.66 -79.83
N VAL B 140 35.74 16.04 -80.78
CA VAL B 140 35.33 14.64 -80.66
C VAL B 140 36.53 13.73 -80.40
N ASP B 141 37.64 13.98 -81.09
CA ASP B 141 38.80 13.09 -81.03
C ASP B 141 39.48 13.13 -79.65
N VAL B 142 39.70 14.32 -79.09
CA VAL B 142 40.35 14.42 -77.78
C VAL B 142 39.46 13.89 -76.63
N PHE B 143 38.16 14.23 -76.69
CA PHE B 143 37.18 13.74 -75.74
C PHE B 143 37.13 12.22 -75.77
N CYS B 144 36.97 11.66 -76.97
CA CYS B 144 36.90 10.21 -77.13
C CYS B 144 38.19 9.51 -76.74
N ASN B 145 39.35 10.07 -77.08
CA ASN B 145 40.62 9.49 -76.65
C ASN B 145 40.74 9.54 -75.11
N ALA B 146 40.09 10.52 -74.50
CA ALA B 146 40.10 10.62 -73.02
C ALA B 146 39.18 9.60 -72.36
N VAL B 147 37.96 9.46 -72.86
CA VAL B 147 36.95 8.56 -72.28
C VAL B 147 37.22 7.07 -72.59
N ARG B 148 37.64 6.82 -73.83
CA ARG B 148 37.89 5.48 -74.40
C ARG B 148 38.67 4.59 -73.46
N VAL B 149 39.58 5.25 -72.76
CA VAL B 149 40.63 4.60 -72.03
C VAL B 149 40.23 4.39 -70.57
N LEU B 150 39.01 4.84 -70.23
CA LEU B 150 38.47 4.69 -68.88
C LEU B 150 37.69 3.40 -68.60
N GLU B 151 37.53 2.50 -69.58
CA GLU B 151 36.67 1.33 -69.34
C GLU B 151 36.92 0.47 -68.05
N PRO B 152 38.20 0.17 -67.67
CA PRO B 152 38.32 -0.64 -66.43
C PRO B 152 37.66 -0.01 -65.19
N THR B 153 37.56 1.31 -65.17
CA THR B 153 37.01 2.00 -64.01
C THR B 153 35.52 1.74 -63.87
N PHE B 154 34.81 1.73 -65.01
CA PHE B 154 33.35 1.78 -64.97
C PHE B 154 32.65 0.56 -65.59
N GLY B 155 31.45 0.26 -65.09
CA GLY B 155 30.62 -0.83 -65.57
C GLY B 155 29.74 -0.44 -66.73
N GLY B 156 29.52 0.87 -66.86
CA GLY B 156 28.76 1.41 -67.97
C GLY B 156 29.02 2.90 -67.98
N ILE B 157 28.84 3.53 -69.14
CA ILE B 157 29.08 4.96 -69.25
C ILE B 157 27.84 5.72 -69.71
N ASN B 158 27.42 6.71 -68.94
CA ASN B 158 26.35 7.59 -69.34
C ASN B 158 26.85 8.97 -69.75
N LEU B 159 27.03 9.18 -71.05
CA LEU B 159 27.34 10.51 -71.55
C LEU B 159 26.11 11.38 -71.39
N GLU B 160 26.32 12.63 -71.01
CA GLU B 160 25.22 13.50 -70.65
C GLU B 160 25.56 14.92 -71.08
N ASP B 161 24.58 15.60 -71.68
CA ASP B 161 24.69 17.02 -71.99
C ASP B 161 25.91 17.38 -72.85
N ILE B 162 26.00 16.74 -74.02
CA ILE B 162 27.03 17.06 -74.99
C ILE B 162 26.30 17.65 -76.19
N LYS B 163 26.77 18.79 -76.70
CA LYS B 163 26.06 19.48 -77.77
C LYS B 163 26.03 18.65 -79.05
N ALA B 164 25.02 18.88 -79.88
CA ALA B 164 24.99 18.28 -81.20
C ALA B 164 25.81 19.11 -82.18
N PRO B 165 26.39 18.47 -83.21
CA PRO B 165 26.35 17.04 -83.54
C PRO B 165 27.50 16.18 -82.95
N GLU B 166 28.39 16.79 -82.17
CA GLU B 166 29.55 16.07 -81.60
C GLU B 166 29.15 14.78 -80.87
N CYS B 167 28.03 14.85 -80.14
CA CYS B 167 27.53 13.74 -79.36
C CYS B 167 27.23 12.49 -80.19
N PHE B 168 26.86 12.67 -81.45
CA PHE B 168 26.55 11.55 -82.34
C PHE B 168 27.81 10.76 -82.64
N GLU B 169 28.83 11.46 -83.13
CA GLU B 169 30.11 10.85 -83.46
C GLU B 169 30.73 10.22 -82.22
N ILE B 170 30.72 10.97 -81.13
CA ILE B 170 31.31 10.49 -79.88
C ILE B 170 30.62 9.21 -79.40
N GLU B 171 29.28 9.24 -79.35
CA GLU B 171 28.56 8.08 -78.87
C GLU B 171 28.77 6.87 -79.81
N GLU B 172 28.59 7.05 -81.12
CA GLU B 172 28.78 5.92 -82.04
C GLU B 172 30.18 5.31 -81.86
N ARG B 173 31.16 6.21 -81.78
CA ARG B 173 32.57 5.85 -81.68
C ARG B 173 32.85 5.03 -80.42
N LEU B 174 32.41 5.52 -79.26
CA LEU B 174 32.65 4.82 -78.00
C LEU B 174 31.81 3.54 -77.86
N LYS B 175 30.66 3.52 -78.52
CA LYS B 175 29.80 2.34 -78.61
C LYS B 175 30.50 1.21 -79.35
N LYS B 176 31.18 1.55 -80.44
CA LYS B 176 31.96 0.54 -81.16
C LYS B 176 33.24 0.15 -80.42
N GLU B 177 34.04 1.15 -80.09
CA GLU B 177 35.39 0.97 -79.57
C GLU B 177 35.47 0.25 -78.22
N MET B 178 34.41 0.36 -77.43
CA MET B 178 34.43 -0.12 -76.06
C MET B 178 33.49 -1.27 -75.77
N ASN B 179 33.88 -2.14 -74.84
CA ASN B 179 33.13 -3.36 -74.53
C ASN B 179 32.26 -3.20 -73.28
N ILE B 180 31.88 -1.95 -72.99
CA ILE B 180 30.88 -1.66 -71.96
C ILE B 180 29.77 -0.80 -72.58
N PRO B 181 28.57 -0.82 -71.97
CA PRO B 181 27.44 -0.07 -72.51
C PRO B 181 27.75 1.42 -72.62
N VAL B 182 27.39 2.03 -73.75
CA VAL B 182 27.55 3.47 -73.92
C VAL B 182 26.22 4.08 -74.31
N PHE B 183 25.85 5.19 -73.65
CA PHE B 183 24.49 5.72 -73.77
C PHE B 183 24.38 7.22 -73.48
N HIS B 184 24.11 8.01 -74.52
CA HIS B 184 23.87 9.44 -74.35
C HIS B 184 22.38 9.71 -74.14
N ASP B 185 22.02 10.04 -72.90
CA ASP B 185 20.63 10.09 -72.46
C ASP B 185 19.76 11.10 -73.20
N ASP B 186 20.34 12.28 -73.47
CA ASP B 186 19.64 13.37 -74.17
C ASP B 186 19.11 12.96 -75.52
N GLN B 187 19.83 12.05 -76.18
CA GLN B 187 19.41 11.55 -77.49
C GLN B 187 18.26 10.56 -77.38
N HIS B 188 18.36 9.59 -76.47
CA HIS B 188 17.50 8.41 -76.55
C HIS B 188 16.30 8.34 -75.56
N GLY B 189 16.41 9.04 -74.43
CA GLY B 189 15.33 8.99 -73.43
C GLY B 189 13.96 9.37 -73.94
N THR B 190 13.87 10.60 -74.44
CA THR B 190 12.64 11.20 -74.96
C THR B 190 12.01 10.30 -76.01
N ALA B 191 12.87 9.74 -76.86
CA ALA B 191 12.49 8.80 -77.90
C ALA B 191 11.81 7.59 -77.30
N ILE B 192 12.46 7.00 -76.31
CA ILE B 192 11.90 5.82 -75.65
C ILE B 192 10.54 6.06 -74.98
N VAL B 193 10.47 7.08 -74.13
CA VAL B 193 9.22 7.36 -73.39
C VAL B 193 8.06 7.79 -74.28
N SER B 194 8.31 8.79 -75.14
CA SER B 194 7.28 9.28 -76.03
C SER B 194 6.93 8.18 -77.03
N GLY B 195 7.89 7.30 -77.32
CA GLY B 195 7.63 6.09 -78.09
C GLY B 195 6.58 5.17 -77.47
N ALA B 196 6.78 4.83 -76.19
CA ALA B 196 5.78 4.04 -75.48
C ALA B 196 4.40 4.74 -75.49
N ALA B 197 4.42 6.03 -75.14
CA ALA B 197 3.21 6.85 -75.14
C ALA B 197 2.49 6.82 -76.48
N LEU B 198 3.26 6.84 -77.57
CA LEU B 198 2.72 6.87 -78.93
C LEU B 198 2.12 5.52 -79.27
N LEU B 199 2.79 4.44 -78.88
CA LEU B 199 2.22 3.12 -79.04
C LEU B 199 0.83 3.09 -78.41
N ASN B 200 0.74 3.51 -77.15
CA ASN B 200 -0.58 3.52 -76.51
C ASN B 200 -1.61 4.45 -77.16
N ALA B 201 -1.21 5.67 -77.51
CA ALA B 201 -2.14 6.63 -78.14
C ALA B 201 -2.70 6.10 -79.45
N CYS B 202 -1.84 5.43 -80.21
CA CYS B 202 -2.25 4.84 -81.47
C CYS B 202 -3.19 3.68 -81.17
N SER B 203 -2.90 2.91 -80.12
CA SER B 203 -3.78 1.82 -79.71
C SER B 203 -5.19 2.30 -79.34
N ILE B 204 -5.28 3.41 -78.59
CA ILE B 204 -6.58 4.03 -78.29
C ILE B 204 -7.28 4.53 -79.56
N THR B 205 -6.53 5.11 -80.49
CA THR B 205 -7.20 5.68 -81.67
C THR B 205 -7.28 4.63 -82.80
N ASN B 206 -6.98 3.38 -82.48
CA ASN B 206 -7.10 2.28 -83.42
C ASN B 206 -6.36 2.55 -84.72
N ARG B 207 -5.13 3.04 -84.58
CA ARG B 207 -4.27 3.18 -85.72
C ARG B 207 -3.26 2.04 -85.65
N LYS B 208 -2.79 1.57 -86.80
CA LYS B 208 -1.63 0.69 -86.80
C LYS B 208 -0.51 1.57 -87.37
N MET B 209 0.70 1.38 -86.85
CA MET B 209 1.82 2.33 -86.98
C MET B 209 2.22 2.58 -88.46
N GLU B 210 2.04 1.59 -89.33
CA GLU B 210 2.46 1.75 -90.73
C GLU B 210 1.67 2.89 -91.40
N THR B 211 0.49 3.18 -90.88
CA THR B 211 -0.41 4.17 -91.46
C THR B 211 -0.45 5.50 -90.70
N VAL B 212 0.21 5.54 -89.54
CA VAL B 212 0.16 6.73 -88.69
C VAL B 212 1.15 7.77 -89.25
N ARG B 213 0.65 9.00 -89.43
CA ARG B 213 1.42 10.09 -90.02
C ARG B 213 2.04 11.01 -88.93
N ILE B 214 3.38 10.96 -88.84
CA ILE B 214 4.08 11.61 -87.73
C ILE B 214 5.01 12.74 -88.16
N VAL B 215 5.06 13.81 -87.38
CA VAL B 215 5.97 14.92 -87.68
C VAL B 215 6.83 15.39 -86.49
N VAL B 216 8.13 15.57 -86.72
CA VAL B 216 9.07 16.05 -85.69
C VAL B 216 9.56 17.49 -85.93
N ASN B 217 9.46 18.36 -84.92
CA ASN B 217 9.92 19.74 -85.05
C ASN B 217 11.06 20.10 -84.12
N GLY B 218 12.25 20.27 -84.69
CA GLY B 218 13.44 20.49 -83.89
C GLY B 218 14.51 19.57 -84.39
N ALA B 219 15.74 20.08 -84.38
CA ALA B 219 16.86 19.30 -84.88
C ALA B 219 17.93 19.14 -83.84
N GLY B 220 17.53 19.10 -82.57
CA GLY B 220 18.43 18.84 -81.47
C GLY B 220 18.91 17.41 -81.45
N ALA B 221 19.45 16.99 -80.32
CA ALA B 221 20.03 15.65 -80.18
C ALA B 221 18.99 14.51 -80.19
N SER B 222 17.76 14.85 -79.82
CA SER B 222 16.71 13.86 -79.59
C SER B 222 15.96 13.37 -80.84
N ALA B 223 16.06 14.14 -81.93
CA ALA B 223 15.21 13.93 -83.10
C ALA B 223 15.52 12.60 -83.76
N ASN B 224 16.81 12.36 -84.00
CA ASN B 224 17.26 11.14 -84.65
C ASN B 224 16.73 9.89 -83.94
N SER B 225 16.82 9.89 -82.61
CA SER B 225 16.38 8.74 -81.84
C SER B 225 14.86 8.64 -81.86
N CYS B 226 14.19 9.79 -81.87
CA CYS B 226 12.73 9.80 -82.01
C CYS B 226 12.32 9.04 -83.27
N ALA B 227 12.91 9.42 -84.40
CA ALA B 227 12.59 8.77 -85.68
C ALA B 227 12.95 7.28 -85.69
N LYS B 228 14.16 6.97 -85.23
CA LYS B 228 14.66 5.59 -85.20
C LYS B 228 13.71 4.69 -84.41
N ILE B 229 13.35 5.10 -83.20
CA ILE B 229 12.47 4.29 -82.37
C ILE B 229 11.05 4.24 -82.94
N PHE B 230 10.61 5.36 -83.53
CA PHE B 230 9.29 5.35 -84.15
C PHE B 230 9.18 4.32 -85.27
N ILE B 231 10.16 4.24 -86.17
CA ILE B 231 10.13 3.20 -87.21
C ILE B 231 10.33 1.82 -86.59
N ALA B 232 11.23 1.73 -85.61
CA ALA B 232 11.50 0.46 -84.95
C ALA B 232 10.25 -0.17 -84.30
N LEU B 233 9.27 0.65 -83.89
CA LEU B 233 8.03 0.09 -83.32
C LEU B 233 7.09 -0.35 -84.43
N GLY B 234 7.38 0.00 -85.68
CA GLY B 234 6.52 -0.46 -86.74
C GLY B 234 5.96 0.59 -87.68
N ALA B 235 6.29 1.86 -87.43
CA ALA B 235 5.94 2.94 -88.36
C ALA B 235 6.74 2.93 -89.69
N ARG B 236 6.23 3.60 -90.72
CA ARG B 236 6.93 3.68 -92.02
C ARG B 236 7.65 5.02 -92.26
N ARG B 237 8.82 4.95 -92.92
CA ARG B 237 9.68 6.12 -93.12
C ARG B 237 9.11 7.28 -93.96
N GLU B 238 8.53 6.98 -95.12
CA GLU B 238 7.97 8.06 -95.95
C GLU B 238 6.85 8.84 -95.27
N ASN B 239 6.24 8.22 -94.25
CA ASN B 239 5.15 8.87 -93.52
C ASN B 239 5.63 9.81 -92.42
N ILE B 240 6.95 9.97 -92.28
CA ILE B 240 7.51 10.85 -91.25
C ILE B 240 8.37 11.95 -91.85
N ILE B 241 8.09 13.20 -91.46
CA ILE B 241 8.84 14.35 -91.96
C ILE B 241 9.50 15.09 -90.80
N MET B 242 10.79 15.38 -90.95
CA MET B 242 11.56 16.05 -89.91
C MET B 242 11.70 17.54 -90.24
N CYS B 243 11.63 18.39 -89.22
CA CYS B 243 11.76 19.83 -89.43
C CYS B 243 12.80 20.45 -88.50
N ASP B 244 13.44 21.52 -88.98
CA ASP B 244 14.35 22.33 -88.16
C ASP B 244 14.10 23.83 -88.34
N SER B 245 15.11 24.66 -88.08
CA SER B 245 15.00 26.13 -88.16
C SER B 245 14.55 26.62 -89.53
N GLN B 246 15.01 25.89 -90.55
CA GLN B 246 14.76 26.18 -91.95
C GLN B 246 13.56 25.46 -92.61
N GLY B 247 12.89 24.56 -91.90
CA GLY B 247 11.77 23.85 -92.49
C GLY B 247 11.99 22.36 -92.68
N VAL B 248 11.32 21.78 -93.68
CA VAL B 248 11.41 20.34 -93.99
C VAL B 248 12.84 19.88 -94.36
N ILE B 249 13.22 18.69 -93.89
CA ILE B 249 14.48 18.06 -94.30
C ILE B 249 14.29 17.10 -95.50
N TYR B 250 14.48 17.61 -96.72
CA TYR B 250 14.35 16.81 -97.95
C TYR B 250 15.70 16.32 -98.46
N LYS B 251 15.71 15.19 -99.19
CA LYS B 251 16.97 14.66 -99.72
C LYS B 251 17.56 15.57 -100.79
N GLY B 252 18.87 15.82 -100.67
CA GLY B 252 19.59 16.61 -101.67
C GLY B 252 19.81 18.04 -101.22
N ARG B 253 19.40 18.30 -99.99
CA ARG B 253 19.52 19.62 -99.42
C ARG B 253 20.96 19.99 -98.98
N THR B 254 21.32 21.27 -99.09
CA THR B 254 22.71 21.70 -98.89
C THR B 254 22.91 22.71 -97.74
N ALA B 255 21.95 23.63 -97.58
CA ALA B 255 22.11 24.75 -96.64
C ALA B 255 22.21 24.34 -95.16
N GLY B 256 23.45 24.33 -94.64
CA GLY B 256 23.73 24.14 -93.22
C GLY B 256 23.50 22.73 -92.71
N MET B 257 23.87 21.72 -93.48
CA MET B 257 23.57 20.33 -93.10
C MET B 257 24.76 19.45 -92.72
N ASN B 258 24.53 18.24 -92.19
CA ASN B 258 25.64 17.31 -91.92
C ASN B 258 25.36 15.80 -91.95
N LYS B 259 26.41 15.03 -91.65
CA LYS B 259 26.43 13.57 -91.68
C LYS B 259 25.22 12.91 -91.03
N TYR B 260 24.77 13.48 -89.92
CA TYR B 260 23.83 12.82 -89.02
C TYR B 260 22.36 13.20 -89.16
N LYS B 261 22.10 14.45 -89.54
CA LYS B 261 20.76 14.93 -89.85
C LYS B 261 20.25 14.53 -91.25
N GLU B 262 21.11 13.95 -92.11
CA GLU B 262 20.64 13.49 -93.43
C GLU B 262 20.02 12.11 -93.26
N TYR B 263 20.33 11.50 -92.11
CA TYR B 263 19.84 10.17 -91.74
C TYR B 263 18.33 10.03 -91.97
N PHE B 264 17.62 11.16 -91.90
CA PHE B 264 16.16 11.18 -91.96
C PHE B 264 15.58 12.19 -92.94
N ALA B 265 16.32 12.48 -94.00
CA ALA B 265 15.83 13.34 -95.07
C ALA B 265 14.62 12.68 -95.73
N SER B 266 13.56 13.46 -95.98
CA SER B 266 12.34 12.92 -96.55
C SER B 266 12.26 13.17 -98.05
N GLU B 267 11.56 12.30 -98.77
CA GLU B 267 11.37 12.50 -100.20
C GLU B 267 10.05 13.21 -100.47
N THR B 268 9.58 13.97 -99.49
CA THR B 268 8.35 14.75 -99.62
C THR B 268 8.55 15.96 -100.52
N GLU B 269 7.47 16.39 -101.16
CA GLU B 269 7.48 17.57 -102.02
C GLU B 269 7.29 18.80 -101.14
N ALA B 270 6.82 18.56 -99.92
CA ALA B 270 6.64 19.62 -98.94
C ALA B 270 7.98 20.26 -98.57
N ARG B 271 7.98 21.57 -98.38
CA ARG B 271 9.21 22.31 -98.14
C ARG B 271 9.12 23.15 -96.86
N THR B 272 7.92 23.64 -96.56
CA THR B 272 7.70 24.39 -95.31
C THR B 272 7.20 23.42 -94.25
N LEU B 273 7.23 23.85 -92.99
CA LEU B 273 6.79 23.01 -91.88
C LEU B 273 5.27 22.69 -91.90
N THR B 274 4.44 23.70 -92.12
CA THR B 274 2.98 23.53 -92.16
C THR B 274 2.53 22.58 -93.28
N GLU B 275 3.32 22.53 -94.35
CA GLU B 275 3.02 21.67 -95.49
C GLU B 275 3.22 20.21 -95.06
N ALA B 276 4.22 19.98 -94.21
CA ALA B 276 4.45 18.65 -93.61
C ALA B 276 3.37 18.28 -92.60
N LEU B 277 2.87 19.27 -91.86
CA LEU B 277 1.89 19.06 -90.79
C LEU B 277 0.45 18.88 -91.26
N ARG B 278 0.25 18.59 -92.53
CA ARG B 278 -1.08 18.46 -93.09
C ARG B 278 -1.63 17.04 -93.00
N GLY B 279 -2.80 16.90 -92.37
CA GLY B 279 -3.40 15.59 -92.19
C GLY B 279 -2.57 14.63 -91.35
N ALA B 280 -1.59 15.15 -90.62
CA ALA B 280 -0.68 14.28 -89.88
C ALA B 280 -1.32 13.85 -88.56
N ASP B 281 -0.96 12.66 -88.10
CA ASP B 281 -1.52 12.10 -86.87
C ASP B 281 -0.78 12.59 -85.62
N VAL B 282 0.55 12.62 -85.71
CA VAL B 282 1.37 12.86 -84.54
C VAL B 282 2.35 14.01 -84.74
N PHE B 283 2.38 14.91 -83.76
CA PHE B 283 3.33 16.02 -83.73
C PHE B 283 4.30 15.89 -82.55
N VAL B 284 5.59 15.70 -82.85
CA VAL B 284 6.62 15.59 -81.83
C VAL B 284 7.46 16.86 -81.72
N GLY B 285 7.11 17.72 -80.76
CA GLY B 285 7.75 19.02 -80.66
C GLY B 285 8.91 19.15 -79.68
N LEU B 286 10.11 19.23 -80.24
CA LEU B 286 11.34 19.39 -79.45
C LEU B 286 12.12 20.64 -79.83
N SER B 287 11.39 21.75 -79.83
CA SER B 287 11.87 23.00 -80.36
C SER B 287 11.67 24.08 -79.32
N VAL B 288 10.79 25.03 -79.61
CA VAL B 288 10.59 26.19 -78.76
C VAL B 288 9.08 26.41 -78.63
N ALA B 289 8.66 27.03 -77.53
CA ALA B 289 7.25 27.30 -77.22
C ALA B 289 6.53 28.12 -78.31
N GLY B 290 5.28 27.76 -78.56
CA GLY B 290 4.44 28.49 -79.49
C GLY B 290 4.51 28.07 -80.93
N ALA B 291 5.39 27.11 -81.23
CA ALA B 291 5.61 26.64 -82.59
C ALA B 291 4.32 26.12 -83.23
N LEU B 292 3.43 25.59 -82.39
CA LEU B 292 2.17 25.02 -82.87
C LEU B 292 0.98 25.98 -82.67
N THR B 293 0.36 26.38 -83.78
CA THR B 293 -0.72 27.36 -83.81
C THR B 293 -2.04 26.62 -84.10
N PRO B 294 -3.19 27.18 -83.71
CA PRO B 294 -4.49 26.47 -83.88
C PRO B 294 -4.84 25.94 -85.28
N GLU B 295 -4.49 26.63 -86.36
CA GLU B 295 -4.70 26.10 -87.72
C GLU B 295 -3.79 24.92 -88.00
N MET B 296 -2.57 24.98 -87.49
CA MET B 296 -1.61 23.89 -87.68
C MET B 296 -2.20 22.65 -87.02
N LEU B 297 -2.90 22.89 -85.91
CA LEU B 297 -3.57 21.83 -85.16
C LEU B 297 -4.83 21.28 -85.84
N LYS B 298 -5.64 22.16 -86.41
CA LYS B 298 -6.88 21.76 -87.08
C LYS B 298 -6.68 20.83 -88.27
N ASP B 299 -5.54 20.97 -88.94
CA ASP B 299 -5.30 20.23 -90.18
C ASP B 299 -4.47 18.99 -89.89
N MET B 300 -4.38 18.63 -88.62
CA MET B 300 -3.88 17.33 -88.21
C MET B 300 -5.00 16.30 -88.39
N ALA B 301 -4.64 15.01 -88.37
CA ALA B 301 -5.61 13.93 -88.54
C ALA B 301 -6.63 13.87 -87.40
N LYS B 302 -7.64 13.03 -87.59
CA LYS B 302 -8.65 12.80 -86.55
C LYS B 302 -7.99 12.20 -85.31
N ASP B 303 -8.41 12.65 -84.13
CA ASP B 303 -7.80 12.24 -82.87
C ASP B 303 -6.28 12.52 -82.92
N PRO B 304 -5.89 13.79 -83.08
CA PRO B 304 -4.46 14.10 -83.25
C PRO B 304 -3.64 13.86 -81.99
N ILE B 305 -2.42 13.36 -82.17
CA ILE B 305 -1.57 13.08 -81.03
C ILE B 305 -0.52 14.17 -80.95
N ILE B 306 -0.54 14.92 -79.85
CA ILE B 306 0.35 16.08 -79.70
C ILE B 306 1.35 15.90 -78.56
N PHE B 307 2.63 15.81 -78.89
CA PHE B 307 3.70 15.77 -77.88
C PHE B 307 4.45 17.10 -77.86
N ALA B 308 4.08 17.99 -76.95
CA ALA B 308 4.73 19.30 -76.86
C ALA B 308 5.80 19.34 -75.76
N MET B 309 7.03 19.02 -76.12
CA MET B 309 8.08 18.77 -75.14
C MET B 309 9.19 19.85 -75.07
N ALA B 310 8.91 21.03 -75.62
CA ALA B 310 9.90 22.11 -75.58
C ALA B 310 10.09 22.61 -74.15
N ASN B 311 11.28 23.12 -73.84
CA ASN B 311 11.53 23.72 -72.54
C ASN B 311 11.95 25.19 -72.73
N PRO B 312 11.60 26.06 -71.76
CA PRO B 312 10.90 25.85 -70.48
C PRO B 312 9.38 25.75 -70.66
N GLU B 313 8.83 26.27 -71.76
CA GLU B 313 7.39 26.21 -72.01
C GLU B 313 7.08 25.32 -73.22
N PRO B 314 5.99 24.52 -73.15
CA PRO B 314 5.66 23.60 -74.23
C PRO B 314 5.21 24.30 -75.52
N GLU B 315 5.23 23.60 -76.65
CA GLU B 315 4.77 24.19 -77.91
C GLU B 315 3.34 24.67 -77.80
N ILE B 316 2.56 24.00 -76.96
CA ILE B 316 1.18 24.39 -76.73
C ILE B 316 0.70 23.85 -75.38
N THR B 317 -0.17 24.61 -74.72
CA THR B 317 -0.73 24.13 -73.48
C THR B 317 -1.83 23.13 -73.84
N PRO B 318 -2.04 22.11 -73.00
CA PRO B 318 -3.06 21.08 -73.23
C PRO B 318 -4.46 21.69 -73.34
N ASP B 319 -4.69 22.70 -72.51
CA ASP B 319 -5.95 23.42 -72.43
C ASP B 319 -6.35 24.15 -73.72
N LYS B 320 -5.40 24.82 -74.36
CA LYS B 320 -5.67 25.46 -75.65
C LYS B 320 -5.78 24.41 -76.75
N ALA B 321 -4.97 23.37 -76.64
CA ALA B 321 -5.01 22.30 -77.63
C ALA B 321 -6.40 21.70 -77.64
N ARG B 322 -6.99 21.52 -76.46
CA ARG B 322 -8.35 21.03 -76.38
C ARG B 322 -9.42 22.08 -76.68
N ALA B 323 -9.08 23.35 -76.50
CA ALA B 323 -9.99 24.40 -76.94
C ALA B 323 -10.15 24.30 -78.46
N ALA B 324 -9.04 24.15 -79.17
CA ALA B 324 -9.09 23.99 -80.62
C ALA B 324 -9.74 22.67 -81.09
N ARG B 325 -9.23 21.53 -80.63
CA ARG B 325 -9.77 20.23 -81.04
C ARG B 325 -9.94 19.31 -79.84
N PRO B 326 -11.20 19.14 -79.39
CA PRO B 326 -11.54 18.38 -78.18
C PRO B 326 -11.03 16.95 -78.24
N ASP B 327 -10.82 16.42 -79.44
CA ASP B 327 -10.39 15.04 -79.58
C ASP B 327 -8.88 14.92 -79.44
N ALA B 328 -8.23 15.98 -79.00
CA ALA B 328 -6.77 15.96 -78.95
C ALA B 328 -6.23 15.15 -77.77
N ILE B 329 -5.08 14.54 -78.01
CA ILE B 329 -4.34 13.81 -77.00
C ILE B 329 -2.98 14.47 -76.82
N ILE B 330 -2.58 14.79 -75.59
CA ILE B 330 -1.43 15.67 -75.39
C ILE B 330 -0.46 15.12 -74.35
N ALA B 331 0.84 15.29 -74.60
CA ALA B 331 1.85 15.01 -73.59
C ALA B 331 2.89 16.13 -73.59
N THR B 332 3.32 16.55 -72.40
CA THR B 332 4.24 17.67 -72.27
C THR B 332 5.38 17.25 -71.36
N GLY B 333 6.33 18.14 -71.17
CA GLY B 333 7.42 17.93 -70.24
C GLY B 333 7.10 18.44 -68.86
N ARG B 334 5.85 18.82 -68.63
CA ARG B 334 5.50 19.43 -67.36
C ARG B 334 4.87 18.50 -66.36
N SER B 335 5.21 18.73 -65.09
CA SER B 335 4.60 17.98 -64.01
C SER B 335 3.22 18.57 -63.74
N ASP B 336 3.02 19.81 -64.21
CA ASP B 336 1.77 20.55 -64.06
C ASP B 336 0.63 19.95 -64.87
N TYR B 337 1.00 19.30 -65.97
CA TYR B 337 0.05 18.73 -66.92
C TYR B 337 0.23 17.22 -66.97
N PRO B 338 -0.83 16.48 -67.34
CA PRO B 338 -0.77 15.02 -67.51
C PRO B 338 0.26 14.55 -68.53
N ASN B 339 0.50 13.24 -68.54
CA ASN B 339 1.41 12.58 -69.47
C ASN B 339 2.79 13.21 -69.52
N GLN B 340 3.34 13.50 -68.35
CA GLN B 340 4.68 14.04 -68.29
C GLN B 340 5.68 13.03 -68.86
N VAL B 341 6.40 13.47 -69.89
CA VAL B 341 7.53 12.71 -70.42
C VAL B 341 8.79 13.28 -69.78
N ASN B 342 9.48 12.44 -69.03
CA ASN B 342 10.68 12.84 -68.32
C ASN B 342 11.65 11.71 -68.48
N ASN B 343 12.92 12.04 -68.71
CA ASN B 343 13.91 11.01 -69.04
C ASN B 343 14.11 9.98 -67.93
N VAL B 344 13.61 10.31 -66.73
CA VAL B 344 13.82 9.48 -65.54
C VAL B 344 13.10 8.15 -65.64
N LEU B 345 12.17 8.04 -66.59
CA LEU B 345 11.48 6.78 -66.81
C LEU B 345 12.37 5.78 -67.55
N GLY B 346 13.44 6.29 -68.16
CA GLY B 346 14.26 5.48 -69.03
C GLY B 346 15.58 4.96 -68.48
N PHE B 347 16.54 5.86 -68.30
CA PHE B 347 17.91 5.45 -67.97
C PHE B 347 18.12 4.58 -66.71
N PRO B 348 17.35 4.82 -65.63
CA PRO B 348 17.66 3.99 -64.46
C PRO B 348 17.40 2.51 -64.69
N SER B 349 16.23 2.17 -65.24
CA SER B 349 15.84 0.77 -65.46
C SER B 349 16.68 0.11 -66.56
N ILE B 350 17.00 0.87 -67.60
CA ILE B 350 17.81 0.35 -68.68
C ILE B 350 19.19 0.01 -68.17
N PHE B 351 19.83 0.98 -67.51
CA PHE B 351 21.16 0.71 -66.96
C PHE B 351 21.14 -0.41 -65.91
N ARG B 352 20.11 -0.44 -65.06
CA ARG B 352 20.01 -1.52 -64.07
C ARG B 352 19.92 -2.89 -64.75
N GLY B 353 19.00 -3.01 -65.71
CA GLY B 353 18.79 -4.27 -66.41
C GLY B 353 20.08 -4.71 -67.07
N ALA B 354 20.79 -3.74 -67.64
CA ALA B 354 22.07 -4.03 -68.29
C ALA B 354 23.14 -4.52 -67.30
N LEU B 355 23.35 -3.77 -66.22
CA LEU B 355 24.39 -4.09 -65.24
C LEU B 355 24.15 -5.41 -64.53
N ASP B 356 22.89 -5.71 -64.21
CA ASP B 356 22.60 -6.94 -63.49
C ASP B 356 22.78 -8.17 -64.40
N THR B 357 22.78 -7.94 -65.71
CA THR B 357 23.12 -9.00 -66.64
C THR B 357 24.60 -8.88 -67.00
N ARG B 358 25.27 -7.90 -66.39
CA ARG B 358 26.69 -7.60 -66.63
C ARG B 358 27.00 -7.51 -68.12
N SER B 359 26.07 -6.92 -68.87
CA SER B 359 26.13 -6.89 -70.33
C SER B 359 27.22 -6.00 -70.91
N THR B 360 27.58 -6.27 -72.16
CA THR B 360 28.65 -5.56 -72.85
C THR B 360 28.21 -4.29 -73.60
N GLN B 361 26.93 -4.21 -73.98
CA GLN B 361 26.41 -2.96 -74.53
C GLN B 361 24.94 -2.78 -74.19
N ILE B 362 24.38 -1.66 -74.63
CA ILE B 362 22.95 -1.45 -74.64
C ILE B 362 22.49 -1.37 -76.10
N ASN B 363 21.98 -2.48 -76.63
CA ASN B 363 21.54 -2.49 -78.02
C ASN B 363 20.07 -2.05 -78.09
N GLU B 364 19.53 -2.03 -79.30
CA GLU B 364 18.18 -1.54 -79.51
C GLU B 364 17.10 -2.43 -78.90
N GLU B 365 17.32 -3.75 -78.84
CA GLU B 365 16.33 -4.66 -78.28
C GLU B 365 16.02 -4.35 -76.81
N MET B 366 17.02 -3.92 -76.05
CA MET B 366 16.78 -3.51 -74.68
C MET B 366 15.92 -2.24 -74.62
N LYS B 367 16.27 -1.25 -75.43
CA LYS B 367 15.50 -0.01 -75.55
C LYS B 367 14.03 -0.26 -75.91
N LEU B 368 13.84 -1.15 -76.87
CA LEU B 368 12.54 -1.54 -77.37
C LEU B 368 11.76 -2.23 -76.27
N ALA B 369 12.44 -3.15 -75.57
CA ALA B 369 11.86 -3.85 -74.43
C ALA B 369 11.34 -2.85 -73.43
N ALA B 370 12.16 -1.85 -73.13
CA ALA B 370 11.78 -0.77 -72.22
C ALA B 370 10.52 -0.06 -72.70
N VAL B 371 10.51 0.32 -73.98
CA VAL B 371 9.35 1.00 -74.56
C VAL B 371 8.05 0.21 -74.37
N HIS B 372 8.07 -1.02 -74.88
CA HIS B 372 6.89 -1.87 -74.83
C HIS B 372 6.48 -2.12 -73.39
N ALA B 373 7.45 -2.28 -72.51
CA ALA B 373 7.20 -2.51 -71.09
C ALA B 373 6.48 -1.33 -70.42
N LEU B 374 6.96 -0.12 -70.66
CA LEU B 374 6.30 1.09 -70.17
C LEU B 374 4.86 1.15 -70.67
N ALA B 375 4.72 0.98 -71.98
CA ALA B 375 3.40 1.03 -72.60
C ALA B 375 2.45 0.00 -71.97
N LYS B 376 2.95 -1.21 -71.72
CA LYS B 376 2.12 -2.26 -71.14
C LYS B 376 1.77 -1.99 -69.66
N LEU B 377 2.71 -1.44 -68.90
CA LEU B 377 2.42 -1.11 -67.50
C LEU B 377 1.30 -0.11 -67.46
N ALA B 378 1.37 0.88 -68.36
CA ALA B 378 0.36 1.92 -68.37
C ALA B 378 -1.06 1.36 -68.54
N ARG B 379 -1.22 0.19 -69.16
CA ARG B 379 -2.57 -0.29 -69.46
C ARG B 379 -3.29 -1.06 -68.35
N GLU B 380 -2.68 -1.20 -67.17
CA GLU B 380 -3.39 -1.80 -66.04
C GLU B 380 -3.92 -0.70 -65.10
N ASP B 381 -4.74 -1.08 -64.11
CA ASP B 381 -5.21 -0.16 -63.06
C ASP B 381 -4.07 0.51 -62.28
N PHE B 395 -3.19 5.19 -63.15
CA PHE B 395 -4.38 5.16 -62.31
C PHE B 395 -5.56 4.74 -63.17
N LYS B 396 -6.01 5.67 -64.02
CA LYS B 396 -7.07 5.38 -64.98
C LYS B 396 -6.42 5.39 -66.37
N PHE B 397 -6.51 4.31 -67.14
CA PHE B 397 -5.86 4.31 -68.47
C PHE B 397 -6.73 5.02 -69.49
N GLY B 398 -6.14 5.93 -70.26
CA GLY B 398 -6.90 6.70 -71.22
C GLY B 398 -6.08 7.75 -71.93
N ARG B 399 -6.76 8.75 -72.49
CA ARG B 399 -6.09 9.78 -73.25
C ARG B 399 -5.21 10.68 -72.38
N ASP B 400 -5.46 10.68 -71.07
CA ASP B 400 -4.70 11.52 -70.17
C ASP B 400 -3.75 10.68 -69.29
N TYR B 401 -3.66 9.40 -69.61
CA TYR B 401 -2.71 8.51 -68.95
C TYR B 401 -2.21 7.46 -69.95
N LEU B 402 -1.18 7.84 -70.71
CA LEU B 402 -0.60 6.99 -71.73
C LEU B 402 0.69 6.33 -71.27
N ILE B 403 1.28 6.86 -70.21
CA ILE B 403 2.54 6.36 -69.67
C ILE B 403 2.49 6.41 -68.15
N PRO B 404 3.40 5.70 -67.46
CA PRO B 404 3.49 5.83 -66.01
C PRO B 404 3.87 7.24 -65.59
N LYS B 405 3.54 7.66 -64.37
CA LYS B 405 4.04 8.95 -63.89
C LYS B 405 5.54 8.77 -63.61
N PRO B 406 6.31 9.86 -63.74
CA PRO B 406 7.76 9.74 -63.58
C PRO B 406 8.20 9.16 -62.23
N PHE B 407 7.47 9.47 -61.17
CA PHE B 407 7.91 9.04 -59.84
C PHE B 407 7.17 7.78 -59.38
N ASP B 408 6.71 7.01 -60.38
CA ASP B 408 6.07 5.72 -60.17
C ASP B 408 7.13 4.71 -59.72
N THR B 409 6.98 4.14 -58.53
CA THR B 409 7.99 3.22 -58.03
C THR B 409 7.96 1.84 -58.68
N ARG B 410 6.95 1.57 -59.49
CA ARG B 410 6.82 0.27 -60.15
C ARG B 410 7.69 0.16 -61.41
N VAL B 411 8.18 1.30 -61.89
CA VAL B 411 8.87 1.37 -63.17
C VAL B 411 10.07 0.44 -63.31
N LEU B 412 10.90 0.37 -62.26
CA LEU B 412 12.11 -0.43 -62.26
C LEU B 412 11.75 -1.90 -62.38
N LEU B 413 10.75 -2.29 -61.59
CA LEU B 413 10.29 -3.66 -61.50
C LEU B 413 9.78 -4.18 -62.82
N TRP B 414 9.16 -3.29 -63.61
CA TRP B 414 8.56 -3.68 -64.87
C TRP B 414 9.58 -3.64 -66.02
N VAL B 415 10.45 -2.63 -66.03
CA VAL B 415 11.37 -2.46 -67.17
C VAL B 415 12.70 -3.21 -67.05
N ALA B 416 13.35 -3.14 -65.89
CA ALA B 416 14.70 -3.72 -65.75
C ALA B 416 14.75 -5.22 -66.12
N PRO B 417 13.75 -6.02 -65.68
CA PRO B 417 13.80 -7.40 -66.17
C PRO B 417 13.56 -7.57 -67.67
N GLU B 418 12.75 -6.74 -68.32
CA GLU B 418 12.54 -6.90 -69.76
C GLU B 418 13.80 -6.51 -70.51
N VAL B 419 14.51 -5.53 -69.95
CA VAL B 419 15.80 -5.14 -70.46
C VAL B 419 16.78 -6.30 -70.30
N ALA B 420 16.76 -6.95 -69.14
CA ALA B 420 17.57 -8.14 -68.91
C ALA B 420 17.30 -9.26 -69.93
N LYS B 421 16.01 -9.58 -70.12
CA LYS B 421 15.56 -10.60 -71.09
C LYS B 421 16.04 -10.29 -72.49
N ALA B 422 15.83 -9.05 -72.93
CA ALA B 422 16.27 -8.63 -74.26
C ALA B 422 17.80 -8.69 -74.40
N ALA B 423 18.51 -8.37 -73.32
CA ALA B 423 19.97 -8.42 -73.29
C ALA B 423 20.52 -9.85 -73.42
N MET B 424 19.96 -10.78 -72.64
CA MET B 424 20.38 -12.17 -72.67
C MET B 424 20.06 -12.78 -74.02
N LYS B 425 18.83 -12.52 -74.47
CA LYS B 425 18.32 -13.04 -75.74
C LYS B 425 19.12 -12.53 -76.94
N SER B 426 19.61 -11.30 -76.84
CA SER B 426 20.42 -10.68 -77.89
C SER B 426 21.89 -11.06 -77.84
N GLY B 427 22.26 -11.85 -76.83
CA GLY B 427 23.62 -12.35 -76.72
C GLY B 427 24.65 -11.40 -76.15
N VAL B 428 24.19 -10.22 -75.71
CA VAL B 428 25.11 -9.23 -75.13
C VAL B 428 25.34 -9.44 -73.63
N ALA B 429 24.53 -10.29 -73.01
CA ALA B 429 24.72 -10.60 -71.59
C ALA B 429 25.93 -11.50 -71.39
N THR B 430 26.63 -11.31 -70.28
CA THR B 430 27.78 -12.13 -69.92
C THR B 430 27.47 -12.85 -68.60
N ARG B 431 26.30 -12.52 -68.05
CA ARG B 431 25.77 -13.16 -66.86
C ARG B 431 24.25 -13.34 -66.98
N ALA B 432 23.81 -14.59 -67.06
CA ALA B 432 22.39 -14.86 -67.30
C ALA B 432 21.56 -14.77 -66.02
N ILE B 433 20.38 -14.16 -66.13
CA ILE B 433 19.39 -14.21 -65.06
C ILE B 433 18.28 -15.23 -65.33
N GLU B 434 18.13 -16.22 -64.45
CA GLU B 434 17.05 -17.21 -64.58
C GLU B 434 16.02 -17.14 -63.46
N ASP B 435 16.46 -17.10 -62.20
CA ASP B 435 15.46 -16.91 -61.15
C ASP B 435 15.11 -15.45 -61.21
N TRP B 436 13.98 -15.18 -61.87
CA TRP B 436 13.50 -13.83 -62.12
C TRP B 436 12.92 -13.25 -60.86
N ASP B 437 12.41 -14.14 -60.01
CA ASP B 437 11.82 -13.76 -58.74
C ASP B 437 12.88 -13.17 -57.81
N GLN B 438 14.07 -13.76 -57.85
CA GLN B 438 15.20 -13.29 -57.07
C GLN B 438 15.56 -11.86 -57.46
N TYR B 439 15.46 -11.63 -58.77
CA TYR B 439 15.74 -10.34 -59.38
C TYR B 439 14.69 -9.27 -59.05
N ARG B 440 13.42 -9.63 -59.19
CA ARG B 440 12.34 -8.72 -58.84
C ARG B 440 12.43 -8.37 -57.36
N GLU B 441 12.77 -9.34 -56.53
CA GLU B 441 13.05 -9.01 -55.15
C GLU B 441 14.17 -8.02 -54.98
N SER B 442 15.33 -8.26 -55.58
CA SER B 442 16.43 -7.33 -55.38
C SER B 442 16.08 -5.90 -55.82
N LEU B 443 15.34 -5.79 -56.93
CA LEU B 443 14.92 -4.48 -57.41
C LEU B 443 13.94 -3.81 -56.45
N GLU B 444 12.97 -4.59 -55.94
CA GLU B 444 12.07 -4.10 -54.89
C GLU B 444 12.85 -3.60 -53.67
N ALA B 445 13.88 -4.36 -53.30
CA ALA B 445 14.77 -4.02 -52.21
C ALA B 445 15.47 -2.70 -52.45
N LEU B 446 15.68 -2.38 -53.72
CA LEU B 446 16.46 -1.18 -54.04
C LEU B 446 15.68 0.13 -53.83
N GLN B 447 14.36 0.06 -53.79
CA GLN B 447 13.56 1.28 -53.60
C GLN B 447 12.65 1.23 -52.40
N GLY B 448 13.26 1.15 -51.21
CA GLY B 448 12.50 1.06 -49.99
C GLY B 448 11.96 2.38 -49.49
N PRO B 449 11.27 2.35 -48.35
CA PRO B 449 10.57 3.50 -47.76
C PRO B 449 11.49 4.71 -47.49
N SER B 450 12.77 4.50 -47.17
CA SER B 450 13.68 5.63 -46.89
C SER B 450 13.81 6.53 -48.10
N LYS B 451 13.53 5.98 -49.27
CA LYS B 451 13.60 6.71 -50.54
C LYS B 451 12.25 7.24 -51.03
N VAL B 452 11.16 6.50 -50.78
CA VAL B 452 9.89 6.80 -51.45
C VAL B 452 8.66 6.98 -50.54
N PHE B 453 8.78 6.73 -49.23
CA PHE B 453 7.59 6.69 -48.39
C PHE B 453 6.85 8.01 -48.38
N ILE B 454 7.58 9.08 -48.10
CA ILE B 454 6.99 10.42 -48.04
C ILE B 454 6.52 10.90 -49.44
N ARG B 455 7.31 10.56 -50.46
CA ARG B 455 6.94 10.84 -51.83
C ARG B 455 5.55 10.28 -52.11
N SER B 456 5.37 9.02 -51.72
CA SER B 456 4.12 8.31 -51.99
C SER B 456 3.00 8.94 -51.21
N ALA B 457 3.31 9.34 -49.99
CA ALA B 457 2.30 9.99 -49.17
C ALA B 457 1.75 11.23 -49.88
N ILE B 458 2.66 12.12 -50.27
CA ILE B 458 2.27 13.35 -50.95
C ILE B 458 1.48 13.06 -52.24
N ASN B 459 1.94 12.09 -53.01
CA ASN B 459 1.17 11.69 -54.18
C ASN B 459 -0.25 11.29 -53.80
N ARG B 460 -0.42 10.57 -52.70
CA ARG B 460 -1.75 10.14 -52.29
C ARG B 460 -2.63 11.28 -51.80
N VAL B 461 -2.05 12.24 -51.09
CA VAL B 461 -2.85 13.38 -50.68
C VAL B 461 -3.31 14.09 -51.96
N HIS B 462 -2.40 14.20 -52.95
CA HIS B 462 -2.74 14.83 -54.22
C HIS B 462 -3.86 14.12 -54.96
N GLN B 463 -3.75 12.80 -55.08
CA GLN B 463 -4.76 12.05 -55.80
C GLN B 463 -6.08 12.05 -55.02
N ASN B 464 -6.03 12.11 -53.70
CA ASN B 464 -7.25 12.31 -52.92
C ASN B 464 -7.95 13.64 -53.25
N SER B 465 -7.17 14.73 -53.17
CA SER B 465 -7.73 16.06 -53.43
C SER B 465 -8.33 16.13 -54.80
N ALA B 466 -7.57 15.67 -55.77
CA ALA B 466 -8.02 15.65 -57.15
C ALA B 466 -9.25 14.77 -57.30
N ALA B 467 -9.30 13.66 -56.56
CA ALA B 467 -10.40 12.71 -56.67
C ALA B 467 -11.65 13.27 -56.04
N ASN B 468 -11.52 14.36 -55.27
CA ASN B 468 -12.71 14.98 -54.71
C ASN B 468 -12.92 16.39 -55.26
N GLY B 469 -12.45 16.62 -56.48
CA GLY B 469 -12.63 17.88 -57.17
C GLY B 469 -11.67 18.99 -56.76
N GLY B 470 -10.56 18.60 -56.13
CA GLY B 470 -9.48 19.51 -55.85
C GLY B 470 -9.46 20.36 -54.59
N GLU B 471 -10.48 20.25 -53.76
CA GLU B 471 -10.47 20.97 -52.48
C GLU B 471 -9.36 20.34 -51.60
N LEU B 472 -8.62 21.19 -50.91
CA LEU B 472 -7.58 20.78 -49.97
C LEU B 472 -8.18 20.55 -48.58
N PRO B 473 -7.59 19.62 -47.80
CA PRO B 473 -8.02 19.40 -46.42
C PRO B 473 -7.81 20.66 -45.63
N ARG B 474 -8.84 21.07 -44.91
CA ARG B 474 -8.76 22.28 -44.10
C ARG B 474 -8.09 21.92 -42.74
N ILE B 475 -6.89 22.45 -42.52
CA ILE B 475 -6.16 22.16 -41.28
C ILE B 475 -5.93 23.41 -40.43
N VAL B 476 -6.38 23.35 -39.18
CA VAL B 476 -6.23 24.47 -38.26
C VAL B 476 -4.95 24.34 -37.43
N PHE B 477 -4.27 25.48 -37.29
CA PHE B 477 -3.06 25.59 -36.50
C PHE B 477 -3.33 26.62 -35.40
N PRO B 478 -3.50 26.17 -34.16
CA PRO B 478 -3.83 27.16 -33.13
C PRO B 478 -2.67 28.11 -32.85
N GLU B 479 -1.47 27.71 -33.23
CA GLU B 479 -0.27 28.49 -32.98
C GLU B 479 0.08 29.39 -34.17
N GLY B 480 -0.85 30.29 -34.50
CA GLY B 480 -0.74 31.14 -35.67
C GLY B 480 0.47 32.05 -35.75
N THR B 481 1.12 32.31 -34.61
CA THR B 481 2.29 33.18 -34.61
C THR B 481 3.59 32.40 -34.41
N SER B 482 3.53 31.07 -34.44
CA SER B 482 4.74 30.29 -34.27
C SER B 482 5.56 30.38 -35.53
N THR B 483 6.81 30.81 -35.38
CA THR B 483 7.62 31.02 -36.55
C THR B 483 7.89 29.68 -37.28
N LYS B 484 8.19 28.61 -36.53
CA LYS B 484 8.42 27.30 -37.15
C LYS B 484 7.21 26.88 -37.99
N VAL B 485 6.03 27.10 -37.45
CA VAL B 485 4.80 26.72 -38.12
C VAL B 485 4.61 27.46 -39.43
N LEU B 486 4.75 28.78 -39.38
CA LEU B 486 4.56 29.60 -40.57
C LEU B 486 5.55 29.17 -41.65
N LYS B 487 6.81 28.99 -41.24
CA LYS B 487 7.86 28.59 -42.19
C LYS B 487 7.53 27.25 -42.84
N ALA B 488 7.04 26.28 -42.07
CA ALA B 488 6.61 25.03 -42.70
C ALA B 488 5.42 25.25 -43.66
N LEU B 489 4.50 26.10 -43.25
CA LEU B 489 3.28 26.39 -44.02
C LEU B 489 3.57 26.95 -45.41
N ALA B 490 4.64 27.73 -45.53
CA ALA B 490 5.09 28.15 -46.87
C ALA B 490 5.18 26.97 -47.84
N THR B 491 6.02 26.02 -47.47
CA THR B 491 6.18 24.78 -48.23
C THR B 491 4.86 24.05 -48.39
N LEU B 492 4.08 23.98 -47.31
CA LEU B 492 2.84 23.20 -47.33
C LEU B 492 1.79 23.72 -48.34
N VAL B 493 1.56 25.03 -48.39
CA VAL B 493 0.56 25.54 -49.33
C VAL B 493 1.17 25.66 -50.75
N GLU B 494 2.48 25.94 -50.84
CA GLU B 494 3.13 25.99 -52.14
C GLU B 494 3.06 24.63 -52.84
N GLU B 495 3.09 23.58 -52.03
CA GLU B 495 3.12 22.22 -52.54
C GLU B 495 1.73 21.59 -52.46
N LYS B 496 0.71 22.44 -52.29
CA LYS B 496 -0.71 22.05 -52.32
C LYS B 496 -1.07 20.86 -51.42
N ILE B 497 -0.63 20.93 -50.16
CA ILE B 497 -0.90 19.88 -49.18
C ILE B 497 -2.19 20.13 -48.37
N CYS B 498 -2.46 21.40 -48.05
CA CYS B 498 -3.68 21.73 -47.33
C CYS B 498 -4.07 23.20 -47.43
N GLN B 499 -5.25 23.53 -46.90
CA GLN B 499 -5.62 24.92 -46.73
C GLN B 499 -5.52 25.25 -45.25
N PRO B 500 -4.41 25.91 -44.87
CA PRO B 500 -4.18 26.21 -43.45
C PRO B 500 -5.11 27.30 -42.95
N ILE B 501 -5.55 27.16 -41.72
CA ILE B 501 -6.28 28.21 -41.03
C ILE B 501 -5.51 28.56 -39.78
N LEU B 502 -5.09 29.81 -39.65
CA LEU B 502 -4.31 30.21 -38.48
C LEU B 502 -5.23 30.76 -37.39
N LEU B 503 -4.83 30.60 -36.14
CA LEU B 503 -5.59 31.16 -35.01
C LEU B 503 -4.75 32.14 -34.21
N GLY B 504 -5.33 33.27 -33.86
CA GLY B 504 -4.64 34.29 -33.08
C GLY B 504 -5.22 35.66 -33.35
N TYR B 505 -4.58 36.70 -32.85
CA TYR B 505 -5.00 38.06 -33.21
C TYR B 505 -4.53 38.33 -34.64
N PRO B 506 -5.49 38.55 -35.58
CA PRO B 506 -5.21 38.80 -36.99
C PRO B 506 -4.07 39.80 -37.15
N GLU B 507 -4.11 40.84 -36.31
CA GLU B 507 -3.09 41.88 -36.20
C GLU B 507 -1.66 41.33 -36.06
N ARG B 508 -1.49 40.58 -34.98
CA ARG B 508 -0.19 40.09 -34.57
C ARG B 508 0.31 39.04 -35.56
N VAL B 509 -0.60 38.21 -36.05
CA VAL B 509 -0.22 37.12 -36.96
C VAL B 509 0.11 37.63 -38.36
N LYS B 510 -0.64 38.58 -38.93
CA LYS B 510 -0.16 39.13 -40.21
C LYS B 510 1.14 39.92 -40.04
N GLU B 511 1.30 40.65 -38.92
CA GLU B 511 2.61 41.25 -38.68
C GLU B 511 3.71 40.20 -38.66
N LYS B 512 3.46 39.07 -38.02
CA LYS B 512 4.43 38.00 -37.96
C LYS B 512 4.71 37.41 -39.36
N ILE B 513 3.64 37.20 -40.13
CA ILE B 513 3.76 36.67 -41.50
C ILE B 513 4.64 37.55 -42.36
N LYS B 514 4.45 38.86 -42.26
CA LYS B 514 5.31 39.78 -43.01
C LYS B 514 6.74 39.86 -42.46
N ALA B 515 6.90 39.82 -41.14
CA ALA B 515 8.22 39.93 -40.53
C ALA B 515 9.20 38.87 -40.99
N LEU B 516 8.72 37.65 -41.22
CA LEU B 516 9.58 36.56 -41.63
C LEU B 516 9.65 36.38 -43.15
N ASP B 517 8.97 37.26 -43.89
CA ASP B 517 9.06 37.33 -45.35
C ASP B 517 8.54 36.11 -46.16
N ILE B 518 7.30 35.69 -45.86
CA ILE B 518 6.61 34.59 -46.55
C ILE B 518 5.33 34.99 -47.28
N PRO B 519 5.41 35.27 -48.59
CA PRO B 519 4.28 35.89 -49.29
C PRO B 519 3.14 34.92 -49.64
N LEU B 520 3.38 33.61 -49.59
CA LEU B 520 2.37 32.68 -50.08
C LEU B 520 1.18 32.55 -49.14
N LEU B 521 1.23 33.26 -48.01
CA LEU B 521 0.21 33.12 -46.97
C LEU B 521 -0.65 34.36 -46.71
N ASN B 522 -0.86 35.21 -47.72
CA ASN B 522 -1.76 36.32 -47.49
C ASN B 522 -3.20 35.88 -47.71
N ASP B 523 -3.35 34.71 -48.32
CA ASP B 523 -4.67 34.19 -48.66
C ASP B 523 -5.27 33.38 -47.52
N VAL B 524 -4.42 32.99 -46.56
CA VAL B 524 -4.81 32.04 -45.51
C VAL B 524 -5.85 32.64 -44.56
N SER B 525 -6.87 31.85 -44.22
CA SER B 525 -7.89 32.30 -43.29
C SER B 525 -7.25 32.50 -41.93
N ILE B 526 -7.50 33.63 -41.31
CA ILE B 526 -7.01 33.83 -39.95
C ILE B 526 -8.16 34.17 -39.03
N VAL B 527 -8.27 33.42 -37.94
CA VAL B 527 -9.42 33.56 -37.08
C VAL B 527 -9.02 33.93 -35.66
N HIS B 528 -9.73 34.91 -35.10
CA HIS B 528 -9.66 35.21 -33.67
C HIS B 528 -10.81 34.46 -32.99
N PRO B 529 -10.47 33.53 -32.08
CA PRO B 529 -11.49 32.65 -31.48
C PRO B 529 -12.75 33.37 -30.95
N SER B 530 -12.59 34.39 -30.11
CA SER B 530 -13.75 35.05 -29.51
C SER B 530 -14.66 35.76 -30.53
N SER B 531 -14.14 36.11 -31.71
CA SER B 531 -14.94 36.87 -32.68
C SER B 531 -15.37 36.09 -33.95
N HIS B 532 -15.28 34.76 -33.90
CA HIS B 532 -15.76 33.89 -34.97
C HIS B 532 -17.28 33.75 -34.81
N PRO B 533 -18.03 33.64 -35.92
CA PRO B 533 -19.48 33.58 -35.73
C PRO B 533 -19.95 32.39 -34.90
N LYS B 534 -19.38 31.21 -35.11
CA LYS B 534 -19.88 30.01 -34.43
C LYS B 534 -19.35 29.80 -33.01
N TYR B 535 -18.63 30.80 -32.52
CA TYR B 535 -18.00 30.76 -31.20
C TYR B 535 -19.01 30.37 -30.14
N PHE B 536 -20.10 31.11 -30.08
CA PHE B 536 -21.10 30.87 -29.03
C PHE B 536 -21.73 29.50 -29.19
N SER B 537 -21.87 29.05 -30.43
CA SER B 537 -22.40 27.73 -30.67
C SER B 537 -21.44 26.69 -30.04
N PHE B 538 -20.15 26.91 -30.25
CA PHE B 538 -19.11 26.02 -29.77
C PHE B 538 -19.13 25.90 -28.26
N VAL B 539 -19.21 27.03 -27.56
CA VAL B 539 -19.20 26.99 -26.11
C VAL B 539 -20.35 26.10 -25.65
N GLU B 540 -21.52 26.22 -26.30
CA GLU B 540 -22.65 25.38 -25.88
C GLU B 540 -22.21 23.93 -25.93
N LYS B 541 -21.64 23.54 -27.06
CA LYS B 541 -21.22 22.18 -27.26
C LYS B 541 -20.27 21.74 -26.15
N LEU B 542 -19.25 22.56 -25.89
CA LEU B 542 -18.25 22.21 -24.90
C LEU B 542 -18.94 22.04 -23.56
N TYR B 543 -19.80 23.00 -23.24
CA TYR B 543 -20.60 22.97 -22.03
C TYR B 543 -21.36 21.67 -21.97
N SER B 544 -22.07 21.33 -23.04
CA SER B 544 -22.90 20.14 -22.99
C SER B 544 -22.00 18.88 -22.90
N LEU B 545 -20.75 19.00 -23.34
CA LEU B 545 -19.85 17.88 -23.19
C LEU B 545 -19.33 17.78 -21.78
N ARG B 546 -19.09 18.91 -21.14
CA ARG B 546 -18.30 18.85 -19.91
C ARG B 546 -18.87 19.52 -18.66
N GLN B 547 -20.19 19.69 -18.60
CA GLN B 547 -20.84 20.41 -17.50
C GLN B 547 -20.72 19.62 -16.19
N ARG B 548 -20.48 18.31 -16.32
CA ARG B 548 -20.35 17.45 -15.15
C ARG B 548 -18.90 17.02 -14.99
N LYS B 549 -18.01 17.70 -15.71
CA LYS B 549 -16.57 17.51 -15.61
C LYS B 549 -15.83 18.79 -15.30
N GLY B 550 -16.50 19.68 -14.57
CA GLY B 550 -15.90 20.89 -14.01
C GLY B 550 -15.95 22.14 -14.88
N ILE B 551 -16.74 22.09 -15.93
CA ILE B 551 -16.81 23.22 -16.85
C ILE B 551 -18.24 23.68 -17.03
N ASN B 552 -18.61 24.80 -16.43
CA ASN B 552 -19.93 25.34 -16.67
C ASN B 552 -19.88 26.40 -17.78
N LEU B 553 -21.01 27.04 -18.03
CA LEU B 553 -21.11 27.92 -19.19
C LEU B 553 -20.08 29.03 -19.19
N GLY B 554 -19.87 29.66 -18.05
CA GLY B 554 -18.86 30.69 -17.94
C GLY B 554 -17.51 30.13 -18.33
N GLU B 555 -17.15 29.01 -17.72
CA GLU B 555 -15.84 28.42 -17.98
C GLU B 555 -15.70 27.90 -19.40
N ALA B 556 -16.80 27.40 -19.97
CA ALA B 556 -16.77 26.91 -21.33
C ALA B 556 -16.49 28.08 -22.28
N GLU B 557 -17.23 29.15 -22.02
CA GLU B 557 -17.11 30.40 -22.73
C GLU B 557 -15.64 30.83 -22.69
N ARG B 558 -15.04 30.81 -21.50
CA ARG B 558 -13.64 31.18 -21.37
C ARG B 558 -12.66 30.28 -22.12
N LEU B 559 -12.76 28.96 -21.96
CA LEU B 559 -11.81 28.03 -22.60
C LEU B 559 -11.88 28.11 -24.12
N MET B 560 -13.08 28.26 -24.65
CA MET B 560 -13.23 28.24 -26.10
C MET B 560 -12.49 29.42 -26.73
N ALA B 561 -12.12 30.40 -25.92
CA ALA B 561 -11.30 31.51 -26.38
C ALA B 561 -9.82 31.08 -26.53
N ASP B 562 -9.43 29.97 -25.91
CA ASP B 562 -8.07 29.46 -26.08
C ASP B 562 -8.03 28.86 -27.47
N PRO B 563 -7.05 29.27 -28.28
CA PRO B 563 -6.92 28.73 -29.64
C PRO B 563 -6.92 27.20 -29.71
N ASN B 564 -6.35 26.53 -28.71
CA ASN B 564 -6.30 25.06 -28.70
C ASN B 564 -7.71 24.41 -28.66
N TYR B 565 -8.54 24.84 -27.71
CA TYR B 565 -9.89 24.30 -27.56
C TYR B 565 -10.71 24.62 -28.78
N PHE B 566 -10.49 25.81 -29.33
CA PHE B 566 -11.20 26.29 -30.50
C PHE B 566 -10.88 25.44 -31.73
N ALA B 567 -9.60 25.17 -31.93
CA ALA B 567 -9.17 24.33 -33.05
C ALA B 567 -9.87 23.00 -32.93
N ALA B 568 -9.74 22.41 -31.73
CA ALA B 568 -10.36 21.13 -31.44
C ALA B 568 -11.85 21.10 -31.76
N MET B 569 -12.55 22.15 -31.33
CA MET B 569 -13.98 22.20 -31.53
C MET B 569 -14.30 22.32 -33.01
N MET B 570 -13.48 23.09 -33.74
CA MET B 570 -13.69 23.24 -35.17
C MET B 570 -13.62 21.90 -35.86
N VAL B 571 -12.60 21.12 -35.52
CA VAL B 571 -12.45 19.80 -36.13
C VAL B 571 -13.62 18.88 -35.78
N ASN B 572 -13.99 18.91 -34.49
CA ASN B 572 -15.06 18.07 -34.00
C ASN B 572 -16.38 18.33 -34.71
N GLN B 573 -16.74 19.60 -34.82
CA GLN B 573 -18.04 20.01 -35.35
C GLN B 573 -18.08 20.04 -36.86
N GLY B 574 -16.93 19.81 -37.48
CA GLY B 574 -16.82 19.74 -38.93
C GLY B 574 -16.58 21.07 -39.62
N GLU B 575 -16.21 22.08 -38.85
CA GLU B 575 -15.85 23.37 -39.41
C GLU B 575 -14.38 23.38 -39.76
N ALA B 576 -13.75 22.20 -39.60
CA ALA B 576 -12.39 22.01 -40.02
C ALA B 576 -12.12 20.54 -40.19
N ASP B 577 -11.16 20.18 -41.04
CA ASP B 577 -10.95 18.77 -41.33
C ASP B 577 -9.87 18.14 -40.51
N GLY B 578 -9.03 18.99 -39.93
CA GLY B 578 -7.97 18.46 -39.11
C GLY B 578 -7.27 19.57 -38.37
N MET B 579 -6.37 19.19 -37.48
CA MET B 579 -5.65 20.14 -36.66
C MET B 579 -4.22 19.69 -36.38
N VAL B 580 -3.32 20.67 -36.25
CA VAL B 580 -1.95 20.38 -35.86
C VAL B 580 -1.54 21.40 -34.81
N SER B 581 -1.15 20.93 -33.63
CA SER B 581 -0.73 21.86 -32.60
C SER B 581 0.54 21.35 -31.95
N GLY B 582 1.02 22.09 -30.95
CA GLY B 582 2.16 21.69 -30.15
C GLY B 582 3.55 22.13 -30.58
N SER B 583 3.66 23.12 -31.45
CA SER B 583 4.99 23.53 -31.85
C SER B 583 5.64 24.41 -30.78
N SER B 584 4.81 24.99 -29.91
CA SER B 584 5.32 25.99 -28.98
C SER B 584 4.92 25.82 -27.51
N ILE B 585 4.34 24.68 -27.15
CA ILE B 585 4.11 24.32 -25.74
C ILE B 585 4.31 22.83 -25.54
N ASN B 586 4.53 22.41 -24.29
CA ASN B 586 4.70 21.01 -23.98
C ASN B 586 3.50 20.16 -24.40
N TYR B 587 3.74 18.87 -24.62
CA TYR B 587 2.78 18.00 -25.28
C TYR B 587 1.47 17.82 -24.51
N ALA B 588 1.56 17.70 -23.19
CA ALA B 588 0.38 17.47 -22.37
C ALA B 588 -0.63 18.61 -22.51
N ASP B 589 -0.14 19.84 -22.35
CA ASP B 589 -1.02 21.00 -22.44
C ASP B 589 -1.65 21.09 -23.84
N ALA B 590 -0.94 20.61 -24.86
CA ALA B 590 -1.46 20.66 -26.21
C ALA B 590 -2.50 19.57 -26.51
N VAL B 591 -2.27 18.36 -26.03
CA VAL B 591 -3.10 17.23 -26.41
C VAL B 591 -4.33 17.15 -25.53
N ARG B 592 -4.25 17.76 -24.35
CA ARG B 592 -5.37 17.69 -23.41
C ARG B 592 -6.67 18.26 -24.00
N PRO B 593 -6.65 19.47 -24.58
CA PRO B 593 -7.94 19.94 -25.12
C PRO B 593 -8.49 19.09 -26.28
N ILE B 594 -7.60 18.50 -27.09
CA ILE B 594 -8.05 17.58 -28.14
C ILE B 594 -8.77 16.39 -27.51
N LEU B 595 -8.19 15.84 -26.45
CA LEU B 595 -8.78 14.69 -25.79
C LEU B 595 -10.05 15.04 -25.03
N GLN B 596 -10.16 16.25 -24.48
CA GLN B 596 -11.37 16.68 -23.77
C GLN B 596 -12.52 16.95 -24.73
N THR B 597 -12.17 17.45 -25.92
CA THR B 597 -13.13 17.82 -26.95
C THR B 597 -13.55 16.72 -27.92
N ILE B 598 -12.57 16.19 -28.63
CA ILE B 598 -12.81 15.21 -29.66
C ILE B 598 -13.05 13.86 -29.03
N GLY B 599 -12.16 13.48 -28.10
CA GLY B 599 -12.24 12.22 -27.42
C GLY B 599 -11.82 11.03 -28.27
N VAL B 600 -11.76 9.84 -27.66
CA VAL B 600 -11.33 8.62 -28.36
C VAL B 600 -12.52 7.94 -29.01
N TYR B 601 -12.27 7.14 -30.06
CA TYR B 601 -13.38 6.34 -30.57
C TYR B 601 -13.62 5.14 -29.70
N LYS B 602 -14.68 4.39 -29.99
CA LYS B 602 -15.08 3.29 -29.12
C LYS B 602 -13.95 2.30 -29.01
N GLU B 603 -13.59 2.00 -27.76
CA GLU B 603 -12.56 1.00 -27.47
C GLU B 603 -11.16 1.45 -27.87
N GLY B 604 -11.02 2.65 -28.40
CA GLY B 604 -9.72 3.13 -28.77
C GLY B 604 -8.96 3.62 -27.55
N ILE B 605 -7.67 3.87 -27.72
CA ILE B 605 -6.84 4.43 -26.69
C ILE B 605 -5.99 5.51 -27.36
N PRO B 606 -5.92 6.71 -26.77
CA PRO B 606 -5.07 7.74 -27.39
C PRO B 606 -3.63 7.27 -27.37
N ALA B 607 -2.95 7.33 -28.50
CA ALA B 607 -1.60 6.81 -28.55
C ALA B 607 -0.75 7.49 -29.60
N GLY B 608 0.45 7.91 -29.22
CA GLY B 608 1.40 8.46 -30.16
C GLY B 608 2.05 7.36 -30.96
N LEU B 609 2.21 7.56 -32.26
CA LEU B 609 2.79 6.56 -33.13
C LEU B 609 3.84 7.19 -34.05
N ASN B 610 5.04 6.62 -34.16
CA ASN B 610 6.03 7.16 -35.10
C ASN B 610 6.47 6.16 -36.15
N PHE B 611 6.89 6.66 -37.31
CA PHE B 611 7.50 5.81 -38.33
C PHE B 611 8.99 6.07 -38.39
N VAL B 612 9.77 5.01 -38.51
CA VAL B 612 11.18 5.11 -38.84
C VAL B 612 11.34 4.60 -40.26
N LEU B 613 11.85 5.46 -41.14
CA LEU B 613 11.93 5.12 -42.53
C LEU B 613 13.31 4.61 -42.86
N LEU B 614 13.44 3.28 -42.84
CA LEU B 614 14.70 2.61 -43.14
C LEU B 614 14.73 2.22 -44.62
N GLU B 615 15.77 1.50 -45.03
CA GLU B 615 15.99 1.17 -46.44
C GLU B 615 15.15 -0.01 -46.94
N ASP B 616 15.00 -1.01 -46.09
CA ASP B 616 14.27 -2.22 -46.43
C ASP B 616 12.82 -2.20 -45.97
N LYS B 617 12.56 -1.47 -44.90
CA LYS B 617 11.26 -1.48 -44.26
C LYS B 617 11.01 -0.17 -43.51
N PHE B 618 9.81 0.01 -42.99
CA PHE B 618 9.65 1.06 -42.01
C PHE B 618 9.22 0.43 -40.71
N LEU B 619 9.67 1.02 -39.59
CA LEU B 619 9.31 0.52 -38.28
C LEU B 619 8.30 1.45 -37.64
N VAL B 620 7.30 0.90 -36.98
CA VAL B 620 6.35 1.75 -36.31
C VAL B 620 6.58 1.68 -34.81
N LEU B 621 6.68 2.82 -34.14
CA LEU B 621 6.89 2.82 -32.68
C LEU B 621 5.69 3.40 -31.94
N ALA B 622 5.15 2.68 -30.96
CA ALA B 622 4.06 3.26 -30.16
C ALA B 622 4.01 2.60 -28.79
N ASP B 623 3.42 3.23 -27.77
CA ASP B 623 2.89 4.61 -27.77
C ASP B 623 4.00 5.56 -27.25
N THR B 624 4.45 6.47 -28.12
CA THR B 624 5.62 7.33 -27.88
C THR B 624 5.31 8.60 -27.12
N THR B 625 4.05 8.75 -26.77
CA THR B 625 3.58 10.05 -26.39
C THR B 625 2.58 10.20 -25.21
N VAL B 626 1.59 9.32 -25.11
CA VAL B 626 0.44 9.60 -24.23
C VAL B 626 0.49 8.91 -22.90
N ASN B 627 0.50 7.59 -22.92
CA ASN B 627 0.39 6.72 -21.72
C ASN B 627 1.70 6.44 -20.99
N LEU B 628 1.81 6.90 -19.75
CA LEU B 628 2.97 6.59 -18.94
C LEU B 628 3.26 5.11 -18.87
N ASN B 629 2.28 4.31 -18.49
CA ASN B 629 2.56 2.91 -18.16
C ASN B 629 1.40 2.00 -18.55
N PRO B 630 1.19 1.79 -19.86
CA PRO B 630 -0.03 1.12 -20.32
C PRO B 630 -0.20 -0.27 -19.78
N THR B 631 -1.43 -0.66 -19.48
CA THR B 631 -1.66 -2.04 -19.04
C THR B 631 -1.47 -2.99 -20.23
N ALA B 632 -1.58 -4.30 -19.96
CA ALA B 632 -1.48 -5.31 -21.03
C ALA B 632 -2.57 -5.05 -22.09
N GLU B 633 -3.79 -4.83 -21.60
CA GLU B 633 -4.95 -4.59 -22.45
C GLU B 633 -4.75 -3.37 -23.36
N GLN B 634 -4.20 -2.33 -22.75
CA GLN B 634 -3.90 -1.11 -23.46
C GLN B 634 -2.81 -1.30 -24.51
N CYS B 635 -1.77 -2.07 -24.17
CA CYS B 635 -0.71 -2.38 -25.11
C CYS B 635 -1.26 -3.09 -26.31
N ALA B 636 -2.19 -4.00 -26.03
CA ALA B 636 -2.83 -4.75 -27.09
C ALA B 636 -3.57 -3.80 -28.02
N GLN B 637 -4.36 -2.92 -27.43
CA GLN B 637 -5.16 -2.03 -28.25
C GLN B 637 -4.26 -1.08 -29.09
N ILE B 638 -3.20 -0.57 -28.48
CA ILE B 638 -2.22 0.23 -29.20
C ILE B 638 -1.69 -0.55 -30.39
N ALA B 639 -1.31 -1.80 -30.12
CA ALA B 639 -0.85 -2.70 -31.17
C ALA B 639 -1.86 -2.74 -32.31
N LEU B 640 -3.13 -2.94 -32.00
CA LEU B 640 -4.19 -2.99 -33.01
C LEU B 640 -4.31 -1.69 -33.85
N GLN B 641 -4.21 -0.55 -33.18
CA GLN B 641 -4.30 0.71 -33.88
C GLN B 641 -3.10 0.84 -34.86
N ALA B 642 -1.90 0.64 -34.33
CA ALA B 642 -0.70 0.67 -35.16
C ALA B 642 -0.81 -0.34 -36.32
N ALA B 643 -1.41 -1.48 -36.03
CA ALA B 643 -1.60 -2.52 -37.00
C ALA B 643 -2.40 -1.96 -38.17
N LYS B 644 -3.57 -1.39 -37.88
CA LYS B 644 -4.40 -0.87 -38.98
C LYS B 644 -3.75 0.28 -39.75
N ILE B 645 -3.04 1.17 -39.04
CA ILE B 645 -2.31 2.18 -39.79
C ILE B 645 -1.27 1.53 -40.75
N VAL B 646 -0.49 0.55 -40.27
CA VAL B 646 0.46 -0.16 -41.14
C VAL B 646 -0.25 -0.82 -42.32
N GLU B 647 -1.44 -1.35 -42.08
CA GLU B 647 -2.17 -1.99 -43.16
C GLU B 647 -2.54 -0.96 -44.21
N TYR B 648 -2.93 0.24 -43.76
CA TYR B 648 -3.28 1.32 -44.69
C TYR B 648 -2.21 1.60 -45.77
N PHE B 649 -0.96 1.28 -45.46
CA PHE B 649 0.10 1.49 -46.42
C PHE B 649 0.46 0.21 -47.16
N GLY B 650 -0.42 -0.77 -47.12
CA GLY B 650 -0.27 -2.00 -47.88
C GLY B 650 0.83 -2.94 -47.40
N ILE B 651 1.14 -2.86 -46.11
CA ILE B 651 2.14 -3.72 -45.49
C ILE B 651 1.48 -4.67 -44.50
N GLU B 652 1.98 -5.89 -44.40
CA GLU B 652 1.53 -6.82 -43.38
C GLU B 652 2.14 -6.44 -42.03
N PRO B 653 1.32 -6.01 -41.07
CA PRO B 653 1.94 -5.66 -39.79
C PRO B 653 2.43 -6.91 -39.04
N ARG B 654 3.63 -6.79 -38.49
CA ARG B 654 4.18 -7.82 -37.65
C ARG B 654 4.64 -7.15 -36.37
N VAL B 655 4.00 -7.55 -35.28
CA VAL B 655 3.96 -6.81 -34.02
C VAL B 655 4.81 -7.50 -32.94
N ALA B 656 5.66 -6.73 -32.28
CA ALA B 656 6.47 -7.23 -31.17
C ALA B 656 6.14 -6.46 -29.91
N MET B 657 5.92 -7.16 -28.82
CA MET B 657 5.74 -6.46 -27.55
C MET B 657 7.09 -6.37 -26.84
N LEU B 658 7.68 -5.18 -26.82
CA LEU B 658 9.06 -5.08 -26.34
C LEU B 658 9.15 -5.18 -24.84
N SER B 659 10.27 -5.73 -24.40
CA SER B 659 10.61 -5.91 -23.00
C SER B 659 12.12 -5.86 -22.91
N TYR B 660 12.65 -5.91 -21.69
CA TYR B 660 14.10 -6.06 -21.52
C TYR B 660 14.44 -7.54 -21.48
N SER B 661 13.41 -8.38 -21.67
CA SER B 661 13.52 -9.82 -21.53
C SER B 661 13.11 -10.55 -22.80
N ASN B 662 13.64 -11.76 -22.98
CA ASN B 662 13.23 -12.66 -24.06
C ASN B 662 12.44 -13.83 -23.51
N PHE B 663 11.13 -13.79 -23.74
CA PHE B 663 10.26 -14.92 -23.45
C PHE B 663 10.45 -15.51 -22.04
N SER B 664 10.47 -14.65 -21.03
CA SER B 664 10.64 -15.12 -19.67
C SER B 664 9.30 -15.06 -18.98
N GLY B 665 8.50 -14.05 -19.30
CA GLY B 665 7.20 -13.89 -18.66
C GLY B 665 7.31 -13.67 -17.16
N ALA B 666 8.52 -13.29 -16.74
CA ALA B 666 8.79 -12.98 -15.35
C ALA B 666 7.90 -11.87 -14.88
N GLU B 667 7.68 -11.84 -13.57
CA GLU B 667 6.89 -10.79 -12.93
C GLU B 667 7.32 -9.42 -13.43
N GLY B 668 6.38 -8.51 -13.63
CA GLY B 668 6.74 -7.19 -14.11
C GLY B 668 6.39 -6.98 -15.57
N THR B 669 7.24 -6.27 -16.31
CA THR B 669 6.87 -6.00 -17.70
C THR B 669 7.01 -7.23 -18.60
N PRO B 670 7.91 -8.18 -18.31
CA PRO B 670 7.83 -9.37 -19.18
C PRO B 670 6.43 -10.02 -19.21
N ARG B 671 5.83 -10.23 -18.05
CA ARG B 671 4.50 -10.82 -17.98
C ARG B 671 3.51 -9.95 -18.68
N LYS B 672 3.68 -8.64 -18.52
CA LYS B 672 2.73 -7.69 -19.09
C LYS B 672 2.76 -7.76 -20.60
N MET B 673 3.95 -7.80 -21.18
CA MET B 673 4.07 -7.81 -22.62
C MET B 673 3.70 -9.15 -23.23
N LYS B 674 4.00 -10.23 -22.52
CA LYS B 674 3.57 -11.57 -22.98
C LYS B 674 2.03 -11.63 -23.02
N LYS B 675 1.41 -11.15 -21.94
CA LYS B 675 -0.03 -11.12 -21.87
C LYS B 675 -0.58 -10.17 -22.94
N ALA B 676 0.09 -9.05 -23.14
CA ALA B 676 -0.31 -8.09 -24.14
C ALA B 676 -0.39 -8.73 -25.51
N ALA B 677 0.69 -9.43 -25.88
CA ALA B 677 0.69 -10.13 -27.14
C ALA B 677 -0.43 -11.17 -27.18
N GLU B 678 -0.63 -11.89 -26.08
CA GLU B 678 -1.66 -12.94 -26.05
C GLU B 678 -3.05 -12.38 -26.34
N ILE B 679 -3.31 -11.21 -25.77
CA ILE B 679 -4.55 -10.50 -25.96
C ILE B 679 -4.73 -9.99 -27.38
N ALA B 680 -3.72 -9.31 -27.91
CA ALA B 680 -3.78 -8.84 -29.30
C ALA B 680 -4.05 -10.02 -30.25
N ARG B 681 -3.30 -11.11 -30.05
CA ARG B 681 -3.49 -12.30 -30.86
C ARG B 681 -4.91 -12.79 -30.71
N SER B 682 -5.46 -12.64 -29.52
CA SER B 682 -6.86 -13.00 -29.36
C SER B 682 -7.80 -12.09 -30.18
N LEU B 683 -7.50 -10.80 -30.28
CA LEU B 683 -8.34 -9.88 -31.04
C LEU B 683 -8.08 -9.90 -32.54
N ARG B 684 -6.96 -10.46 -32.94
CA ARG B 684 -6.56 -10.33 -34.32
C ARG B 684 -5.77 -11.57 -34.79
N PRO B 685 -6.44 -12.73 -34.85
CA PRO B 685 -5.79 -14.03 -35.05
C PRO B 685 -5.03 -14.15 -36.34
N ASP B 686 -5.25 -13.21 -37.25
CA ASP B 686 -4.61 -13.26 -38.55
C ASP B 686 -3.23 -12.60 -38.56
N LEU B 687 -2.88 -11.90 -37.49
CA LEU B 687 -1.59 -11.20 -37.49
C LEU B 687 -0.51 -11.92 -36.72
N MET B 688 0.75 -11.73 -37.10
CA MET B 688 1.84 -12.28 -36.32
C MET B 688 2.17 -11.33 -35.20
N ILE B 689 1.80 -11.67 -33.98
CA ILE B 689 2.03 -10.80 -32.83
C ILE B 689 2.74 -11.61 -31.76
N GLU B 690 3.84 -11.08 -31.24
CA GLU B 690 4.63 -11.88 -30.32
C GLU B 690 5.26 -11.07 -29.19
N GLY B 691 5.53 -11.74 -28.06
CA GLY B 691 6.20 -11.11 -26.92
C GLY B 691 6.12 -12.02 -25.70
N ASP B 692 6.88 -11.76 -24.64
CA ASP B 692 7.85 -10.68 -24.52
C ASP B 692 9.17 -10.93 -25.25
N MET B 693 9.78 -9.87 -25.76
CA MET B 693 11.09 -10.01 -26.42
C MET B 693 11.88 -8.72 -26.40
N GLN B 694 13.20 -8.84 -26.49
CA GLN B 694 14.06 -7.67 -26.52
C GLN B 694 14.00 -7.04 -27.92
N ALA B 695 14.48 -5.79 -28.03
CA ALA B 695 14.29 -5.01 -29.25
C ALA B 695 15.04 -5.62 -30.43
N ASP B 696 16.30 -6.03 -30.23
CA ASP B 696 17.04 -6.65 -31.33
C ASP B 696 16.48 -8.02 -31.70
N THR B 697 16.09 -8.82 -30.71
CA THR B 697 15.38 -10.09 -30.96
C THR B 697 14.19 -9.79 -31.87
N ALA B 698 13.55 -8.65 -31.60
CA ALA B 698 12.33 -8.26 -32.28
C ALA B 698 12.55 -7.87 -33.72
N VAL B 699 13.46 -6.95 -33.98
CA VAL B 699 13.56 -6.43 -35.35
C VAL B 699 14.35 -7.35 -36.27
N ASN B 700 15.21 -8.19 -35.69
CA ASN B 700 16.18 -9.01 -36.44
C ASN B 700 15.75 -10.46 -36.55
N PRO B 701 15.41 -10.93 -37.76
CA PRO B 701 14.79 -12.27 -37.82
C PRO B 701 15.81 -13.35 -37.62
N GLU B 702 17.08 -13.05 -37.86
CA GLU B 702 18.13 -14.06 -37.73
C GLU B 702 18.40 -14.39 -36.25
N ILE B 703 18.46 -13.35 -35.42
CA ILE B 703 18.60 -13.52 -33.98
C ILE B 703 17.46 -14.39 -33.46
N MET B 704 16.25 -14.05 -33.90
CA MET B 704 15.02 -14.76 -33.59
C MET B 704 15.09 -16.23 -33.96
N GLU B 705 15.53 -16.53 -35.18
CA GLU B 705 15.63 -17.91 -35.60
C GLU B 705 16.69 -18.69 -34.81
N ARG B 706 17.80 -18.02 -34.50
CA ARG B 706 18.93 -18.68 -33.86
C ARG B 706 18.65 -18.95 -32.39
N LEU B 707 17.87 -18.06 -31.76
CA LEU B 707 17.65 -18.19 -30.32
C LEU B 707 16.25 -18.66 -29.88
N PHE B 708 15.21 -18.28 -30.63
CA PHE B 708 13.83 -18.56 -30.22
C PHE B 708 12.93 -18.99 -31.38
N PRO B 709 13.29 -20.09 -32.08
CA PRO B 709 12.50 -20.49 -33.25
C PRO B 709 11.07 -20.93 -32.95
N PHE B 710 10.77 -21.20 -31.68
CA PHE B 710 9.43 -21.62 -31.29
C PHE B 710 8.43 -20.47 -31.52
N SER B 711 8.96 -19.26 -31.55
CA SER B 711 8.17 -18.05 -31.70
C SER B 711 7.39 -18.01 -32.98
N GLY B 712 6.25 -17.32 -32.93
CA GLY B 712 5.39 -17.19 -34.09
C GLY B 712 5.66 -15.97 -34.94
N LEU B 713 6.69 -15.20 -34.59
CA LEU B 713 7.06 -14.00 -35.36
C LEU B 713 8.21 -14.31 -36.30
N LYS B 714 7.99 -14.14 -37.60
CA LYS B 714 8.98 -14.50 -38.60
C LYS B 714 9.22 -13.33 -39.56
N GLY B 715 10.48 -13.04 -39.87
CA GLY B 715 10.78 -11.99 -40.83
C GLY B 715 10.99 -10.61 -40.22
N GLY B 716 11.13 -10.55 -38.91
CA GLY B 716 11.32 -9.28 -38.22
C GLY B 716 10.01 -8.53 -38.01
N ALA B 717 9.89 -7.83 -36.89
CA ALA B 717 8.68 -7.06 -36.63
C ALA B 717 8.80 -5.70 -37.27
N ASN B 718 7.69 -5.17 -37.74
CA ASN B 718 7.71 -3.83 -38.27
C ASN B 718 6.90 -2.89 -37.39
N VAL B 719 6.28 -3.47 -36.35
CA VAL B 719 5.60 -2.70 -35.33
C VAL B 719 6.14 -3.04 -33.93
N LEU B 720 6.65 -2.02 -33.25
CA LEU B 720 7.20 -2.18 -31.91
C LEU B 720 6.31 -1.45 -30.90
N VAL B 721 5.65 -2.23 -30.05
CA VAL B 721 4.82 -1.63 -28.99
C VAL B 721 5.64 -1.64 -27.70
N PHE B 722 5.69 -0.50 -27.01
CA PHE B 722 6.60 -0.33 -25.88
C PHE B 722 5.94 -0.55 -24.53
N PRO B 723 6.72 -0.90 -23.51
CA PRO B 723 6.04 -1.18 -22.25
C PRO B 723 5.74 0.09 -21.44
N ASN B 724 6.43 1.18 -21.75
CA ASN B 724 6.20 2.43 -21.04
C ASN B 724 6.68 3.69 -21.79
N LEU B 725 6.24 4.87 -21.34
CA LEU B 725 6.50 6.10 -22.07
C LEU B 725 7.99 6.48 -22.12
N GLU B 726 8.75 6.16 -21.07
CA GLU B 726 10.19 6.43 -21.05
C GLU B 726 10.87 5.74 -22.24
N SER B 727 10.65 4.43 -22.36
CA SER B 727 11.26 3.65 -23.42
C SER B 727 10.84 4.16 -24.81
N SER B 728 9.55 4.39 -25.02
CA SER B 728 9.10 4.79 -26.34
C SER B 728 9.64 6.16 -26.74
N ASN B 729 9.51 7.13 -25.84
CA ASN B 729 9.89 8.51 -26.13
C ASN B 729 11.40 8.63 -26.35
N ILE B 730 12.15 8.01 -25.43
CA ILE B 730 13.59 8.02 -25.56
C ILE B 730 14.00 7.32 -26.86
N ALA B 731 13.40 6.19 -27.16
CA ALA B 731 13.73 5.45 -28.37
C ALA B 731 13.52 6.28 -29.65
N TYR B 732 12.29 6.77 -29.86
CA TYR B 732 12.01 7.45 -31.11
C TYR B 732 12.89 8.72 -31.22
N LYS B 733 13.00 9.50 -30.14
CA LYS B 733 13.81 10.72 -30.29
C LYS B 733 15.30 10.38 -30.55
N LEU B 734 15.83 9.37 -29.87
CA LEU B 734 17.23 8.99 -30.05
C LEU B 734 17.54 8.51 -31.45
N ILE B 735 16.70 7.61 -31.95
CA ILE B 735 16.85 7.13 -33.31
C ILE B 735 16.83 8.30 -34.25
N GLN B 736 15.87 9.19 -34.04
CA GLN B 736 15.74 10.38 -34.89
C GLN B 736 17.03 11.20 -34.92
N GLN B 737 17.64 11.43 -33.76
CA GLN B 737 18.86 12.22 -33.76
C GLN B 737 20.10 11.52 -34.30
N ILE B 738 20.40 10.30 -33.84
CA ILE B 738 21.73 9.73 -34.12
C ILE B 738 21.77 8.59 -35.15
N GLY B 739 20.63 7.96 -35.40
CA GLY B 739 20.55 7.02 -36.50
C GLY B 739 20.53 7.83 -37.77
N LYS B 740 20.69 7.19 -38.92
CA LYS B 740 20.61 7.95 -40.16
C LYS B 740 19.34 7.59 -40.90
N ALA B 741 18.21 7.78 -40.24
CA ALA B 741 16.92 7.50 -40.84
C ALA B 741 15.92 8.57 -40.47
N GLU B 742 15.10 9.00 -41.43
CA GLU B 742 14.07 9.95 -41.10
C GLU B 742 13.07 9.28 -40.19
N VAL B 743 12.65 9.95 -39.13
CA VAL B 743 11.56 9.38 -38.37
C VAL B 743 10.50 10.48 -38.32
N ILE B 744 9.27 10.07 -38.61
CA ILE B 744 8.17 11.00 -38.75
C ILE B 744 7.13 10.76 -37.66
N GLY B 745 6.52 11.83 -37.17
CA GLY B 745 5.58 11.74 -36.08
C GLY B 745 5.96 12.68 -34.96
N PRO B 746 5.41 12.43 -33.76
CA PRO B 746 4.42 11.39 -33.47
C PRO B 746 3.05 11.71 -34.05
N PHE B 747 2.28 10.67 -34.35
CA PHE B 747 0.94 10.83 -34.86
C PHE B 747 -0.05 10.34 -33.83
N LEU B 748 -1.00 11.20 -33.46
CA LEU B 748 -1.98 10.81 -32.47
C LEU B 748 -3.03 9.90 -33.10
N THR B 749 -3.09 8.67 -32.59
CA THR B 749 -4.05 7.64 -32.97
C THR B 749 -5.06 7.43 -31.86
N GLY B 750 -6.20 6.81 -32.19
CA GLY B 750 -7.20 6.47 -31.20
C GLY B 750 -8.30 7.50 -31.09
N VAL B 751 -8.12 8.64 -31.75
CA VAL B 751 -9.04 9.73 -31.53
C VAL B 751 -10.02 9.78 -32.69
N ARG B 752 -11.22 10.28 -32.38
CA ARG B 752 -12.37 10.26 -33.29
C ARG B 752 -12.22 11.07 -34.59
N ARG B 753 -11.54 12.20 -34.52
CA ARG B 753 -11.40 13.10 -35.67
C ARG B 753 -9.92 13.31 -35.89
N SER B 754 -9.53 14.01 -36.96
CA SER B 754 -8.12 14.14 -37.26
C SER B 754 -7.43 15.24 -36.46
N ALA B 755 -6.48 14.87 -35.61
CA ALA B 755 -5.68 15.83 -34.86
C ALA B 755 -4.34 15.20 -34.52
N ASN B 756 -3.27 16.00 -34.62
CA ASN B 756 -1.94 15.56 -34.22
C ASN B 756 -1.22 16.65 -33.48
N VAL B 757 -0.46 16.24 -32.47
CA VAL B 757 0.32 17.17 -31.67
C VAL B 757 1.81 16.94 -31.92
N LEU B 758 2.48 18.00 -32.35
CA LEU B 758 3.91 18.03 -32.63
C LEU B 758 4.76 17.87 -31.38
N GLN B 759 5.96 17.33 -31.57
CA GLN B 759 7.00 17.48 -30.57
C GLN B 759 7.50 18.92 -30.65
N ARG B 760 7.58 19.59 -29.51
CA ARG B 760 7.95 21.00 -29.48
C ARG B 760 9.38 21.14 -30.00
N THR B 761 10.14 20.04 -29.99
CA THR B 761 11.52 20.03 -30.50
C THR B 761 11.63 19.86 -32.01
N THR B 762 10.51 19.75 -32.70
CA THR B 762 10.52 19.54 -34.14
C THR B 762 11.30 20.63 -34.88
N THR B 763 11.83 20.27 -36.05
CA THR B 763 12.35 21.26 -36.98
C THR B 763 11.23 21.66 -37.96
N VAL B 764 11.51 22.59 -38.87
CA VAL B 764 10.50 23.03 -39.82
C VAL B 764 10.10 21.91 -40.80
N ASP B 765 11.09 21.19 -41.32
CA ASP B 765 10.76 20.07 -42.22
C ASP B 765 9.96 19.00 -41.47
N GLY B 766 10.27 18.84 -40.19
CA GLY B 766 9.48 17.95 -39.35
C GLY B 766 8.01 18.31 -39.45
N ILE B 767 7.72 19.60 -39.33
CA ILE B 767 6.32 20.07 -39.37
C ILE B 767 5.76 19.77 -40.75
N VAL B 768 6.56 19.98 -41.79
CA VAL B 768 6.06 19.70 -43.14
C VAL B 768 5.64 18.22 -43.33
N ASN B 769 6.48 17.28 -42.89
CA ASN B 769 6.14 15.86 -42.96
C ASN B 769 4.88 15.52 -42.16
N SER B 770 4.91 15.99 -40.90
CA SER B 770 3.81 15.74 -39.98
C SER B 770 2.48 16.20 -40.57
N VAL B 771 2.50 17.39 -41.16
CA VAL B 771 1.30 17.94 -41.75
C VAL B 771 0.90 17.13 -42.99
N VAL B 772 1.87 16.66 -43.76
CA VAL B 772 1.52 15.75 -44.85
C VAL B 772 0.61 14.64 -44.33
N PHE B 773 1.10 13.96 -43.30
CA PHE B 773 0.30 12.82 -42.85
C PHE B 773 -1.01 13.22 -42.15
N THR B 774 -1.02 14.38 -41.49
CA THR B 774 -2.26 14.89 -40.90
C THR B 774 -3.34 15.15 -41.97
N ALA B 775 -2.90 15.69 -43.11
CA ALA B 775 -3.76 15.89 -44.26
C ALA B 775 -4.31 14.57 -44.76
N LEU B 776 -3.42 13.58 -44.85
CA LEU B 776 -3.85 12.25 -45.29
C LEU B 776 -4.95 11.67 -44.38
N GLU B 777 -4.72 11.76 -43.07
CA GLU B 777 -5.67 11.26 -42.06
C GLU B 777 -7.00 11.99 -42.18
N ALA B 778 -6.92 13.30 -42.35
CA ALA B 778 -8.10 14.16 -42.51
C ALA B 778 -8.94 13.68 -43.68
N GLN B 779 -8.29 13.47 -44.83
CA GLN B 779 -8.98 12.95 -45.99
C GLN B 779 -9.64 11.58 -45.76
N TYR B 780 -8.90 10.65 -45.18
CA TYR B 780 -9.46 9.32 -44.90
C TYR B 780 -10.72 9.44 -44.07
N ILE B 781 -10.63 10.20 -42.98
CA ILE B 781 -11.76 10.39 -42.09
C ILE B 781 -12.95 11.08 -42.76
N LYS B 782 -12.72 12.12 -43.55
CA LYS B 782 -13.85 12.74 -44.24
C LYS B 782 -14.55 11.70 -45.13
N GLU B 783 -13.74 10.91 -45.82
CA GLU B 783 -14.32 9.93 -46.74
C GLU B 783 -15.13 8.87 -45.98
N VAL B 784 -14.58 8.31 -44.91
CA VAL B 784 -15.34 7.29 -44.18
C VAL B 784 -16.60 7.87 -43.52
N LEU B 785 -16.51 9.12 -43.05
CA LEU B 785 -17.66 9.82 -42.47
C LEU B 785 -18.77 9.98 -43.50
N LYS B 786 -18.42 10.24 -44.75
CA LYS B 786 -19.48 10.28 -45.78
C LYS B 786 -20.25 8.95 -45.93
N SER B 787 -19.86 7.91 -45.19
CA SER B 787 -20.70 6.70 -45.08
C SER B 787 -21.43 6.67 -43.73
N THR C 26 -9.63 -36.09 56.96
CA THR C 26 -8.57 -36.69 56.17
C THR C 26 -9.20 -37.52 55.05
N THR C 27 -10.50 -37.78 55.16
CA THR C 27 -11.18 -38.68 54.23
C THR C 27 -11.30 -38.00 52.87
N ASN C 28 -11.13 -36.67 52.90
CA ASN C 28 -11.15 -35.84 51.70
C ASN C 28 -9.89 -36.15 50.88
N PHE C 29 -8.75 -35.95 51.54
CA PHE C 29 -7.44 -36.25 51.00
C PHE C 29 -7.32 -37.70 50.59
N ASP C 30 -7.86 -38.57 51.44
CA ASP C 30 -7.86 -40.00 51.19
C ASP C 30 -8.57 -40.28 49.86
N GLN C 31 -9.74 -39.67 49.64
CA GLN C 31 -10.40 -39.85 48.34
C GLN C 31 -9.54 -39.34 47.20
N GLU C 32 -8.80 -38.28 47.47
CA GLU C 32 -7.91 -37.75 46.45
C GLU C 32 -6.87 -38.80 46.04
N ALA C 33 -6.18 -39.37 47.01
CA ALA C 33 -5.21 -40.45 46.79
C ALA C 33 -5.80 -41.72 46.14
N LEU C 34 -6.94 -42.15 46.65
CA LEU C 34 -7.63 -43.27 46.05
C LEU C 34 -7.84 -43.03 44.57
N LEU C 35 -8.41 -41.88 44.23
CA LEU C 35 -8.67 -41.55 42.83
C LEU C 35 -7.36 -41.48 42.03
N TYR C 36 -6.33 -40.90 42.63
CA TYR C 36 -5.04 -40.78 41.99
C TYR C 36 -4.55 -42.16 41.58
N HIS C 37 -4.72 -43.17 42.43
CA HIS C 37 -4.30 -44.54 42.10
C HIS C 37 -5.21 -45.28 41.11
N GLN C 38 -6.51 -45.00 41.15
CA GLN C 38 -7.48 -45.72 40.34
C GLN C 38 -7.61 -45.17 38.90
N GLN C 39 -7.38 -43.86 38.72
CA GLN C 39 -7.52 -43.18 37.42
C GLN C 39 -6.54 -43.63 36.32
N GLY C 40 -6.90 -43.41 35.06
CA GLY C 40 -6.01 -43.71 33.93
C GLY C 40 -5.57 -45.14 33.96
N LYS C 41 -4.27 -45.40 33.85
CA LYS C 41 -3.74 -46.73 34.04
C LYS C 41 -3.78 -46.96 35.53
N PRO C 42 -4.42 -48.04 35.97
CA PRO C 42 -4.34 -48.31 37.41
C PRO C 42 -2.90 -48.41 37.89
N GLY C 43 -2.64 -47.89 39.09
CA GLY C 43 -1.32 -47.92 39.69
C GLY C 43 -0.43 -46.73 39.34
N LYS C 44 0.86 -46.81 39.62
CA LYS C 44 1.69 -45.64 39.39
C LYS C 44 2.86 -45.94 38.49
N ILE C 45 2.97 -47.17 37.98
CA ILE C 45 4.13 -47.48 37.16
C ILE C 45 3.73 -48.11 35.86
N GLU C 46 4.66 -48.08 34.91
CA GLU C 46 4.49 -48.63 33.58
C GLU C 46 5.89 -48.98 33.11
N VAL C 47 6.03 -50.05 32.35
CA VAL C 47 7.34 -50.41 31.84
C VAL C 47 7.41 -50.10 30.36
N ILE C 48 8.37 -49.29 29.94
CA ILE C 48 8.43 -48.96 28.53
C ILE C 48 9.78 -49.35 27.94
N SER C 49 9.80 -49.35 26.62
CA SER C 49 11.02 -49.67 25.90
C SER C 49 11.98 -48.48 25.86
N SER C 50 13.28 -48.73 26.07
CA SER C 50 14.23 -47.61 26.02
C SER C 50 14.86 -47.45 24.65
N LYS C 51 14.38 -48.28 23.73
CA LYS C 51 14.99 -48.42 22.42
C LYS C 51 13.90 -48.55 21.39
N PRO C 52 14.21 -48.26 20.12
CA PRO C 52 13.19 -48.29 19.06
C PRO C 52 12.62 -49.71 18.88
N CYS C 53 11.32 -49.85 18.65
CA CYS C 53 10.78 -51.20 18.50
C CYS C 53 9.50 -51.16 17.70
N ALA C 54 9.48 -50.32 16.68
CA ALA C 54 8.26 -50.18 15.89
C ALA C 54 8.32 -51.05 14.66
N THR C 55 9.47 -51.09 14.00
CA THR C 55 9.63 -51.82 12.75
C THR C 55 10.14 -53.24 12.95
N GLU C 56 9.92 -54.12 11.97
CA GLU C 56 10.36 -55.50 12.08
C GLU C 56 11.86 -55.58 12.30
N LYS C 57 12.61 -54.64 11.73
CA LYS C 57 14.05 -54.69 11.93
C LYS C 57 14.36 -54.43 13.39
N ASP C 58 13.72 -53.43 13.97
CA ASP C 58 13.93 -53.14 15.38
C ASP C 58 13.53 -54.33 16.24
N LEU C 59 12.47 -55.03 15.89
CA LEU C 59 12.07 -56.11 16.73
C LEU C 59 13.03 -57.27 16.56
N SER C 60 13.59 -57.36 15.35
CA SER C 60 14.58 -58.36 15.03
C SER C 60 15.85 -58.05 15.79
N LEU C 61 15.96 -56.86 16.33
CA LEU C 61 17.11 -56.58 17.17
C LEU C 61 16.81 -56.72 18.67
N ALA C 62 15.63 -56.33 19.09
CA ALA C 62 15.27 -56.44 20.50
C ALA C 62 14.97 -57.89 20.89
N TYR C 63 14.50 -58.71 19.95
CA TYR C 63 14.28 -60.12 20.27
C TYR C 63 15.01 -60.98 19.24
N SER C 64 14.51 -62.17 18.92
CA SER C 64 15.19 -63.02 17.97
C SER C 64 15.21 -62.39 16.58
N PRO C 65 16.31 -62.57 15.83
CA PRO C 65 17.55 -63.27 16.12
C PRO C 65 18.64 -62.38 16.72
N GLY C 66 18.45 -61.08 16.74
CA GLY C 66 19.52 -60.19 17.17
C GLY C 66 19.93 -60.36 18.62
N VAL C 67 18.96 -60.64 19.46
CA VAL C 67 19.19 -60.70 20.88
C VAL C 67 20.20 -61.79 21.26
N ALA C 68 20.44 -62.72 20.35
CA ALA C 68 21.42 -63.75 20.59
C ALA C 68 22.82 -63.16 20.77
N ALA C 69 23.06 -61.99 20.18
CA ALA C 69 24.40 -61.43 20.20
C ALA C 69 24.84 -61.06 21.63
N PRO C 70 24.06 -60.23 22.35
CA PRO C 70 24.46 -59.99 23.74
C PRO C 70 24.47 -61.22 24.63
N CYS C 71 23.49 -62.12 24.48
CA CYS C 71 23.49 -63.35 25.28
C CYS C 71 24.80 -64.07 25.20
N LYS C 72 25.19 -64.39 23.97
CA LYS C 72 26.43 -65.08 23.76
C LYS C 72 27.55 -64.29 24.45
N ALA C 73 27.49 -62.97 24.37
CA ALA C 73 28.56 -62.16 24.92
C ALA C 73 28.61 -62.37 26.45
N ILE C 74 27.44 -62.30 27.08
CA ILE C 74 27.34 -62.42 28.53
C ILE C 74 27.71 -63.83 28.98
N ALA C 75 27.42 -64.83 28.14
CA ALA C 75 27.80 -66.20 28.48
C ALA C 75 29.32 -66.32 28.58
N LYS C 76 30.02 -65.56 27.73
CA LYS C 76 31.47 -65.69 27.68
C LYS C 76 32.12 -64.87 28.81
N ASP C 77 31.53 -63.71 29.07
CA ASP C 77 32.00 -62.76 30.07
C ASP C 77 30.83 -62.18 30.87
N PRO C 78 30.51 -62.80 32.00
CA PRO C 78 29.30 -62.51 32.81
C PRO C 78 29.13 -61.05 33.21
N ALA C 79 30.23 -60.35 33.44
CA ALA C 79 30.17 -58.95 33.80
C ALA C 79 29.39 -58.17 32.74
N LYS C 80 29.48 -58.60 31.51
CA LYS C 80 28.80 -57.85 30.45
C LYS C 80 27.28 -57.82 30.59
N VAL C 81 26.73 -58.49 31.61
CA VAL C 81 25.31 -58.33 31.84
C VAL C 81 25.02 -56.86 32.22
N TYR C 82 26.00 -56.16 32.76
CA TYR C 82 25.82 -54.76 33.11
C TYR C 82 25.80 -53.81 31.87
N ASP C 83 26.23 -54.34 30.73
CA ASP C 83 26.39 -53.57 29.52
C ASP C 83 25.16 -53.63 28.57
N TYR C 84 24.47 -54.77 28.57
CA TYR C 84 23.46 -55.06 27.59
C TYR C 84 22.09 -55.16 28.23
N THR C 85 22.06 -54.84 29.50
CA THR C 85 20.89 -55.08 30.29
C THR C 85 20.56 -53.87 31.17
N ALA C 86 19.32 -53.82 31.66
CA ALA C 86 18.93 -52.75 32.57
C ALA C 86 19.51 -52.96 33.96
N LYS C 87 20.21 -54.09 34.17
CA LYS C 87 20.76 -54.44 35.50
C LYS C 87 21.44 -53.26 36.16
N GLY C 88 22.30 -52.55 35.43
CA GLY C 88 23.07 -51.50 36.05
C GLY C 88 22.27 -50.32 36.61
N ASN C 89 20.96 -50.32 36.40
CA ASN C 89 20.11 -49.22 36.87
C ASN C 89 18.80 -49.74 37.39
N LEU C 90 18.79 -51.04 37.71
CA LEU C 90 17.55 -51.69 38.16
C LEU C 90 17.64 -52.13 39.61
N VAL C 91 16.75 -51.61 40.45
CA VAL C 91 16.76 -52.01 41.84
C VAL C 91 15.46 -52.68 42.25
N ALA C 92 15.58 -53.73 43.05
CA ALA C 92 14.38 -54.36 43.57
C ALA C 92 13.96 -53.69 44.88
N VAL C 93 12.71 -53.24 44.95
CA VAL C 93 12.15 -52.83 46.21
C VAL C 93 11.32 -54.00 46.64
N ILE C 94 11.81 -54.74 47.62
CA ILE C 94 11.20 -55.98 48.02
C ILE C 94 10.59 -55.89 49.40
N SER C 95 9.38 -56.41 49.57
CA SER C 95 8.73 -56.36 50.87
C SER C 95 7.76 -57.52 51.07
N ASN C 96 7.56 -57.92 52.33
CA ASN C 96 6.48 -58.83 52.58
C ASN C 96 5.34 -58.09 53.23
N GLY C 97 5.53 -56.80 53.43
CA GLY C 97 4.46 -55.94 53.89
C GLY C 97 4.05 -56.18 55.33
N THR C 98 5.02 -56.47 56.19
CA THR C 98 4.76 -56.74 57.59
C THR C 98 5.00 -55.52 58.48
N ALA C 99 5.54 -54.46 57.89
CA ALA C 99 5.78 -53.21 58.62
C ALA C 99 5.68 -52.02 57.65
N VAL C 100 4.50 -51.93 57.04
CA VAL C 100 4.18 -50.97 56.02
C VAL C 100 3.92 -49.58 56.57
N LEU C 101 4.80 -48.64 56.25
CA LEU C 101 4.71 -47.28 56.78
C LEU C 101 4.47 -47.34 58.28
N GLY C 102 3.32 -46.85 58.72
CA GLY C 102 2.97 -46.95 60.13
C GLY C 102 1.72 -47.75 60.35
N LEU C 103 1.41 -48.63 59.40
CA LEU C 103 0.16 -49.37 59.39
C LEU C 103 0.37 -50.82 59.86
N GLY C 104 1.63 -51.23 59.99
CA GLY C 104 1.93 -52.55 60.51
C GLY C 104 1.84 -53.72 59.55
N ASN C 105 1.48 -54.88 60.07
CA ASN C 105 1.50 -56.09 59.26
C ASN C 105 0.20 -56.25 58.48
N ILE C 106 0.09 -55.59 57.32
CA ILE C 106 -1.15 -55.64 56.54
C ILE C 106 -1.02 -56.55 55.32
N GLY C 107 0.18 -57.04 55.06
CA GLY C 107 0.37 -58.01 54.00
C GLY C 107 0.97 -57.50 52.71
N PRO C 108 1.47 -58.42 51.89
CA PRO C 108 2.23 -58.07 50.69
C PRO C 108 1.37 -57.39 49.59
N ALA C 109 0.17 -57.89 49.29
CA ALA C 109 -0.68 -57.23 48.30
C ALA C 109 -1.05 -55.84 48.76
N ALA C 110 -1.28 -55.68 50.06
CA ALA C 110 -1.73 -54.41 50.61
C ALA C 110 -0.60 -53.41 50.67
N GLY C 111 0.62 -53.90 50.63
CA GLY C 111 1.78 -53.03 50.67
C GLY C 111 2.22 -52.62 49.28
N LYS C 112 1.64 -53.24 48.26
CA LYS C 112 2.07 -52.97 46.90
C LYS C 112 2.01 -51.47 46.49
N PRO C 113 0.93 -50.74 46.87
CA PRO C 113 1.00 -49.31 46.55
C PRO C 113 2.22 -48.61 47.15
N VAL C 114 2.60 -49.00 48.35
CA VAL C 114 3.71 -48.31 48.99
C VAL C 114 5.03 -48.66 48.30
N MET C 115 5.17 -49.88 47.79
CA MET C 115 6.41 -50.29 47.13
C MET C 115 6.52 -49.65 45.75
N GLU C 116 5.39 -49.58 45.04
CA GLU C 116 5.34 -48.82 43.79
C GLU C 116 5.81 -47.40 44.07
N GLY C 117 5.25 -46.80 45.11
CA GLY C 117 5.59 -45.45 45.56
C GLY C 117 7.08 -45.24 45.81
N LYS C 118 7.66 -46.21 46.51
CA LYS C 118 9.07 -46.18 46.84
C LYS C 118 9.87 -46.17 45.56
N GLY C 119 9.45 -47.02 44.62
CA GLY C 119 10.03 -46.99 43.29
C GLY C 119 9.97 -45.60 42.63
N ILE C 120 8.80 -44.96 42.68
CA ILE C 120 8.67 -43.60 42.19
C ILE C 120 9.75 -42.69 42.83
N LEU C 121 9.94 -42.81 44.13
CA LEU C 121 10.99 -42.02 44.79
C LEU C 121 12.39 -42.33 44.18
N PHE C 122 12.70 -43.62 43.99
CA PHE C 122 13.94 -44.02 43.32
C PHE C 122 14.17 -43.35 41.95
N LYS C 123 13.16 -43.40 41.09
CA LYS C 123 13.25 -42.80 39.75
C LYS C 123 13.36 -41.28 39.82
N GLN C 124 12.57 -40.66 40.68
CA GLN C 124 12.55 -39.21 40.72
C GLN C 124 13.77 -38.59 41.36
N PHE C 125 14.37 -39.26 42.33
CA PHE C 125 15.46 -38.64 43.05
C PHE C 125 16.80 -39.15 42.62
N ALA C 126 16.84 -40.31 41.99
CA ALA C 126 18.13 -40.80 41.58
C ALA C 126 18.13 -41.41 40.18
N GLY C 127 17.00 -41.33 39.50
CA GLY C 127 16.87 -41.94 38.19
C GLY C 127 16.99 -43.45 38.16
N ILE C 128 16.68 -44.12 39.27
CA ILE C 128 16.83 -45.57 39.35
C ILE C 128 15.55 -46.25 38.90
N ASP C 129 15.65 -47.22 38.00
CA ASP C 129 14.47 -47.99 37.64
C ASP C 129 14.19 -48.99 38.75
N VAL C 130 12.94 -49.26 39.06
CA VAL C 130 12.64 -50.14 40.16
C VAL C 130 11.57 -51.17 39.85
N PHE C 131 11.84 -52.43 40.21
CA PHE C 131 10.78 -53.44 40.27
C PHE C 131 10.34 -53.60 41.70
N ASP C 132 9.06 -53.37 41.97
CA ASP C 132 8.52 -53.62 43.29
C ASP C 132 8.13 -55.09 43.37
N ILE C 133 8.67 -55.80 44.35
CA ILE C 133 8.39 -57.21 44.51
C ILE C 133 7.78 -57.47 45.87
N GLU C 134 6.50 -57.82 45.86
CA GLU C 134 5.82 -58.10 47.11
C GLU C 134 5.84 -59.62 47.37
N VAL C 135 6.47 -60.02 48.46
CA VAL C 135 6.69 -61.43 48.74
C VAL C 135 5.71 -61.96 49.77
N ALA C 136 5.05 -63.07 49.48
CA ALA C 136 4.08 -63.62 50.41
C ALA C 136 4.83 -64.62 51.28
N ALA C 137 5.73 -64.10 52.10
CA ALA C 137 6.55 -64.92 52.97
C ALA C 137 6.87 -64.24 54.29
N THR C 138 6.33 -64.75 55.39
CA THR C 138 6.65 -64.18 56.70
C THR C 138 7.78 -64.97 57.36
N ASP C 139 8.00 -66.19 56.91
CA ASP C 139 9.08 -67.02 57.44
C ASP C 139 10.40 -66.49 56.92
N VAL C 140 11.36 -66.31 57.80
CA VAL C 140 12.64 -65.74 57.40
C VAL C 140 13.31 -66.55 56.33
N ASP C 141 13.24 -67.85 56.50
CA ASP C 141 13.97 -68.76 55.66
C ASP C 141 13.41 -68.80 54.25
N VAL C 142 12.09 -68.91 54.13
CA VAL C 142 11.50 -69.01 52.83
C VAL C 142 11.72 -67.69 52.08
N PHE C 143 11.59 -66.57 52.80
CA PHE C 143 11.81 -65.25 52.22
C PHE C 143 13.20 -65.14 51.63
N CYS C 144 14.22 -65.50 52.43
CA CYS C 144 15.60 -65.42 51.96
C CYS C 144 15.87 -66.34 50.80
N ASN C 145 15.29 -67.54 50.85
CA ASN C 145 15.46 -68.48 49.76
C ASN C 145 14.85 -67.92 48.48
N ALA C 146 13.78 -67.16 48.60
CA ALA C 146 13.15 -66.61 47.41
C ALA C 146 13.95 -65.45 46.86
N VAL C 147 14.38 -64.54 47.74
CA VAL C 147 15.05 -63.33 47.29
C VAL C 147 16.47 -63.61 46.79
N ARG C 148 17.25 -64.42 47.51
CA ARG C 148 18.66 -64.69 47.16
C ARG C 148 18.90 -65.04 45.71
N VAL C 149 17.91 -65.73 45.17
CA VAL C 149 18.03 -66.42 43.92
C VAL C 149 17.55 -65.49 42.75
N LEU C 150 17.12 -64.27 43.11
CA LEU C 150 16.71 -63.24 42.14
C LEU C 150 17.85 -62.34 41.69
N GLU C 151 19.02 -62.59 42.25
CA GLU C 151 20.18 -61.73 42.04
C GLU C 151 20.55 -61.44 40.59
N PRO C 152 20.50 -62.45 39.70
CA PRO C 152 20.91 -62.07 38.34
C PRO C 152 20.11 -60.89 37.77
N THR C 153 18.89 -60.72 38.24
CA THR C 153 17.98 -59.72 37.67
C THR C 153 18.35 -58.28 37.98
N PHE C 154 18.94 -58.02 39.15
CA PHE C 154 19.05 -56.67 39.70
C PHE C 154 20.47 -56.19 39.96
N GLY C 155 20.63 -54.88 40.00
CA GLY C 155 21.89 -54.25 40.33
C GLY C 155 22.03 -54.07 41.83
N GLY C 156 20.90 -54.07 42.52
CA GLY C 156 20.87 -53.95 43.97
C GLY C 156 19.51 -54.30 44.55
N ILE C 157 19.44 -54.57 45.84
CA ILE C 157 18.16 -54.89 46.45
C ILE C 157 17.87 -53.89 47.54
N ASN C 158 16.71 -53.22 47.51
CA ASN C 158 16.26 -52.36 48.61
C ASN C 158 15.15 -53.05 49.41
N LEU C 159 15.49 -53.63 50.54
CA LEU C 159 14.47 -54.22 51.40
C LEU C 159 13.69 -53.10 52.05
N GLU C 160 12.39 -53.30 52.18
CA GLU C 160 11.52 -52.23 52.67
C GLU C 160 10.36 -52.75 53.46
N ASP C 161 10.11 -52.11 54.59
CA ASP C 161 8.92 -52.33 55.38
C ASP C 161 8.71 -53.78 55.82
N ILE C 162 9.73 -54.33 56.46
CA ILE C 162 9.64 -55.67 57.03
C ILE C 162 9.82 -55.56 58.54
N LYS C 163 8.93 -56.20 59.31
CA LYS C 163 8.94 -56.05 60.76
C LYS C 163 10.17 -56.65 61.42
N ALA C 164 10.47 -56.11 62.61
CA ALA C 164 11.49 -56.65 63.50
C ALA C 164 10.92 -57.81 64.32
N PRO C 165 11.79 -58.77 64.68
CA PRO C 165 13.21 -58.81 64.35
C PRO C 165 13.53 -59.57 63.07
N GLU C 166 12.53 -60.07 62.35
CA GLU C 166 12.81 -60.81 61.13
C GLU C 166 13.72 -60.02 60.18
N CYS C 167 13.51 -58.71 60.07
CA CYS C 167 14.29 -57.91 59.14
C CYS C 167 15.80 -57.98 59.42
N PHE C 168 16.18 -58.18 60.68
CA PHE C 168 17.60 -58.23 61.02
C PHE C 168 18.23 -59.49 60.44
N GLU C 169 17.58 -60.62 60.71
CA GLU C 169 18.05 -61.90 60.21
C GLU C 169 18.06 -61.82 58.69
N ILE C 170 16.99 -61.29 58.12
CA ILE C 170 16.86 -61.23 56.67
C ILE C 170 17.97 -60.41 56.04
N GLU C 171 18.20 -59.22 56.55
CA GLU C 171 19.24 -58.41 55.94
C GLU C 171 20.64 -59.01 56.15
N GLU C 172 21.00 -59.40 57.37
CA GLU C 172 22.36 -59.94 57.55
C GLU C 172 22.56 -61.13 56.63
N ARG C 173 21.56 -62.01 56.60
CA ARG C 173 21.65 -63.20 55.79
C ARG C 173 21.76 -62.90 54.29
N LEU C 174 20.91 -62.04 53.75
CA LEU C 174 20.98 -61.76 52.31
C LEU C 174 22.24 -60.98 51.93
N LYS C 175 22.75 -60.17 52.85
CA LYS C 175 23.99 -59.45 52.59
C LYS C 175 25.12 -60.46 52.44
N LYS C 176 25.12 -61.47 53.30
CA LYS C 176 26.15 -62.49 53.21
C LYS C 176 25.94 -63.34 51.94
N GLU C 177 24.72 -63.83 51.76
CA GLU C 177 24.41 -64.75 50.68
C GLU C 177 24.45 -64.15 49.29
N MET C 178 24.30 -62.83 49.16
CA MET C 178 24.15 -62.22 47.82
C MET C 178 25.33 -61.37 47.39
N ASN C 179 25.59 -61.34 46.08
CA ASN C 179 26.74 -60.60 45.58
C ASN C 179 26.41 -59.24 44.93
N ILE C 180 25.22 -58.69 45.23
CA ILE C 180 24.85 -57.33 44.86
C ILE C 180 24.42 -56.64 46.13
N PRO C 181 24.41 -55.30 46.16
CA PRO C 181 24.06 -54.63 47.41
C PRO C 181 22.69 -55.02 47.94
N VAL C 182 22.60 -55.25 49.25
CA VAL C 182 21.31 -55.45 49.91
C VAL C 182 21.28 -54.47 51.05
N PHE C 183 20.15 -53.76 51.17
CA PHE C 183 20.00 -52.56 52.02
C PHE C 183 18.56 -52.43 52.52
N HIS C 184 18.34 -52.61 53.82
CA HIS C 184 16.99 -52.40 54.35
C HIS C 184 16.84 -50.96 54.80
N ASP C 185 16.14 -50.15 54.01
CA ASP C 185 16.13 -48.70 54.22
C ASP C 185 15.57 -48.31 55.57
N ASP C 186 14.53 -49.01 56.03
CA ASP C 186 13.96 -48.76 57.35
C ASP C 186 14.96 -48.83 58.49
N GLN C 187 15.96 -49.71 58.36
CA GLN C 187 16.99 -49.86 59.37
C GLN C 187 18.00 -48.75 59.38
N HIS C 188 18.42 -48.32 58.20
CA HIS C 188 19.60 -47.46 58.07
C HIS C 188 19.34 -45.99 57.70
N GLY C 189 18.20 -45.68 57.10
CA GLY C 189 17.89 -44.32 56.69
C GLY C 189 17.95 -43.29 57.81
N THR C 190 17.10 -43.48 58.80
CA THR C 190 16.99 -42.58 59.95
C THR C 190 18.35 -42.39 60.59
N ALA C 191 19.06 -43.49 60.66
CA ALA C 191 20.38 -43.52 61.22
C ALA C 191 21.36 -42.61 60.48
N ILE C 192 21.43 -42.74 59.16
CA ILE C 192 22.32 -41.93 58.31
C ILE C 192 22.00 -40.42 58.32
N VAL C 193 20.73 -40.10 58.09
CA VAL C 193 20.35 -38.69 58.07
C VAL C 193 20.52 -38.06 59.46
N SER C 194 20.00 -38.71 60.50
CA SER C 194 20.11 -38.12 61.83
C SER C 194 21.57 -38.08 62.25
N GLY C 195 22.38 -39.00 61.75
CA GLY C 195 23.81 -38.97 61.97
C GLY C 195 24.47 -37.69 61.47
N ALA C 196 24.18 -37.32 60.23
CA ALA C 196 24.66 -36.04 59.70
C ALA C 196 24.20 -34.86 60.58
N ALA C 197 22.89 -34.87 60.88
CA ALA C 197 22.30 -33.84 61.73
C ALA C 197 23.06 -33.70 63.06
N LEU C 198 23.47 -34.84 63.63
CA LEU C 198 24.16 -34.90 64.90
C LEU C 198 25.57 -34.35 64.80
N LEU C 199 26.28 -34.69 63.73
CA LEU C 199 27.61 -34.12 63.50
C LEU C 199 27.56 -32.60 63.55
N ASN C 200 26.67 -32.05 62.74
CA ASN C 200 26.58 -30.61 62.65
C ASN C 200 26.14 -29.98 63.96
N ALA C 201 25.18 -30.62 64.63
CA ALA C 201 24.68 -30.14 65.92
C ALA C 201 25.80 -30.08 66.96
N CYS C 202 26.69 -31.06 66.91
CA CYS C 202 27.81 -31.07 67.83
C CYS C 202 28.81 -29.99 67.47
N SER C 203 29.03 -29.80 66.18
CA SER C 203 29.93 -28.73 65.76
C SER C 203 29.44 -27.35 66.23
N ILE C 204 28.14 -27.09 66.06
CA ILE C 204 27.51 -25.85 66.51
C ILE C 204 27.65 -25.66 68.01
N THR C 205 27.47 -26.74 68.76
CA THR C 205 27.49 -26.69 70.21
C THR C 205 28.87 -27.03 70.80
N ASN C 206 29.88 -27.05 69.94
CA ASN C 206 31.26 -27.27 70.36
C ASN C 206 31.42 -28.54 71.19
N ARG C 207 30.80 -29.63 70.75
CA ARG C 207 31.01 -30.94 71.35
C ARG C 207 31.87 -31.86 70.51
N LYS C 208 32.56 -32.77 71.18
CA LYS C 208 33.24 -33.87 70.52
C LYS C 208 32.54 -35.20 70.78
N MET C 209 32.55 -36.07 69.77
CA MET C 209 31.75 -37.30 69.77
C MET C 209 32.07 -38.25 70.92
N GLU C 210 33.33 -38.37 71.27
CA GLU C 210 33.73 -39.32 72.30
C GLU C 210 33.16 -38.95 73.66
N THR C 211 32.81 -37.69 73.82
CA THR C 211 32.32 -37.24 75.11
C THR C 211 30.79 -37.08 75.08
N VAL C 212 30.18 -37.31 73.93
CA VAL C 212 28.74 -37.12 73.84
C VAL C 212 27.93 -38.30 74.38
N ARG C 213 27.01 -38.01 75.29
CA ARG C 213 26.07 -39.01 75.83
C ARG C 213 24.72 -39.02 75.08
N ILE C 214 24.38 -40.14 74.47
CA ILE C 214 23.18 -40.28 73.64
C ILE C 214 22.20 -41.29 74.21
N VAL C 215 20.90 -41.01 74.13
CA VAL C 215 19.88 -41.97 74.53
C VAL C 215 18.88 -42.16 73.39
N VAL C 216 18.62 -43.39 72.96
CA VAL C 216 17.64 -43.61 71.90
C VAL C 216 16.39 -44.26 72.51
N ASN C 217 15.23 -43.74 72.16
CA ASN C 217 13.98 -44.25 72.71
C ASN C 217 13.07 -44.93 71.69
N GLY C 218 13.05 -46.25 71.74
CA GLY C 218 12.32 -47.07 70.77
C GLY C 218 13.22 -48.17 70.25
N ALA C 219 12.66 -49.36 70.05
CA ALA C 219 13.49 -50.49 69.66
C ALA C 219 13.02 -51.10 68.37
N GLY C 220 12.53 -50.24 67.48
CA GLY C 220 12.16 -50.65 66.13
C GLY C 220 13.39 -50.94 65.27
N ALA C 221 13.21 -50.94 63.96
CA ALA C 221 14.30 -51.28 63.06
C ALA C 221 15.39 -50.21 63.00
N SER C 222 15.06 -48.97 63.34
CA SER C 222 15.99 -47.85 63.13
C SER C 222 17.04 -47.68 64.23
N ALA C 223 16.74 -48.24 65.41
CA ALA C 223 17.50 -47.92 66.60
C ALA C 223 18.92 -48.50 66.59
N ASN C 224 19.03 -49.80 66.34
CA ASN C 224 20.34 -50.41 66.35
C ASN C 224 21.32 -49.70 65.41
N SER C 225 20.84 -49.35 64.23
CA SER C 225 21.74 -48.72 63.26
C SER C 225 22.10 -47.28 63.66
N CYS C 226 21.18 -46.60 64.34
CA CYS C 226 21.52 -45.30 64.93
C CYS C 226 22.73 -45.41 65.85
N ALA C 227 22.65 -46.36 66.78
CA ALA C 227 23.77 -46.54 67.71
C ALA C 227 25.04 -46.91 66.95
N LYS C 228 24.90 -47.82 65.99
CA LYS C 228 26.07 -48.28 65.26
C LYS C 228 26.80 -47.17 64.52
N ILE C 229 26.10 -46.45 63.64
CA ILE C 229 26.82 -45.40 62.92
C ILE C 229 27.17 -44.24 63.82
N PHE C 230 26.41 -44.00 64.89
CA PHE C 230 26.83 -42.96 65.84
C PHE C 230 28.20 -43.34 66.42
N ILE C 231 28.41 -44.62 66.73
CA ILE C 231 29.72 -45.03 67.23
C ILE C 231 30.78 -44.86 66.13
N ALA C 232 30.39 -45.22 64.90
CA ALA C 232 31.27 -45.08 63.74
C ALA C 232 31.72 -43.62 63.54
N LEU C 233 30.87 -42.68 63.91
CA LEU C 233 31.18 -41.27 63.76
C LEU C 233 32.06 -40.78 64.89
N GLY C 234 32.28 -41.62 65.89
CA GLY C 234 33.21 -41.26 66.95
C GLY C 234 32.62 -41.29 68.35
N ALA C 235 31.33 -41.54 68.46
CA ALA C 235 30.74 -41.70 69.77
C ALA C 235 31.29 -42.96 70.44
N ARG C 236 31.29 -43.00 71.76
CA ARG C 236 31.77 -44.17 72.49
C ARG C 236 30.59 -45.00 72.97
N ARG C 237 30.74 -46.33 72.90
CA ARG C 237 29.66 -47.24 73.18
C ARG C 237 29.15 -47.04 74.61
N GLU C 238 30.08 -46.86 75.55
CA GLU C 238 29.75 -46.70 76.96
C GLU C 238 28.85 -45.49 77.17
N ASN C 239 28.90 -44.56 76.22
CA ASN C 239 28.07 -43.35 76.26
C ASN C 239 26.69 -43.46 75.63
N ILE C 240 26.33 -44.62 75.09
CA ILE C 240 25.03 -44.74 74.42
C ILE C 240 24.11 -45.73 75.11
N ILE C 241 22.88 -45.29 75.40
CA ILE C 241 21.90 -46.11 76.12
C ILE C 241 20.64 -46.32 75.26
N MET C 242 20.20 -47.57 75.11
CA MET C 242 19.04 -47.91 74.30
C MET C 242 17.82 -48.21 75.19
N CYS C 243 16.62 -47.78 74.80
CA CYS C 243 15.41 -48.07 75.58
C CYS C 243 14.27 -48.64 74.76
N ASP C 244 13.40 -49.39 75.40
CA ASP C 244 12.18 -49.80 74.72
C ASP C 244 10.95 -49.54 75.60
N SER C 245 9.89 -50.28 75.32
CA SER C 245 8.60 -50.16 75.99
C SER C 245 8.79 -50.39 77.47
N GLN C 246 9.75 -51.26 77.74
CA GLN C 246 10.04 -51.76 79.07
C GLN C 246 11.06 -50.96 79.91
N GLY C 247 11.67 -49.93 79.33
CA GLY C 247 12.67 -49.13 80.02
C GLY C 247 14.05 -49.30 79.41
N VAL C 248 15.11 -49.07 80.18
CA VAL C 248 16.49 -49.24 79.69
C VAL C 248 16.86 -50.66 79.28
N ILE C 249 17.60 -50.80 78.19
CA ILE C 249 18.19 -52.07 77.78
C ILE C 249 19.59 -52.18 78.38
N TYR C 250 19.65 -52.80 79.55
CA TYR C 250 20.90 -53.01 80.25
C TYR C 250 21.41 -54.41 79.94
N LYS C 251 22.71 -54.62 80.08
CA LYS C 251 23.26 -55.95 79.90
C LYS C 251 22.77 -56.94 80.96
N GLY C 252 22.28 -58.08 80.50
CA GLY C 252 21.88 -59.15 81.41
C GLY C 252 20.39 -59.20 81.62
N ARG C 253 19.72 -58.34 80.88
CA ARG C 253 18.28 -58.21 80.97
C ARG C 253 17.49 -59.37 80.33
N THR C 254 16.30 -59.65 80.86
CA THR C 254 15.54 -60.84 80.45
C THR C 254 14.21 -60.52 79.76
N ALA C 255 13.52 -59.51 80.29
CA ALA C 255 12.16 -59.17 79.84
C ALA C 255 12.09 -58.66 78.39
N GLY C 256 11.64 -59.52 77.48
CA GLY C 256 11.35 -59.07 76.13
C GLY C 256 12.57 -58.75 75.31
N MET C 257 13.58 -59.62 75.36
CA MET C 257 14.82 -59.39 74.63
C MET C 257 14.94 -60.30 73.43
N ASN C 258 15.91 -60.02 72.56
CA ASN C 258 16.28 -60.98 71.53
C ASN C 258 17.71 -60.74 71.15
N LYS C 259 18.20 -61.56 70.22
CA LYS C 259 19.57 -61.54 69.76
C LYS C 259 20.00 -60.11 69.49
N TYR C 260 19.06 -59.35 68.92
CA TYR C 260 19.31 -58.07 68.28
C TYR C 260 19.14 -56.89 69.23
N LYS C 261 18.33 -57.03 70.26
CA LYS C 261 18.25 -55.97 71.25
C LYS C 261 19.45 -56.00 72.20
N GLU C 262 20.23 -57.08 72.15
CA GLU C 262 21.37 -57.25 73.06
C GLU C 262 22.58 -56.53 72.51
N TYR C 263 22.55 -56.27 71.20
CA TYR C 263 23.64 -55.65 70.45
C TYR C 263 24.23 -54.40 71.09
N PHE C 264 23.40 -53.65 71.79
CA PHE C 264 23.82 -52.36 72.37
C PHE C 264 23.35 -52.16 73.82
N ALA C 265 23.20 -53.26 74.54
CA ALA C 265 22.86 -53.18 75.95
C ALA C 265 23.94 -52.44 76.73
N SER C 266 23.53 -51.53 77.60
CA SER C 266 24.49 -50.69 78.32
C SER C 266 24.79 -51.27 79.69
N GLU C 267 25.97 -50.99 80.22
CA GLU C 267 26.30 -51.45 81.55
C GLU C 267 25.98 -50.33 82.53
N THR C 268 25.05 -49.45 82.14
CA THR C 268 24.65 -48.32 82.98
C THR C 268 23.85 -48.77 84.19
N GLU C 269 23.94 -48.03 85.28
CA GLU C 269 23.18 -48.40 86.46
C GLU C 269 21.76 -47.86 86.37
N ALA C 270 21.58 -46.90 85.48
CA ALA C 270 20.27 -46.34 85.19
C ALA C 270 19.37 -47.40 84.55
N ARG C 271 18.09 -47.39 84.92
CA ARG C 271 17.15 -48.41 84.46
C ARG C 271 15.93 -47.81 83.77
N THR C 272 15.54 -46.60 84.18
CA THR C 272 14.44 -45.89 83.51
C THR C 272 14.89 -44.89 82.43
N LEU C 273 13.93 -44.46 81.61
CA LEU C 273 14.16 -43.46 80.56
C LEU C 273 14.53 -42.11 81.17
N THR C 274 13.78 -41.70 82.19
CA THR C 274 14.04 -40.43 82.83
C THR C 274 15.44 -40.43 83.50
N GLU C 275 15.90 -41.60 83.94
CA GLU C 275 17.24 -41.72 84.52
C GLU C 275 18.36 -41.74 83.48
N ALA C 276 18.10 -42.33 82.33
CA ALA C 276 19.07 -42.34 81.23
C ALA C 276 19.30 -40.92 80.69
N LEU C 277 18.24 -40.10 80.72
CA LEU C 277 18.29 -38.72 80.22
C LEU C 277 18.90 -37.68 81.17
N ARG C 278 19.64 -38.14 82.18
CA ARG C 278 20.21 -37.21 83.15
C ARG C 278 21.57 -36.75 82.69
N GLY C 279 21.70 -35.44 82.51
CA GLY C 279 22.91 -34.87 81.96
C GLY C 279 23.16 -35.39 80.56
N ALA C 280 22.14 -35.96 79.93
CA ALA C 280 22.33 -36.59 78.63
C ALA C 280 22.38 -35.50 77.58
N ASP C 281 23.19 -35.71 76.55
CA ASP C 281 23.38 -34.69 75.53
C ASP C 281 22.31 -34.79 74.44
N VAL C 282 22.04 -36.00 73.99
CA VAL C 282 21.24 -36.19 72.80
C VAL C 282 20.09 -37.16 73.05
N PHE C 283 18.91 -36.82 72.56
CA PHE C 283 17.77 -37.71 72.62
C PHE C 283 17.35 -38.16 71.23
N VAL C 284 17.47 -39.44 70.92
CA VAL C 284 17.01 -39.91 69.61
C VAL C 284 15.67 -40.62 69.77
N GLY C 285 14.58 -39.93 69.46
CA GLY C 285 13.26 -40.44 69.71
C GLY C 285 12.64 -41.23 68.58
N LEU C 286 12.48 -42.54 68.79
CA LEU C 286 11.91 -43.40 67.78
C LEU C 286 10.67 -44.09 68.34
N SER C 287 9.81 -43.33 69.01
CA SER C 287 8.75 -43.91 69.83
C SER C 287 7.35 -43.30 69.57
N VAL C 288 6.80 -42.61 70.58
CA VAL C 288 5.39 -42.22 70.55
C VAL C 288 5.24 -40.73 70.90
N ALA C 289 4.20 -40.08 70.38
CA ALA C 289 3.99 -38.67 70.66
C ALA C 289 3.83 -38.45 72.16
N GLY C 290 4.55 -37.45 72.68
CA GLY C 290 4.47 -37.14 74.09
C GLY C 290 5.41 -37.97 74.95
N ALA C 291 6.10 -38.92 74.34
CA ALA C 291 7.00 -39.83 75.08
C ALA C 291 8.09 -39.07 75.84
N LEU C 292 8.46 -37.93 75.29
CA LEU C 292 9.46 -37.05 75.88
C LEU C 292 8.71 -36.03 76.65
N THR C 293 8.97 -35.97 77.96
CA THR C 293 8.19 -35.08 78.82
C THR C 293 9.08 -33.91 79.26
N PRO C 294 8.45 -32.77 79.60
CA PRO C 294 9.19 -31.59 80.04
C PRO C 294 10.15 -31.84 81.19
N GLU C 295 9.80 -32.77 82.07
CA GLU C 295 10.57 -33.15 83.24
C GLU C 295 11.92 -33.75 82.83
N MET C 296 11.85 -34.61 81.83
CA MET C 296 13.02 -35.28 81.24
C MET C 296 13.92 -34.28 80.55
N LEU C 297 13.26 -33.32 79.91
CA LEU C 297 13.90 -32.30 79.13
C LEU C 297 14.66 -31.30 80.00
N LYS C 298 14.08 -30.97 81.15
CA LYS C 298 14.69 -29.98 82.03
C LYS C 298 16.09 -30.35 82.51
N ASP C 299 16.33 -31.64 82.70
CA ASP C 299 17.62 -32.09 83.22
C ASP C 299 18.56 -32.65 82.16
N MET C 300 18.27 -32.38 80.89
CA MET C 300 19.26 -32.70 79.86
C MET C 300 20.39 -31.67 79.95
N ALA C 301 21.52 -31.97 79.29
CA ALA C 301 22.68 -31.07 79.28
C ALA C 301 22.39 -29.74 78.55
N LYS C 302 23.32 -28.80 78.67
CA LYS C 302 23.19 -27.52 77.97
C LYS C 302 23.16 -27.77 76.48
N ASP C 303 22.31 -27.02 75.79
CA ASP C 303 22.08 -27.17 74.37
C ASP C 303 21.70 -28.62 74.08
N PRO C 304 20.61 -29.11 74.70
CA PRO C 304 20.26 -30.52 74.48
C PRO C 304 19.77 -30.71 73.05
N ILE C 305 20.15 -31.82 72.44
CA ILE C 305 19.78 -32.09 71.07
C ILE C 305 18.68 -33.13 71.00
N ILE C 306 17.52 -32.72 70.47
CA ILE C 306 16.35 -33.59 70.45
C ILE C 306 15.98 -33.98 69.04
N PHE C 307 16.06 -35.27 68.79
CA PHE C 307 15.59 -35.82 67.54
C PHE C 307 14.27 -36.51 67.81
N ALA C 308 13.16 -35.81 67.58
CA ALA C 308 11.86 -36.41 67.83
C ALA C 308 11.25 -36.90 66.52
N MET C 309 11.54 -38.14 66.17
CA MET C 309 11.18 -38.67 64.86
C MET C 309 10.05 -39.67 64.87
N ALA C 310 9.29 -39.69 65.96
CA ALA C 310 8.17 -40.59 66.05
C ALA C 310 7.11 -40.21 65.01
N ASN C 311 6.43 -41.23 64.53
CA ASN C 311 5.33 -41.12 63.60
C ASN C 311 4.07 -41.67 64.21
N PRO C 312 2.92 -41.04 63.93
CA PRO C 312 2.72 -39.87 63.07
C PRO C 312 3.09 -38.53 63.73
N GLU C 313 3.05 -38.44 65.06
CA GLU C 313 3.34 -37.19 65.77
C GLU C 313 4.63 -37.32 66.59
N PRO C 314 5.46 -36.25 66.59
CA PRO C 314 6.76 -36.31 67.28
C PRO C 314 6.64 -36.35 68.80
N GLU C 315 7.71 -36.77 69.47
CA GLU C 315 7.74 -36.89 70.92
C GLU C 315 7.43 -35.56 71.60
N ILE C 316 7.79 -34.48 70.92
CA ILE C 316 7.48 -33.13 71.37
C ILE C 316 7.59 -32.23 70.13
N THR C 317 6.76 -31.18 70.06
CA THR C 317 6.85 -30.23 68.96
C THR C 317 8.03 -29.29 69.24
N PRO C 318 8.66 -28.71 68.20
CA PRO C 318 9.80 -27.82 68.46
C PRO C 318 9.50 -26.62 69.35
N ASP C 319 8.34 -25.98 69.18
CA ASP C 319 7.95 -24.85 70.03
C ASP C 319 7.81 -25.22 71.50
N LYS C 320 7.25 -26.41 71.78
CA LYS C 320 7.10 -26.83 73.17
C LYS C 320 8.47 -27.14 73.73
N ALA C 321 9.33 -27.73 72.91
CA ALA C 321 10.69 -28.04 73.33
C ALA C 321 11.50 -26.79 73.70
N ARG C 322 11.39 -25.74 72.88
CA ARG C 322 12.10 -24.50 73.19
C ARG C 322 11.41 -23.73 74.30
N ALA C 323 10.11 -23.96 74.45
CA ALA C 323 9.35 -23.37 75.54
C ALA C 323 9.92 -23.88 76.84
N ALA C 324 10.13 -25.20 76.88
CA ALA C 324 10.77 -25.82 78.02
C ALA C 324 12.24 -25.39 78.12
N ARG C 325 12.98 -25.55 77.03
CA ARG C 325 14.39 -25.15 77.04
C ARG C 325 14.82 -24.44 75.77
N PRO C 326 15.00 -23.11 75.88
CA PRO C 326 15.32 -22.23 74.76
C PRO C 326 16.61 -22.59 74.02
N ASP C 327 17.56 -23.20 74.71
CA ASP C 327 18.85 -23.50 74.07
C ASP C 327 18.80 -24.86 73.34
N ALA C 328 17.60 -25.42 73.21
CA ALA C 328 17.44 -26.75 72.61
C ALA C 328 17.55 -26.73 71.11
N ILE C 329 18.04 -27.83 70.55
CA ILE C 329 18.13 -28.05 69.12
C ILE C 329 17.21 -29.22 68.75
N ILE C 330 16.38 -29.04 67.72
CA ILE C 330 15.29 -29.97 67.52
C ILE C 330 15.25 -30.41 66.08
N ALA C 331 15.00 -31.69 65.86
CA ALA C 331 14.72 -32.23 64.53
C ALA C 331 13.59 -33.26 64.62
N THR C 332 12.75 -33.30 63.61
CA THR C 332 11.59 -34.18 63.58
C THR C 332 11.57 -34.87 62.26
N GLY C 333 10.58 -35.75 62.10
CA GLY C 333 10.30 -36.32 60.79
C GLY C 333 9.24 -35.57 59.99
N ARG C 334 8.76 -34.45 60.51
CA ARG C 334 7.66 -33.72 59.85
C ARG C 334 8.17 -32.50 59.06
N SER C 335 7.52 -32.21 57.93
CA SER C 335 7.98 -31.12 57.04
C SER C 335 7.67 -29.70 57.49
N ASP C 336 6.78 -29.55 58.46
CA ASP C 336 6.41 -28.25 59.00
C ASP C 336 7.53 -27.58 59.80
N TYR C 337 8.42 -28.38 60.37
CA TYR C 337 9.41 -27.82 61.26
C TYR C 337 10.78 -27.96 60.60
N PRO C 338 11.74 -27.09 60.98
CA PRO C 338 13.09 -27.17 60.43
C PRO C 338 13.72 -28.53 60.64
N ASN C 339 14.83 -28.79 59.95
CA ASN C 339 15.55 -30.05 60.14
C ASN C 339 14.73 -31.33 59.97
N GLN C 340 13.87 -31.36 58.96
CA GLN C 340 13.15 -32.59 58.72
C GLN C 340 14.14 -33.67 58.32
N VAL C 341 14.08 -34.79 59.05
CA VAL C 341 14.80 -36.00 58.69
C VAL C 341 13.87 -36.91 57.90
N ASN C 342 14.25 -37.21 56.66
CA ASN C 342 13.44 -38.05 55.78
C ASN C 342 14.37 -38.99 55.05
N ASN C 343 13.98 -40.25 54.95
CA ASN C 343 14.90 -41.20 54.39
C ASN C 343 15.28 -40.90 52.95
N VAL C 344 14.50 -40.07 52.28
CA VAL C 344 14.73 -39.81 50.86
C VAL C 344 16.09 -39.09 50.69
N LEU C 345 16.68 -38.62 51.78
CA LEU C 345 18.00 -38.01 51.67
C LEU C 345 19.08 -39.04 51.44
N GLY C 346 18.79 -40.30 51.81
CA GLY C 346 19.77 -41.37 51.82
C GLY C 346 19.72 -42.35 50.65
N PHE C 347 18.70 -43.21 50.62
CA PHE C 347 18.74 -44.31 49.65
C PHE C 347 18.95 -43.88 48.19
N PRO C 348 18.40 -42.73 47.75
CA PRO C 348 18.67 -42.52 46.32
C PRO C 348 20.15 -42.32 45.97
N SER C 349 20.85 -41.47 46.68
CA SER C 349 22.22 -41.21 46.32
C SER C 349 23.07 -42.44 46.61
N ILE C 350 22.77 -43.12 47.71
CA ILE C 350 23.54 -44.30 48.12
C ILE C 350 23.47 -45.40 47.07
N PHE C 351 22.26 -45.78 46.68
CA PHE C 351 22.12 -46.76 45.62
C PHE C 351 22.71 -46.23 44.32
N ARG C 352 22.59 -44.93 44.06
CA ARG C 352 23.15 -44.34 42.84
C ARG C 352 24.65 -44.64 42.77
N GLY C 353 25.35 -44.35 43.85
CA GLY C 353 26.77 -44.57 43.92
C GLY C 353 27.09 -46.04 43.76
N ALA C 354 26.32 -46.89 44.41
CA ALA C 354 26.60 -48.32 44.33
C ALA C 354 26.47 -48.81 42.90
N LEU C 355 25.36 -48.51 42.27
CA LEU C 355 25.14 -48.98 40.91
C LEU C 355 26.15 -48.43 39.93
N ASP C 356 26.54 -47.17 40.11
CA ASP C 356 27.45 -46.62 39.14
C ASP C 356 28.84 -47.21 39.26
N THR C 357 29.17 -47.75 40.42
CA THR C 357 30.45 -48.44 40.58
C THR C 357 30.32 -49.93 40.38
N ARG C 358 29.11 -50.37 40.03
CA ARG C 358 28.81 -51.80 39.89
C ARG C 358 29.28 -52.54 41.14
N SER C 359 29.00 -51.95 42.30
CA SER C 359 29.46 -52.51 43.56
C SER C 359 28.74 -53.80 43.92
N THR C 360 29.44 -54.62 44.69
CA THR C 360 28.90 -55.90 45.12
C THR C 360 28.16 -55.78 46.44
N GLN C 361 28.47 -54.73 47.21
CA GLN C 361 27.66 -54.42 48.39
C GLN C 361 27.55 -52.91 48.72
N ILE C 362 26.71 -52.60 49.70
CA ILE C 362 26.65 -51.27 50.28
C ILE C 362 27.12 -51.38 51.73
N ASN C 363 28.40 -51.09 51.94
CA ASN C 363 28.98 -51.26 53.25
C ASN C 363 28.90 -50.03 54.17
N GLU C 364 29.45 -50.16 55.37
CA GLU C 364 29.39 -49.10 56.36
C GLU C 364 30.22 -47.95 55.86
N GLU C 365 31.29 -48.25 55.13
CA GLU C 365 32.15 -47.19 54.62
C GLU C 365 31.33 -46.33 53.67
N MET C 366 30.45 -46.97 52.89
CA MET C 366 29.55 -46.27 51.97
C MET C 366 28.49 -45.42 52.72
N LYS C 367 27.84 -46.02 53.72
CA LYS C 367 26.89 -45.32 54.57
C LYS C 367 27.51 -44.09 55.22
N LEU C 368 28.73 -44.25 55.70
CA LEU C 368 29.46 -43.14 56.32
C LEU C 368 29.76 -42.05 55.30
N ALA C 369 30.13 -42.44 54.08
CA ALA C 369 30.32 -41.47 53.01
C ALA C 369 29.09 -40.59 52.90
N ALA C 370 27.93 -41.25 52.86
CA ALA C 370 26.66 -40.54 52.78
C ALA C 370 26.51 -39.58 53.96
N VAL C 371 26.70 -40.03 55.19
CA VAL C 371 26.53 -39.13 56.32
C VAL C 371 27.38 -37.87 56.17
N HIS C 372 28.68 -38.07 55.99
CA HIS C 372 29.58 -36.93 55.94
C HIS C 372 29.24 -35.97 54.80
N ALA C 373 28.88 -36.51 53.65
CA ALA C 373 28.51 -35.68 52.51
C ALA C 373 27.26 -34.84 52.79
N LEU C 374 26.21 -35.47 53.33
CA LEU C 374 25.03 -34.69 53.68
C LEU C 374 25.39 -33.54 54.63
N ALA C 375 26.11 -33.85 55.70
CA ALA C 375 26.47 -32.79 56.64
C ALA C 375 27.28 -31.66 55.96
N LYS C 376 28.20 -32.04 55.08
CA LYS C 376 29.09 -31.07 54.44
C LYS C 376 28.28 -30.14 53.54
N LEU C 377 27.29 -30.71 52.86
CA LEU C 377 26.42 -29.91 52.02
C LEU C 377 25.68 -28.89 52.85
N ALA C 378 25.14 -29.33 53.99
CA ALA C 378 24.43 -28.37 54.85
C ALA C 378 25.34 -27.24 55.37
N ARG C 379 26.63 -27.46 55.54
CA ARG C 379 27.43 -26.35 56.06
C ARG C 379 27.91 -25.41 54.97
N GLU C 380 27.47 -25.59 53.74
CA GLU C 380 27.84 -24.60 52.71
C GLU C 380 26.72 -23.54 52.54
N ASP C 381 27.03 -22.46 51.81
CA ASP C 381 26.08 -21.40 51.42
C ASP C 381 24.62 -21.85 51.25
N SER C 394 19.54 -17.26 51.16
CA SER C 394 18.90 -18.57 51.23
C SER C 394 19.13 -19.27 52.60
N PHE C 395 19.08 -20.60 52.65
CA PHE C 395 19.24 -21.35 53.92
C PHE C 395 20.62 -21.29 54.53
N LYS C 396 20.70 -20.66 55.70
CA LYS C 396 21.98 -20.53 56.38
C LYS C 396 22.07 -21.50 57.55
N PHE C 397 23.23 -22.16 57.60
CA PHE C 397 23.56 -23.21 58.54
C PHE C 397 23.41 -22.73 59.97
N GLY C 398 22.74 -23.56 60.77
CA GLY C 398 22.45 -23.24 62.14
C GLY C 398 21.60 -24.29 62.83
N ARG C 399 20.98 -23.86 63.93
CA ARG C 399 20.19 -24.73 64.79
C ARG C 399 18.88 -25.14 64.13
N ASP C 400 18.48 -24.39 63.11
CA ASP C 400 17.25 -24.67 62.38
C ASP C 400 17.57 -25.18 60.98
N TYR C 401 18.85 -25.39 60.71
CA TYR C 401 19.28 -25.96 59.44
C TYR C 401 20.53 -26.79 59.68
N LEU C 402 20.32 -28.06 60.03
CA LEU C 402 21.42 -29.00 60.33
C LEU C 402 21.73 -29.96 59.19
N ILE C 403 20.75 -30.09 58.29
CA ILE C 403 20.87 -30.99 57.16
C ILE C 403 20.22 -30.35 55.95
N PRO C 404 20.48 -30.91 54.76
CA PRO C 404 19.74 -30.42 53.59
C PRO C 404 18.23 -30.64 53.73
N LYS C 405 17.43 -29.85 53.01
CA LYS C 405 16.01 -30.14 52.97
C LYS C 405 15.82 -31.41 52.15
N PRO C 406 14.77 -32.18 52.43
CA PRO C 406 14.63 -33.43 51.68
C PRO C 406 14.62 -33.21 50.18
N PHE C 407 14.07 -32.10 49.73
CA PHE C 407 13.96 -31.89 48.29
C PHE C 407 15.10 -31.05 47.73
N ASP C 408 16.23 -30.98 48.43
CA ASP C 408 17.37 -30.25 47.92
C ASP C 408 17.95 -31.01 46.74
N THR C 409 17.96 -30.40 45.56
CA THR C 409 18.41 -31.09 44.34
C THR C 409 19.91 -31.27 44.25
N ARG C 410 20.64 -30.63 45.16
CA ARG C 410 22.09 -30.77 45.15
C ARG C 410 22.53 -32.09 45.80
N VAL C 411 21.65 -32.71 46.59
CA VAL C 411 22.01 -33.86 47.41
C VAL C 411 22.61 -35.01 46.61
N LEU C 412 22.05 -35.32 45.45
CA LEU C 412 22.56 -36.41 44.64
C LEU C 412 23.98 -36.07 44.17
N LEU C 413 24.17 -34.83 43.73
CA LEU C 413 25.44 -34.36 43.19
C LEU C 413 26.54 -34.47 44.20
N TRP C 414 26.17 -34.25 45.45
CA TRP C 414 27.10 -34.25 46.58
C TRP C 414 27.35 -35.62 47.23
N VAL C 415 26.30 -36.39 47.36
CA VAL C 415 26.39 -37.62 48.10
C VAL C 415 26.79 -38.81 47.22
N ALA C 416 26.16 -38.94 46.06
CA ALA C 416 26.41 -40.11 45.22
C ALA C 416 27.90 -40.27 44.85
N PRO C 417 28.59 -39.19 44.48
CA PRO C 417 30.01 -39.42 44.18
C PRO C 417 30.85 -39.86 45.38
N GLU C 418 30.50 -39.42 46.59
CA GLU C 418 31.25 -39.80 47.78
C GLU C 418 31.02 -41.27 48.13
N VAL C 419 29.79 -41.73 47.88
CA VAL C 419 29.43 -43.13 48.05
C VAL C 419 30.21 -43.96 47.05
N ALA C 420 30.23 -43.53 45.80
CA ALA C 420 31.03 -44.18 44.77
C ALA C 420 32.50 -44.24 45.17
N LYS C 421 33.03 -43.11 45.64
CA LYS C 421 34.42 -43.07 46.08
C LYS C 421 34.65 -44.11 47.15
N ALA C 422 33.79 -44.13 48.16
CA ALA C 422 33.92 -45.05 49.27
C ALA C 422 33.82 -46.51 48.83
N ALA C 423 32.98 -46.77 47.84
CA ALA C 423 32.84 -48.10 47.30
C ALA C 423 34.14 -48.52 46.68
N MET C 424 34.77 -47.60 45.94
CA MET C 424 36.04 -47.90 45.31
C MET C 424 37.20 -48.12 46.31
N LYS C 425 37.30 -47.23 47.30
CA LYS C 425 38.33 -47.30 48.31
C LYS C 425 38.17 -48.56 49.12
N SER C 426 36.94 -48.98 49.35
CA SER C 426 36.71 -50.19 50.14
C SER C 426 36.81 -51.48 49.32
N GLY C 427 37.02 -51.36 48.01
CA GLY C 427 37.25 -52.53 47.18
C GLY C 427 36.04 -53.35 46.72
N VAL C 428 34.85 -52.90 47.07
CA VAL C 428 33.62 -53.58 46.69
C VAL C 428 33.11 -53.13 45.32
N ALA C 429 33.68 -52.05 44.81
CA ALA C 429 33.31 -51.59 43.48
C ALA C 429 33.93 -52.52 42.47
N THR C 430 33.28 -52.74 41.34
CA THR C 430 33.86 -53.60 40.30
C THR C 430 34.05 -52.79 39.02
N ARG C 431 33.64 -51.54 39.05
CA ARG C 431 33.87 -50.63 37.93
C ARG C 431 34.26 -49.29 38.46
N ALA C 432 35.48 -48.88 38.17
CA ALA C 432 36.01 -47.67 38.73
C ALA C 432 35.48 -46.44 37.97
N ILE C 433 35.18 -45.38 38.70
CA ILE C 433 34.82 -44.12 38.08
C ILE C 433 36.07 -43.28 37.98
N GLU C 434 36.36 -42.79 36.77
CA GLU C 434 37.61 -42.10 36.53
C GLU C 434 37.43 -40.58 36.40
N ASP C 435 36.58 -40.16 35.48
CA ASP C 435 36.29 -38.74 35.30
C ASP C 435 35.18 -38.27 36.25
N TRP C 436 35.53 -37.59 37.32
CA TRP C 436 34.49 -37.18 38.27
C TRP C 436 33.65 -36.02 37.77
N ASP C 437 34.19 -35.14 36.95
CA ASP C 437 33.39 -34.03 36.42
C ASP C 437 32.30 -34.60 35.51
N GLN C 438 32.70 -35.57 34.71
CA GLN C 438 31.80 -36.24 33.81
C GLN C 438 30.70 -36.97 34.58
N TYR C 439 31.06 -37.49 35.74
CA TYR C 439 30.11 -38.17 36.61
C TYR C 439 29.11 -37.21 37.22
N ARG C 440 29.60 -36.09 37.75
CA ARG C 440 28.74 -35.07 38.32
C ARG C 440 27.80 -34.48 37.27
N GLU C 441 28.30 -34.32 36.07
CA GLU C 441 27.43 -33.93 34.98
C GLU C 441 26.35 -34.97 34.80
N SER C 442 26.76 -36.22 34.66
CA SER C 442 25.77 -37.26 34.46
C SER C 442 24.70 -37.27 35.56
N LEU C 443 25.09 -36.96 36.78
CA LEU C 443 24.13 -36.87 37.87
C LEU C 443 23.18 -35.67 37.71
N GLU C 444 23.73 -34.51 37.33
CA GLU C 444 22.90 -33.33 37.01
C GLU C 444 21.81 -33.65 35.99
N ALA C 445 22.16 -34.44 34.98
CA ALA C 445 21.20 -34.85 33.95
C ALA C 445 19.95 -35.60 34.49
N LEU C 446 20.09 -36.27 35.63
CA LEU C 446 19.01 -37.11 36.20
C LEU C 446 17.87 -36.38 36.93
N GLN C 447 18.05 -35.10 37.23
CA GLN C 447 17.02 -34.33 37.91
C GLN C 447 16.71 -33.07 37.14
N GLY C 448 16.22 -33.21 35.91
CA GLY C 448 15.93 -32.06 35.05
C GLY C 448 14.62 -31.34 35.34
N PRO C 449 14.31 -30.30 34.56
CA PRO C 449 13.14 -29.48 34.86
C PRO C 449 11.81 -30.26 34.92
N SER C 450 11.68 -31.32 34.12
CA SER C 450 10.48 -32.14 34.11
C SER C 450 10.26 -32.82 35.45
N LYS C 451 11.33 -32.96 36.22
CA LYS C 451 11.25 -33.56 37.54
C LYS C 451 11.19 -32.55 38.67
N VAL C 452 11.80 -31.37 38.50
CA VAL C 452 11.98 -30.44 39.63
C VAL C 452 11.62 -28.96 39.45
N PHE C 453 11.28 -28.52 38.24
CA PHE C 453 11.14 -27.07 38.03
C PHE C 453 10.02 -26.43 38.86
N ILE C 454 8.82 -26.98 38.77
CA ILE C 454 7.68 -26.47 39.55
C ILE C 454 7.86 -26.72 41.05
N ARG C 455 8.41 -27.87 41.39
CA ARG C 455 8.69 -28.16 42.79
C ARG C 455 9.56 -27.07 43.41
N SER C 456 10.58 -26.67 42.63
CA SER C 456 11.53 -25.66 43.07
C SER C 456 10.89 -24.30 43.13
N ALA C 457 10.03 -23.98 42.16
CA ALA C 457 9.30 -22.73 42.16
C ALA C 457 8.47 -22.64 43.41
N ILE C 458 7.69 -23.67 43.68
CA ILE C 458 6.84 -23.69 44.87
C ILE C 458 7.65 -23.56 46.17
N ASN C 459 8.77 -24.26 46.27
CA ASN C 459 9.63 -24.08 47.44
C ASN C 459 10.13 -22.64 47.52
N ARG C 460 10.44 -22.08 46.37
CA ARG C 460 10.96 -20.73 46.33
C ARG C 460 9.90 -19.74 46.80
N VAL C 461 8.65 -19.95 46.40
CA VAL C 461 7.54 -19.12 46.90
C VAL C 461 7.40 -19.23 48.41
N HIS C 462 7.50 -20.45 48.92
CA HIS C 462 7.41 -20.63 50.35
C HIS C 462 8.51 -19.93 51.14
N GLN C 463 9.76 -20.04 50.69
CA GLN C 463 10.81 -19.39 51.47
C GLN C 463 10.81 -17.87 51.27
N ASN C 464 10.37 -17.42 50.09
CA ASN C 464 10.08 -15.99 49.96
C ASN C 464 9.09 -15.58 51.05
N SER C 465 8.01 -16.34 51.20
CA SER C 465 6.98 -16.03 52.20
C SER C 465 7.56 -15.96 53.59
N ALA C 466 8.38 -16.96 53.91
CA ALA C 466 8.99 -17.10 55.22
C ALA C 466 9.87 -15.89 55.54
N ALA C 467 10.53 -15.37 54.51
CA ALA C 467 11.44 -14.23 54.71
C ALA C 467 10.69 -12.92 54.96
N ASN C 468 9.39 -12.91 54.69
CA ASN C 468 8.57 -11.72 54.97
C ASN C 468 7.51 -11.96 56.05
N GLY C 469 7.82 -12.81 57.02
CA GLY C 469 6.95 -13.01 58.14
C GLY C 469 5.74 -13.86 57.83
N GLY C 470 5.83 -14.66 56.77
CA GLY C 470 4.74 -15.56 56.45
C GLY C 470 3.74 -14.89 55.53
N GLU C 471 4.06 -13.68 55.11
CA GLU C 471 3.23 -12.92 54.18
C GLU C 471 3.03 -13.65 52.86
N LEU C 472 1.79 -13.87 52.47
CA LEU C 472 1.52 -14.40 51.16
C LEU C 472 1.19 -13.30 50.18
N PRO C 473 1.57 -13.48 48.91
CA PRO C 473 1.20 -12.49 47.90
C PRO C 473 -0.31 -12.42 47.71
N ARG C 474 -0.85 -11.21 47.76
CA ARG C 474 -2.26 -10.99 47.52
C ARG C 474 -2.49 -11.04 46.00
N ILE C 475 -3.17 -12.08 45.55
CA ILE C 475 -3.50 -12.23 44.12
C ILE C 475 -5.00 -12.14 43.87
N VAL C 476 -5.40 -11.18 43.05
CA VAL C 476 -6.82 -10.98 42.75
C VAL C 476 -7.23 -11.73 41.46
N PHE C 477 -8.39 -12.37 41.56
CA PHE C 477 -8.99 -13.11 40.47
C PHE C 477 -10.32 -12.48 40.10
N PRO C 478 -10.36 -11.78 38.96
CA PRO C 478 -11.60 -11.09 38.61
C PRO C 478 -12.76 -12.03 38.28
N GLU C 479 -12.45 -13.28 37.96
CA GLU C 479 -13.48 -14.26 37.57
C GLU C 479 -13.87 -15.11 38.77
N GLY C 480 -14.40 -14.45 39.78
CA GLY C 480 -14.72 -15.08 41.03
C GLY C 480 -15.69 -16.23 40.92
N THR C 481 -16.39 -16.36 39.80
CA THR C 481 -17.33 -17.47 39.66
C THR C 481 -16.89 -18.57 38.71
N SER C 482 -15.64 -18.53 38.25
CA SER C 482 -15.14 -19.58 37.34
C SER C 482 -14.93 -20.89 38.12
N THR C 483 -15.53 -21.98 37.68
CA THR C 483 -15.35 -23.21 38.43
C THR C 483 -13.85 -23.60 38.39
N LYS C 484 -13.18 -23.48 37.24
CA LYS C 484 -11.73 -23.78 37.16
C LYS C 484 -10.92 -22.96 38.13
N VAL C 485 -11.22 -21.68 38.24
CA VAL C 485 -10.46 -20.80 39.12
C VAL C 485 -10.65 -21.23 40.57
N LEU C 486 -11.89 -21.43 40.99
CA LEU C 486 -12.17 -21.85 42.36
C LEU C 486 -11.55 -23.21 42.72
N LYS C 487 -11.68 -24.19 41.83
CA LYS C 487 -11.09 -25.51 42.09
C LYS C 487 -9.59 -25.44 42.22
N ALA C 488 -8.95 -24.70 41.33
CA ALA C 488 -7.51 -24.50 41.48
C ALA C 488 -7.21 -23.76 42.80
N LEU C 489 -8.03 -22.78 43.15
CA LEU C 489 -7.79 -22.04 44.38
C LEU C 489 -7.82 -22.96 45.60
N ALA C 490 -8.65 -24.00 45.58
CA ALA C 490 -8.57 -25.03 46.64
C ALA C 490 -7.11 -25.51 46.90
N THR C 491 -6.48 -26.06 45.85
CA THR C 491 -5.08 -26.47 45.94
C THR C 491 -4.13 -25.37 46.38
N LEU C 492 -4.28 -24.21 45.75
CA LEU C 492 -3.36 -23.09 45.94
C LEU C 492 -3.37 -22.58 47.38
N VAL C 493 -4.56 -22.50 47.95
CA VAL C 493 -4.73 -22.01 49.30
C VAL C 493 -4.28 -23.09 50.26
N GLU C 494 -4.61 -24.33 49.93
CA GLU C 494 -4.25 -25.44 50.78
C GLU C 494 -2.73 -25.62 50.89
N GLU C 495 -2.03 -25.24 49.82
CA GLU C 495 -0.59 -25.44 49.72
C GLU C 495 0.18 -24.13 49.98
N LYS C 496 -0.52 -23.16 50.58
CA LYS C 496 0.06 -21.87 51.01
C LYS C 496 0.80 -21.11 49.89
N ILE C 497 0.20 -21.03 48.70
CA ILE C 497 0.85 -20.39 47.55
C ILE C 497 0.49 -18.90 47.39
N CYS C 498 -0.74 -18.55 47.73
CA CYS C 498 -1.12 -17.15 47.71
C CYS C 498 -2.34 -16.93 48.56
N GLN C 499 -2.65 -15.66 48.73
CA GLN C 499 -3.87 -15.20 49.36
C GLN C 499 -4.80 -14.62 48.31
N PRO C 500 -5.77 -15.40 47.86
CA PRO C 500 -6.69 -14.98 46.79
C PRO C 500 -7.70 -13.92 47.21
N ILE C 501 -7.98 -12.99 46.29
CA ILE C 501 -9.08 -12.05 46.41
C ILE C 501 -9.99 -12.28 45.22
N LEU C 502 -11.24 -12.64 45.48
CA LEU C 502 -12.19 -12.93 44.41
C LEU C 502 -13.03 -11.69 44.12
N LEU C 503 -13.43 -11.54 42.86
CA LEU C 503 -14.28 -10.40 42.43
C LEU C 503 -15.62 -10.88 41.86
N GLY C 504 -16.70 -10.25 42.29
CA GLY C 504 -18.04 -10.59 41.81
C GLY C 504 -19.08 -10.23 42.85
N TYR C 505 -20.34 -10.59 42.61
CA TYR C 505 -21.35 -10.43 43.64
C TYR C 505 -21.17 -11.54 44.67
N PRO C 506 -20.79 -11.18 45.90
CA PRO C 506 -20.52 -12.16 46.96
C PRO C 506 -21.56 -13.28 47.08
N GLU C 507 -22.86 -12.95 47.07
CA GLU C 507 -23.88 -14.00 47.12
C GLU C 507 -23.68 -15.09 46.06
N ARG C 508 -23.53 -14.69 44.80
CA ARG C 508 -23.46 -15.68 43.73
C ARG C 508 -22.17 -16.52 43.76
N VAL C 509 -21.04 -15.92 44.17
CA VAL C 509 -19.82 -16.70 44.26
C VAL C 509 -19.90 -17.64 45.51
N LYS C 510 -20.46 -17.19 46.62
CA LYS C 510 -20.63 -18.11 47.74
C LYS C 510 -21.57 -19.25 47.33
N GLU C 511 -22.59 -18.94 46.53
CA GLU C 511 -23.45 -19.99 45.99
C GLU C 511 -22.61 -20.97 45.19
N LYS C 512 -21.71 -20.45 44.36
CA LYS C 512 -20.89 -21.34 43.55
C LYS C 512 -19.95 -22.21 44.38
N ILE C 513 -19.30 -21.60 45.35
CA ILE C 513 -18.42 -22.29 46.28
C ILE C 513 -19.17 -23.37 47.04
N LYS C 514 -20.39 -23.08 47.47
CA LYS C 514 -21.13 -24.13 48.15
C LYS C 514 -21.57 -25.23 47.17
N ALA C 515 -22.01 -24.81 45.99
CA ALA C 515 -22.43 -25.74 44.94
C ALA C 515 -21.31 -26.70 44.54
N LEU C 516 -20.06 -26.23 44.54
CA LEU C 516 -18.95 -27.07 44.17
C LEU C 516 -18.28 -27.72 45.39
N ASP C 517 -18.71 -27.30 46.57
CA ASP C 517 -18.22 -27.88 47.83
C ASP C 517 -16.71 -27.73 48.04
N ILE C 518 -16.21 -26.50 48.01
CA ILE C 518 -14.81 -26.24 48.34
C ILE C 518 -14.77 -25.51 49.66
N PRO C 519 -14.65 -26.24 50.76
CA PRO C 519 -14.85 -25.56 52.03
C PRO C 519 -13.65 -24.68 52.44
N LEU C 520 -12.51 -24.86 51.78
CA LEU C 520 -11.33 -24.12 52.21
C LEU C 520 -11.43 -22.68 51.81
N LEU C 521 -12.50 -22.32 51.11
CA LEU C 521 -12.66 -20.97 50.58
C LEU C 521 -13.82 -20.27 51.23
N ASN C 522 -14.12 -20.60 52.48
CA ASN C 522 -15.20 -19.89 53.15
C ASN C 522 -14.63 -18.58 53.70
N ASP C 523 -13.31 -18.54 53.76
CA ASP C 523 -12.56 -17.40 54.29
C ASP C 523 -12.10 -16.38 53.26
N VAL C 524 -12.21 -16.72 51.98
CA VAL C 524 -11.64 -15.88 50.94
C VAL C 524 -12.37 -14.57 50.85
N SER C 525 -11.58 -13.51 50.68
CA SER C 525 -12.14 -12.18 50.48
C SER C 525 -12.87 -12.15 49.16
N ILE C 526 -14.08 -11.62 49.18
CA ILE C 526 -14.84 -11.42 47.97
C ILE C 526 -15.19 -9.94 47.87
N VAL C 527 -14.85 -9.33 46.74
CA VAL C 527 -15.06 -7.90 46.58
C VAL C 527 -15.94 -7.65 45.38
N HIS C 528 -16.94 -6.81 45.59
CA HIS C 528 -17.73 -6.28 44.50
C HIS C 528 -17.12 -4.95 44.17
N PRO C 529 -16.57 -4.81 42.96
CA PRO C 529 -15.80 -3.61 42.58
C PRO C 529 -16.48 -2.28 42.90
N SER C 530 -17.70 -2.04 42.43
CA SER C 530 -18.27 -0.70 42.63
C SER C 530 -18.49 -0.33 44.08
N SER C 531 -18.57 -1.31 45.00
CA SER C 531 -18.87 -0.97 46.38
C SER C 531 -17.66 -1.10 47.30
N HIS C 532 -16.48 -1.14 46.69
CA HIS C 532 -15.23 -1.13 47.45
C HIS C 532 -14.86 0.30 47.83
N PRO C 533 -14.30 0.48 49.04
CA PRO C 533 -13.95 1.83 49.51
C PRO C 533 -13.05 2.58 48.54
N LYS C 534 -12.09 1.91 47.93
CA LYS C 534 -11.15 2.62 47.05
C LYS C 534 -11.63 2.74 45.61
N TYR C 535 -12.90 2.40 45.37
CA TYR C 535 -13.47 2.46 44.02
C TYR C 535 -13.34 3.83 43.33
N PHE C 536 -13.86 4.88 43.94
CA PHE C 536 -13.80 6.18 43.29
C PHE C 536 -12.36 6.72 43.18
N SER C 537 -11.52 6.38 44.15
CA SER C 537 -10.10 6.73 44.08
C SER C 537 -9.47 6.08 42.84
N PHE C 538 -9.85 4.84 42.60
CA PHE C 538 -9.43 4.10 41.43
C PHE C 538 -9.90 4.75 40.14
N VAL C 539 -11.18 5.13 40.12
CA VAL C 539 -11.78 5.77 38.96
C VAL C 539 -11.01 7.04 38.62
N GLU C 540 -10.67 7.81 39.64
CA GLU C 540 -9.89 9.03 39.43
C GLU C 540 -8.58 8.65 38.76
N LYS C 541 -7.90 7.64 39.30
CA LYS C 541 -6.61 7.26 38.73
C LYS C 541 -6.74 6.91 37.26
N LEU C 542 -7.74 6.09 36.92
CA LEU C 542 -7.95 5.66 35.53
C LEU C 542 -8.21 6.87 34.63
N TYR C 543 -9.07 7.76 35.11
CA TYR C 543 -9.35 9.03 34.46
C TYR C 543 -8.08 9.76 34.12
N SER C 544 -7.23 9.99 35.13
CA SER C 544 -6.03 10.78 34.92
C SER C 544 -5.08 9.99 34.03
N LEU C 545 -5.21 8.67 33.99
CA LEU C 545 -4.35 7.89 33.14
C LEU C 545 -4.75 7.96 31.68
N ARG C 546 -6.05 7.91 31.37
CA ARG C 546 -6.47 7.83 29.96
C ARG C 546 -7.50 8.88 29.50
N GLN C 547 -7.48 10.08 30.08
CA GLN C 547 -8.45 11.11 29.78
C GLN C 547 -8.35 11.64 28.34
N ARG C 548 -7.18 11.45 27.77
CA ARG C 548 -6.83 11.82 26.41
C ARG C 548 -6.71 10.53 25.59
N LYS C 549 -7.28 9.44 26.10
CA LYS C 549 -7.36 8.22 25.31
C LYS C 549 -8.78 7.74 25.30
N GLY C 550 -9.75 8.66 25.37
CA GLY C 550 -11.13 8.29 25.22
C GLY C 550 -11.81 7.93 26.54
N ILE C 551 -11.18 8.24 27.67
CA ILE C 551 -11.80 7.95 28.96
C ILE C 551 -11.89 9.18 29.83
N ASN C 552 -13.06 9.79 29.91
CA ASN C 552 -13.25 10.83 30.92
C ASN C 552 -13.96 10.20 32.13
N LEU C 553 -14.33 11.01 33.13
CA LEU C 553 -14.80 10.46 34.39
C LEU C 553 -16.00 9.52 34.27
N GLY C 554 -16.97 9.84 33.43
CA GLY C 554 -18.11 8.95 33.29
C GLY C 554 -17.73 7.55 32.88
N GLU C 555 -16.95 7.46 31.81
CA GLU C 555 -16.51 6.17 31.29
C GLU C 555 -15.54 5.48 32.23
N ALA C 556 -14.73 6.27 32.95
CA ALA C 556 -13.79 5.68 33.88
C ALA C 556 -14.60 4.97 34.93
N GLU C 557 -15.64 5.64 35.38
CA GLU C 557 -16.55 5.05 36.32
C GLU C 557 -17.18 3.78 35.78
N ARG C 558 -17.67 3.80 34.54
CA ARG C 558 -18.26 2.57 33.99
C ARG C 558 -17.23 1.40 33.93
N LEU C 559 -16.05 1.69 33.40
CA LEU C 559 -15.03 0.65 33.24
C LEU C 559 -14.57 0.08 34.57
N MET C 560 -14.34 0.97 35.55
CA MET C 560 -13.79 0.51 36.82
C MET C 560 -14.76 -0.40 37.57
N ALA C 561 -16.01 -0.49 37.13
CA ALA C 561 -16.96 -1.44 37.71
C ALA C 561 -16.76 -2.86 37.17
N ASP C 562 -16.03 -2.96 36.06
CA ASP C 562 -15.65 -4.24 35.46
C ASP C 562 -14.53 -4.88 36.29
N PRO C 563 -14.74 -6.13 36.72
CA PRO C 563 -13.75 -6.84 37.54
C PRO C 563 -12.36 -6.82 36.92
N ASN C 564 -12.24 -6.95 35.60
CA ASN C 564 -10.93 -6.93 34.98
C ASN C 564 -10.26 -5.58 35.22
N TYR C 565 -10.97 -4.49 34.97
CA TYR C 565 -10.40 -3.18 35.19
C TYR C 565 -10.08 -2.99 36.67
N PHE C 566 -10.95 -3.49 37.53
CA PHE C 566 -10.78 -3.30 38.96
C PHE C 566 -9.52 -4.02 39.46
N ALA C 567 -9.36 -5.27 39.06
CA ALA C 567 -8.18 -6.05 39.37
C ALA C 567 -6.92 -5.37 38.88
N ALA C 568 -6.90 -4.99 37.60
CA ALA C 568 -5.74 -4.31 37.06
C ALA C 568 -5.39 -3.10 37.92
N MET C 569 -6.41 -2.34 38.32
CA MET C 569 -6.14 -1.16 39.11
C MET C 569 -5.63 -1.52 40.50
N MET C 570 -6.15 -2.60 41.07
CA MET C 570 -5.71 -2.99 42.41
C MET C 570 -4.24 -3.28 42.38
N VAL C 571 -3.83 -4.07 41.39
CA VAL C 571 -2.42 -4.38 41.27
C VAL C 571 -1.60 -3.11 41.04
N ASN C 572 -2.09 -2.22 40.16
CA ASN C 572 -1.37 -0.97 39.91
C ASN C 572 -1.18 -0.09 41.16
N GLN C 573 -2.24 0.04 41.94
CA GLN C 573 -2.26 0.90 43.11
C GLN C 573 -1.65 0.25 44.36
N GLY C 574 -1.30 -1.03 44.27
CA GLY C 574 -0.63 -1.68 45.38
C GLY C 574 -1.58 -2.23 46.45
N GLU C 575 -2.85 -2.33 46.11
CA GLU C 575 -3.81 -2.99 47.00
C GLU C 575 -3.84 -4.52 46.75
N ALA C 576 -3.08 -4.97 45.79
CA ALA C 576 -2.94 -6.39 45.53
C ALA C 576 -1.58 -6.54 44.86
N ASP C 577 -0.96 -7.71 44.98
CA ASP C 577 0.43 -7.84 44.56
C ASP C 577 0.57 -8.40 43.17
N GLY C 578 -0.51 -9.00 42.70
CA GLY C 578 -0.58 -9.52 41.35
C GLY C 578 -1.99 -9.96 41.04
N MET C 579 -2.24 -10.31 39.77
CA MET C 579 -3.57 -10.72 39.34
C MET C 579 -3.50 -11.81 38.28
N VAL C 580 -4.54 -12.63 38.24
CA VAL C 580 -4.65 -13.71 37.27
C VAL C 580 -6.03 -13.67 36.66
N SER C 581 -6.09 -13.51 35.35
CA SER C 581 -7.40 -13.52 34.72
C SER C 581 -7.40 -14.30 33.45
N GLY C 582 -8.53 -14.28 32.78
CA GLY C 582 -8.60 -14.91 31.49
C GLY C 582 -9.06 -16.35 31.52
N SER C 583 -9.66 -16.81 32.60
CA SER C 583 -10.04 -18.21 32.60
C SER C 583 -11.30 -18.42 31.77
N SER C 584 -12.11 -17.38 31.63
CA SER C 584 -13.42 -17.59 31.04
C SER C 584 -13.84 -16.59 29.96
N ILE C 585 -12.87 -15.83 29.45
CA ILE C 585 -13.04 -14.98 28.27
C ILE C 585 -11.76 -15.00 27.43
N ASN C 586 -11.87 -14.64 26.15
CA ASN C 586 -10.72 -14.60 25.26
C ASN C 586 -9.62 -13.67 25.74
N TYR C 587 -8.41 -13.93 25.26
CA TYR C 587 -7.21 -13.29 25.75
C TYR C 587 -7.19 -11.80 25.46
N ALA C 588 -7.65 -11.38 24.29
CA ALA C 588 -7.55 -9.97 23.95
C ALA C 588 -8.30 -9.13 24.96
N ASP C 589 -9.50 -9.57 25.21
CA ASP C 589 -10.35 -8.86 26.13
C ASP C 589 -9.82 -8.88 27.56
N ALA C 590 -9.13 -9.97 27.92
CA ALA C 590 -8.63 -10.10 29.28
C ALA C 590 -7.38 -9.26 29.49
N VAL C 591 -6.57 -9.17 28.45
CA VAL C 591 -5.25 -8.57 28.55
C VAL C 591 -5.32 -7.06 28.35
N ARG C 592 -6.33 -6.61 27.59
CA ARG C 592 -6.44 -5.21 27.22
C ARG C 592 -6.53 -4.28 28.45
N PRO C 593 -7.42 -4.58 29.41
CA PRO C 593 -7.41 -3.68 30.57
C PRO C 593 -6.10 -3.69 31.34
N ILE C 594 -5.41 -4.83 31.40
CA ILE C 594 -4.12 -4.89 32.05
C ILE C 594 -3.16 -3.94 31.35
N LEU C 595 -3.12 -4.00 30.03
CA LEU C 595 -2.18 -3.16 29.32
C LEU C 595 -2.57 -1.70 29.41
N GLN C 596 -3.86 -1.40 29.49
CA GLN C 596 -4.30 0.00 29.60
C GLN C 596 -4.08 0.60 30.96
N THR C 597 -4.21 -0.21 32.01
CA THR C 597 -4.10 0.31 33.37
C THR C 597 -2.65 0.32 33.86
N ILE C 598 -2.04 -0.86 33.82
CA ILE C 598 -0.68 -1.07 34.32
C ILE C 598 0.39 -0.67 33.31
N GLY C 599 0.24 -1.10 32.08
CA GLY C 599 1.18 -0.73 31.04
C GLY C 599 2.56 -1.36 31.05
N VAL C 600 3.33 -1.08 30.00
CA VAL C 600 4.65 -1.67 29.84
C VAL C 600 5.65 -0.88 30.65
N TYR C 601 6.73 -1.51 31.08
CA TYR C 601 7.82 -0.76 31.70
C TYR C 601 8.69 -0.13 30.60
N LYS C 602 9.71 0.65 30.97
CA LYS C 602 10.48 1.42 29.99
C LYS C 602 10.99 0.48 28.89
N GLU C 603 10.69 0.81 27.64
CA GLU C 603 11.25 0.12 26.48
C GLU C 603 10.82 -1.33 26.38
N GLY C 604 9.96 -1.76 27.30
CA GLY C 604 9.47 -3.12 27.28
C GLY C 604 8.37 -3.32 26.25
N ILE C 605 8.07 -4.58 25.96
CA ILE C 605 7.00 -4.87 25.03
C ILE C 605 6.14 -5.97 25.64
N PRO C 606 4.81 -5.80 25.64
CA PRO C 606 4.03 -6.89 26.20
C PRO C 606 4.20 -8.15 25.37
N ALA C 607 4.57 -9.24 26.02
CA ALA C 607 4.82 -10.50 25.31
C ALA C 607 4.57 -11.70 26.21
N GLY C 608 3.79 -12.63 25.68
CA GLY C 608 3.47 -13.88 26.35
C GLY C 608 4.61 -14.85 26.24
N LEU C 609 4.88 -15.55 27.33
CA LEU C 609 6.00 -16.47 27.38
C LEU C 609 5.61 -17.85 28.01
N ASN C 610 5.99 -18.96 27.38
CA ASN C 610 5.77 -20.29 27.97
C ASN C 610 7.03 -21.07 28.22
N PHE C 611 6.97 -21.98 29.19
CA PHE C 611 8.03 -22.97 29.42
C PHE C 611 7.62 -24.35 28.98
N VAL C 612 8.53 -25.02 28.29
CA VAL C 612 8.39 -26.43 28.03
C VAL C 612 9.37 -27.14 28.90
N LEU C 613 8.87 -28.01 29.79
CA LEU C 613 9.70 -28.67 30.78
C LEU C 613 10.11 -30.05 30.29
N LEU C 614 11.30 -30.11 29.71
CA LEU C 614 11.83 -31.36 29.22
C LEU C 614 12.76 -32.04 30.26
N GLU C 615 13.35 -33.16 29.89
CA GLU C 615 14.08 -33.94 30.88
C GLU C 615 15.48 -33.37 31.10
N ASP C 616 16.12 -32.90 30.03
CA ASP C 616 17.48 -32.37 30.12
C ASP C 616 17.49 -30.85 30.28
N LYS C 617 16.43 -30.19 29.81
CA LYS C 617 16.40 -28.73 29.75
C LYS C 617 14.97 -28.21 29.83
N PHE C 618 14.83 -26.90 29.92
CA PHE C 618 13.55 -26.30 29.64
C PHE C 618 13.71 -25.36 28.47
N LEU C 619 12.65 -25.21 27.67
CA LEU C 619 12.62 -24.28 26.57
C LEU C 619 11.69 -23.11 26.87
N VAL C 620 12.09 -21.90 26.51
CA VAL C 620 11.19 -20.75 26.65
C VAL C 620 10.65 -20.38 25.27
N LEU C 621 9.33 -20.22 25.15
CA LEU C 621 8.71 -19.85 23.88
C LEU C 621 8.07 -18.45 23.97
N ALA C 622 8.43 -17.56 23.04
CA ALA C 622 7.81 -16.22 23.07
C ALA C 622 7.85 -15.63 21.70
N ASP C 623 6.97 -14.68 21.36
CA ASP C 623 5.83 -14.23 22.16
C ASP C 623 4.61 -15.03 21.77
N THR C 624 4.06 -15.79 22.70
CA THR C 624 2.96 -16.69 22.38
C THR C 624 1.57 -16.08 22.41
N THR C 625 1.44 -14.82 22.78
CA THR C 625 0.09 -14.30 22.99
C THR C 625 -0.23 -12.89 22.45
N VAL C 626 0.71 -11.95 22.47
CA VAL C 626 0.34 -10.56 22.26
C VAL C 626 0.53 -10.06 20.83
N ASN C 627 1.76 -10.09 20.33
CA ASN C 627 2.06 -9.46 19.05
C ASN C 627 1.81 -10.24 17.77
N LEU C 628 0.85 -9.85 16.96
CA LEU C 628 0.64 -10.50 15.69
C LEU C 628 1.90 -10.67 14.85
N ASN C 629 2.62 -9.60 14.61
CA ASN C 629 3.69 -9.68 13.63
C ASN C 629 4.85 -8.79 13.99
N PRO C 630 5.52 -9.11 15.11
CA PRO C 630 6.52 -8.20 15.67
C PRO C 630 7.64 -7.93 14.72
N THR C 631 8.15 -6.71 14.78
CA THR C 631 9.29 -6.31 13.98
C THR C 631 10.60 -6.92 14.49
N ALA C 632 11.70 -6.71 13.76
CA ALA C 632 13.00 -7.21 14.23
C ALA C 632 13.28 -6.61 15.59
N GLU C 633 13.07 -5.31 15.67
CA GLU C 633 13.32 -4.57 16.89
C GLU C 633 12.49 -5.16 18.06
N GLN C 634 11.24 -5.47 17.80
CA GLN C 634 10.42 -6.08 18.82
C GLN C 634 10.87 -7.49 19.18
N CYS C 635 11.18 -8.30 18.19
CA CYS C 635 11.63 -9.65 18.49
C CYS C 635 12.89 -9.62 19.37
N ALA C 636 13.77 -8.64 19.11
CA ALA C 636 14.98 -8.52 19.89
C ALA C 636 14.57 -8.21 21.33
N GLN C 637 13.67 -7.24 21.50
CA GLN C 637 13.28 -6.89 22.87
C GLN C 637 12.62 -8.10 23.61
N ILE C 638 11.76 -8.82 22.89
CA ILE C 638 11.16 -10.04 23.43
C ILE C 638 12.26 -10.99 23.91
N ALA C 639 13.25 -11.23 23.05
CA ALA C 639 14.37 -12.10 23.43
C ALA C 639 14.99 -11.62 24.73
N LEU C 640 15.27 -10.33 24.84
CA LEU C 640 15.87 -9.79 26.05
C LEU C 640 15.04 -10.07 27.31
N GLN C 641 13.73 -9.90 27.18
CA GLN C 641 12.85 -10.13 28.30
C GLN C 641 12.87 -11.61 28.70
N ALA C 642 12.76 -12.48 27.70
CA ALA C 642 12.83 -13.92 27.96
C ALA C 642 14.13 -14.28 28.66
N ALA C 643 15.22 -13.76 28.13
CA ALA C 643 16.55 -14.04 28.61
C ALA C 643 16.66 -13.71 30.08
N LYS C 644 16.24 -12.51 30.46
CA LYS C 644 16.41 -12.11 31.85
C LYS C 644 15.56 -13.03 32.72
N ILE C 645 14.39 -13.42 32.24
CA ILE C 645 13.63 -14.42 32.99
C ILE C 645 14.40 -15.76 33.15
N VAL C 646 15.01 -16.26 32.09
CA VAL C 646 15.79 -17.46 32.19
C VAL C 646 16.92 -17.29 33.21
N GLU C 647 17.51 -16.11 33.25
CA GLU C 647 18.60 -15.86 34.17
C GLU C 647 18.09 -15.91 35.60
N TYR C 648 16.88 -15.42 35.83
CA TYR C 648 16.29 -15.52 37.17
C TYR C 648 16.29 -16.97 37.70
N PHE C 649 16.21 -17.95 36.79
CA PHE C 649 16.22 -19.35 37.20
C PHE C 649 17.61 -19.98 37.10
N GLY C 650 18.62 -19.15 37.06
CA GLY C 650 19.99 -19.59 37.14
C GLY C 650 20.49 -20.34 35.94
N ILE C 651 19.88 -20.10 34.80
CA ILE C 651 20.30 -20.73 33.57
C ILE C 651 20.85 -19.70 32.59
N GLU C 652 21.85 -20.09 31.81
CA GLU C 652 22.37 -19.25 30.74
C GLU C 652 21.44 -19.21 29.55
N PRO C 653 20.91 -18.03 29.21
CA PRO C 653 20.04 -18.01 28.03
C PRO C 653 20.85 -18.16 26.74
N ARG C 654 20.35 -19.00 25.85
CA ARG C 654 20.92 -19.14 24.51
C ARG C 654 19.74 -19.04 23.54
N VAL C 655 19.74 -17.97 22.73
CA VAL C 655 18.56 -17.49 22.01
C VAL C 655 18.62 -17.73 20.50
N ALA C 656 17.56 -18.33 19.97
CA ALA C 656 17.42 -18.49 18.53
C ALA C 656 16.17 -17.77 18.04
N MET C 657 16.33 -17.02 16.95
CA MET C 657 15.22 -16.35 16.26
C MET C 657 14.68 -17.25 15.18
N LEU C 658 13.50 -17.83 15.38
CA LEU C 658 13.04 -18.89 14.51
C LEU C 658 12.53 -18.35 13.18
N SER C 659 12.69 -19.16 12.14
CA SER C 659 12.30 -18.83 10.79
C SER C 659 11.98 -20.15 10.11
N TYR C 660 11.50 -20.11 8.87
CA TYR C 660 11.34 -21.35 8.12
C TYR C 660 12.62 -21.62 7.37
N SER C 661 13.61 -20.77 7.61
CA SER C 661 14.84 -20.77 6.82
C SER C 661 16.10 -20.99 7.67
N ASN C 662 17.18 -21.48 7.02
CA ASN C 662 18.48 -21.57 7.69
C ASN C 662 19.50 -20.58 7.18
N PHE C 663 19.73 -19.53 7.95
CA PHE C 663 20.78 -18.54 7.65
C PHE C 663 20.75 -18.05 6.19
N SER C 664 19.57 -17.70 5.70
CA SER C 664 19.41 -17.23 4.32
C SER C 664 19.24 -15.72 4.29
N GLY C 665 18.55 -15.20 5.30
CA GLY C 665 18.34 -13.77 5.39
C GLY C 665 17.62 -13.21 4.18
N ALA C 666 16.96 -14.08 3.43
CA ALA C 666 16.17 -13.69 2.28
C ALA C 666 15.07 -12.74 2.70
N GLU C 667 14.58 -11.96 1.75
CA GLU C 667 13.47 -11.01 1.96
C GLU C 667 12.33 -11.66 2.71
N GLY C 668 11.72 -10.97 3.67
CA GLY C 668 10.63 -11.56 4.42
C GLY C 668 11.02 -11.95 5.84
N THR C 669 10.55 -13.09 6.33
CA THR C 669 10.87 -13.51 7.71
C THR C 669 12.35 -13.85 7.97
N PRO C 670 13.04 -14.45 7.00
CA PRO C 670 14.47 -14.65 7.28
C PRO C 670 15.19 -13.36 7.60
N ARG C 671 14.99 -12.33 6.78
CA ARG C 671 15.67 -11.07 7.02
C ARG C 671 15.21 -10.51 8.37
N LYS C 672 13.94 -10.68 8.72
CA LYS C 672 13.48 -10.10 9.97
C LYS C 672 14.17 -10.76 11.15
N MET C 673 14.27 -12.09 11.14
CA MET C 673 14.83 -12.80 12.27
C MET C 673 16.35 -12.69 12.35
N LYS C 674 17.00 -12.63 11.18
CA LYS C 674 18.43 -12.41 11.14
C LYS C 674 18.69 -11.03 11.74
N LYS C 675 17.86 -10.08 11.35
CA LYS C 675 18.05 -8.73 11.86
C LYS C 675 17.81 -8.72 13.39
N ALA C 676 16.74 -9.39 13.83
CA ALA C 676 16.42 -9.43 15.24
C ALA C 676 17.60 -9.98 16.03
N ALA C 677 18.14 -11.09 15.57
CA ALA C 677 19.32 -11.62 16.23
C ALA C 677 20.43 -10.55 16.31
N GLU C 678 20.66 -9.79 15.23
CA GLU C 678 21.72 -8.76 15.26
C GLU C 678 21.48 -7.69 16.33
N ILE C 679 20.24 -7.28 16.44
CA ILE C 679 19.88 -6.24 17.39
C ILE C 679 20.05 -6.76 18.81
N ALA C 680 19.50 -7.94 19.06
CA ALA C 680 19.62 -8.62 20.35
C ALA C 680 21.09 -8.71 20.78
N ARG C 681 21.93 -9.18 19.86
CA ARG C 681 23.33 -9.28 20.15
C ARG C 681 23.93 -7.92 20.52
N SER C 682 23.50 -6.85 19.85
CA SER C 682 24.03 -5.54 20.21
C SER C 682 23.59 -5.10 21.62
N LEU C 683 22.38 -5.47 22.02
CA LEU C 683 21.86 -5.06 23.32
C LEU C 683 22.36 -5.90 24.48
N ARG C 684 22.80 -7.12 24.17
CA ARG C 684 23.23 -8.07 25.20
C ARG C 684 24.38 -8.87 24.62
N PRO C 685 25.51 -8.20 24.45
CA PRO C 685 26.68 -8.72 23.75
C PRO C 685 27.28 -9.94 24.40
N ASP C 686 26.84 -10.29 25.59
CA ASP C 686 27.41 -11.45 26.31
C ASP C 686 26.65 -12.75 25.96
N LEU C 687 25.53 -12.63 25.27
CA LEU C 687 24.70 -13.79 25.12
C LEU C 687 24.90 -14.46 23.76
N MET C 688 24.60 -15.75 23.72
CA MET C 688 24.56 -16.47 22.46
C MET C 688 23.20 -16.20 21.84
N ILE C 689 23.16 -15.39 20.80
CA ILE C 689 21.88 -15.10 20.15
C ILE C 689 22.11 -15.26 18.66
N GLU C 690 21.28 -16.06 18.01
CA GLU C 690 21.57 -16.36 16.62
C GLU C 690 20.30 -16.46 15.77
N GLY C 691 20.42 -16.25 14.46
CA GLY C 691 19.30 -16.34 13.53
C GLY C 691 19.72 -15.82 12.17
N ASP C 692 18.92 -16.06 11.12
CA ASP C 692 17.69 -16.86 11.12
C ASP C 692 17.97 -18.38 11.08
N MET C 693 17.10 -19.16 11.72
CA MET C 693 17.25 -20.62 11.70
C MET C 693 15.94 -21.36 11.93
N GLN C 694 15.89 -22.59 11.45
CA GLN C 694 14.71 -23.42 11.65
C GLN C 694 14.68 -23.97 13.07
N ALA C 695 13.55 -24.52 13.48
CA ALA C 695 13.39 -24.89 14.87
C ALA C 695 14.30 -26.08 15.28
N ASP C 696 14.40 -27.12 14.44
CA ASP C 696 15.25 -28.24 14.80
C ASP C 696 16.71 -27.78 14.80
N THR C 697 17.13 -27.00 13.80
CA THR C 697 18.47 -26.41 13.84
C THR C 697 18.69 -25.69 15.17
N ALA C 698 17.67 -25.03 15.65
CA ALA C 698 17.82 -24.26 16.87
C ALA C 698 18.01 -25.15 18.09
N VAL C 699 17.13 -26.13 18.29
CA VAL C 699 17.13 -26.84 19.57
C VAL C 699 18.19 -27.95 19.66
N ASN C 700 18.63 -28.41 18.50
CA ASN C 700 19.51 -29.55 18.36
C ASN C 700 20.92 -29.16 17.98
N PRO C 701 21.85 -29.37 18.92
CA PRO C 701 23.22 -28.89 18.73
C PRO C 701 23.98 -29.68 17.74
N GLU C 702 23.56 -30.92 17.50
CA GLU C 702 24.27 -31.75 16.56
C GLU C 702 24.00 -31.23 15.16
N ILE C 703 22.73 -30.97 14.86
CA ILE C 703 22.36 -30.39 13.58
C ILE C 703 23.06 -29.08 13.33
N MET C 704 23.02 -28.21 14.33
CA MET C 704 23.71 -26.94 14.25
C MET C 704 25.19 -27.10 13.86
N GLU C 705 25.91 -27.97 14.57
CA GLU C 705 27.32 -28.23 14.26
C GLU C 705 27.57 -28.89 12.90
N ARG C 706 26.62 -29.72 12.47
CA ARG C 706 26.87 -30.47 11.25
C ARG C 706 26.67 -29.60 10.01
N LEU C 707 25.70 -28.70 10.07
CA LEU C 707 25.34 -27.93 8.89
C LEU C 707 25.81 -26.50 8.92
N PHE C 708 25.85 -25.91 10.10
CA PHE C 708 26.14 -24.50 10.23
C PHE C 708 27.09 -24.22 11.37
N PRO C 709 28.29 -24.79 11.33
CA PRO C 709 29.24 -24.63 12.44
C PRO C 709 29.70 -23.19 12.62
N PHE C 710 29.50 -22.35 11.60
CA PHE C 710 29.92 -20.97 11.69
C PHE C 710 29.07 -20.22 12.71
N SER C 711 27.89 -20.75 12.97
CA SER C 711 26.93 -20.10 13.86
C SER C 711 27.53 -19.83 15.24
N GLY C 712 27.06 -18.78 15.89
CA GLY C 712 27.54 -18.46 17.20
C GLY C 712 26.68 -19.09 18.27
N LEU C 713 25.73 -19.92 17.87
CA LEU C 713 24.90 -20.63 18.84
C LEU C 713 25.45 -22.05 19.03
N LYS C 714 25.89 -22.36 20.24
CA LYS C 714 26.46 -23.67 20.47
C LYS C 714 25.88 -24.24 21.74
N GLY C 715 25.52 -25.51 21.70
CA GLY C 715 24.98 -26.19 22.86
C GLY C 715 23.47 -26.20 22.87
N GLY C 716 22.88 -25.82 21.74
CA GLY C 716 21.43 -25.78 21.63
C GLY C 716 20.84 -24.56 22.31
N ALA C 717 19.78 -24.02 21.72
CA ALA C 717 19.13 -22.84 22.29
C ALA C 717 18.08 -23.22 23.32
N ASN C 718 17.91 -22.42 24.37
CA ASN C 718 16.83 -22.66 25.31
C ASN C 718 15.81 -21.53 25.26
N VAL C 719 16.10 -20.51 24.47
CA VAL C 719 15.13 -19.47 24.29
C VAL C 719 14.75 -19.36 22.80
N LEU C 720 13.47 -19.59 22.49
CA LEU C 720 12.99 -19.55 21.12
C LEU C 720 12.01 -18.40 20.88
N VAL C 721 12.46 -17.40 20.11
CA VAL C 721 11.52 -16.32 19.81
C VAL C 721 11.00 -16.42 18.38
N PHE C 722 9.68 -16.28 18.26
CA PHE C 722 8.97 -16.59 17.03
C PHE C 722 8.71 -15.37 16.16
N PRO C 723 8.56 -15.59 14.85
CA PRO C 723 8.40 -14.44 13.96
C PRO C 723 6.97 -13.92 13.93
N ASN C 724 6.02 -14.73 14.34
CA ASN C 724 4.66 -14.24 14.30
C ASN C 724 3.73 -15.01 15.27
N LEU C 725 2.57 -14.44 15.54
CA LEU C 725 1.71 -15.01 16.56
C LEU C 725 1.15 -16.38 16.16
N GLU C 726 0.91 -16.61 14.87
CA GLU C 726 0.43 -17.92 14.43
C GLU C 726 1.38 -19.04 14.86
N SER C 727 2.65 -18.86 14.52
CA SER C 727 3.66 -19.85 14.85
C SER C 727 3.80 -20.05 16.37
N SER C 728 3.92 -18.98 17.15
CA SER C 728 4.16 -19.19 18.58
C SER C 728 2.94 -19.84 19.27
N ASN C 729 1.76 -19.30 18.99
CA ASN C 729 0.57 -19.76 19.69
C ASN C 729 0.31 -21.25 19.36
N ILE C 730 0.35 -21.56 18.06
CA ILE C 730 0.18 -22.94 17.65
C ILE C 730 1.26 -23.86 18.22
N ALA C 731 2.51 -23.45 18.18
CA ALA C 731 3.55 -24.33 18.72
C ALA C 731 3.30 -24.70 20.18
N TYR C 732 3.20 -23.70 21.06
CA TYR C 732 3.10 -24.06 22.45
C TYR C 732 1.83 -24.89 22.66
N LYS C 733 0.69 -24.58 22.02
CA LYS C 733 -0.51 -25.38 22.31
C LYS C 733 -0.36 -26.85 21.84
N LEU C 734 0.27 -27.03 20.67
CA LEU C 734 0.47 -28.36 20.09
C LEU C 734 1.39 -29.23 20.96
N ILE C 735 2.55 -28.67 21.30
CA ILE C 735 3.48 -29.33 22.17
C ILE C 735 2.76 -29.72 23.45
N GLN C 736 2.03 -28.77 24.02
CA GLN C 736 1.36 -29.05 25.27
C GLN C 736 0.40 -30.25 25.14
N GLN C 737 -0.32 -30.33 24.04
CA GLN C 737 -1.29 -31.41 23.86
C GLN C 737 -0.71 -32.77 23.48
N ILE C 738 0.21 -32.80 22.53
CA ILE C 738 0.62 -34.06 21.92
C ILE C 738 2.00 -34.48 22.31
N GLY C 739 2.83 -33.52 22.68
CA GLY C 739 4.13 -33.81 23.23
C GLY C 739 3.84 -34.39 24.61
N LYS C 740 4.84 -35.00 25.19
CA LYS C 740 4.61 -35.59 26.48
C LYS C 740 5.43 -34.83 27.50
N ALA C 741 5.24 -33.53 27.54
CA ALA C 741 5.99 -32.65 28.41
C ALA C 741 5.08 -31.60 28.99
N GLU C 742 5.30 -31.30 30.26
CA GLU C 742 4.56 -30.22 30.88
C GLU C 742 4.89 -28.92 30.22
N VAL C 743 3.86 -28.11 29.98
CA VAL C 743 4.04 -26.76 29.49
C VAL C 743 3.34 -25.75 30.41
N ILE C 744 4.08 -24.75 30.84
CA ILE C 744 3.49 -23.81 31.76
C ILE C 744 3.45 -22.42 31.11
N GLY C 745 2.38 -21.68 31.39
CA GLY C 745 2.17 -20.38 30.80
C GLY C 745 0.84 -20.32 30.06
N PRO C 746 0.63 -19.28 29.24
CA PRO C 746 1.55 -18.16 29.06
C PRO C 746 1.64 -17.25 30.27
N PHE C 747 2.79 -16.60 30.35
CA PHE C 747 3.08 -15.61 31.36
C PHE C 747 3.28 -14.27 30.67
N LEU C 748 2.54 -13.26 31.10
CA LEU C 748 2.63 -11.94 30.48
C LEU C 748 3.90 -11.28 30.93
N THR C 749 4.76 -10.99 29.97
CA THR C 749 6.01 -10.28 30.21
C THR C 749 5.93 -8.86 29.72
N GLY C 750 6.78 -7.98 30.24
CA GLY C 750 6.83 -6.60 29.76
C GLY C 750 6.04 -5.55 30.52
N VAL C 751 5.22 -5.93 31.49
CA VAL C 751 4.36 -4.96 32.15
C VAL C 751 4.91 -4.61 33.55
N ARG C 752 4.57 -3.42 34.01
CA ARG C 752 5.12 -2.80 35.21
C ARG C 752 4.82 -3.54 36.50
N ARG C 753 3.65 -4.16 36.58
CA ARG C 753 3.27 -4.84 37.80
C ARG C 753 2.93 -6.28 37.49
N SER C 754 2.66 -7.08 38.50
CA SER C 754 2.46 -8.50 38.27
C SER C 754 1.08 -8.82 37.75
N ALA C 755 0.96 -9.27 36.50
CA ALA C 755 -0.35 -9.66 35.99
C ALA C 755 -0.19 -10.72 34.93
N ASN C 756 -1.04 -11.74 35.00
CA ASN C 756 -1.00 -12.79 33.99
C ASN C 756 -2.37 -13.22 33.54
N VAL C 757 -2.44 -13.55 32.26
CA VAL C 757 -3.68 -13.98 31.66
C VAL C 757 -3.57 -15.45 31.26
N LEU C 758 -4.44 -16.28 31.83
CA LEU C 758 -4.54 -17.69 31.53
C LEU C 758 -5.00 -17.89 30.11
N GLN C 759 -4.61 -19.00 29.49
CA GLN C 759 -5.29 -19.47 28.29
C GLN C 759 -6.65 -20.03 28.73
N ARG C 760 -7.72 -19.65 28.04
CA ARG C 760 -9.04 -20.09 28.43
C ARG C 760 -9.22 -21.61 28.28
N THR C 761 -8.36 -22.24 27.49
CA THR C 761 -8.43 -23.68 27.33
C THR C 761 -7.77 -24.41 28.51
N THR C 762 -7.26 -23.65 29.47
CA THR C 762 -6.56 -24.21 30.61
C THR C 762 -7.35 -25.28 31.37
N THR C 763 -6.64 -26.21 31.99
CA THR C 763 -7.21 -27.14 32.96
C THR C 763 -7.01 -26.58 34.37
N VAL C 764 -7.56 -27.20 35.42
CA VAL C 764 -7.35 -26.65 36.77
C VAL C 764 -5.89 -26.77 37.22
N ASP C 765 -5.21 -27.87 36.88
CA ASP C 765 -3.79 -27.97 37.22
C ASP C 765 -2.99 -26.91 36.48
N GLY C 766 -3.42 -26.60 35.25
CA GLY C 766 -2.81 -25.53 34.52
C GLY C 766 -2.87 -24.25 35.34
N ILE C 767 -4.05 -23.94 35.86
CA ILE C 767 -4.19 -22.72 36.62
C ILE C 767 -3.31 -22.77 37.86
N VAL C 768 -3.23 -23.96 38.47
CA VAL C 768 -2.42 -24.12 39.69
C VAL C 768 -0.97 -23.77 39.44
N ASN C 769 -0.43 -24.32 38.36
CA ASN C 769 0.95 -24.00 37.98
C ASN C 769 1.13 -22.50 37.69
N SER C 770 0.23 -21.93 36.86
CA SER C 770 0.31 -20.51 36.49
C SER C 770 0.32 -19.59 37.70
N VAL C 771 -0.58 -19.85 38.63
CA VAL C 771 -0.67 -19.02 39.82
C VAL C 771 0.61 -19.18 40.63
N VAL C 772 1.20 -20.39 40.68
CA VAL C 772 2.53 -20.51 41.32
C VAL C 772 3.49 -19.45 40.76
N PHE C 773 3.62 -19.41 39.44
CA PHE C 773 4.61 -18.48 38.92
C PHE C 773 4.23 -17.01 39.05
N THR C 774 2.93 -16.73 39.02
CA THR C 774 2.46 -15.40 39.29
C THR C 774 2.82 -15.00 40.72
N ALA C 775 2.71 -15.94 41.65
CA ALA C 775 3.12 -15.69 43.03
C ALA C 775 4.59 -15.32 43.10
N LEU C 776 5.39 -16.09 42.36
CA LEU C 776 6.83 -15.87 42.31
C LEU C 776 7.11 -14.44 41.83
N GLU C 777 6.47 -14.06 40.72
CA GLU C 777 6.58 -12.72 40.13
C GLU C 777 6.13 -11.59 41.08
N ALA C 778 4.98 -11.81 41.69
CA ALA C 778 4.39 -10.87 42.62
C ALA C 778 5.37 -10.55 43.73
N GLN C 779 5.96 -11.61 44.29
CA GLN C 779 6.96 -11.46 45.33
C GLN C 779 8.17 -10.69 44.83
N TYR C 780 8.66 -11.08 43.64
CA TYR C 780 9.81 -10.38 43.08
C TYR C 780 9.57 -8.87 42.94
N ILE C 781 8.47 -8.49 42.30
CA ILE C 781 8.16 -7.07 42.12
C ILE C 781 7.92 -6.36 43.45
N LYS C 782 7.21 -6.97 44.38
CA LYS C 782 7.03 -6.33 45.65
C LYS C 782 8.39 -5.98 46.23
N GLU C 783 9.25 -6.98 46.35
CA GLU C 783 10.57 -6.75 46.90
C GLU C 783 11.26 -5.58 46.25
N VAL C 784 11.49 -5.69 44.96
CA VAL C 784 12.18 -4.64 44.24
C VAL C 784 11.61 -3.27 44.54
N LEU C 785 10.30 -3.18 44.57
CA LEU C 785 9.66 -1.91 44.86
C LEU C 785 10.08 -1.46 46.22
N LYS C 786 9.62 -2.21 47.22
CA LYS C 786 9.92 -2.01 48.62
C LYS C 786 11.31 -1.47 48.80
N SER C 787 12.20 -1.85 47.90
CA SER C 787 13.57 -1.35 47.94
C SER C 787 13.56 0.15 48.15
N THR D 27 29.34 -60.93 13.06
CA THR D 27 28.81 -60.43 11.78
C THR D 27 28.44 -58.95 11.90
N ASN D 28 27.78 -58.41 10.86
CA ASN D 28 27.28 -57.03 10.87
C ASN D 28 26.05 -56.90 11.73
N PHE D 29 25.10 -57.80 11.48
CA PHE D 29 23.87 -57.85 12.24
C PHE D 29 24.17 -57.99 13.70
N ASP D 30 25.14 -58.85 14.05
CA ASP D 30 25.53 -59.02 15.45
C ASP D 30 26.03 -57.73 16.08
N GLN D 31 26.92 -57.01 15.40
CA GLN D 31 27.39 -55.74 15.94
C GLN D 31 26.21 -54.81 16.12
N GLU D 32 25.29 -54.90 15.19
CA GLU D 32 24.11 -54.07 15.22
C GLU D 32 23.30 -54.31 16.46
N ALA D 33 22.97 -55.56 16.73
CA ALA D 33 22.25 -55.98 17.95
C ALA D 33 23.00 -55.56 19.23
N LEU D 34 24.30 -55.80 19.25
CA LEU D 34 25.12 -55.38 20.38
C LEU D 34 25.00 -53.88 20.67
N LEU D 35 25.25 -53.04 19.65
CA LEU D 35 25.19 -51.60 19.87
C LEU D 35 23.77 -51.20 20.27
N TYR D 36 22.79 -51.82 19.63
CA TYR D 36 21.40 -51.59 19.97
C TYR D 36 21.16 -51.81 21.44
N HIS D 37 21.76 -52.87 22.01
CA HIS D 37 21.57 -53.10 23.44
C HIS D 37 22.37 -52.17 24.34
N GLN D 38 23.57 -51.77 23.91
CA GLN D 38 24.39 -50.95 24.80
C GLN D 38 24.26 -49.43 24.64
N GLN D 39 23.85 -48.97 23.44
CA GLN D 39 23.74 -47.54 23.15
C GLN D 39 22.77 -46.88 24.13
N GLY D 40 22.94 -45.58 24.39
CA GLY D 40 22.04 -44.87 25.28
C GLY D 40 21.92 -45.55 26.64
N LYS D 41 20.70 -45.76 27.11
CA LYS D 41 20.47 -46.52 28.33
C LYS D 41 20.75 -48.00 28.05
N PRO D 42 21.65 -48.61 28.83
CA PRO D 42 21.92 -50.03 28.63
C PRO D 42 20.65 -50.84 28.78
N GLY D 43 20.49 -51.84 27.93
CA GLY D 43 19.32 -52.69 28.00
C GLY D 43 18.21 -52.14 27.16
N LYS D 44 17.01 -52.66 27.36
CA LYS D 44 15.91 -52.29 26.51
C LYS D 44 14.70 -51.83 27.30
N ILE D 45 14.79 -51.78 28.62
CA ILE D 45 13.62 -51.40 29.38
C ILE D 45 13.89 -50.25 30.31
N GLU D 46 12.79 -49.63 30.73
CA GLU D 46 12.82 -48.52 31.65
C GLU D 46 11.51 -48.55 32.40
N VAL D 47 11.52 -48.18 33.67
CA VAL D 47 10.28 -48.11 34.45
C VAL D 47 9.88 -46.68 34.75
N ILE D 48 8.71 -46.26 34.31
CA ILE D 48 8.30 -44.88 34.53
C ILE D 48 6.98 -44.77 35.28
N SER D 49 6.71 -43.59 35.83
CA SER D 49 5.43 -43.35 36.50
C SER D 49 4.30 -43.02 35.51
N SER D 50 3.13 -43.57 35.79
CA SER D 50 1.94 -43.35 35.01
C SER D 50 1.10 -42.21 35.59
N LYS D 51 1.66 -41.50 36.57
CA LYS D 51 0.92 -40.45 37.27
C LYS D 51 1.81 -39.23 37.57
N PRO D 52 1.20 -38.09 37.83
CA PRO D 52 2.13 -36.98 38.10
C PRO D 52 2.96 -37.18 39.39
N CYS D 53 4.20 -36.76 39.34
CA CYS D 53 5.05 -36.88 40.50
C CYS D 53 6.10 -35.79 40.52
N ALA D 54 5.71 -34.58 40.12
CA ALA D 54 6.66 -33.51 40.07
C ALA D 54 6.56 -32.72 41.34
N THR D 55 5.35 -32.53 41.85
CA THR D 55 5.20 -31.66 43.03
C THR D 55 5.13 -32.41 44.35
N GLU D 56 5.40 -31.71 45.45
CA GLU D 56 5.34 -32.30 46.78
C GLU D 56 3.93 -32.83 46.95
N LYS D 57 2.92 -32.19 46.37
CA LYS D 57 1.57 -32.71 46.53
C LYS D 57 1.40 -34.04 45.78
N ASP D 58 1.91 -34.06 44.56
CA ASP D 58 1.87 -35.27 43.77
C ASP D 58 2.60 -36.37 44.55
N LEU D 59 3.71 -36.01 45.16
CA LEU D 59 4.51 -37.00 45.82
C LEU D 59 3.80 -37.46 47.06
N SER D 60 3.05 -36.55 47.68
CA SER D 60 2.27 -36.84 48.87
C SER D 60 1.10 -37.75 48.57
N LEU D 61 0.75 -37.89 47.28
CA LEU D 61 -0.27 -38.86 46.93
C LEU D 61 0.37 -40.17 46.48
N ALA D 62 1.49 -40.04 45.79
CA ALA D 62 2.18 -41.23 45.31
C ALA D 62 2.82 -41.99 46.48
N TYR D 63 3.26 -41.28 47.50
CA TYR D 63 3.89 -41.96 48.63
C TYR D 63 3.24 -41.50 49.94
N SER D 64 3.96 -41.53 51.06
CA SER D 64 3.42 -41.06 52.33
CA SER D 64 3.36 -41.09 52.31
C SER D 64 3.06 -39.59 52.21
N PRO D 65 1.93 -39.17 52.81
CA PRO D 65 0.92 -39.94 53.53
C PRO D 65 -0.24 -40.47 52.69
N GLY D 66 -0.37 -40.01 51.45
CA GLY D 66 -1.55 -40.35 50.68
C GLY D 66 -1.65 -41.82 50.38
N VAL D 67 -0.52 -42.45 50.13
CA VAL D 67 -0.52 -43.83 49.69
C VAL D 67 -1.14 -44.77 50.74
N ALA D 68 -1.24 -44.30 51.98
CA ALA D 68 -1.85 -45.13 53.01
C ALA D 68 -3.29 -45.49 52.65
N ALA D 69 -3.92 -44.62 51.86
CA ALA D 69 -5.32 -44.77 51.55
C ALA D 69 -5.65 -46.04 50.75
N PRO D 70 -5.00 -46.25 49.58
CA PRO D 70 -5.31 -47.50 48.86
C PRO D 70 -4.90 -48.76 49.65
N CYS D 71 -3.77 -48.69 50.36
CA CYS D 71 -3.34 -49.81 51.19
C CYS D 71 -4.47 -50.29 52.09
N LYS D 72 -5.02 -49.37 52.88
CA LYS D 72 -6.10 -49.68 53.79
C LYS D 72 -7.23 -50.38 53.02
N ALA D 73 -7.51 -49.88 51.82
CA ALA D 73 -8.62 -50.39 51.04
C ALA D 73 -8.31 -51.84 50.67
N ILE D 74 -7.08 -52.09 50.22
CA ILE D 74 -6.69 -53.44 49.84
C ILE D 74 -6.66 -54.33 51.08
N ALA D 75 -6.31 -53.75 52.23
CA ALA D 75 -6.29 -54.54 53.43
C ALA D 75 -7.71 -55.01 53.73
N LYS D 76 -8.71 -54.22 53.35
CA LYS D 76 -10.10 -54.54 53.66
C LYS D 76 -10.70 -55.50 52.66
N ASP D 77 -10.35 -55.28 51.41
CA ASP D 77 -10.84 -56.07 50.29
C ASP D 77 -9.65 -56.30 49.35
N PRO D 78 -8.99 -57.47 49.48
CA PRO D 78 -7.75 -57.78 48.77
C PRO D 78 -7.89 -57.61 47.26
N ALA D 79 -9.08 -57.88 46.73
CA ALA D 79 -9.34 -57.74 45.30
C ALA D 79 -9.01 -56.34 44.79
N LYS D 80 -9.19 -55.35 45.65
CA LYS D 80 -8.97 -53.95 45.27
C LYS D 80 -7.51 -53.72 44.90
N VAL D 81 -6.66 -54.73 45.09
CA VAL D 81 -5.28 -54.62 44.65
C VAL D 81 -5.22 -54.39 43.15
N TYR D 82 -6.21 -54.91 42.45
CA TYR D 82 -6.27 -54.76 41.01
C TYR D 82 -6.71 -53.36 40.57
N ASP D 83 -7.21 -52.58 41.51
CA ASP D 83 -7.77 -51.29 41.19
C ASP D 83 -6.73 -50.17 41.42
N TYR D 84 -5.84 -50.37 42.38
CA TYR D 84 -4.92 -49.33 42.85
C TYR D 84 -3.43 -49.60 42.53
N THR D 85 -3.16 -50.68 41.79
CA THR D 85 -1.79 -51.07 41.50
C THR D 85 -1.68 -51.54 40.05
N ALA D 86 -0.44 -51.69 39.59
CA ALA D 86 -0.21 -52.17 38.23
C ALA D 86 -0.52 -53.67 38.07
N LYS D 87 -0.91 -54.35 39.15
CA LYS D 87 -1.10 -55.82 39.07
C LYS D 87 -1.86 -56.27 37.81
N GLY D 88 -2.99 -55.61 37.51
CA GLY D 88 -3.85 -56.01 36.42
C GLY D 88 -3.27 -55.90 35.02
N ASN D 89 -2.04 -55.40 34.89
CA ASN D 89 -1.42 -55.27 33.57
C ASN D 89 0.06 -55.58 33.66
N LEU D 90 0.41 -56.26 34.75
CA LEU D 90 1.79 -56.59 35.05
C LEU D 90 1.98 -58.11 35.00
N VAL D 91 2.85 -58.58 34.11
CA VAL D 91 3.16 -59.98 33.97
C VAL D 91 4.65 -60.21 34.20
N ALA D 92 4.97 -61.31 34.87
CA ALA D 92 6.36 -61.73 35.09
C ALA D 92 6.83 -62.62 33.94
N VAL D 93 7.96 -62.28 33.33
CA VAL D 93 8.62 -63.21 32.42
C VAL D 93 9.78 -63.81 33.21
N ILE D 94 9.64 -65.06 33.64
CA ILE D 94 10.58 -65.66 34.58
C ILE D 94 11.36 -66.79 33.92
N SER D 95 12.67 -66.79 34.14
CA SER D 95 13.50 -67.84 33.55
C SER D 95 14.73 -68.11 34.38
N ASN D 96 15.22 -69.34 34.32
CA ASN D 96 16.51 -69.71 34.91
C ASN D 96 17.54 -69.91 33.82
N GLY D 97 17.14 -69.70 32.59
CA GLY D 97 18.11 -69.62 31.53
C GLY D 97 18.76 -70.92 31.21
N THR D 98 17.98 -72.00 31.25
CA THR D 98 18.46 -73.33 30.95
C THR D 98 18.07 -73.77 29.54
N ALA D 99 17.24 -72.99 28.84
CA ALA D 99 16.91 -73.30 27.45
C ALA D 99 16.61 -72.00 26.69
N VAL D 100 17.62 -71.13 26.67
CA VAL D 100 17.48 -69.80 26.11
C VAL D 100 17.51 -69.86 24.60
N LEU D 101 16.40 -69.50 23.98
CA LEU D 101 16.27 -69.51 22.53
C LEU D 101 16.75 -70.81 21.97
N GLY D 102 17.81 -70.74 21.16
CA GLY D 102 18.44 -71.93 20.60
C GLY D 102 19.86 -72.05 21.09
N LEU D 103 20.11 -71.46 22.25
CA LEU D 103 21.45 -71.39 22.80
C LEU D 103 21.59 -72.39 23.94
N GLY D 104 20.48 -72.95 24.38
CA GLY D 104 20.53 -73.92 25.46
C GLY D 104 20.71 -73.31 26.85
N ASN D 105 21.42 -74.06 27.68
CA ASN D 105 21.59 -73.73 29.09
C ASN D 105 22.74 -72.77 29.31
N ILE D 106 22.50 -71.46 29.18
CA ILE D 106 23.56 -70.47 29.33
C ILE D 106 23.45 -69.72 30.65
N GLY D 107 22.40 -69.97 31.40
CA GLY D 107 22.33 -69.37 32.72
C GLY D 107 21.46 -68.15 32.73
N PRO D 108 21.05 -67.70 33.91
CA PRO D 108 20.07 -66.61 33.94
C PRO D 108 20.60 -65.22 33.45
N ALA D 109 21.80 -64.80 33.89
CA ALA D 109 22.32 -63.48 33.49
C ALA D 109 22.43 -63.39 31.99
N ALA D 110 22.86 -64.47 31.36
CA ALA D 110 23.09 -64.43 29.93
C ALA D 110 21.77 -64.47 29.18
N GLY D 111 20.73 -64.92 29.87
CA GLY D 111 19.42 -65.01 29.29
C GLY D 111 18.62 -63.74 29.51
N LYS D 112 19.14 -62.83 30.33
CA LYS D 112 18.39 -61.60 30.61
C LYS D 112 17.99 -60.74 29.36
N PRO D 113 18.93 -60.57 28.39
CA PRO D 113 18.48 -59.86 27.19
C PRO D 113 17.24 -60.48 26.51
N VAL D 114 17.13 -61.79 26.49
CA VAL D 114 15.94 -62.30 25.81
C VAL D 114 14.70 -62.13 26.67
N MET D 115 14.82 -62.07 28.00
CA MET D 115 13.60 -61.93 28.78
C MET D 115 13.09 -60.51 28.67
N GLU D 116 14.02 -59.55 28.69
CA GLU D 116 13.68 -58.16 28.36
C GLU D 116 13.00 -58.06 27.00
N GLY D 117 13.59 -58.69 25.97
CA GLY D 117 12.98 -58.73 24.65
C GLY D 117 11.56 -59.26 24.68
N LYS D 118 11.35 -60.38 25.37
CA LYS D 118 10.00 -60.94 25.47
C LYS D 118 9.03 -59.97 26.13
N GLY D 119 9.49 -59.28 27.17
CA GLY D 119 8.72 -58.17 27.71
C GLY D 119 8.36 -57.13 26.64
N ILE D 120 9.33 -56.69 25.84
CA ILE D 120 9.05 -55.79 24.75
C ILE D 120 7.92 -56.34 23.85
N LEU D 121 7.99 -57.62 23.51
CA LEU D 121 6.92 -58.22 22.71
C LEU D 121 5.56 -58.13 23.39
N PHE D 122 5.50 -58.45 24.68
CA PHE D 122 4.27 -58.29 25.47
C PHE D 122 3.70 -56.87 25.38
N LYS D 123 4.56 -55.88 25.59
CA LYS D 123 4.11 -54.50 25.55
C LYS D 123 3.65 -54.10 24.16
N GLN D 124 4.40 -54.46 23.13
CA GLN D 124 4.09 -54.02 21.79
C GLN D 124 2.90 -54.69 21.24
N PHE D 125 2.66 -55.92 21.64
CA PHE D 125 1.60 -56.65 21.00
C PHE D 125 0.33 -56.72 21.84
N ALA D 126 0.42 -56.45 23.15
CA ALA D 126 -0.79 -56.43 23.97
C ALA D 126 -0.84 -55.30 25.00
N GLY D 127 0.13 -54.42 24.98
CA GLY D 127 0.12 -53.34 25.96
C GLY D 127 0.26 -53.82 27.38
N ILE D 128 0.93 -54.96 27.54
CA ILE D 128 1.16 -55.56 28.84
C ILE D 128 2.51 -55.11 29.42
N ASP D 129 2.50 -54.67 30.68
CA ASP D 129 3.75 -54.33 31.38
C ASP D 129 4.44 -55.60 31.88
N VAL D 130 5.77 -55.68 31.80
CA VAL D 130 6.48 -56.90 32.17
C VAL D 130 7.66 -56.63 33.08
N PHE D 131 7.77 -57.44 34.13
CA PHE D 131 9.02 -57.50 34.88
C PHE D 131 9.77 -58.74 34.39
N ASP D 132 11.01 -58.57 33.93
CA ASP D 132 11.79 -59.73 33.54
C ASP D 132 12.50 -60.21 34.81
N ILE D 133 12.29 -61.46 35.17
CA ILE D 133 12.85 -62.00 36.40
C ILE D 133 13.73 -63.19 36.03
N GLU D 134 15.04 -63.03 36.20
CA GLU D 134 15.97 -64.11 35.91
C GLU D 134 16.32 -64.86 37.17
N VAL D 135 15.99 -66.15 37.25
CA VAL D 135 16.19 -66.86 38.51
C VAL D 135 17.39 -67.81 38.50
N ALA D 136 18.25 -67.73 39.52
CA ALA D 136 19.43 -68.57 39.57
C ALA D 136 19.12 -69.87 40.33
N ALA D 137 18.22 -70.65 39.75
CA ALA D 137 17.76 -71.88 40.38
C ALA D 137 17.47 -72.98 39.35
N THR D 138 18.28 -74.03 39.36
CA THR D 138 18.08 -75.15 38.48
C THR D 138 17.27 -76.24 39.13
N ASP D 139 17.23 -76.22 40.47
CA ASP D 139 16.44 -77.20 41.21
C ASP D 139 14.97 -76.83 41.10
N VAL D 140 14.14 -77.80 40.72
CA VAL D 140 12.71 -77.57 40.60
C VAL D 140 12.15 -77.04 41.91
N ASP D 141 12.64 -77.60 43.03
CA ASP D 141 12.09 -77.24 44.33
C ASP D 141 12.41 -75.82 44.70
N VAL D 142 13.67 -75.40 44.58
CA VAL D 142 13.97 -74.04 45.00
C VAL D 142 13.36 -73.03 44.06
N PHE D 143 13.38 -73.30 42.75
CA PHE D 143 12.75 -72.42 41.77
C PHE D 143 11.26 -72.23 42.07
N CYS D 144 10.51 -73.32 42.25
CA CYS D 144 9.07 -73.21 42.54
C CYS D 144 8.83 -72.53 43.88
N ASN D 145 9.69 -72.81 44.85
CA ASN D 145 9.59 -72.15 46.15
C ASN D 145 9.82 -70.64 46.06
N ALA D 146 10.68 -70.22 45.14
CA ALA D 146 10.98 -68.82 44.99
C ALA D 146 9.85 -68.14 44.24
N VAL D 147 9.41 -68.76 43.15
CA VAL D 147 8.42 -68.11 42.31
C VAL D 147 7.07 -68.05 43.00
N ARG D 148 6.65 -69.14 43.66
CA ARG D 148 5.34 -69.19 44.30
C ARG D 148 5.00 -67.98 45.14
N VAL D 149 6.00 -67.39 45.78
CA VAL D 149 5.70 -66.37 46.76
C VAL D 149 5.67 -64.97 46.14
N LEU D 150 5.88 -64.89 44.83
CA LEU D 150 5.84 -63.61 44.13
C LEU D 150 4.43 -63.20 43.68
N GLU D 151 3.47 -64.08 43.93
CA GLU D 151 2.09 -63.91 43.44
C GLU D 151 1.48 -62.54 43.76
N PRO D 152 1.67 -62.01 45.00
CA PRO D 152 1.04 -60.72 45.24
C PRO D 152 1.49 -59.65 44.24
N THR D 153 2.70 -59.80 43.71
CA THR D 153 3.28 -58.80 42.82
C THR D 153 2.63 -58.76 41.45
N PHE D 154 2.22 -59.91 40.92
CA PHE D 154 1.89 -60.00 39.49
C PHE D 154 0.47 -60.38 39.19
N GLY D 155 0.01 -60.02 37.99
CA GLY D 155 -1.31 -60.41 37.52
C GLY D 155 -1.20 -61.74 36.81
N GLY D 156 0.01 -62.05 36.34
CA GLY D 156 0.26 -63.33 35.70
C GLY D 156 1.74 -63.68 35.56
N ILE D 157 2.00 -64.97 35.38
CA ILE D 157 3.36 -65.47 35.25
C ILE D 157 3.58 -66.10 33.88
N ASN D 158 4.60 -65.61 33.16
CA ASN D 158 5.02 -66.24 31.92
C ASN D 158 6.35 -66.95 32.15
N LEU D 159 6.31 -68.27 32.38
CA LEU D 159 7.53 -69.05 32.47
C LEU D 159 8.12 -69.09 31.08
N GLU D 160 9.43 -68.97 30.97
CA GLU D 160 10.05 -68.79 29.67
C GLU D 160 11.41 -69.44 29.59
N ASP D 161 11.65 -70.18 28.52
CA ASP D 161 12.98 -70.72 28.26
C ASP D 161 13.58 -71.51 29.43
N ILE D 162 12.84 -72.52 29.88
CA ILE D 162 13.33 -73.46 30.87
C ILE D 162 13.33 -74.85 30.25
N LYS D 163 14.45 -75.56 30.39
CA LYS D 163 14.64 -76.85 29.73
C LYS D 163 13.71 -77.97 30.22
N ALA D 164 13.49 -78.96 29.38
CA ALA D 164 12.78 -80.19 29.81
C ALA D 164 13.75 -81.10 30.53
N PRO D 165 13.25 -81.94 31.47
CA PRO D 165 11.85 -82.08 31.87
C PRO D 165 11.43 -81.19 33.04
N GLU D 166 12.36 -80.39 33.56
CA GLU D 166 12.06 -79.51 34.68
C GLU D 166 10.85 -78.63 34.42
N CYS D 167 10.70 -78.14 33.19
CA CYS D 167 9.60 -77.23 32.92
C CYS D 167 8.23 -77.84 33.17
N PHE D 168 8.13 -79.14 32.99
CA PHE D 168 6.86 -79.84 33.17
C PHE D 168 6.48 -79.85 34.65
N GLU D 169 7.43 -80.30 35.47
CA GLU D 169 7.23 -80.35 36.91
C GLU D 169 6.95 -78.94 37.43
N ILE D 170 7.77 -77.98 36.99
CA ILE D 170 7.65 -76.60 37.44
C ILE D 170 6.28 -76.04 37.12
N GLU D 171 5.87 -76.13 35.85
CA GLU D 171 4.59 -75.58 35.47
C GLU D 171 3.42 -76.26 36.17
N GLU D 172 3.38 -77.59 36.19
CA GLU D 172 2.24 -78.23 36.86
C GLU D 172 2.15 -77.79 38.32
N ARG D 173 3.32 -77.74 38.94
CA ARG D 173 3.39 -77.42 40.36
C ARG D 173 2.91 -76.03 40.68
N LEU D 174 3.45 -75.06 39.94
CA LEU D 174 3.10 -73.66 40.16
C LEU D 174 1.66 -73.37 39.73
N LYS D 175 1.17 -74.09 38.73
CA LYS D 175 -0.21 -73.91 38.32
C LYS D 175 -1.13 -74.33 39.44
N LYS D 176 -0.79 -75.43 40.08
CA LYS D 176 -1.67 -75.85 41.18
C LYS D 176 -1.57 -74.87 42.34
N GLU D 177 -0.33 -74.52 42.71
CA GLU D 177 0.03 -73.67 43.86
C GLU D 177 -0.33 -72.17 43.82
N MET D 178 -0.46 -71.59 42.63
CA MET D 178 -0.62 -70.14 42.50
C MET D 178 -2.02 -69.81 42.03
N ASN D 179 -2.52 -68.67 42.46
CA ASN D 179 -3.87 -68.26 42.11
C ASN D 179 -3.89 -67.15 41.04
N ILE D 180 -2.79 -67.04 40.30
CA ILE D 180 -2.75 -66.16 39.12
C ILE D 180 -2.35 -67.09 38.00
N PRO D 181 -2.66 -66.71 36.76
CA PRO D 181 -2.35 -67.59 35.63
C PRO D 181 -0.86 -67.90 35.54
N VAL D 182 -0.53 -69.17 35.31
CA VAL D 182 0.87 -69.59 35.09
C VAL D 182 0.93 -70.32 33.77
N PHE D 183 1.90 -69.94 32.96
CA PHE D 183 1.91 -70.33 31.55
C PHE D 183 3.34 -70.36 31.03
N HIS D 184 3.83 -71.57 30.74
CA HIS D 184 5.15 -71.69 30.15
C HIS D 184 4.99 -71.66 28.64
N ASP D 185 5.35 -70.51 28.03
CA ASP D 185 5.03 -70.27 26.61
C ASP D 185 5.74 -71.27 25.70
N ASP D 186 6.98 -71.64 26.04
CA ASP D 186 7.69 -72.63 25.23
C ASP D 186 6.93 -73.97 25.08
N GLN D 187 6.15 -74.34 26.07
CA GLN D 187 5.35 -75.55 25.99
C GLN D 187 4.14 -75.38 25.08
N HIS D 188 3.44 -74.25 25.21
CA HIS D 188 2.10 -74.17 24.63
C HIS D 188 1.94 -73.34 23.35
N GLY D 189 2.89 -72.45 23.09
CA GLY D 189 2.81 -71.60 21.91
C GLY D 189 2.65 -72.36 20.61
N THR D 190 3.64 -73.18 20.33
CA THR D 190 3.66 -73.97 19.11
C THR D 190 2.39 -74.80 18.98
N ALA D 191 1.93 -75.38 20.10
CA ALA D 191 0.70 -76.16 20.07
C ALA D 191 -0.49 -75.32 19.60
N ILE D 192 -0.68 -74.16 20.22
CA ILE D 192 -1.79 -73.28 19.87
C ILE D 192 -1.76 -72.79 18.41
N VAL D 193 -0.62 -72.22 17.99
CA VAL D 193 -0.56 -71.71 16.61
C VAL D 193 -0.65 -72.82 15.55
N SER D 194 0.15 -73.89 15.72
CA SER D 194 0.15 -74.97 14.75
C SER D 194 -1.16 -75.73 14.79
N GLY D 195 -1.78 -75.75 15.95
CA GLY D 195 -3.13 -76.26 16.11
C GLY D 195 -4.10 -75.51 15.22
N ALA D 196 -4.08 -74.16 15.27
CA ALA D 196 -4.94 -73.36 14.37
C ALA D 196 -4.67 -73.69 12.90
N ALA D 197 -3.38 -73.70 12.57
CA ALA D 197 -2.95 -74.03 11.22
C ALA D 197 -3.53 -75.39 10.80
N LEU D 198 -3.54 -76.34 11.74
CA LEU D 198 -4.01 -77.69 11.46
C LEU D 198 -5.51 -77.76 11.26
N LEU D 199 -6.27 -77.04 12.08
CA LEU D 199 -7.70 -76.97 11.90
C LEU D 199 -7.98 -76.54 10.48
N ASN D 200 -7.40 -75.39 10.10
CA ASN D 200 -7.65 -74.89 8.75
C ASN D 200 -7.17 -75.82 7.63
N ALA D 201 -6.01 -76.45 7.82
CA ALA D 201 -5.45 -77.39 6.87
C ALA D 201 -6.35 -78.63 6.69
N CYS D 202 -6.98 -79.08 7.77
CA CYS D 202 -7.89 -80.21 7.67
C CYS D 202 -9.11 -79.78 6.95
N SER D 203 -9.55 -78.57 7.25
CA SER D 203 -10.72 -78.01 6.59
C SER D 203 -10.53 -77.92 5.08
N ILE D 204 -9.35 -77.48 4.66
CA ILE D 204 -9.03 -77.40 3.23
C ILE D 204 -9.04 -78.75 2.53
N THR D 205 -8.43 -79.73 3.17
CA THR D 205 -8.23 -81.05 2.56
C THR D 205 -9.29 -82.05 2.91
N ASN D 206 -10.40 -81.54 3.46
CA ASN D 206 -11.59 -82.33 3.74
C ASN D 206 -11.29 -83.51 4.64
N ARG D 207 -10.54 -83.23 5.69
CA ARG D 207 -10.28 -84.19 6.74
C ARG D 207 -11.17 -83.93 7.93
N LYS D 208 -11.49 -84.98 8.67
CA LYS D 208 -12.10 -84.84 9.98
C LYS D 208 -11.06 -85.21 11.02
N MET D 209 -11.05 -84.50 12.15
CA MET D 209 -9.97 -84.62 13.14
C MET D 209 -9.84 -86.00 13.78
N GLU D 210 -10.96 -86.68 13.97
CA GLU D 210 -10.99 -87.99 14.63
C GLU D 210 -10.28 -89.06 13.78
N THR D 211 -10.12 -88.77 12.49
CA THR D 211 -9.54 -89.74 11.56
C THR D 211 -8.11 -89.36 11.23
N VAL D 212 -7.69 -88.17 11.68
CA VAL D 212 -6.38 -87.67 11.27
C VAL D 212 -5.29 -88.35 12.08
N ARG D 213 -4.29 -88.86 11.36
CA ARG D 213 -3.11 -89.50 11.94
C ARG D 213 -1.90 -88.57 12.05
N ILE D 214 -1.46 -88.29 13.26
CA ILE D 214 -0.41 -87.31 13.44
C ILE D 214 0.86 -87.91 14.03
N VAL D 215 2.02 -87.46 13.56
CA VAL D 215 3.27 -87.87 14.14
C VAL D 215 4.09 -86.64 14.51
N VAL D 216 4.48 -86.51 15.78
CA VAL D 216 5.30 -85.38 16.19
C VAL D 216 6.68 -85.92 16.47
N ASN D 217 7.67 -85.22 15.93
CA ASN D 217 9.07 -85.65 16.01
C ASN D 217 9.92 -84.70 16.83
N GLY D 218 10.34 -85.15 18.00
CA GLY D 218 11.05 -84.29 18.92
C GLY D 218 10.37 -84.39 20.27
N ALA D 219 11.15 -84.31 21.34
CA ALA D 219 10.58 -84.41 22.68
C ALA D 219 10.98 -83.21 23.53
N GLY D 220 11.12 -82.06 22.89
CA GLY D 220 11.43 -80.84 23.61
C GLY D 220 10.24 -80.40 24.44
N ALA D 221 10.22 -79.14 24.86
CA ALA D 221 9.16 -78.68 25.73
C ALA D 221 7.84 -78.60 24.99
N SER D 222 7.88 -78.39 23.68
CA SER D 222 6.64 -78.11 22.95
C SER D 222 5.80 -79.34 22.50
N ALA D 223 6.34 -80.56 22.58
CA ALA D 223 5.63 -81.70 21.97
C ALA D 223 4.33 -82.11 22.68
N ASN D 224 4.41 -82.35 23.98
CA ASN D 224 3.25 -82.81 24.73
C ASN D 224 2.04 -81.94 24.51
N SER D 225 2.28 -80.64 24.46
CA SER D 225 1.18 -79.72 24.33
C SER D 225 0.58 -79.83 22.92
N CYS D 226 1.40 -80.12 21.91
CA CYS D 226 0.86 -80.42 20.58
C CYS D 226 -0.09 -81.56 20.66
N ALA D 227 0.34 -82.66 21.30
CA ALA D 227 -0.55 -83.83 21.40
C ALA D 227 -1.85 -83.50 22.14
N LYS D 228 -1.72 -82.85 23.30
CA LYS D 228 -2.87 -82.51 24.13
C LYS D 228 -3.87 -81.61 23.37
N ILE D 229 -3.37 -80.55 22.74
CA ILE D 229 -4.25 -79.65 22.01
C ILE D 229 -4.87 -80.33 20.81
N PHE D 230 -4.10 -81.13 20.08
CA PHE D 230 -4.67 -81.76 18.91
C PHE D 230 -5.82 -82.70 19.29
N ILE D 231 -5.65 -83.49 20.36
CA ILE D 231 -6.78 -84.35 20.74
C ILE D 231 -7.92 -83.42 21.17
N ALA D 232 -7.60 -82.32 21.84
CA ALA D 232 -8.63 -81.39 22.28
C ALA D 232 -9.46 -80.85 21.12
N LEU D 233 -8.85 -80.71 19.94
CA LEU D 233 -9.55 -80.19 18.76
C LEU D 233 -10.33 -81.28 18.04
N GLY D 234 -10.19 -82.51 18.49
CA GLY D 234 -10.99 -83.58 17.93
C GLY D 234 -10.19 -84.77 17.44
N ALA D 235 -8.88 -84.64 17.49
CA ALA D 235 -8.01 -85.77 17.16
C ALA D 235 -8.15 -86.83 18.24
N ARG D 236 -7.88 -88.08 17.86
CA ARG D 236 -7.92 -89.19 18.80
C ARG D 236 -6.54 -89.59 19.20
N ARG D 237 -6.40 -89.99 20.45
CA ARG D 237 -5.10 -90.34 21.01
C ARG D 237 -4.42 -91.49 20.27
N GLU D 238 -5.17 -92.52 19.89
CA GLU D 238 -4.64 -93.69 19.19
C GLU D 238 -3.96 -93.30 17.89
N ASN D 239 -4.37 -92.15 17.37
CA ASN D 239 -3.84 -91.65 16.12
C ASN D 239 -2.61 -90.74 16.26
N ILE D 240 -2.07 -90.58 17.46
CA ILE D 240 -0.94 -89.69 17.62
C ILE D 240 0.29 -90.45 18.13
N ILE D 241 1.39 -90.34 17.40
CA ILE D 241 2.62 -91.05 17.74
C ILE D 241 3.73 -90.07 17.98
N MET D 242 4.37 -90.16 19.13
CA MET D 242 5.41 -89.23 19.50
C MET D 242 6.77 -89.92 19.31
N CYS D 243 7.76 -89.22 18.81
CA CYS D 243 9.10 -89.78 18.66
C CYS D 243 10.11 -88.85 19.26
N ASP D 244 11.23 -89.43 19.69
CA ASP D 244 12.36 -88.59 20.09
C ASP D 244 13.56 -89.11 19.33
N SER D 245 14.76 -88.87 19.84
CA SER D 245 15.98 -89.29 19.19
C SER D 245 16.02 -90.81 19.03
N GLN D 246 15.40 -91.51 19.97
CA GLN D 246 15.47 -92.98 20.02
C GLN D 246 14.42 -93.69 19.20
N GLY D 247 13.52 -92.95 18.56
CA GLY D 247 12.47 -93.55 17.78
C GLY D 247 11.10 -93.35 18.41
N VAL D 248 10.16 -94.24 18.12
CA VAL D 248 8.82 -94.12 18.65
C VAL D 248 8.77 -94.18 20.17
N ILE D 249 7.93 -93.34 20.78
CA ILE D 249 7.68 -93.46 22.21
C ILE D 249 6.50 -94.42 22.39
N TYR D 250 6.80 -95.69 22.54
CA TYR D 250 5.76 -96.68 22.73
C TYR D 250 5.57 -96.97 24.21
N LYS D 251 4.37 -97.39 24.61
CA LYS D 251 4.17 -97.76 26.00
C LYS D 251 4.97 -99.02 26.30
N GLY D 252 5.68 -98.97 27.41
CA GLY D 252 6.46 -100.08 27.90
C GLY D 252 7.93 -99.87 27.58
N ARG D 253 8.24 -98.79 26.89
CA ARG D 253 9.63 -98.45 26.56
C ARG D 253 10.33 -97.97 27.80
N THR D 254 11.64 -98.19 27.87
CA THR D 254 12.40 -97.83 29.09
C THR D 254 13.49 -96.78 28.78
N ALA D 255 14.13 -96.92 27.62
CA ALA D 255 15.29 -96.12 27.22
C ALA D 255 14.97 -94.64 27.11
N GLY D 256 15.41 -93.87 28.09
CA GLY D 256 15.31 -92.43 27.99
C GLY D 256 13.89 -91.94 28.20
N MET D 257 13.22 -92.48 29.20
CA MET D 257 11.84 -92.09 29.46
C MET D 257 11.74 -91.24 30.70
N ASN D 258 10.59 -90.60 30.88
CA ASN D 258 10.29 -89.98 32.15
C ASN D 258 8.80 -89.84 32.28
N LYS D 259 8.38 -89.32 33.43
CA LYS D 259 6.97 -89.19 33.76
C LYS D 259 6.15 -88.62 32.60
N TYR D 260 6.76 -87.65 31.92
CA TYR D 260 6.07 -86.78 31.00
C TYR D 260 6.14 -87.27 29.57
N LYS D 261 7.19 -88.01 29.22
CA LYS D 261 7.24 -88.59 27.89
C LYS D 261 6.30 -89.78 27.78
N GLU D 262 5.79 -90.26 28.90
CA GLU D 262 4.94 -91.45 28.91
C GLU D 262 3.52 -91.00 28.59
N TYR D 263 3.29 -89.69 28.78
CA TYR D 263 1.99 -89.07 28.62
C TYR D 263 1.25 -89.42 27.33
N PHE D 264 1.99 -89.59 26.24
CA PHE D 264 1.36 -89.80 24.95
C PHE D 264 2.04 -90.96 24.23
N ALA D 265 2.61 -91.82 25.06
CA ALA D 265 3.23 -93.04 24.60
C ALA D 265 2.17 -93.90 23.93
N SER D 266 2.53 -94.43 22.77
CA SER D 266 1.62 -95.14 21.88
C SER D 266 1.65 -96.65 21.98
N GLU D 267 0.54 -97.29 21.64
CA GLU D 267 0.48 -98.75 21.59
C GLU D 267 0.72 -99.25 20.17
N THR D 268 1.38 -98.43 19.36
CA THR D 268 1.70 -98.79 18.00
C THR D 268 2.80 -99.85 17.96
N GLU D 269 2.85 -100.64 16.90
CA GLU D 269 3.97 -101.57 16.71
C GLU D 269 5.18 -100.91 16.05
N ALA D 270 4.96 -99.73 15.44
CA ALA D 270 6.03 -98.98 14.79
C ALA D 270 7.06 -98.55 15.81
N ARG D 271 8.33 -98.63 15.44
CA ARG D 271 9.38 -98.37 16.41
C ARG D 271 10.32 -97.28 15.89
N THR D 272 10.53 -97.22 14.59
CA THR D 272 11.28 -96.10 14.00
C THR D 272 10.34 -95.00 13.48
N LEU D 273 10.90 -93.81 13.23
CA LEU D 273 10.11 -92.67 12.72
C LEU D 273 9.55 -92.96 11.34
N THR D 274 10.37 -93.52 10.46
CA THR D 274 9.93 -93.73 9.10
C THR D 274 8.71 -94.66 9.12
N GLU D 275 8.66 -95.55 10.11
CA GLU D 275 7.54 -96.48 10.25
C GLU D 275 6.26 -95.80 10.76
N ALA D 276 6.43 -94.86 11.66
CA ALA D 276 5.28 -94.07 12.12
C ALA D 276 4.75 -93.15 11.00
N LEU D 277 5.63 -92.60 10.17
CA LEU D 277 5.19 -91.70 9.10
C LEU D 277 4.68 -92.40 7.85
N ARG D 278 4.40 -93.67 7.98
CA ARG D 278 4.00 -94.36 6.78
C ARG D 278 2.49 -94.18 6.81
N GLY D 279 1.91 -93.62 5.74
CA GLY D 279 0.48 -93.33 5.73
C GLY D 279 -0.02 -92.27 6.70
N ALA D 280 0.89 -91.48 7.23
CA ALA D 280 0.51 -90.44 8.20
C ALA D 280 -0.02 -89.23 7.45
N ASP D 281 -0.92 -88.50 8.10
CA ASP D 281 -1.50 -87.27 7.52
C ASP D 281 -0.64 -86.05 7.86
N VAL D 282 -0.19 -85.98 9.13
CA VAL D 282 0.44 -84.80 9.66
C VAL D 282 1.80 -85.13 10.28
N PHE D 283 2.81 -84.33 9.94
CA PHE D 283 4.12 -84.42 10.55
C PHE D 283 4.40 -83.15 11.36
N VAL D 284 4.50 -83.27 12.66
CA VAL D 284 4.83 -82.09 13.45
C VAL D 284 6.29 -82.22 13.85
N GLY D 285 7.17 -81.54 13.13
CA GLY D 285 8.60 -81.68 13.34
C GLY D 285 9.14 -80.66 14.35
N LEU D 286 9.61 -81.13 15.51
CA LEU D 286 10.18 -80.24 16.51
C LEU D 286 11.61 -80.71 16.70
N SER D 287 12.33 -80.92 15.61
CA SER D 287 13.57 -81.65 15.71
C SER D 287 14.76 -80.98 15.01
N VAL D 288 15.25 -81.58 13.93
CA VAL D 288 16.51 -81.16 13.29
C VAL D 288 16.42 -81.13 11.77
N ALA D 289 17.25 -80.32 11.11
CA ALA D 289 17.25 -80.24 9.65
C ALA D 289 17.47 -81.62 9.07
N GLY D 290 16.74 -81.95 8.03
CA GLY D 290 16.94 -83.21 7.35
C GLY D 290 16.20 -84.38 7.98
N ALA D 291 15.56 -84.16 9.13
CA ALA D 291 14.85 -85.23 9.80
C ALA D 291 13.75 -85.84 8.91
N LEU D 292 13.16 -85.00 8.06
CA LEU D 292 12.09 -85.43 7.15
C LEU D 292 12.68 -85.63 5.75
N THR D 293 12.51 -86.83 5.23
CA THR D 293 13.14 -87.22 4.00
C THR D 293 12.16 -87.27 2.84
N PRO D 294 12.64 -87.04 1.60
CA PRO D 294 11.74 -87.22 0.46
C PRO D 294 11.13 -88.63 0.46
N GLU D 295 11.85 -89.65 0.92
CA GLU D 295 11.25 -90.98 1.06
C GLU D 295 10.12 -91.03 2.10
N MET D 296 10.34 -90.38 3.24
CA MET D 296 9.29 -90.38 4.23
C MET D 296 8.06 -89.68 3.69
N LEU D 297 8.27 -88.58 2.94
CA LEU D 297 7.15 -87.83 2.37
C LEU D 297 6.42 -88.62 1.31
N LYS D 298 7.20 -89.26 0.44
CA LYS D 298 6.63 -90.02 -0.65
C LYS D 298 5.76 -91.10 -0.05
N ASP D 299 6.06 -91.51 1.18
CA ASP D 299 5.15 -92.48 1.81
C ASP D 299 4.14 -91.89 2.83
N MET D 300 3.96 -90.58 2.87
CA MET D 300 2.84 -90.02 3.65
C MET D 300 1.51 -90.09 2.91
N ALA D 301 0.43 -89.82 3.64
CA ALA D 301 -0.91 -89.83 3.05
C ALA D 301 -1.08 -88.75 1.98
N LYS D 302 -2.19 -88.82 1.22
CA LYS D 302 -2.48 -87.80 0.22
C LYS D 302 -2.62 -86.45 0.91
N ASP D 303 -2.09 -85.40 0.30
CA ASP D 303 -2.13 -84.07 0.89
C ASP D 303 -1.51 -84.04 2.27
N PRO D 304 -0.23 -84.41 2.38
CA PRO D 304 0.41 -84.46 3.69
C PRO D 304 0.56 -83.08 4.28
N ILE D 305 0.35 -82.97 5.58
CA ILE D 305 0.49 -81.69 6.25
C ILE D 305 1.80 -81.71 7.02
N ILE D 306 2.71 -80.81 6.65
CA ILE D 306 4.03 -80.75 7.25
C ILE D 306 4.28 -79.46 8.03
N PHE D 307 4.46 -79.62 9.33
CA PHE D 307 4.87 -78.56 10.19
C PHE D 307 6.35 -78.76 10.48
N ALA D 308 7.23 -78.10 9.74
CA ALA D 308 8.66 -78.22 9.93
C ALA D 308 9.19 -77.07 10.81
N MET D 309 9.26 -77.30 12.11
CA MET D 309 9.48 -76.24 13.09
C MET D 309 10.90 -76.19 13.61
N ALA D 310 11.82 -76.89 12.97
CA ALA D 310 13.17 -76.92 13.51
C ALA D 310 13.82 -75.53 13.44
N ASN D 311 14.68 -75.24 14.41
CA ASN D 311 15.44 -73.99 14.41
C ASN D 311 16.90 -74.33 14.36
N PRO D 312 17.70 -73.53 13.65
CA PRO D 312 17.32 -72.36 12.86
C PRO D 312 16.71 -72.75 11.53
N GLU D 313 17.02 -73.95 11.07
CA GLU D 313 16.58 -74.40 9.75
C GLU D 313 15.57 -75.53 9.86
N PRO D 314 14.54 -75.50 9.01
CA PRO D 314 13.48 -76.51 9.07
C PRO D 314 13.91 -77.91 8.61
N GLU D 315 13.11 -78.91 9.00
CA GLU D 315 13.37 -80.30 8.67
C GLU D 315 13.45 -80.45 7.17
N ILE D 316 12.69 -79.61 6.47
CA ILE D 316 12.72 -79.58 5.01
C ILE D 316 12.18 -78.24 4.52
N THR D 317 12.75 -77.72 3.44
CA THR D 317 12.23 -76.45 2.90
C THR D 317 10.99 -76.74 2.06
N PRO D 318 10.06 -75.77 1.97
CA PRO D 318 8.81 -75.99 1.25
C PRO D 318 9.05 -76.39 -0.19
N ASP D 319 10.05 -75.77 -0.82
CA ASP D 319 10.34 -76.13 -2.20
C ASP D 319 10.73 -77.58 -2.33
N LYS D 320 11.51 -78.10 -1.38
CA LYS D 320 11.89 -79.51 -1.47
C LYS D 320 10.76 -80.46 -1.12
N ALA D 321 9.97 -80.13 -0.11
CA ALA D 321 8.85 -80.98 0.24
C ALA D 321 7.86 -81.07 -0.91
N ARG D 322 7.60 -79.95 -1.59
CA ARG D 322 6.70 -79.95 -2.74
C ARG D 322 7.37 -80.57 -3.98
N ALA D 323 8.70 -80.52 -4.02
CA ALA D 323 9.44 -81.20 -5.07
C ALA D 323 9.23 -82.69 -4.98
N ALA D 324 9.38 -83.20 -3.77
CA ALA D 324 9.13 -84.61 -3.47
C ALA D 324 7.64 -84.88 -3.63
N ARG D 325 6.82 -84.05 -2.99
CA ARG D 325 5.37 -84.18 -3.09
C ARG D 325 4.58 -82.87 -3.22
N PRO D 326 4.10 -82.60 -4.44
CA PRO D 326 3.39 -81.39 -4.83
C PRO D 326 2.12 -81.15 -4.03
N ASP D 327 1.51 -82.21 -3.49
CA ASP D 327 0.27 -82.06 -2.76
C ASP D 327 0.51 -81.71 -1.30
N ALA D 328 1.76 -81.43 -0.94
CA ALA D 328 2.07 -81.12 0.44
C ALA D 328 1.67 -79.69 0.80
N ILE D 329 1.32 -79.54 2.08
CA ILE D 329 0.99 -78.27 2.71
C ILE D 329 2.02 -78.05 3.81
N ILE D 330 2.68 -76.89 3.88
CA ILE D 330 3.85 -76.78 4.73
C ILE D 330 3.79 -75.51 5.59
N ALA D 331 4.21 -75.61 6.84
CA ALA D 331 4.36 -74.45 7.67
C ALA D 331 5.69 -74.62 8.38
N THR D 332 6.42 -73.53 8.58
CA THR D 332 7.74 -73.61 9.19
C THR D 332 7.80 -72.55 10.26
N GLY D 333 8.94 -72.43 10.92
CA GLY D 333 9.15 -71.33 11.82
C GLY D 333 9.84 -70.11 11.19
N ARG D 334 10.06 -70.15 9.88
CA ARG D 334 10.80 -69.09 9.20
C ARG D 334 9.84 -68.09 8.54
N SER D 335 10.23 -66.81 8.54
CA SER D 335 9.42 -65.77 7.87
C SER D 335 9.63 -65.75 6.35
N ASP D 336 10.66 -66.42 5.87
CA ASP D 336 10.92 -66.48 4.42
C ASP D 336 9.82 -67.24 3.71
N TYR D 337 9.11 -68.10 4.43
CA TYR D 337 8.14 -68.98 3.78
C TYR D 337 6.70 -68.66 4.25
N PRO D 338 5.70 -69.04 3.45
CA PRO D 338 4.32 -68.92 3.92
C PRO D 338 4.07 -69.71 5.22
N ASN D 339 2.92 -69.47 5.83
CA ASN D 339 2.50 -70.19 7.04
C ASN D 339 3.48 -70.23 8.22
N GLN D 340 4.15 -69.13 8.50
CA GLN D 340 5.05 -69.09 9.65
C GLN D 340 4.31 -69.26 10.97
N VAL D 341 4.69 -70.24 11.77
CA VAL D 341 4.13 -70.31 13.12
C VAL D 341 5.15 -69.65 14.04
N ASN D 342 4.71 -68.66 14.80
CA ASN D 342 5.57 -67.92 15.73
C ASN D 342 4.84 -67.66 17.02
N ASN D 343 5.49 -67.84 18.17
CA ASN D 343 4.72 -67.78 19.40
C ASN D 343 4.03 -66.49 19.70
N VAL D 344 4.44 -65.44 19.01
CA VAL D 344 3.91 -64.12 19.24
C VAL D 344 2.42 -64.04 18.86
N LEU D 345 1.92 -65.02 18.11
CA LEU D 345 0.49 -65.04 17.80
C LEU D 345 -0.31 -65.47 19.02
N GLY D 346 0.36 -66.03 20.02
CA GLY D 346 -0.31 -66.62 21.16
C GLY D 346 -0.32 -65.85 22.46
N PHE D 347 0.82 -65.76 23.14
CA PHE D 347 0.83 -65.21 24.50
C PHE D 347 0.27 -63.77 24.64
N PRO D 348 0.49 -62.89 23.65
CA PRO D 348 -0.04 -61.53 23.93
C PRO D 348 -1.56 -61.52 24.09
N SER D 349 -2.28 -62.13 23.18
CA SER D 349 -3.70 -62.07 23.31
C SER D 349 -4.16 -62.91 24.51
N ILE D 350 -3.53 -64.05 24.74
CA ILE D 350 -3.95 -64.94 25.81
C ILE D 350 -3.83 -64.23 27.14
N PHE D 351 -2.66 -63.69 27.41
CA PHE D 351 -2.50 -62.95 28.65
C PHE D 351 -3.41 -61.70 28.69
N ARG D 352 -3.59 -61.00 27.58
CA ARG D 352 -4.49 -59.89 27.65
C ARG D 352 -5.88 -60.31 28.16
N GLY D 353 -6.43 -61.36 27.57
CA GLY D 353 -7.76 -61.82 27.97
C GLY D 353 -7.76 -62.22 29.44
N ALA D 354 -6.69 -62.90 29.82
CA ALA D 354 -6.62 -63.40 31.17
C ALA D 354 -6.65 -62.24 32.15
N LEU D 355 -5.80 -61.26 31.91
CA LEU D 355 -5.70 -60.11 32.79
C LEU D 355 -6.98 -59.25 32.83
N ASP D 356 -7.61 -59.04 31.68
CA ASP D 356 -8.79 -58.19 31.61
C ASP D 356 -9.98 -58.84 32.29
N THR D 357 -9.96 -60.17 32.38
CA THR D 357 -10.99 -60.84 33.17
C THR D 357 -10.48 -61.09 34.57
N ARG D 358 -9.27 -60.63 34.86
CA ARG D 358 -8.67 -60.87 36.16
C ARG D 358 -8.73 -62.36 36.52
N SER D 359 -8.45 -63.23 35.55
CA SER D 359 -8.57 -64.67 35.73
C SER D 359 -7.52 -65.23 36.67
N THR D 360 -7.85 -66.37 37.27
CA THR D 360 -7.00 -67.06 38.21
C THR D 360 -6.12 -68.11 37.52
N GLN D 361 -6.55 -68.54 36.32
CA GLN D 361 -5.78 -69.48 35.50
C GLN D 361 -5.78 -69.08 34.02
N ILE D 362 -4.95 -69.76 33.25
CA ILE D 362 -5.09 -69.82 31.81
C ILE D 362 -5.33 -71.29 31.54
N ASN D 363 -6.58 -71.71 31.44
CA ASN D 363 -6.85 -73.11 31.25
C ASN D 363 -6.92 -73.55 29.78
N GLU D 364 -7.22 -74.82 29.55
CA GLU D 364 -7.27 -75.35 28.20
C GLU D 364 -8.40 -74.69 27.43
N GLU D 365 -9.47 -74.34 28.12
CA GLU D 365 -10.60 -73.70 27.44
C GLU D 365 -10.16 -72.37 26.84
N MET D 366 -9.34 -71.64 27.58
CA MET D 366 -8.83 -70.37 27.09
C MET D 366 -7.89 -70.59 25.88
N LYS D 367 -6.97 -71.55 26.01
CA LYS D 367 -6.05 -71.92 24.93
C LYS D 367 -6.75 -72.32 23.62
N LEU D 368 -7.78 -73.13 23.77
CA LEU D 368 -8.58 -73.58 22.65
C LEU D 368 -9.29 -72.38 22.06
N ALA D 369 -9.77 -71.49 22.90
CA ALA D 369 -10.37 -70.24 22.43
C ALA D 369 -9.41 -69.53 21.49
N ALA D 370 -8.17 -69.42 21.93
CA ALA D 370 -7.12 -68.83 21.12
C ALA D 370 -6.95 -69.55 19.77
N VAL D 371 -6.89 -70.88 19.81
CA VAL D 371 -6.74 -71.68 18.59
C VAL D 371 -7.82 -71.36 17.58
N HIS D 372 -9.07 -71.52 18.03
CA HIS D 372 -10.19 -71.34 17.15
C HIS D 372 -10.20 -69.93 16.60
N ALA D 373 -9.87 -68.95 17.45
CA ALA D 373 -9.86 -67.56 17.01
C ALA D 373 -8.82 -67.30 15.92
N LEU D 374 -7.60 -67.82 16.11
CA LEU D 374 -6.57 -67.69 15.08
C LEU D 374 -7.02 -68.32 13.76
N ALA D 375 -7.50 -69.56 13.86
CA ALA D 375 -7.91 -70.26 12.67
C ALA D 375 -9.04 -69.50 11.96
N LYS D 376 -9.98 -68.94 12.71
CA LYS D 376 -11.10 -68.22 12.10
C LYS D 376 -10.63 -66.90 11.46
N LEU D 377 -9.69 -66.24 12.10
CA LEU D 377 -9.15 -65.02 11.54
C LEU D 377 -8.50 -65.30 10.18
N ALA D 378 -7.80 -66.42 10.09
CA ALA D 378 -7.14 -66.75 8.83
C ALA D 378 -8.13 -66.84 7.65
N ARG D 379 -9.38 -67.19 7.90
CA ARG D 379 -10.39 -67.37 6.84
C ARG D 379 -11.17 -66.10 6.38
N GLU D 380 -10.68 -64.90 6.68
CA GLU D 380 -11.30 -63.65 6.24
C GLU D 380 -10.84 -63.09 4.88
N ASP D 381 -11.55 -62.05 4.40
CA ASP D 381 -11.16 -61.31 3.19
C ASP D 381 -10.64 -59.91 3.49
N SER D 394 -3.16 -58.58 1.70
CA SER D 394 -4.42 -59.09 1.15
C SER D 394 -4.30 -60.52 0.61
N PHE D 395 -3.64 -61.39 1.39
CA PHE D 395 -3.47 -62.81 1.01
C PHE D 395 -4.82 -63.52 1.18
N LYS D 396 -5.07 -64.54 0.39
CA LYS D 396 -6.32 -65.28 0.52
C LYS D 396 -6.13 -66.66 1.18
N PHE D 397 -7.10 -67.01 2.03
CA PHE D 397 -7.08 -68.28 2.74
C PHE D 397 -6.98 -69.43 1.75
N GLY D 398 -6.00 -70.29 2.00
CA GLY D 398 -5.67 -71.40 1.13
C GLY D 398 -4.46 -72.09 1.71
N ARG D 399 -3.74 -72.88 0.91
CA ARG D 399 -2.63 -73.69 1.43
C ARG D 399 -1.44 -72.86 1.87
N ASP D 400 -1.37 -71.63 1.41
CA ASP D 400 -0.23 -70.79 1.71
C ASP D 400 -0.65 -69.70 2.68
N TYR D 401 -1.88 -69.81 3.16
CA TYR D 401 -2.38 -68.89 4.15
C TYR D 401 -3.30 -69.68 5.09
N LEU D 402 -2.71 -70.32 6.10
CA LEU D 402 -3.46 -71.15 7.04
C LEU D 402 -3.68 -70.48 8.39
N ILE D 403 -2.86 -69.48 8.69
CA ILE D 403 -2.94 -68.74 9.94
C ILE D 403 -2.66 -67.25 9.69
N PRO D 404 -3.00 -66.37 10.66
CA PRO D 404 -2.59 -64.96 10.48
C PRO D 404 -1.08 -64.82 10.41
N LYS D 405 -0.58 -63.76 9.77
CA LYS D 405 0.87 -63.52 9.81
C LYS D 405 1.20 -63.14 11.23
N PRO D 406 2.44 -63.38 11.66
CA PRO D 406 2.75 -63.09 13.05
C PRO D 406 2.47 -61.65 13.49
N PHE D 407 2.74 -60.66 12.63
CA PHE D 407 2.62 -59.25 13.03
C PHE D 407 1.26 -58.62 12.57
N ASP D 408 0.26 -59.47 12.36
CA ASP D 408 -1.08 -59.05 11.93
C ASP D 408 -1.71 -58.29 13.09
N THR D 409 -2.10 -57.03 12.83
CA THR D 409 -2.63 -56.15 13.88
C THR D 409 -4.04 -56.53 14.32
N ARG D 410 -4.69 -57.43 13.60
CA ARG D 410 -6.03 -57.85 13.95
C ARG D 410 -6.04 -58.94 14.99
N VAL D 411 -4.90 -59.59 15.21
CA VAL D 411 -4.89 -60.77 16.07
C VAL D 411 -5.39 -60.46 17.49
N LEU D 412 -4.98 -59.33 18.06
CA LEU D 412 -5.37 -59.01 19.43
C LEU D 412 -6.90 -58.86 19.59
N LEU D 413 -7.49 -58.16 18.61
CA LEU D 413 -8.92 -57.89 18.52
C LEU D 413 -9.74 -59.15 18.39
N TRP D 414 -9.18 -60.09 17.65
CA TRP D 414 -9.88 -61.34 17.36
C TRP D 414 -9.71 -62.37 18.49
N VAL D 415 -8.53 -62.46 19.08
CA VAL D 415 -8.27 -63.51 20.06
C VAL D 415 -8.57 -63.10 21.51
N ALA D 416 -8.09 -61.93 21.95
CA ALA D 416 -8.24 -61.58 23.39
C ALA D 416 -9.69 -61.61 23.89
N PRO D 417 -10.65 -61.07 23.10
CA PRO D 417 -12.02 -61.21 23.63
C PRO D 417 -12.52 -62.67 23.67
N GLU D 418 -12.04 -63.53 22.77
CA GLU D 418 -12.48 -64.93 22.80
C GLU D 418 -11.91 -65.67 24.00
N VAL D 419 -10.68 -65.31 24.37
CA VAL D 419 -10.07 -65.80 25.57
C VAL D 419 -10.83 -65.30 26.79
N ALA D 420 -11.16 -64.00 26.80
CA ALA D 420 -11.92 -63.41 27.89
C ALA D 420 -13.25 -64.13 28.08
N LYS D 421 -13.96 -64.36 26.98
CA LYS D 421 -15.19 -65.14 27.03
C LYS D 421 -14.93 -66.52 27.62
N ALA D 422 -13.89 -67.22 27.17
CA ALA D 422 -13.60 -68.55 27.70
C ALA D 422 -13.27 -68.55 29.19
N ALA D 423 -12.57 -67.54 29.64
CA ALA D 423 -12.23 -67.40 31.05
C ALA D 423 -13.51 -67.23 31.85
N MET D 424 -14.40 -66.39 31.34
CA MET D 424 -15.67 -66.16 32.02
C MET D 424 -16.54 -67.41 32.05
N LYS D 425 -16.66 -68.08 30.91
CA LYS D 425 -17.49 -69.26 30.80
C LYS D 425 -16.98 -70.45 31.62
N SER D 426 -15.66 -70.63 31.69
CA SER D 426 -15.10 -71.76 32.45
C SER D 426 -14.96 -71.46 33.95
N GLY D 427 -15.34 -70.27 34.38
CA GLY D 427 -15.38 -69.90 35.79
C GLY D 427 -14.10 -69.46 36.47
N VAL D 428 -13.01 -69.34 35.72
CA VAL D 428 -11.76 -68.91 36.32
C VAL D 428 -11.65 -67.40 36.35
N ALA D 429 -12.55 -66.71 35.65
CA ALA D 429 -12.57 -65.26 35.68
C ALA D 429 -13.14 -64.73 36.99
N THR D 430 -12.63 -63.59 37.44
CA THR D 430 -13.13 -62.96 38.64
C THR D 430 -13.70 -61.56 38.36
N ARG D 431 -13.54 -61.12 37.12
CA ARG D 431 -14.12 -59.84 36.69
C ARG D 431 -14.69 -59.97 35.30
N ALA D 432 -16.00 -59.81 35.21
CA ALA D 432 -16.71 -60.04 33.97
C ALA D 432 -16.54 -58.85 33.03
N ILE D 433 -16.42 -59.14 31.74
CA ILE D 433 -16.46 -58.07 30.76
C ILE D 433 -17.88 -57.97 30.24
N GLU D 434 -18.46 -56.77 30.27
CA GLU D 434 -19.89 -56.62 29.96
C GLU D 434 -20.11 -56.08 28.54
N ASP D 435 -19.51 -54.91 28.27
CA ASP D 435 -19.57 -54.26 26.97
C ASP D 435 -18.45 -54.73 26.06
N TRP D 436 -18.77 -55.59 25.11
CA TRP D 436 -17.72 -56.12 24.25
C TRP D 436 -17.21 -55.11 23.23
N ASP D 437 -18.08 -54.21 22.78
CA ASP D 437 -17.64 -53.20 21.83
C ASP D 437 -16.67 -52.24 22.50
N GLN D 438 -16.96 -51.85 23.74
CA GLN D 438 -16.07 -50.97 24.47
C GLN D 438 -14.73 -51.66 24.69
N TYR D 439 -14.80 -52.97 24.87
CA TYR D 439 -13.61 -53.78 25.06
C TYR D 439 -12.74 -53.83 23.80
N ARG D 440 -13.36 -54.07 22.65
CA ARG D 440 -12.63 -54.06 21.39
C ARG D 440 -12.04 -52.69 21.08
N GLU D 441 -12.76 -51.63 21.42
CA GLU D 441 -12.19 -50.28 21.28
C GLU D 441 -10.93 -50.19 22.12
N SER D 442 -11.05 -50.57 23.39
CA SER D 442 -9.92 -50.48 24.30
C SER D 442 -8.70 -51.24 23.80
N LEU D 443 -8.94 -52.39 23.15
CA LEU D 443 -7.83 -53.16 22.56
C LEU D 443 -7.25 -52.45 21.34
N GLU D 444 -8.13 -51.89 20.51
CA GLU D 444 -7.69 -51.07 19.38
C GLU D 444 -6.76 -49.96 19.83
N ALA D 445 -7.07 -49.33 20.95
CA ALA D 445 -6.22 -48.28 21.53
C ALA D 445 -4.80 -48.78 21.82
N LEU D 446 -4.69 -50.07 22.10
CA LEU D 446 -3.45 -50.65 22.54
C LEU D 446 -2.48 -50.83 21.40
N GLN D 447 -2.94 -50.72 20.16
CA GLN D 447 -2.00 -50.89 19.07
C GLN D 447 -2.02 -49.76 18.04
N GLY D 448 -1.67 -48.54 18.47
CA GLY D 448 -1.72 -47.33 17.64
C GLY D 448 -0.60 -47.07 16.65
N PRO D 449 -0.67 -45.95 15.91
CA PRO D 449 0.24 -45.64 14.80
C PRO D 449 1.72 -45.62 15.19
N SER D 450 2.00 -45.20 16.42
CA SER D 450 3.37 -45.22 16.94
C SER D 450 3.90 -46.64 17.04
N LYS D 451 3.00 -47.62 17.12
CA LYS D 451 3.43 -49.01 17.17
C LYS D 451 3.45 -49.64 15.78
N VAL D 452 2.49 -49.31 14.92
CA VAL D 452 2.30 -50.12 13.71
C VAL D 452 2.24 -49.39 12.37
N PHE D 453 2.27 -48.05 12.37
CA PHE D 453 2.05 -47.31 11.13
C PHE D 453 3.09 -47.61 10.07
N ILE D 454 4.35 -47.44 10.43
CA ILE D 454 5.45 -47.70 9.51
C ILE D 454 5.58 -49.20 9.18
N ARG D 455 5.33 -50.03 10.16
CA ARG D 455 5.34 -51.49 9.94
C ARG D 455 4.33 -51.82 8.80
N SER D 456 3.14 -51.25 8.91
CA SER D 456 2.09 -51.52 7.94
C SER D 456 2.41 -50.92 6.60
N ALA D 457 3.02 -49.74 6.61
CA ALA D 457 3.45 -49.10 5.38
C ALA D 457 4.40 -50.02 4.61
N ILE D 458 5.45 -50.47 5.29
CA ILE D 458 6.43 -51.33 4.66
C ILE D 458 5.77 -52.62 4.16
N ASN D 459 4.91 -53.22 4.98
CA ASN D 459 4.22 -54.41 4.49
C ASN D 459 3.41 -54.12 3.22
N ARG D 460 2.76 -52.96 3.13
CA ARG D 460 1.99 -52.64 1.92
C ARG D 460 2.90 -52.46 0.73
N VAL D 461 4.06 -51.85 0.96
CA VAL D 461 4.99 -51.70 -0.13
C VAL D 461 5.26 -53.09 -0.66
N HIS D 462 5.50 -54.02 0.27
CA HIS D 462 5.76 -55.40 -0.14
C HIS D 462 4.58 -56.07 -0.85
N GLN D 463 3.33 -55.91 -0.37
CA GLN D 463 2.22 -56.59 -1.05
C GLN D 463 2.05 -56.02 -2.44
N ASN D 464 2.26 -54.71 -2.58
CA ASN D 464 2.26 -54.03 -3.88
C ASN D 464 3.31 -54.61 -4.84
N SER D 465 4.54 -54.76 -4.35
CA SER D 465 5.59 -55.33 -5.19
C SER D 465 5.21 -56.71 -5.64
N ALA D 466 4.74 -57.52 -4.70
CA ALA D 466 4.37 -58.90 -5.00
C ALA D 466 3.25 -58.91 -6.05
N ALA D 467 2.33 -57.95 -5.93
CA ALA D 467 1.20 -57.88 -6.83
C ALA D 467 1.63 -57.35 -8.20
N ASN D 468 2.86 -56.84 -8.26
CA ASN D 468 3.36 -56.38 -9.55
C ASN D 468 4.52 -57.22 -10.05
N GLY D 469 4.50 -58.50 -9.67
CA GLY D 469 5.49 -59.44 -10.17
C GLY D 469 6.83 -59.28 -9.50
N GLY D 470 6.84 -58.69 -8.31
CA GLY D 470 8.06 -58.57 -7.52
C GLY D 470 8.87 -57.36 -7.90
N GLU D 471 8.36 -56.58 -8.85
CA GLU D 471 9.03 -55.38 -9.31
C GLU D 471 9.09 -54.37 -8.19
N LEU D 472 10.27 -53.83 -7.92
CA LEU D 472 10.41 -52.77 -6.92
C LEU D 472 10.28 -51.45 -7.64
N PRO D 473 9.72 -50.43 -6.96
CA PRO D 473 9.66 -49.09 -7.53
C PRO D 473 11.06 -48.52 -7.72
N ARG D 474 11.33 -47.98 -8.90
CA ARG D 474 12.58 -47.31 -9.21
C ARG D 474 12.52 -45.88 -8.69
N ILE D 475 13.37 -45.53 -7.75
CA ILE D 475 13.45 -44.19 -7.18
C ILE D 475 14.79 -43.50 -7.54
N VAL D 476 14.74 -42.30 -8.10
CA VAL D 476 16.01 -41.63 -8.43
C VAL D 476 16.48 -40.73 -7.29
N PHE D 477 17.79 -40.78 -7.04
CA PHE D 477 18.44 -39.96 -6.03
C PHE D 477 19.47 -39.03 -6.68
N PRO D 478 19.14 -37.76 -6.82
CA PRO D 478 20.12 -36.93 -7.52
C PRO D 478 21.41 -36.70 -6.74
N GLU D 479 21.38 -36.91 -5.43
CA GLU D 479 22.56 -36.64 -4.60
C GLU D 479 23.36 -37.92 -4.34
N GLY D 480 23.86 -38.55 -5.40
CA GLY D 480 24.51 -39.84 -5.31
C GLY D 480 25.72 -39.93 -4.39
N THR D 481 26.30 -38.79 -4.03
CA THR D 481 27.46 -38.86 -3.15
C THR D 481 27.09 -38.42 -1.75
N SER D 482 25.80 -38.26 -1.48
CA SER D 482 25.41 -37.87 -0.13
C SER D 482 25.53 -39.05 0.81
N THR D 483 26.27 -38.82 1.89
CA THR D 483 26.56 -39.86 2.84
C THR D 483 25.27 -40.39 3.48
N LYS D 484 24.39 -39.50 3.91
CA LYS D 484 23.12 -39.90 4.53
C LYS D 484 22.30 -40.76 3.55
N VAL D 485 22.30 -40.37 2.29
CA VAL D 485 21.51 -41.07 1.29
C VAL D 485 22.05 -42.47 1.10
N LEU D 486 23.35 -42.61 0.88
CA LEU D 486 23.94 -43.93 0.70
C LEU D 486 23.69 -44.84 1.92
N LYS D 487 23.92 -44.29 3.11
CA LYS D 487 23.68 -45.07 4.32
C LYS D 487 22.22 -45.50 4.45
N ALA D 488 21.29 -44.61 4.16
CA ALA D 488 19.89 -45.04 4.17
C ALA D 488 19.63 -46.14 3.11
N LEU D 489 20.27 -46.01 1.95
CA LEU D 489 20.10 -46.97 0.88
C LEU D 489 20.55 -48.36 1.26
N ALA D 490 21.59 -48.47 2.11
CA ALA D 490 21.90 -49.81 2.67
C ALA D 490 20.64 -50.50 3.20
N THR D 491 20.01 -49.88 4.20
CA THR D 491 18.77 -50.38 4.79
C THR D 491 17.68 -50.59 3.73
N LEU D 492 17.54 -49.63 2.83
CA LEU D 492 16.46 -49.72 1.87
C LEU D 492 16.59 -50.90 0.90
N VAL D 493 17.78 -51.13 0.35
CA VAL D 493 17.84 -52.20 -0.62
C VAL D 493 17.84 -53.53 0.13
N GLU D 494 18.41 -53.56 1.33
CA GLU D 494 18.35 -54.78 2.13
C GLU D 494 16.90 -55.18 2.48
N GLU D 495 16.01 -54.21 2.65
CA GLU D 495 14.64 -54.50 3.06
C GLU D 495 13.65 -54.52 1.88
N LYS D 496 14.21 -54.63 0.67
CA LYS D 496 13.43 -54.77 -0.57
C LYS D 496 12.39 -53.66 -0.73
N ILE D 497 12.77 -52.42 -0.42
CA ILE D 497 11.83 -51.29 -0.47
C ILE D 497 11.83 -50.58 -1.83
N CYS D 498 12.98 -50.48 -2.48
CA CYS D 498 13.01 -49.90 -3.81
C CYS D 498 14.25 -50.32 -4.57
N GLN D 499 14.28 -49.91 -5.84
CA GLN D 499 15.43 -50.04 -6.72
C GLN D 499 16.05 -48.66 -6.88
N PRO D 500 17.12 -48.37 -6.13
CA PRO D 500 17.71 -47.03 -6.23
C PRO D 500 18.48 -46.80 -7.52
N ILE D 501 18.36 -45.58 -8.05
CA ILE D 501 19.18 -45.11 -9.16
C ILE D 501 19.95 -43.86 -8.66
N LEU D 502 21.28 -43.92 -8.68
CA LEU D 502 22.10 -42.83 -8.19
C LEU D 502 22.53 -41.90 -9.34
N LEU D 503 22.70 -40.62 -9.07
CA LEU D 503 23.13 -39.66 -10.09
C LEU D 503 24.45 -38.98 -9.74
N GLY D 504 25.36 -38.88 -10.69
CA GLY D 504 26.64 -38.24 -10.42
C GLY D 504 27.74 -38.79 -11.31
N TYR D 505 28.98 -38.42 -11.05
CA TYR D 505 30.05 -39.04 -11.80
C TYR D 505 30.27 -40.43 -11.19
N PRO D 506 30.00 -41.49 -11.99
CA PRO D 506 30.08 -42.87 -11.50
C PRO D 506 31.34 -43.15 -10.70
N GLU D 507 32.51 -42.75 -11.18
CA GLU D 507 33.72 -42.91 -10.38
C GLU D 507 33.61 -42.31 -8.97
N ARG D 508 33.17 -41.05 -8.83
CA ARG D 508 33.12 -40.40 -7.50
C ARG D 508 32.10 -41.13 -6.62
N VAL D 509 31.06 -41.64 -7.25
CA VAL D 509 30.05 -42.37 -6.48
C VAL D 509 30.54 -43.73 -5.98
N LYS D 510 31.20 -44.50 -6.85
CA LYS D 510 31.73 -45.81 -6.47
C LYS D 510 32.80 -45.63 -5.39
N GLU D 511 33.61 -44.58 -5.54
CA GLU D 511 34.59 -44.22 -4.53
C GLU D 511 33.95 -43.92 -3.20
N LYS D 512 32.85 -43.17 -3.22
CA LYS D 512 32.18 -42.81 -1.97
C LYS D 512 31.63 -44.07 -1.29
N ILE D 513 31.02 -44.95 -2.10
CA ILE D 513 30.49 -46.22 -1.59
C ILE D 513 31.57 -47.08 -0.96
N LYS D 514 32.74 -47.13 -1.60
CA LYS D 514 33.87 -47.90 -1.11
C LYS D 514 34.39 -47.27 0.17
N ALA D 515 34.46 -45.95 0.20
CA ALA D 515 34.95 -45.21 1.35
C ALA D 515 34.09 -45.43 2.59
N LEU D 516 32.78 -45.45 2.40
CA LEU D 516 31.86 -45.60 3.52
C LEU D 516 31.55 -47.09 3.77
N ASP D 517 32.04 -47.93 2.86
CA ASP D 517 31.97 -49.38 2.94
C ASP D 517 30.56 -49.97 3.04
N ILE D 518 29.70 -49.64 2.08
CA ILE D 518 28.32 -50.17 2.04
C ILE D 518 28.21 -51.14 0.88
N PRO D 519 28.37 -52.44 1.17
CA PRO D 519 28.58 -53.40 0.07
C PRO D 519 27.30 -53.77 -0.68
N LEU D 520 26.15 -53.47 -0.10
CA LEU D 520 24.88 -53.88 -0.69
C LEU D 520 24.57 -53.01 -1.90
N LEU D 521 25.45 -52.05 -2.16
CA LEU D 521 25.23 -51.09 -3.23
C LEU D 521 26.26 -51.19 -4.34
N ASN D 522 26.83 -52.37 -4.57
CA ASN D 522 27.81 -52.46 -5.66
C ASN D 522 27.10 -52.64 -6.99
N ASP D 523 25.82 -53.01 -6.92
CA ASP D 523 25.04 -53.21 -8.12
C ASP D 523 24.25 -51.97 -8.54
N VAL D 524 24.14 -50.98 -7.66
CA VAL D 524 23.20 -49.89 -7.88
C VAL D 524 23.50 -49.11 -9.15
N SER D 525 22.43 -48.80 -9.90
CA SER D 525 22.59 -48.08 -11.15
C SER D 525 23.15 -46.71 -10.87
N ILE D 526 24.17 -46.31 -11.60
CA ILE D 526 24.67 -44.98 -11.45
C ILE D 526 24.64 -44.28 -12.80
N VAL D 527 24.03 -43.11 -12.86
CA VAL D 527 23.86 -42.40 -14.11
C VAL D 527 24.50 -41.01 -14.05
N HIS D 528 25.28 -40.70 -15.09
CA HIS D 528 25.72 -39.33 -15.30
C HIS D 528 24.78 -38.72 -16.33
N PRO D 529 24.01 -37.70 -15.94
CA PRO D 529 22.94 -37.16 -16.79
C PRO D 529 23.34 -36.89 -18.24
N SER D 530 24.39 -36.11 -18.45
CA SER D 530 24.75 -35.63 -19.80
C SER D 530 25.04 -36.78 -20.75
N SER D 531 25.39 -37.94 -20.18
CA SER D 531 25.81 -39.10 -20.96
C SER D 531 24.76 -40.19 -20.96
N HIS D 532 23.54 -39.83 -20.57
CA HIS D 532 22.45 -40.79 -20.61
C HIS D 532 21.88 -40.85 -22.04
N PRO D 533 21.42 -42.03 -22.50
CA PRO D 533 20.91 -42.07 -23.87
C PRO D 533 19.75 -41.11 -24.08
N LYS D 534 18.86 -41.06 -23.10
CA LYS D 534 17.63 -40.31 -23.28
C LYS D 534 17.79 -38.82 -22.93
N TYR D 535 19.05 -38.42 -22.71
CA TYR D 535 19.38 -37.05 -22.32
C TYR D 535 18.86 -35.95 -23.26
N PHE D 536 19.23 -35.99 -24.54
CA PHE D 536 18.80 -34.90 -25.40
C PHE D 536 17.30 -34.87 -25.58
N SER D 537 16.67 -36.02 -25.57
CA SER D 537 15.22 -36.05 -25.62
C SER D 537 14.64 -35.32 -24.40
N PHE D 538 15.28 -35.53 -23.24
CA PHE D 538 14.89 -34.85 -22.01
C PHE D 538 15.02 -33.35 -22.20
N VAL D 539 16.13 -32.94 -22.79
CA VAL D 539 16.39 -31.54 -23.03
C VAL D 539 15.29 -30.92 -23.91
N GLU D 540 14.90 -31.65 -24.96
CA GLU D 540 13.86 -31.20 -25.85
C GLU D 540 12.60 -30.99 -25.02
N LYS D 541 12.30 -31.98 -24.18
CA LYS D 541 11.10 -31.89 -23.37
C LYS D 541 11.08 -30.61 -22.51
N LEU D 542 12.19 -30.37 -21.79
CA LEU D 542 12.27 -29.21 -20.90
C LEU D 542 12.10 -27.92 -21.70
N TYR D 543 12.79 -27.84 -22.83
CA TYR D 543 12.65 -26.72 -23.77
C TYR D 543 11.20 -26.46 -24.15
N SER D 544 10.50 -27.49 -24.62
CA SER D 544 9.12 -27.29 -25.08
C SER D 544 8.21 -26.95 -23.89
N LEU D 545 8.61 -27.34 -22.69
CA LEU D 545 7.82 -26.98 -21.53
C LEU D 545 8.03 -25.54 -21.08
N ARG D 546 9.25 -25.03 -21.21
CA ARG D 546 9.57 -23.76 -20.57
C ARG D 546 10.18 -22.68 -21.47
N GLN D 547 9.96 -22.80 -22.76
CA GLN D 547 10.58 -21.88 -23.73
C GLN D 547 10.06 -20.46 -23.59
N ARG D 548 8.88 -20.34 -23.00
CA ARG D 548 8.25 -19.05 -22.80
C ARG D 548 8.30 -18.74 -21.33
N LYS D 549 9.16 -19.46 -20.63
CA LYS D 549 9.45 -19.12 -19.23
C LYS D 549 10.95 -18.91 -18.99
N GLY D 550 11.67 -18.46 -20.02
CA GLY D 550 13.05 -18.03 -19.87
C GLY D 550 14.13 -19.07 -20.11
N ILE D 551 13.75 -20.19 -20.71
CA ILE D 551 14.69 -21.27 -21.01
C ILE D 551 14.63 -21.66 -22.48
N ASN D 552 15.64 -21.31 -23.27
CA ASN D 552 15.69 -21.83 -24.64
C ASN D 552 16.56 -23.08 -24.68
N LEU D 553 16.84 -23.64 -25.86
CA LEU D 553 17.58 -24.91 -25.91
C LEU D 553 18.92 -24.89 -25.19
N GLY D 554 19.68 -23.81 -25.37
CA GLY D 554 20.97 -23.76 -24.72
C GLY D 554 20.82 -23.98 -23.23
N GLU D 555 19.91 -23.20 -22.66
CA GLU D 555 19.72 -23.22 -21.23
C GLU D 555 19.11 -24.52 -20.72
N ALA D 556 18.28 -25.14 -21.55
CA ALA D 556 17.68 -26.43 -21.17
C ALA D 556 18.75 -27.48 -21.12
N GLU D 557 19.57 -27.50 -22.15
CA GLU D 557 20.69 -28.41 -22.27
C GLU D 557 21.50 -28.24 -21.02
N ARG D 558 21.82 -27.01 -20.67
CA ARG D 558 22.59 -26.74 -19.46
C ARG D 558 21.94 -27.27 -18.16
N LEU D 559 20.67 -26.96 -17.94
CA LEU D 559 19.97 -27.42 -16.75
C LEU D 559 19.83 -28.94 -16.65
N MET D 560 19.58 -29.58 -17.78
CA MET D 560 19.31 -31.02 -17.78
C MET D 560 20.54 -31.81 -17.36
N ALA D 561 21.69 -31.16 -17.38
CA ALA D 561 22.90 -31.78 -16.87
C ALA D 561 22.92 -31.74 -15.32
N ASP D 562 22.10 -30.89 -14.73
CA ASP D 562 21.95 -30.82 -13.29
C ASP D 562 21.17 -32.05 -12.81
N PRO D 563 21.72 -32.82 -11.85
CA PRO D 563 21.02 -34.00 -11.31
C PRO D 563 19.57 -33.75 -10.89
N ASN D 564 19.26 -32.58 -10.34
CA ASN D 564 17.89 -32.31 -9.91
C ASN D 564 16.90 -32.32 -11.08
N TYR D 565 17.27 -31.58 -12.11
CA TYR D 565 16.44 -31.50 -13.30
C TYR D 565 16.39 -32.87 -13.95
N PHE D 566 17.50 -33.57 -13.92
CA PHE D 566 17.57 -34.85 -14.62
C PHE D 566 16.62 -35.85 -13.95
N ALA D 567 16.70 -35.92 -12.62
CA ALA D 567 15.80 -36.75 -11.84
C ALA D 567 14.34 -36.37 -12.10
N ALA D 568 14.01 -35.09 -11.97
CA ALA D 568 12.66 -34.63 -12.19
C ALA D 568 12.12 -35.10 -13.56
N MET D 569 12.95 -34.93 -14.59
CA MET D 569 12.56 -35.29 -15.93
C MET D 569 12.43 -36.80 -16.10
N MET D 570 13.32 -37.55 -15.49
CA MET D 570 13.30 -38.99 -15.56
C MET D 570 11.98 -39.50 -14.95
N VAL D 571 11.59 -38.94 -13.80
CA VAL D 571 10.32 -39.33 -13.19
C VAL D 571 9.18 -38.96 -14.12
N ASN D 572 9.23 -37.74 -14.67
CA ASN D 572 8.18 -37.25 -15.55
C ASN D 572 7.95 -38.13 -16.77
N GLN D 573 9.06 -38.52 -17.41
CA GLN D 573 9.02 -39.23 -18.69
C GLN D 573 8.78 -40.71 -18.49
N GLY D 574 8.71 -41.13 -17.23
CA GLY D 574 8.37 -42.51 -16.93
C GLY D 574 9.55 -43.45 -17.01
N GLU D 575 10.76 -42.90 -17.00
CA GLU D 575 11.94 -43.75 -16.98
C GLU D 575 12.31 -44.07 -15.55
N ALA D 576 11.56 -43.54 -14.61
CA ALA D 576 11.71 -43.87 -13.21
C ALA D 576 10.38 -43.60 -12.51
N ASP D 577 10.15 -44.22 -11.36
CA ASP D 577 8.83 -44.15 -10.74
C ASP D 577 8.68 -43.09 -9.66
N GLY D 578 9.78 -42.56 -9.18
CA GLY D 578 9.71 -41.50 -8.21
C GLY D 578 11.11 -41.01 -7.94
N MET D 579 11.22 -39.93 -7.16
CA MET D 579 12.53 -39.43 -6.84
C MET D 579 12.55 -38.89 -5.43
N VAL D 580 13.73 -38.91 -4.82
CA VAL D 580 13.90 -38.34 -3.49
C VAL D 580 15.13 -37.45 -3.51
N SER D 581 14.94 -36.17 -3.18
CA SER D 581 16.06 -35.22 -3.16
C SER D 581 16.05 -34.32 -1.94
N GLY D 582 16.98 -33.39 -1.90
CA GLY D 582 17.00 -32.42 -0.83
C GLY D 582 17.81 -32.86 0.37
N SER D 583 18.68 -33.85 0.23
CA SER D 583 19.42 -34.22 1.41
C SER D 583 20.56 -33.25 1.62
N SER D 584 20.98 -32.55 0.58
CA SER D 584 22.21 -31.80 0.73
C SER D 584 22.17 -30.36 0.22
N ILE D 585 20.97 -29.86 -0.07
CA ILE D 585 20.77 -28.45 -0.42
C ILE D 585 19.46 -27.99 0.18
N ASN D 586 19.31 -26.68 0.32
CA ASN D 586 18.08 -26.12 0.84
C ASN D 586 16.88 -26.51 0.00
N TYR D 587 15.72 -26.47 0.63
CA TYR D 587 14.50 -27.02 0.09
C TYR D 587 14.04 -26.31 -1.17
N ALA D 588 14.14 -24.98 -1.20
CA ALA D 588 13.63 -24.22 -2.34
C ALA D 588 14.38 -24.67 -3.60
N ASP D 589 15.69 -24.71 -3.49
CA ASP D 589 16.52 -25.10 -4.61
C ASP D 589 16.22 -26.51 -5.06
N ALA D 590 15.86 -27.37 -4.11
CA ALA D 590 15.59 -28.78 -4.46
C ALA D 590 14.21 -28.98 -5.09
N VAL D 591 13.22 -28.24 -4.62
CA VAL D 591 11.84 -28.46 -5.01
C VAL D 591 11.53 -27.72 -6.30
N ARG D 592 12.29 -26.67 -6.58
CA ARG D 592 12.04 -25.84 -7.75
C ARG D 592 12.09 -26.66 -9.07
N PRO D 593 13.13 -27.48 -9.30
CA PRO D 593 13.12 -28.20 -10.59
C PRO D 593 11.98 -29.23 -10.72
N ILE D 594 11.53 -29.78 -9.61
CA ILE D 594 10.39 -30.67 -9.63
C ILE D 594 9.13 -29.98 -10.11
N LEU D 595 8.88 -28.82 -9.52
CA LEU D 595 7.70 -28.05 -9.82
C LEU D 595 7.78 -27.47 -11.21
N GLN D 596 8.96 -27.08 -11.67
CA GLN D 596 9.09 -26.56 -13.01
C GLN D 596 8.94 -27.68 -14.01
N THR D 597 9.46 -28.87 -13.68
CA THR D 597 9.46 -30.05 -14.58
C THR D 597 8.19 -30.89 -14.51
N ILE D 598 7.86 -31.40 -13.33
CA ILE D 598 6.66 -32.23 -13.16
C ILE D 598 5.39 -31.42 -13.04
N GLY D 599 5.41 -30.37 -12.23
CA GLY D 599 4.27 -29.49 -12.08
C GLY D 599 3.07 -30.02 -11.29
N VAL D 600 2.08 -29.17 -11.05
CA VAL D 600 0.92 -29.58 -10.25
C VAL D 600 -0.12 -30.28 -11.11
N TYR D 601 -0.93 -31.15 -10.51
CA TYR D 601 -2.05 -31.68 -11.26
C TYR D 601 -3.19 -30.68 -11.24
N LYS D 602 -4.24 -30.99 -11.97
CA LYS D 602 -5.35 -30.09 -12.11
C LYS D 602 -5.94 -29.71 -10.75
N GLU D 603 -6.06 -28.40 -10.52
CA GLU D 603 -6.65 -27.81 -9.32
C GLU D 603 -5.75 -27.94 -8.11
N GLY D 604 -4.61 -28.57 -8.30
CA GLY D 604 -3.73 -28.83 -7.17
C GLY D 604 -2.83 -27.68 -6.73
N ILE D 605 -2.30 -27.80 -5.53
CA ILE D 605 -1.33 -26.83 -5.02
C ILE D 605 -0.18 -27.62 -4.35
N PRO D 606 1.06 -27.29 -4.72
CA PRO D 606 2.18 -27.99 -4.09
C PRO D 606 2.23 -27.69 -2.61
N ALA D 607 2.25 -28.72 -1.80
CA ALA D 607 2.22 -28.52 -0.36
C ALA D 607 2.93 -29.66 0.41
N GLY D 608 3.80 -29.30 1.33
CA GLY D 608 4.46 -30.27 2.19
C GLY D 608 3.53 -30.79 3.27
N LEU D 609 3.60 -32.08 3.54
CA LEU D 609 2.74 -32.72 4.53
C LEU D 609 3.55 -33.62 5.46
N ASN D 610 3.40 -33.53 6.79
CA ASN D 610 4.04 -34.49 7.72
C ASN D 610 3.03 -35.23 8.57
N PHE D 611 3.41 -36.43 8.99
CA PHE D 611 2.65 -37.19 9.94
C PHE D 611 3.30 -37.16 11.30
N VAL D 612 2.52 -36.97 12.35
CA VAL D 612 2.97 -37.20 13.71
C VAL D 612 2.32 -38.49 14.18
N LEU D 613 3.13 -39.46 14.57
CA LEU D 613 2.61 -40.80 14.91
C LEU D 613 2.44 -40.91 16.39
N LEU D 614 1.21 -40.70 16.86
CA LEU D 614 0.95 -40.77 18.29
C LEU D 614 0.45 -42.17 18.68
N GLU D 615 0.09 -42.33 19.95
CA GLU D 615 -0.27 -43.66 20.44
C GLU D 615 -1.70 -43.96 20.06
N ASP D 616 -2.57 -42.97 20.12
CA ASP D 616 -3.97 -43.15 19.84
C ASP D 616 -4.33 -42.84 18.38
N LYS D 617 -3.57 -41.96 17.75
CA LYS D 617 -3.92 -41.45 16.43
C LYS D 617 -2.68 -41.01 15.66
N PHE D 618 -2.85 -40.65 14.39
CA PHE D 618 -1.79 -39.88 13.76
C PHE D 618 -2.37 -38.54 13.33
N LEU D 619 -1.53 -37.50 13.39
CA LEU D 619 -1.88 -36.16 12.99
C LEU D 619 -1.23 -35.87 11.68
N VAL D 620 -1.94 -35.23 10.76
CA VAL D 620 -1.30 -34.79 9.53
C VAL D 620 -1.14 -33.26 9.59
N LEU D 621 0.05 -32.73 9.31
CA LEU D 621 0.29 -31.30 9.31
C LEU D 621 0.60 -30.84 7.89
N ALA D 622 -0.08 -29.78 7.44
CA ALA D 622 0.19 -29.23 6.09
C ALA D 622 -0.10 -27.76 6.11
N ASP D 623 0.45 -26.95 5.20
CA ASP D 623 1.51 -27.24 4.25
C ASP D 623 2.82 -26.87 4.94
N THR D 624 3.72 -27.83 5.18
CA THR D 624 4.92 -27.57 5.97
C THR D 624 6.15 -27.04 5.22
N THR D 625 6.07 -26.86 3.89
CA THR D 625 7.29 -26.58 3.13
C THR D 625 7.19 -25.52 2.03
N VAL D 626 6.07 -25.44 1.33
CA VAL D 626 6.05 -24.67 0.10
C VAL D 626 5.50 -23.27 0.22
N ASN D 627 4.23 -23.15 0.59
CA ASN D 627 3.54 -21.87 0.54
C ASN D 627 3.72 -20.99 1.76
N LEU D 628 4.42 -19.86 1.60
CA LEU D 628 4.57 -18.88 2.66
C LEU D 628 3.27 -18.46 3.30
N ASN D 629 2.28 -18.04 2.51
CA ASN D 629 1.12 -17.39 3.09
C ASN D 629 -0.15 -17.76 2.33
N PRO D 630 -0.56 -19.04 2.39
CA PRO D 630 -1.63 -19.47 1.49
C PRO D 630 -2.93 -18.70 1.69
N THR D 631 -3.64 -18.49 0.60
CA THR D 631 -4.93 -17.81 0.69
C THR D 631 -5.94 -18.77 1.28
N ALA D 632 -7.15 -18.28 1.55
CA ALA D 632 -8.18 -19.14 2.08
C ALA D 632 -8.42 -20.28 1.10
N GLU D 633 -8.53 -19.93 -0.17
CA GLU D 633 -8.80 -20.91 -1.22
C GLU D 633 -7.73 -21.99 -1.26
N GLN D 634 -6.48 -21.56 -1.12
CA GLN D 634 -5.36 -22.48 -1.11
C GLN D 634 -5.36 -23.37 0.13
N CYS D 635 -5.65 -22.81 1.29
CA CYS D 635 -5.74 -23.61 2.50
C CYS D 635 -6.81 -24.69 2.32
N ALA D 636 -7.90 -24.34 1.66
CA ALA D 636 -8.94 -25.32 1.41
C ALA D 636 -8.41 -26.44 0.51
N GLN D 637 -7.72 -26.11 -0.58
CA GLN D 637 -7.21 -27.19 -1.45
C GLN D 637 -6.18 -28.07 -0.70
N ILE D 638 -5.31 -27.45 0.07
CA ILE D 638 -4.39 -28.22 0.92
C ILE D 638 -5.12 -29.22 1.83
N ALA D 639 -6.13 -28.70 2.51
CA ALA D 639 -6.98 -29.55 3.32
C ALA D 639 -7.46 -30.72 2.50
N LEU D 640 -8.01 -30.47 1.32
CA LEU D 640 -8.52 -31.57 0.53
C LEU D 640 -7.48 -32.65 0.20
N GLN D 641 -6.28 -32.19 -0.16
CA GLN D 641 -5.23 -33.12 -0.54
C GLN D 641 -4.91 -34.01 0.63
N ALA D 642 -4.66 -33.38 1.78
CA ALA D 642 -4.35 -34.12 3.00
C ALA D 642 -5.50 -35.09 3.34
N ALA D 643 -6.74 -34.63 3.13
CA ALA D 643 -7.90 -35.44 3.44
C ALA D 643 -7.80 -36.77 2.67
N LYS D 644 -7.54 -36.67 1.35
CA LYS D 644 -7.41 -37.88 0.54
C LYS D 644 -6.25 -38.79 0.97
N ILE D 645 -5.12 -38.18 1.33
CA ILE D 645 -4.03 -39.01 1.82
C ILE D 645 -4.41 -39.80 3.09
N VAL D 646 -5.05 -39.13 4.05
CA VAL D 646 -5.55 -39.76 5.26
C VAL D 646 -6.56 -40.88 4.93
N GLU D 647 -7.36 -40.68 3.89
CA GLU D 647 -8.31 -41.71 3.52
C GLU D 647 -7.65 -42.95 2.91
N TYR D 648 -6.57 -42.73 2.15
CA TYR D 648 -5.77 -43.86 1.64
C TYR D 648 -5.32 -44.80 2.76
N PHE D 649 -5.15 -44.25 3.95
CA PHE D 649 -4.75 -45.06 5.08
C PHE D 649 -5.93 -45.52 5.93
N GLY D 650 -7.10 -45.47 5.33
CA GLY D 650 -8.30 -46.03 5.93
C GLY D 650 -8.84 -45.32 7.16
N ILE D 651 -8.50 -44.04 7.31
CA ILE D 651 -8.98 -43.18 8.40
C ILE D 651 -9.93 -42.10 7.94
N GLU D 652 -10.94 -41.78 8.75
CA GLU D 652 -11.84 -40.65 8.48
C GLU D 652 -11.12 -39.34 8.79
N PRO D 653 -10.86 -38.52 7.75
CA PRO D 653 -10.20 -37.24 8.02
C PRO D 653 -11.12 -36.23 8.72
N ARG D 654 -10.60 -35.57 9.73
CA ARG D 654 -11.30 -34.50 10.41
C ARG D 654 -10.35 -33.30 10.51
N VAL D 655 -10.78 -32.22 9.87
CA VAL D 655 -9.89 -31.11 9.51
C VAL D 655 -10.09 -29.89 10.35
N ALA D 656 -8.99 -29.31 10.82
CA ALA D 656 -9.03 -28.04 11.51
C ALA D 656 -8.13 -27.04 10.77
N MET D 657 -8.69 -25.85 10.52
CA MET D 657 -7.96 -24.71 9.98
C MET D 657 -7.41 -23.90 11.14
N LEU D 658 -6.10 -24.00 11.37
CA LEU D 658 -5.51 -23.46 12.58
C LEU D 658 -5.27 -21.96 12.58
N SER D 659 -5.41 -21.39 13.75
CA SER D 659 -5.26 -19.95 13.98
C SER D 659 -4.82 -19.73 15.41
N TYR D 660 -4.54 -18.49 15.76
CA TYR D 660 -4.32 -18.13 17.14
C TYR D 660 -5.66 -17.81 17.79
N SER D 661 -6.76 -17.99 17.07
CA SER D 661 -8.07 -17.55 17.55
C SER D 661 -9.12 -18.67 17.59
N ASN D 662 -10.11 -18.56 18.48
CA ASN D 662 -11.22 -19.51 18.46
C ASN D 662 -12.54 -18.90 17.95
N PHE D 663 -12.89 -19.22 16.71
CA PHE D 663 -14.18 -18.85 16.15
C PHE D 663 -14.49 -17.39 16.35
N SER D 664 -13.53 -16.51 16.02
CA SER D 664 -13.74 -15.07 16.13
C SER D 664 -13.97 -14.52 14.75
N GLY D 665 -13.26 -15.10 13.79
CA GLY D 665 -13.33 -14.68 12.41
C GLY D 665 -12.90 -13.25 12.22
N ALA D 666 -12.15 -12.72 13.19
CA ALA D 666 -11.64 -11.35 13.10
C ALA D 666 -10.76 -11.19 11.88
N GLU D 667 -10.63 -9.95 11.44
CA GLU D 667 -9.77 -9.58 10.34
C GLU D 667 -8.43 -10.23 10.46
N GLY D 668 -7.88 -10.68 9.35
CA GLY D 668 -6.59 -11.32 9.36
C GLY D 668 -6.70 -12.83 9.20
N THR D 669 -5.81 -13.58 9.84
CA THR D 669 -5.92 -15.00 9.62
C THR D 669 -7.15 -15.62 10.28
N PRO D 670 -7.69 -15.04 11.36
CA PRO D 670 -8.92 -15.71 11.82
C PRO D 670 -9.98 -15.79 10.70
N ARG D 671 -10.21 -14.68 10.01
CA ARG D 671 -11.14 -14.67 8.89
C ARG D 671 -10.64 -15.64 7.80
N LYS D 672 -9.32 -15.70 7.60
CA LYS D 672 -8.82 -16.49 6.51
C LYS D 672 -9.13 -17.95 6.73
N MET D 673 -8.86 -18.44 7.92
CA MET D 673 -9.08 -19.83 8.21
C MET D 673 -10.58 -20.17 8.37
N LYS D 674 -11.39 -19.24 8.89
CA LYS D 674 -12.84 -19.51 8.96
C LYS D 674 -13.39 -19.69 7.53
N LYS D 675 -12.94 -18.79 6.66
CA LYS D 675 -13.32 -18.85 5.27
C LYS D 675 -12.80 -20.13 4.58
N ALA D 676 -11.55 -20.50 4.85
CA ALA D 676 -10.95 -21.72 4.31
C ALA D 676 -11.78 -22.96 4.70
N ALA D 677 -12.14 -23.05 5.97
CA ALA D 677 -13.02 -24.13 6.41
C ALA D 677 -14.33 -24.10 5.62
N GLU D 678 -14.89 -22.91 5.41
CA GLU D 678 -16.16 -22.83 4.66
C GLU D 678 -16.04 -23.33 3.22
N ILE D 679 -14.95 -22.96 2.58
CA ILE D 679 -14.72 -23.34 1.20
C ILE D 679 -14.54 -24.85 1.09
N ALA D 680 -13.65 -25.36 1.94
CA ALA D 680 -13.34 -26.77 2.01
C ALA D 680 -14.62 -27.53 2.17
N ARG D 681 -15.46 -27.09 3.11
CA ARG D 681 -16.75 -27.73 3.31
C ARG D 681 -17.63 -27.66 2.07
N SER D 682 -17.58 -26.57 1.32
CA SER D 682 -18.40 -26.56 0.11
C SER D 682 -17.89 -27.64 -0.85
N LEU D 683 -16.58 -27.84 -0.88
CA LEU D 683 -16.02 -28.80 -1.81
C LEU D 683 -16.13 -30.24 -1.31
N ARG D 684 -16.40 -30.42 -0.03
CA ARG D 684 -16.33 -31.74 0.52
C ARG D 684 -17.40 -31.89 1.61
N PRO D 685 -18.67 -31.87 1.21
CA PRO D 685 -19.75 -31.81 2.21
C PRO D 685 -19.85 -33.01 3.15
N ASP D 686 -19.11 -34.08 2.86
CA ASP D 686 -19.17 -35.30 3.67
C ASP D 686 -18.21 -35.29 4.85
N LEU D 687 -17.30 -34.32 4.90
CA LEU D 687 -16.23 -34.25 5.90
C LEU D 687 -16.43 -33.29 7.04
N MET D 688 -15.78 -33.55 8.16
CA MET D 688 -15.74 -32.58 9.22
C MET D 688 -14.63 -31.59 8.98
N ILE D 689 -15.00 -30.36 8.64
CA ILE D 689 -14.00 -29.32 8.44
C ILE D 689 -14.42 -28.10 9.22
N GLU D 690 -13.53 -27.60 10.07
CA GLU D 690 -13.93 -26.52 10.95
C GLU D 690 -12.78 -25.56 11.20
N GLY D 691 -13.12 -24.30 11.51
CA GLY D 691 -12.09 -23.28 11.80
C GLY D 691 -12.78 -21.94 11.75
N ASP D 692 -12.17 -20.86 12.23
CA ASP D 692 -10.87 -20.81 12.87
C ASP D 692 -10.90 -21.35 14.29
N MET D 693 -9.79 -21.97 14.69
CA MET D 693 -9.62 -22.48 16.06
C MET D 693 -8.15 -22.60 16.45
N GLN D 694 -7.90 -22.62 17.76
CA GLN D 694 -6.55 -22.84 18.25
C GLN D 694 -6.17 -24.33 18.18
N ALA D 695 -4.87 -24.60 18.31
CA ALA D 695 -4.36 -25.97 18.10
C ALA D 695 -4.83 -26.96 19.20
N ASP D 696 -4.80 -26.50 20.46
CA ASP D 696 -5.24 -27.38 21.53
C ASP D 696 -6.72 -27.62 21.32
N THR D 697 -7.45 -26.56 20.98
CA THR D 697 -8.87 -26.70 20.64
C THR D 697 -9.08 -27.72 19.52
N ALA D 698 -8.19 -27.68 18.53
CA ALA D 698 -8.35 -28.55 17.39
C ALA D 698 -8.15 -30.02 17.75
N VAL D 699 -7.03 -30.34 18.39
CA VAL D 699 -6.69 -31.75 18.57
C VAL D 699 -7.41 -32.40 19.75
N ASN D 700 -7.81 -31.60 20.74
CA ASN D 700 -8.38 -32.12 21.97
C ASN D 700 -9.89 -32.05 22.00
N PRO D 701 -10.57 -33.20 22.04
CA PRO D 701 -12.03 -33.11 21.85
C PRO D 701 -12.79 -32.54 23.03
N GLU D 702 -12.20 -32.62 24.22
CA GLU D 702 -12.83 -32.15 25.43
C GLU D 702 -12.86 -30.66 25.51
N ILE D 703 -11.76 -30.03 25.14
CA ILE D 703 -11.72 -28.58 25.04
C ILE D 703 -12.81 -28.08 24.08
N MET D 704 -12.88 -28.69 22.89
CA MET D 704 -13.88 -28.38 21.90
C MET D 704 -15.28 -28.50 22.44
N GLU D 705 -15.60 -29.62 23.10
CA GLU D 705 -16.95 -29.75 23.68
C GLU D 705 -17.22 -28.76 24.84
N ARG D 706 -16.20 -28.42 25.60
CA ARG D 706 -16.37 -27.54 26.76
C ARG D 706 -16.53 -26.05 26.37
N LEU D 707 -15.85 -25.62 25.32
CA LEU D 707 -15.84 -24.19 24.98
C LEU D 707 -16.64 -23.90 23.72
N PHE D 708 -16.67 -24.83 22.78
CA PHE D 708 -17.28 -24.56 21.50
C PHE D 708 -18.10 -25.71 20.99
N PRO D 709 -19.07 -26.15 21.78
CA PRO D 709 -19.86 -27.31 21.31
C PRO D 709 -20.66 -27.05 20.05
N PHE D 710 -20.84 -25.80 19.67
CA PHE D 710 -21.63 -25.51 18.48
C PHE D 710 -20.92 -26.00 17.24
N SER D 711 -19.61 -26.10 17.37
CA SER D 711 -18.71 -26.46 16.28
C SER D 711 -19.02 -27.80 15.66
N GLY D 712 -18.68 -27.94 14.39
CA GLY D 712 -18.95 -29.17 13.70
C GLY D 712 -17.86 -30.22 13.72
N LEU D 713 -16.79 -29.94 14.45
CA LEU D 713 -15.70 -30.88 14.58
C LEU D 713 -15.86 -31.68 15.86
N LYS D 714 -15.95 -32.99 15.72
CA LYS D 714 -16.18 -33.85 16.87
C LYS D 714 -15.13 -34.95 16.89
N GLY D 715 -14.58 -35.23 18.06
CA GLY D 715 -13.64 -36.32 18.22
C GLY D 715 -12.20 -35.91 18.01
N GLY D 716 -11.92 -34.62 17.98
CA GLY D 716 -10.57 -34.14 17.72
C GLY D 716 -10.24 -34.19 16.23
N ALA D 717 -9.44 -33.23 15.79
CA ALA D 717 -9.03 -33.18 14.39
C ALA D 717 -7.81 -34.08 14.20
N ASN D 718 -7.69 -34.72 13.05
CA ASN D 718 -6.48 -35.48 12.77
C ASN D 718 -5.76 -34.83 11.58
N VAL D 719 -6.39 -33.80 11.01
CA VAL D 719 -5.71 -33.04 9.97
C VAL D 719 -5.60 -31.56 10.34
N LEU D 720 -4.39 -31.04 10.45
CA LEU D 720 -4.16 -29.65 10.83
C LEU D 720 -3.58 -28.89 9.68
N VAL D 721 -4.37 -27.93 9.17
CA VAL D 721 -3.86 -27.05 8.11
C VAL D 721 -3.45 -25.68 8.68
N PHE D 722 -2.27 -25.22 8.32
CA PHE D 722 -1.69 -24.07 8.99
C PHE D 722 -1.90 -22.86 8.15
N PRO D 723 -1.96 -21.66 8.77
CA PRO D 723 -2.19 -20.42 8.04
C PRO D 723 -0.93 -19.84 7.41
N ASN D 724 0.26 -20.20 7.87
CA ASN D 724 1.44 -19.68 7.20
C ASN D 724 2.62 -20.60 7.45
N LEU D 725 3.68 -20.44 6.64
CA LEU D 725 4.78 -21.39 6.65
C LEU D 725 5.60 -21.41 7.93
N GLU D 726 5.72 -20.27 8.59
CA GLU D 726 6.45 -20.19 9.84
C GLU D 726 5.78 -21.14 10.83
N SER D 727 4.46 -21.04 10.95
CA SER D 727 3.75 -21.85 11.94
C SER D 727 3.89 -23.35 11.67
N SER D 728 3.69 -23.77 10.43
CA SER D 728 3.74 -25.18 10.06
C SER D 728 5.14 -25.77 10.23
N ASN D 729 6.13 -25.07 9.66
CA ASN D 729 7.49 -25.55 9.60
C ASN D 729 8.05 -25.63 11.02
N ILE D 730 7.89 -24.55 11.76
CA ILE D 730 8.36 -24.58 13.14
C ILE D 730 7.63 -25.66 13.93
N ALA D 731 6.32 -25.83 13.72
CA ALA D 731 5.60 -26.87 14.45
C ALA D 731 6.15 -28.29 14.24
N TYR D 732 6.19 -28.73 12.99
CA TYR D 732 6.57 -30.10 12.76
C TYR D 732 8.01 -30.25 13.26
N LYS D 733 8.89 -29.28 13.00
CA LYS D 733 10.26 -29.52 13.42
C LYS D 733 10.40 -29.57 14.96
N LEU D 734 9.70 -28.69 15.68
CA LEU D 734 9.79 -28.71 17.15
C LEU D 734 9.22 -29.99 17.73
N ILE D 735 8.02 -30.40 17.27
CA ILE D 735 7.40 -31.63 17.73
C ILE D 735 8.37 -32.79 17.51
N GLN D 736 8.94 -32.84 16.30
CA GLN D 736 9.89 -33.88 15.96
C GLN D 736 11.07 -33.90 16.94
N GLN D 737 11.63 -32.74 17.26
CA GLN D 737 12.79 -32.79 18.17
C GLN D 737 12.42 -33.09 19.63
N ILE D 738 11.41 -32.42 20.20
CA ILE D 738 11.23 -32.47 21.64
C ILE D 738 10.04 -33.31 22.09
N GLY D 739 9.08 -33.50 21.19
CA GLY D 739 8.01 -34.42 21.48
C GLY D 739 8.68 -35.78 21.49
N LYS D 740 8.00 -36.79 21.98
CA LYS D 740 8.63 -38.08 21.91
C LYS D 740 7.80 -38.93 20.96
N ALA D 741 7.66 -38.43 19.75
CA ALA D 741 6.86 -39.10 18.74
C ALA D 741 7.57 -39.01 17.41
N GLU D 742 7.50 -40.08 16.63
CA GLU D 742 8.08 -40.05 15.30
C GLU D 742 7.22 -39.10 14.45
N VAL D 743 7.88 -38.28 13.64
CA VAL D 743 7.17 -37.55 12.62
C VAL D 743 7.90 -37.84 11.32
N ILE D 744 7.15 -38.15 10.27
CA ILE D 744 7.74 -38.56 9.02
C ILE D 744 7.37 -37.54 7.96
N GLY D 745 8.30 -37.25 7.04
CA GLY D 745 8.08 -36.24 6.03
C GLY D 745 9.17 -35.20 6.04
N PRO D 746 8.88 -34.04 5.42
CA PRO D 746 7.66 -33.74 4.64
C PRO D 746 7.49 -34.50 3.34
N PHE D 747 6.24 -34.70 2.94
CA PHE D 747 5.96 -35.34 1.66
C PHE D 747 5.32 -34.34 0.78
N LEU D 748 5.87 -34.17 -0.40
CA LEU D 748 5.37 -33.20 -1.35
C LEU D 748 4.08 -33.72 -1.98
N THR D 749 2.98 -33.03 -1.73
CA THR D 749 1.71 -33.37 -2.33
C THR D 749 1.31 -32.33 -3.37
N GLY D 750 0.36 -32.68 -4.22
CA GLY D 750 -0.14 -31.74 -5.21
C GLY D 750 0.50 -31.90 -6.59
N VAL D 751 1.51 -32.75 -6.73
CA VAL D 751 2.22 -32.81 -8.01
C VAL D 751 1.90 -34.08 -8.80
N ARG D 752 1.96 -33.99 -10.13
CA ARG D 752 1.47 -35.06 -11.01
C ARG D 752 2.17 -36.40 -10.84
N ARG D 753 3.45 -36.38 -10.53
CA ARG D 753 4.22 -37.61 -10.45
C ARG D 753 4.86 -37.69 -9.07
N SER D 754 5.45 -38.83 -8.72
CA SER D 754 5.96 -39.02 -7.36
C SER D 754 7.33 -38.40 -7.18
N ALA D 755 7.44 -37.47 -6.25
CA ALA D 755 8.72 -36.83 -5.92
C ALA D 755 8.64 -36.31 -4.49
N ASN D 756 9.71 -36.43 -3.72
CA ASN D 756 9.73 -35.82 -2.40
C ASN D 756 11.09 -35.22 -2.10
N VAL D 757 11.05 -34.11 -1.39
CA VAL D 757 12.23 -33.37 -1.01
C VAL D 757 12.38 -33.56 0.50
N LEU D 758 13.50 -34.16 0.88
CA LEU D 758 13.82 -34.37 2.28
C LEU D 758 14.07 -33.05 2.96
N GLN D 759 13.81 -32.98 4.26
CA GLN D 759 14.38 -31.88 5.00
C GLN D 759 15.86 -32.19 5.08
N ARG D 760 16.71 -31.23 4.76
CA ARG D 760 18.16 -31.44 4.77
C ARG D 760 18.68 -31.77 6.17
N THR D 761 17.84 -31.49 7.16
CA THR D 761 18.21 -31.73 8.53
C THR D 761 18.04 -33.21 8.93
N THR D 762 17.50 -33.96 7.98
CA THR D 762 17.13 -35.33 8.19
C THR D 762 18.26 -36.19 8.65
N THR D 763 17.89 -37.20 9.41
CA THR D 763 18.79 -38.26 9.76
C THR D 763 18.61 -39.39 8.77
N VAL D 764 19.44 -40.42 8.90
CA VAL D 764 19.39 -41.59 8.03
C VAL D 764 18.09 -42.37 8.23
N ASP D 765 17.63 -42.54 9.47
CA ASP D 765 16.37 -43.23 9.68
C ASP D 765 15.26 -42.44 9.05
N GLY D 766 15.37 -41.10 9.16
CA GLY D 766 14.44 -40.20 8.52
C GLY D 766 14.37 -40.49 7.04
N ILE D 767 15.53 -40.58 6.38
CA ILE D 767 15.53 -40.83 4.94
C ILE D 767 14.92 -42.20 4.63
N VAL D 768 15.23 -43.20 5.46
CA VAL D 768 14.66 -44.52 5.24
C VAL D 768 13.13 -44.49 5.28
N ASN D 769 12.56 -43.83 6.29
CA ASN D 769 11.12 -43.66 6.37
C ASN D 769 10.51 -42.90 5.19
N SER D 770 11.14 -41.77 4.86
CA SER D 770 10.64 -40.95 3.77
C SER D 770 10.58 -41.81 2.52
N VAL D 771 11.66 -42.55 2.24
CA VAL D 771 11.75 -43.37 1.04
C VAL D 771 10.72 -44.51 1.08
N VAL D 772 10.43 -45.07 2.27
CA VAL D 772 9.30 -46.01 2.35
C VAL D 772 8.07 -45.33 1.75
N PHE D 773 7.75 -44.16 2.27
CA PHE D 773 6.49 -43.58 1.79
C PHE D 773 6.51 -43.07 0.36
N THR D 774 7.63 -42.56 -0.14
CA THR D 774 7.64 -42.22 -1.54
C THR D 774 7.51 -43.51 -2.37
N ALA D 775 8.08 -44.63 -1.91
CA ALA D 775 7.87 -45.90 -2.61
C ALA D 775 6.37 -46.26 -2.74
N LEU D 776 5.67 -46.08 -1.62
CA LEU D 776 4.23 -46.32 -1.58
C LEU D 776 3.46 -45.39 -2.58
N GLU D 777 3.81 -44.09 -2.58
CA GLU D 777 3.21 -43.07 -3.48
C GLU D 777 3.47 -43.45 -4.93
N ALA D 778 4.72 -43.84 -5.18
CA ALA D 778 5.21 -44.23 -6.49
C ALA D 778 4.37 -45.34 -7.04
N GLN D 779 4.20 -46.37 -6.21
CA GLN D 779 3.39 -47.51 -6.59
C GLN D 779 1.95 -47.10 -6.90
N TYR D 780 1.36 -46.27 -6.04
CA TYR D 780 0.00 -45.79 -6.27
C TYR D 780 -0.17 -45.14 -7.65
N ILE D 781 0.68 -44.16 -7.92
CA ILE D 781 0.64 -43.44 -9.19
C ILE D 781 0.91 -44.36 -10.40
N LYS D 782 1.88 -45.26 -10.31
CA LYS D 782 2.10 -46.16 -11.44
C LYS D 782 0.81 -46.95 -11.69
N GLU D 783 0.13 -47.35 -10.62
CA GLU D 783 -1.10 -48.12 -10.84
C GLU D 783 -2.15 -47.29 -11.56
N VAL D 784 -2.37 -46.07 -11.07
CA VAL D 784 -3.41 -45.25 -11.70
C VAL D 784 -3.03 -44.87 -13.15
N LEU D 785 -1.75 -44.71 -13.43
CA LEU D 785 -1.30 -44.48 -14.80
C LEU D 785 -1.62 -45.68 -15.66
N LYS D 786 -1.31 -46.90 -15.20
CA LYS D 786 -1.72 -48.08 -16.00
C LYS D 786 -3.25 -48.26 -16.10
N SER D 787 -4.00 -47.53 -15.27
CA SER D 787 -5.46 -47.44 -15.44
C SER D 787 -5.91 -46.85 -16.79
N ARG D 788 -5.10 -45.94 -17.34
CA ARG D 788 -5.47 -45.21 -18.55
C ARG D 788 -4.60 -45.56 -19.76
N THR E 27 -38.27 61.49 -6.13
CA THR E 27 -39.31 60.49 -5.91
C THR E 27 -38.78 59.06 -5.99
N ASN E 28 -37.63 58.85 -6.63
CA ASN E 28 -37.05 57.50 -6.72
C ASN E 28 -36.51 57.04 -5.37
N PHE E 29 -35.76 57.90 -4.69
CA PHE E 29 -35.31 57.57 -3.35
C PHE E 29 -36.58 57.29 -2.52
N ASP E 30 -37.59 58.15 -2.72
CA ASP E 30 -38.88 58.01 -2.04
C ASP E 30 -39.51 56.64 -2.30
N GLN E 31 -39.55 56.25 -3.58
CA GLN E 31 -40.11 54.96 -4.02
C GLN E 31 -39.37 53.78 -3.42
N GLU E 32 -38.04 53.92 -3.35
CA GLU E 32 -37.20 52.89 -2.75
C GLU E 32 -37.54 52.69 -1.30
N ALA E 33 -37.64 53.80 -0.56
CA ALA E 33 -38.04 53.78 0.84
C ALA E 33 -39.42 53.15 1.04
N LEU E 34 -40.38 53.55 0.20
CA LEU E 34 -41.73 52.96 0.24
C LEU E 34 -41.69 51.44 0.11
N LEU E 35 -41.02 50.91 -0.92
CA LEU E 35 -40.95 49.44 -1.08
C LEU E 35 -40.18 48.83 0.08
N TYR E 36 -39.17 49.53 0.57
CA TYR E 36 -38.41 49.06 1.73
C TYR E 36 -39.34 48.77 2.89
N HIS E 37 -40.30 49.67 3.11
CA HIS E 37 -41.28 49.50 4.18
C HIS E 37 -42.37 48.47 3.84
N GLN E 38 -42.71 48.35 2.56
CA GLN E 38 -43.84 47.53 2.10
C GLN E 38 -43.53 46.03 1.91
N GLN E 39 -42.29 45.75 1.52
CA GLN E 39 -41.81 44.40 1.21
C GLN E 39 -41.84 43.42 2.39
N GLY E 40 -41.87 42.12 2.10
CA GLY E 40 -41.80 41.09 3.14
C GLY E 40 -42.87 41.28 4.19
N LYS E 41 -42.44 41.34 5.44
CA LYS E 41 -43.31 41.74 6.56
C LYS E 41 -43.51 43.27 6.55
N PRO E 42 -44.78 43.72 6.57
CA PRO E 42 -45.04 45.16 6.65
C PRO E 42 -44.34 45.79 7.85
N GLY E 43 -43.78 46.98 7.68
CA GLY E 43 -43.10 47.66 8.76
C GLY E 43 -41.64 47.26 8.85
N LYS E 44 -41.00 47.60 9.97
CA LYS E 44 -39.58 47.35 10.12
C LYS E 44 -39.23 46.56 11.39
N ILE E 45 -40.24 46.21 12.17
CA ILE E 45 -39.98 45.50 13.42
C ILE E 45 -40.84 44.25 13.57
N GLU E 46 -40.36 43.36 14.44
CA GLU E 46 -41.07 42.15 14.82
C GLU E 46 -40.56 41.78 16.21
N VAL E 47 -41.43 41.16 17.01
CA VAL E 47 -41.07 40.80 18.37
C VAL E 47 -40.77 39.32 18.38
N ILE E 48 -39.55 38.97 18.78
CA ILE E 48 -39.18 37.57 18.79
C ILE E 48 -38.73 37.14 20.17
N SER E 49 -38.77 35.83 20.39
CA SER E 49 -38.32 35.27 21.64
C SER E 49 -36.82 35.14 21.66
N SER E 50 -36.24 35.43 22.82
CA SER E 50 -34.80 35.31 23.02
C SER E 50 -34.38 33.96 23.63
N LYS E 51 -35.36 33.08 23.84
CA LYS E 51 -35.21 31.84 24.59
C LYS E 51 -36.03 30.78 23.83
N PRO E 52 -35.76 29.49 24.09
CA PRO E 52 -36.56 28.47 23.38
C PRO E 52 -38.01 28.50 23.81
N CYS E 53 -38.94 28.41 22.86
CA CYS E 53 -40.35 28.44 23.17
C CYS E 53 -41.23 27.81 22.10
N ALA E 54 -40.76 26.71 21.51
CA ALA E 54 -41.49 25.99 20.48
C ALA E 54 -42.10 24.71 21.02
N THR E 55 -41.37 24.07 21.93
CA THR E 55 -41.75 22.75 22.48
C THR E 55 -42.58 22.84 23.76
N GLU E 56 -43.20 21.72 24.14
CA GLU E 56 -44.08 21.63 25.30
C GLU E 56 -43.44 22.15 26.60
N LYS E 57 -42.19 21.77 26.81
CA LYS E 57 -41.41 22.14 27.97
C LYS E 57 -41.15 23.63 28.02
N ASP E 58 -40.72 24.13 26.87
CA ASP E 58 -40.37 25.53 26.74
C ASP E 58 -41.57 26.42 27.08
N LEU E 59 -42.77 26.02 26.64
CA LEU E 59 -43.99 26.78 26.91
C LEU E 59 -44.42 26.62 28.34
N SER E 60 -44.14 25.45 28.92
CA SER E 60 -44.44 25.24 30.33
C SER E 60 -43.52 26.10 31.21
N LEU E 61 -42.44 26.62 30.63
CA LEU E 61 -41.61 27.55 31.38
C LEU E 61 -41.91 29.01 31.03
N ALA E 62 -42.20 29.29 29.77
CA ALA E 62 -42.47 30.66 29.33
C ALA E 62 -43.84 31.13 29.81
N TYR E 63 -44.77 30.20 29.99
CA TYR E 63 -46.09 30.55 30.47
C TYR E 63 -46.41 29.68 31.68
N SER E 64 -47.68 29.42 31.93
CA SER E 64 -48.08 28.65 33.09
C SER E 64 -47.57 27.24 32.89
N PRO E 65 -47.16 26.55 33.99
CA PRO E 65 -47.09 26.98 35.39
C PRO E 65 -45.74 27.60 35.83
N GLY E 66 -44.72 27.50 34.97
CA GLY E 66 -43.38 27.93 35.34
C GLY E 66 -43.26 29.42 35.57
N VAL E 67 -43.98 30.18 34.75
CA VAL E 67 -43.95 31.63 34.78
C VAL E 67 -44.45 32.14 36.15
N ALA E 68 -45.14 31.31 36.91
CA ALA E 68 -45.57 31.75 38.23
C ALA E 68 -44.36 32.11 39.10
N ALA E 69 -43.24 31.41 38.88
CA ALA E 69 -42.07 31.57 39.76
C ALA E 69 -41.49 32.98 39.71
N PRO E 70 -41.21 33.51 38.49
CA PRO E 70 -40.76 34.90 38.51
C PRO E 70 -41.80 35.88 39.06
N CYS E 71 -43.07 35.68 38.73
CA CYS E 71 -44.17 36.52 39.26
C CYS E 71 -44.15 36.57 40.77
N LYS E 72 -44.22 35.40 41.39
CA LYS E 72 -44.17 35.31 42.85
C LYS E 72 -42.95 36.05 43.40
N ALA E 73 -41.83 36.02 42.66
CA ALA E 73 -40.63 36.68 43.14
C ALA E 73 -40.80 38.19 43.12
N ILE E 74 -41.30 38.71 42.00
CA ILE E 74 -41.41 40.14 41.81
C ILE E 74 -42.47 40.72 42.75
N ALA E 75 -43.53 39.96 43.00
CA ALA E 75 -44.56 40.43 43.91
C ALA E 75 -43.91 40.70 45.24
N LYS E 76 -42.91 39.88 45.56
CA LYS E 76 -42.23 39.89 46.85
C LYS E 76 -41.17 41.01 46.87
N ASP E 77 -40.51 41.21 45.73
CA ASP E 77 -39.52 42.25 45.61
C ASP E 77 -39.66 42.92 44.24
N PRO E 78 -40.39 44.04 44.16
CA PRO E 78 -40.69 44.65 42.87
C PRO E 78 -39.45 44.90 42.01
N ALA E 79 -38.32 45.16 42.65
CA ALA E 79 -37.06 45.42 41.93
C ALA E 79 -36.69 44.26 40.99
N LYS E 80 -37.02 43.03 41.38
CA LYS E 80 -36.72 41.86 40.56
C LYS E 80 -37.47 41.83 39.23
N VAL E 81 -38.33 42.83 38.98
CA VAL E 81 -38.93 42.96 37.67
C VAL E 81 -37.79 43.16 36.66
N TYR E 82 -36.68 43.72 37.13
CA TYR E 82 -35.51 43.93 36.30
C TYR E 82 -34.73 42.64 36.01
N ASP E 83 -35.00 41.58 36.77
CA ASP E 83 -34.23 40.37 36.65
C ASP E 83 -34.91 39.36 35.73
N TYR E 84 -36.24 39.34 35.74
CA TYR E 84 -36.98 38.27 35.06
C TYR E 84 -37.79 38.71 33.83
N THR E 85 -37.66 39.99 33.46
CA THR E 85 -38.39 40.55 32.32
C THR E 85 -37.48 41.47 31.51
N ALA E 86 -37.96 41.84 30.32
CA ALA E 86 -37.22 42.71 29.41
C ALA E 86 -37.06 44.14 29.91
N LYS E 87 -37.66 44.47 31.07
CA LYS E 87 -37.72 45.86 31.53
C LYS E 87 -36.40 46.60 31.43
N GLY E 88 -35.35 45.99 31.95
CA GLY E 88 -34.02 46.60 32.00
C GLY E 88 -33.33 46.87 30.67
N ASN E 89 -34.01 46.56 29.57
CA ASN E 89 -33.47 46.84 28.25
C ASN E 89 -34.55 47.32 27.29
N LEU E 90 -35.68 47.74 27.86
CA LEU E 90 -36.84 48.10 27.07
C LEU E 90 -37.16 49.59 27.23
N VAL E 91 -37.09 50.31 26.11
CA VAL E 91 -37.38 51.74 26.12
C VAL E 91 -38.60 52.01 25.23
N ALA E 92 -39.49 52.85 25.72
CA ALA E 92 -40.62 53.26 24.90
C ALA E 92 -40.20 54.51 24.15
N VAL E 93 -40.38 54.47 22.85
CA VAL E 93 -40.24 55.64 22.03
C VAL E 93 -41.66 56.08 21.84
N ILE E 94 -42.05 57.15 22.54
CA ILE E 94 -43.44 57.60 22.57
C ILE E 94 -43.57 58.95 21.86
N SER E 95 -44.60 59.04 21.02
CA SER E 95 -44.91 60.24 20.23
C SER E 95 -46.36 60.34 19.90
N ASN E 96 -46.81 61.58 19.72
CA ASN E 96 -48.14 61.79 19.17
C ASN E 96 -48.11 62.37 17.74
N GLY E 97 -46.92 62.54 17.17
CA GLY E 97 -46.80 62.97 15.79
C GLY E 97 -47.17 64.43 15.55
N THR E 98 -46.83 65.28 16.51
CA THR E 98 -47.12 66.69 16.38
C THR E 98 -45.88 67.46 15.92
N ALA E 99 -44.73 66.80 15.91
CA ALA E 99 -43.53 67.44 15.39
C ALA E 99 -42.58 66.42 14.79
N VAL E 100 -43.11 65.66 13.84
CA VAL E 100 -42.42 64.52 13.20
C VAL E 100 -41.36 64.95 12.20
N LEU E 101 -40.10 64.66 12.53
CA LEU E 101 -38.96 65.03 11.70
C LEU E 101 -39.11 66.48 11.23
N GLY E 102 -39.22 66.64 9.92
CA GLY E 102 -39.40 67.96 9.33
C GLY E 102 -40.74 68.07 8.63
N LEU E 103 -41.70 67.27 9.05
CA LEU E 103 -43.01 67.26 8.41
C LEU E 103 -44.05 67.94 9.28
N GLY E 104 -43.70 68.21 10.54
CA GLY E 104 -44.61 68.92 11.43
C GLY E 104 -45.71 68.07 12.05
N ASN E 105 -46.88 68.67 12.23
CA ASN E 105 -47.99 68.01 12.90
C ASN E 105 -48.72 67.09 11.94
N ILE E 106 -48.20 65.87 11.76
CA ILE E 106 -48.78 64.95 10.78
C ILE E 106 -49.56 63.81 11.40
N GLY E 107 -49.62 63.70 12.73
CA GLY E 107 -50.45 62.68 13.36
C GLY E 107 -49.73 61.48 13.94
N PRO E 108 -50.44 60.72 14.81
CA PRO E 108 -49.89 59.56 15.54
C PRO E 108 -49.66 58.34 14.63
N ALA E 109 -50.66 57.98 13.84
CA ALA E 109 -50.53 56.90 12.87
C ALA E 109 -49.49 57.25 11.81
N ALA E 110 -49.43 58.51 11.41
CA ALA E 110 -48.50 58.88 10.34
C ALA E 110 -47.06 59.00 10.87
N GLY E 111 -46.93 59.10 12.18
CA GLY E 111 -45.61 59.20 12.77
C GLY E 111 -45.05 57.83 13.10
N LYS E 112 -45.88 56.79 12.97
CA LYS E 112 -45.46 55.45 13.35
C LYS E 112 -44.16 54.98 12.67
N PRO E 113 -44.02 55.16 11.33
CA PRO E 113 -42.76 54.74 10.72
C PRO E 113 -41.49 55.33 11.32
N VAL E 114 -41.49 56.60 11.70
CA VAL E 114 -40.26 57.15 12.25
C VAL E 114 -40.04 56.65 13.66
N MET E 115 -41.09 56.25 14.36
CA MET E 115 -40.89 55.75 15.71
C MET E 115 -40.30 54.34 15.68
N GLU E 116 -40.82 53.50 14.76
CA GLU E 116 -40.18 52.21 14.51
C GLU E 116 -38.73 52.46 14.15
N GLY E 117 -38.49 53.36 13.20
CA GLY E 117 -37.12 53.72 12.84
C GLY E 117 -36.23 54.12 14.01
N LYS E 118 -36.76 54.98 14.87
CA LYS E 118 -36.01 55.44 16.03
C LYS E 118 -35.60 54.23 16.87
N GLY E 119 -36.56 53.32 17.03
CA GLY E 119 -36.32 52.04 17.66
C GLY E 119 -35.18 51.24 17.06
N ILE E 120 -35.19 51.07 15.74
CA ILE E 120 -34.07 50.44 15.07
C ILE E 120 -32.76 51.12 15.44
N LEU E 121 -32.70 52.46 15.44
CA LEU E 121 -31.48 53.14 15.91
C LEU E 121 -31.06 52.77 17.34
N PHE E 122 -32.02 52.76 18.27
CA PHE E 122 -31.76 52.27 19.63
C PHE E 122 -31.13 50.85 19.67
N LYS E 123 -31.71 49.91 18.93
CA LYS E 123 -31.18 48.57 18.89
C LYS E 123 -29.79 48.54 18.28
N GLN E 124 -29.58 49.30 17.23
CA GLN E 124 -28.29 49.25 16.53
C GLN E 124 -27.14 49.96 17.26
N PHE E 125 -27.46 51.01 17.99
CA PHE E 125 -26.39 51.80 18.58
C PHE E 125 -26.21 51.50 20.06
N ALA E 126 -27.21 50.90 20.71
CA ALA E 126 -27.05 50.56 22.12
C ALA E 126 -27.55 49.15 22.48
N GLY E 127 -28.04 48.42 21.49
CA GLY E 127 -28.58 47.11 21.75
C GLY E 127 -29.77 47.17 22.67
N ILE E 128 -30.51 48.29 22.63
CA ILE E 128 -31.72 48.53 23.44
C ILE E 128 -33.00 48.12 22.70
N ASP E 129 -33.83 47.32 23.33
CA ASP E 129 -35.12 46.96 22.76
C ASP E 129 -36.12 48.09 22.92
N VAL E 130 -36.99 48.30 21.94
CA VAL E 130 -37.92 49.43 21.98
C VAL E 130 -39.32 49.07 21.57
N PHE E 131 -40.29 49.59 22.33
CA PHE E 131 -41.67 49.58 21.86
C PHE E 131 -41.98 50.99 21.34
N ASP E 132 -42.43 51.08 20.09
CA ASP E 132 -42.85 52.37 19.50
C ASP E 132 -44.29 52.59 19.91
N ILE E 133 -44.56 53.71 20.55
CA ILE E 133 -45.89 54.03 21.04
C ILE E 133 -46.38 55.35 20.45
N GLU E 134 -47.35 55.29 19.55
CA GLU E 134 -47.89 56.48 18.92
C GLU E 134 -49.18 56.83 19.60
N VAL E 135 -49.23 57.96 20.32
CA VAL E 135 -50.38 58.23 21.18
C VAL E 135 -51.32 59.23 20.54
N ALA E 136 -52.62 58.96 20.57
CA ALA E 136 -53.59 59.87 19.97
C ALA E 136 -54.07 60.87 21.00
N ALA E 137 -53.16 61.71 21.49
CA ALA E 137 -53.49 62.72 22.49
C ALA E 137 -52.68 64.01 22.28
N THR E 138 -53.36 65.10 21.93
CA THR E 138 -52.70 66.38 21.77
C THR E 138 -52.75 67.23 23.04
N ASP E 139 -53.70 66.90 23.93
CA ASP E 139 -53.82 67.54 25.23
C ASP E 139 -52.73 67.09 26.18
N VAL E 140 -52.07 68.04 26.85
CA VAL E 140 -50.99 67.69 27.77
C VAL E 140 -51.45 66.80 28.92
N ASP E 141 -52.58 67.12 29.53
CA ASP E 141 -52.98 66.39 30.74
C ASP E 141 -53.33 64.95 30.41
N VAL E 142 -54.11 64.70 29.36
CA VAL E 142 -54.44 63.30 29.04
C VAL E 142 -53.21 62.53 28.56
N PHE E 143 -52.36 63.17 27.76
CA PHE E 143 -51.15 62.52 27.28
C PHE E 143 -50.35 62.02 28.47
N CYS E 144 -50.10 62.93 29.41
CA CYS E 144 -49.32 62.62 30.60
C CYS E 144 -49.98 61.53 31.43
N ASN E 145 -51.31 61.57 31.54
CA ASN E 145 -52.04 60.53 32.25
C ASN E 145 -51.93 59.14 31.61
N ALA E 146 -51.78 59.09 30.30
CA ALA E 146 -51.65 57.82 29.62
C ALA E 146 -50.24 57.28 29.79
N VAL E 147 -49.25 58.15 29.63
CA VAL E 147 -47.86 57.71 29.68
C VAL E 147 -47.41 57.36 31.13
N ARG E 148 -47.83 58.16 32.11
CA ARG E 148 -47.44 58.00 33.52
C ARG E 148 -47.60 56.56 34.02
N VAL E 149 -48.65 55.96 33.50
CA VAL E 149 -49.21 54.75 34.03
C VAL E 149 -48.65 53.50 33.31
N LEU E 150 -47.81 53.73 32.30
CA LEU E 150 -47.17 52.66 31.56
C LEU E 150 -45.88 52.29 32.24
N GLU E 151 -45.54 52.99 33.30
CA GLU E 151 -44.22 52.86 33.92
C GLU E 151 -43.77 51.43 34.24
N PRO E 152 -44.68 50.59 34.76
CA PRO E 152 -44.18 49.24 35.05
C PRO E 152 -43.60 48.55 33.81
N THR E 153 -44.07 48.90 32.63
CA THR E 153 -43.70 48.25 31.38
C THR E 153 -42.27 48.54 30.96
N PHE E 154 -41.79 49.75 31.21
CA PHE E 154 -40.54 50.16 30.58
C PHE E 154 -39.40 50.41 31.55
N GLY E 155 -38.19 50.33 31.03
CA GLY E 155 -37.03 50.67 31.81
C GLY E 155 -36.77 52.17 31.67
N GLY E 156 -37.29 52.74 30.57
CA GLY E 156 -37.17 54.16 30.31
C GLY E 156 -38.07 54.63 29.19
N ILE E 157 -38.38 55.93 29.18
CA ILE E 157 -39.25 56.56 28.17
C ILE E 157 -38.50 57.61 27.36
N ASN E 158 -38.44 57.41 26.05
CA ASN E 158 -37.88 58.36 25.11
C ASN E 158 -38.98 59.05 24.35
N LEU E 159 -39.38 60.24 24.81
CA LEU E 159 -40.36 61.08 24.11
C LEU E 159 -39.77 61.57 22.81
N GLU E 160 -40.56 61.59 21.73
CA GLU E 160 -40.04 61.93 20.40
C GLU E 160 -41.04 62.72 19.60
N ASP E 161 -40.56 63.77 18.95
CA ASP E 161 -41.37 64.48 17.96
C ASP E 161 -42.71 64.97 18.50
N ILE E 162 -42.65 65.74 19.58
CA ILE E 162 -43.84 66.39 20.13
C ILE E 162 -43.62 67.88 20.05
N LYS E 163 -44.58 68.60 19.48
CA LYS E 163 -44.36 70.01 19.17
C LYS E 163 -44.18 70.88 20.41
N ALA E 164 -43.46 71.98 20.24
CA ALA E 164 -43.34 72.98 21.29
C ALA E 164 -44.59 73.87 21.29
N PRO E 165 -44.96 74.43 22.45
CA PRO E 165 -44.28 74.32 23.74
C PRO E 165 -44.79 73.15 24.58
N GLU E 166 -45.71 72.35 24.05
CA GLU E 166 -46.28 71.23 24.79
C GLU E 166 -45.22 70.32 25.35
N CYS E 167 -44.21 70.05 24.53
CA CYS E 167 -43.19 69.09 24.90
C CYS E 167 -42.46 69.49 26.17
N PHE E 168 -42.38 70.80 26.40
CA PHE E 168 -41.66 71.30 27.57
C PHE E 168 -42.39 70.88 28.82
N GLU E 169 -43.68 71.21 28.84
CA GLU E 169 -44.57 70.88 29.94
C GLU E 169 -44.67 69.38 30.18
N ILE E 170 -44.79 68.63 29.08
CA ILE E 170 -44.89 67.17 29.13
C ILE E 170 -43.64 66.58 29.76
N GLU E 171 -42.47 66.97 29.27
CA GLU E 171 -41.24 66.40 29.79
C GLU E 171 -41.07 66.76 31.26
N GLU E 172 -41.18 68.04 31.63
CA GLU E 172 -40.97 68.43 33.04
C GLU E 172 -41.88 67.59 33.94
N ARG E 173 -43.13 67.48 33.49
CA ARG E 173 -44.17 66.78 34.26
C ARG E 173 -43.89 65.30 34.44
N LEU E 174 -43.62 64.60 33.35
CA LEU E 174 -43.40 63.17 33.44
C LEU E 174 -42.09 62.88 34.16
N LYS E 175 -41.14 63.80 34.06
CA LYS E 175 -39.89 63.65 34.80
C LYS E 175 -40.19 63.69 36.29
N LYS E 176 -41.10 64.55 36.71
CA LYS E 176 -41.40 64.52 38.14
C LYS E 176 -42.17 63.25 38.48
N GLU E 177 -43.25 63.00 37.73
CA GLU E 177 -44.23 61.94 37.99
C GLU E 177 -43.74 60.49 37.83
N MET E 178 -42.73 60.29 37.01
CA MET E 178 -42.35 58.92 36.75
C MET E 178 -41.02 58.63 37.40
N ASN E 179 -40.87 57.39 37.82
CA ASN E 179 -39.69 57.01 38.57
C ASN E 179 -38.77 56.20 37.68
N ILE E 180 -38.96 56.33 36.37
CA ILE E 180 -38.04 55.74 35.42
C ILE E 180 -37.61 56.91 34.58
N PRO E 181 -36.45 56.81 33.92
CA PRO E 181 -35.93 57.96 33.19
C PRO E 181 -36.88 58.50 32.13
N VAL E 182 -37.00 59.82 32.04
CA VAL E 182 -37.78 60.46 30.99
C VAL E 182 -36.91 61.47 30.24
N PHE E 183 -36.96 61.38 28.91
CA PHE E 183 -36.02 62.09 28.05
C PHE E 183 -36.64 62.29 26.66
N HIS E 184 -36.91 63.55 26.32
CA HIS E 184 -37.37 63.95 24.99
C HIS E 184 -36.16 64.27 24.12
N ASP E 185 -35.78 63.37 23.22
CA ASP E 185 -34.49 63.51 22.52
C ASP E 185 -34.42 64.80 21.69
N ASP E 186 -35.55 65.18 21.08
CA ASP E 186 -35.62 66.40 20.26
C ASP E 186 -35.16 67.65 21.03
N GLN E 187 -35.40 67.70 22.33
CA GLN E 187 -34.98 68.81 23.16
C GLN E 187 -33.48 68.82 23.44
N HIS E 188 -32.92 67.66 23.79
CA HIS E 188 -31.59 67.64 24.41
C HIS E 188 -30.44 67.16 23.50
N GLY E 189 -30.74 66.41 22.45
CA GLY E 189 -29.70 65.88 21.58
C GLY E 189 -28.72 66.91 21.01
N THR E 190 -29.23 67.85 20.22
CA THR E 190 -28.38 68.89 19.65
C THR E 190 -27.62 69.63 20.75
N ALA E 191 -28.28 69.86 21.88
CA ALA E 191 -27.64 70.51 23.01
C ALA E 191 -26.38 69.77 23.41
N ILE E 192 -26.55 68.47 23.64
CA ILE E 192 -25.48 67.59 24.09
C ILE E 192 -24.33 67.45 23.07
N VAL E 193 -24.66 67.09 21.84
CA VAL E 193 -23.62 66.89 20.81
C VAL E 193 -22.89 68.18 20.45
N SER E 194 -23.67 69.23 20.18
CA SER E 194 -23.08 70.51 19.82
C SER E 194 -22.33 71.05 21.01
N GLY E 195 -22.81 70.73 22.21
CA GLY E 195 -22.10 71.05 23.45
C GLY E 195 -20.68 70.50 23.51
N ALA E 196 -20.55 69.21 23.20
CA ALA E 196 -19.23 68.58 23.11
C ALA E 196 -18.37 69.29 22.07
N ALA E 197 -18.99 69.50 20.91
CA ALA E 197 -18.36 70.23 19.81
C ALA E 197 -17.87 71.62 20.24
N LEU E 198 -18.66 72.30 21.04
CA LEU E 198 -18.33 73.65 21.45
C LEU E 198 -17.16 73.62 22.41
N LEU E 199 -17.17 72.67 23.34
CA LEU E 199 -16.05 72.50 24.23
C LEU E 199 -14.76 72.42 23.46
N ASN E 200 -14.71 71.47 22.53
CA ASN E 200 -13.48 71.26 21.77
C ASN E 200 -13.11 72.47 20.93
N ALA E 201 -14.07 73.08 20.25
CA ALA E 201 -13.82 74.27 19.42
C ALA E 201 -13.24 75.41 20.26
N CYS E 202 -13.72 75.55 21.49
CA CYS E 202 -13.19 76.55 22.40
C CYS E 202 -11.78 76.18 22.81
N SER E 203 -11.53 74.90 23.05
CA SER E 203 -10.19 74.47 23.41
C SER E 203 -9.17 74.77 22.30
N ILE E 204 -9.52 74.48 21.05
CA ILE E 204 -8.63 74.82 19.93
C ILE E 204 -8.35 76.32 19.89
N THR E 205 -9.38 77.16 20.09
CA THR E 205 -9.24 78.60 19.91
C THR E 205 -8.91 79.35 21.20
N ASN E 206 -8.57 78.62 22.24
CA ASN E 206 -8.20 79.18 23.55
C ASN E 206 -9.19 80.13 24.15
N ARG E 207 -10.45 79.74 24.14
CA ARG E 207 -11.49 80.48 24.84
C ARG E 207 -11.84 79.80 26.13
N LYS E 208 -12.26 80.57 27.12
CA LYS E 208 -12.84 79.95 28.30
C LYS E 208 -14.32 80.24 28.23
N MET E 209 -15.13 79.29 28.68
CA MET E 209 -16.56 79.35 28.45
C MET E 209 -17.15 80.60 29.09
N GLU E 210 -16.48 81.07 30.13
CA GLU E 210 -16.91 82.19 30.95
C GLU E 210 -17.07 83.48 30.13
N THR E 211 -16.28 83.59 29.07
CA THR E 211 -16.25 84.77 28.22
C THR E 211 -16.87 84.58 26.84
N VAL E 212 -17.31 83.37 26.53
CA VAL E 212 -17.75 83.12 25.16
C VAL E 212 -19.12 83.72 24.93
N ARG E 213 -19.26 84.54 23.88
CA ARG E 213 -20.57 85.09 23.54
C ARG E 213 -21.28 84.28 22.45
N ILE E 214 -22.44 83.74 22.82
CA ILE E 214 -23.24 82.83 22.01
C ILE E 214 -24.57 83.48 21.65
N VAL E 215 -25.02 83.32 20.42
CA VAL E 215 -26.37 83.73 20.10
C VAL E 215 -27.00 82.52 19.42
N VAL E 216 -28.15 82.07 19.92
CA VAL E 216 -28.77 80.92 19.27
C VAL E 216 -30.03 81.44 18.59
N ASN E 217 -30.18 81.02 17.34
CA ASN E 217 -31.22 81.48 16.43
C ASN E 217 -32.28 80.43 16.11
N GLY E 218 -33.46 80.61 16.66
CA GLY E 218 -34.52 79.64 16.54
C GLY E 218 -35.03 79.36 17.94
N ALA E 219 -36.33 79.17 18.08
CA ALA E 219 -36.90 78.94 19.41
C ALA E 219 -37.66 77.64 19.46
N GLY E 220 -37.22 76.67 18.67
CA GLY E 220 -37.80 75.34 18.68
C GLY E 220 -37.50 74.54 19.95
N ALA E 221 -37.67 73.23 19.83
CA ALA E 221 -37.48 72.35 20.98
C ALA E 221 -36.00 72.30 21.41
N SER E 222 -35.08 72.56 20.50
CA SER E 222 -33.66 72.36 20.81
C SER E 222 -33.01 73.53 21.55
N ALA E 223 -33.57 74.73 21.47
CA ALA E 223 -32.83 75.93 21.88
C ALA E 223 -32.56 76.09 23.37
N ASN E 224 -33.62 76.01 24.17
CA ASN E 224 -33.47 76.15 25.61
C ASN E 224 -32.46 75.17 26.15
N SER E 225 -32.48 73.94 25.65
CA SER E 225 -31.57 72.97 26.22
C SER E 225 -30.14 73.30 25.81
N CYS E 226 -29.94 73.86 24.61
CA CYS E 226 -28.62 74.37 24.23
C CYS E 226 -28.09 75.40 25.22
N ALA E 227 -28.92 76.38 25.52
CA ALA E 227 -28.46 77.39 26.47
C ALA E 227 -28.15 76.75 27.80
N LYS E 228 -29.05 75.90 28.27
CA LYS E 228 -28.89 75.32 29.59
C LYS E 228 -27.58 74.51 29.72
N ILE E 229 -27.31 73.67 28.72
CA ILE E 229 -26.09 72.86 28.71
C ILE E 229 -24.83 73.73 28.57
N PHE E 230 -24.88 74.75 27.74
CA PHE E 230 -23.73 75.64 27.59
C PHE E 230 -23.39 76.32 28.91
N ILE E 231 -24.42 76.78 29.62
CA ILE E 231 -24.19 77.40 30.91
C ILE E 231 -23.59 76.38 31.89
N ALA E 232 -24.11 75.15 31.86
CA ALA E 232 -23.57 74.08 32.71
C ALA E 232 -22.10 73.83 32.41
N LEU E 233 -21.71 74.05 31.15
CA LEU E 233 -20.34 73.91 30.70
C LEU E 233 -19.47 75.14 31.04
N GLY E 234 -20.07 76.20 31.56
CA GLY E 234 -19.30 77.35 32.01
C GLY E 234 -19.65 78.69 31.42
N ALA E 235 -20.56 78.70 30.45
CA ALA E 235 -21.05 79.96 29.90
C ALA E 235 -21.90 80.72 30.93
N ARG E 236 -21.97 82.03 30.75
CA ARG E 236 -22.72 82.93 31.62
C ARG E 236 -24.04 83.24 30.94
N ARG E 237 -25.12 83.38 31.72
CA ARG E 237 -26.43 83.59 31.14
C ARG E 237 -26.34 84.89 30.36
N GLU E 238 -25.64 85.86 30.96
CA GLU E 238 -25.47 87.20 30.41
C GLU E 238 -24.82 87.23 29.03
N ASN E 239 -24.00 86.23 28.73
CA ASN E 239 -23.31 86.17 27.44
C ASN E 239 -24.07 85.43 26.34
N ILE E 240 -25.31 85.03 26.64
CA ILE E 240 -26.11 84.25 25.72
C ILE E 240 -27.38 84.97 25.29
N ILE E 241 -27.60 85.02 23.98
CA ILE E 241 -28.76 85.69 23.43
C ILE E 241 -29.60 84.72 22.61
N MET E 242 -30.91 84.72 22.84
CA MET E 242 -31.82 83.85 22.10
C MET E 242 -32.62 84.69 21.09
N CYS E 243 -32.78 84.15 19.89
CA CYS E 243 -33.55 84.80 18.84
C CYS E 243 -34.56 83.83 18.24
N ASP E 244 -35.65 84.37 17.71
CA ASP E 244 -36.57 83.56 16.93
C ASP E 244 -36.84 84.30 15.64
N SER E 245 -37.97 84.01 15.01
CA SER E 245 -38.38 84.66 13.76
C SER E 245 -38.59 86.18 13.89
N GLN E 246 -39.05 86.63 15.05
CA GLN E 246 -39.32 88.05 15.23
C GLN E 246 -38.10 88.82 15.78
N GLY E 247 -37.01 88.11 16.02
CA GLY E 247 -35.80 88.75 16.51
C GLY E 247 -35.32 88.36 17.91
N VAL E 248 -34.55 89.25 18.54
CA VAL E 248 -33.99 88.99 19.86
C VAL E 248 -35.08 88.80 20.91
N ILE E 249 -34.88 87.82 21.78
CA ILE E 249 -35.78 87.59 22.89
C ILE E 249 -35.25 88.35 24.10
N TYR E 250 -35.69 89.59 24.29
CA TYR E 250 -35.22 90.39 25.41
C TYR E 250 -36.17 90.40 26.61
N LYS E 251 -35.64 90.64 27.80
CA LYS E 251 -36.51 90.70 28.97
C LYS E 251 -37.42 91.91 28.84
N GLY E 252 -38.71 91.63 28.97
CA GLY E 252 -39.76 92.62 28.85
C GLY E 252 -40.43 92.57 27.48
N ARG E 253 -39.99 91.69 26.59
CA ARG E 253 -40.65 91.57 25.30
C ARG E 253 -41.96 90.86 25.54
N THR E 254 -42.96 91.22 24.75
CA THR E 254 -44.34 90.77 24.93
C THR E 254 -44.85 89.97 23.75
N ALA E 255 -44.48 90.42 22.55
CA ALA E 255 -44.96 89.84 21.31
C ALA E 255 -44.57 88.36 21.14
N GLY E 256 -45.53 87.47 21.35
CA GLY E 256 -45.34 86.08 21.02
C GLY E 256 -44.38 85.39 21.96
N MET E 257 -44.52 85.67 23.25
CA MET E 257 -43.60 85.09 24.23
C MET E 257 -44.35 84.02 25.00
N ASN E 258 -43.63 83.18 25.72
CA ASN E 258 -44.31 82.28 26.64
C ASN E 258 -43.41 81.86 27.80
N LYS E 259 -43.96 81.08 28.73
CA LYS E 259 -43.25 80.71 29.94
C LYS E 259 -41.82 80.29 29.67
N TYR E 260 -41.64 79.59 28.55
CA TYR E 260 -40.41 78.86 28.27
C TYR E 260 -39.46 79.69 27.42
N LYS E 261 -40.00 80.59 26.62
CA LYS E 261 -39.14 81.53 25.90
C LYS E 261 -38.56 82.54 26.85
N GLU E 262 -39.04 82.53 28.09
CA GLU E 262 -38.59 83.49 29.09
C GLU E 262 -37.33 83.01 29.79
N TYR E 263 -37.14 81.69 29.76
CA TYR E 263 -36.05 81.05 30.49
C TYR E 263 -34.70 81.73 30.23
N PHE E 264 -34.52 82.29 29.04
CA PHE E 264 -33.22 82.84 28.70
C PHE E 264 -33.32 84.22 28.01
N ALA E 265 -34.34 84.95 28.43
CA ALA E 265 -34.49 86.31 27.95
C ALA E 265 -33.28 87.13 28.38
N SER E 266 -32.70 87.84 27.44
CA SER E 266 -31.49 88.58 27.69
C SER E 266 -31.76 90.05 27.99
N GLU E 267 -30.88 90.69 28.73
CA GLU E 267 -31.02 92.11 28.99
C GLU E 267 -30.18 92.90 28.00
N THR E 268 -29.94 92.31 26.84
CA THR E 268 -29.19 92.99 25.80
C THR E 268 -29.98 94.13 25.18
N GLU E 269 -29.26 95.12 24.69
CA GLU E 269 -29.89 96.22 23.99
C GLU E 269 -30.11 95.92 22.51
N ALA E 270 -29.45 94.88 22.01
CA ALA E 270 -29.63 94.43 20.64
C ALA E 270 -31.03 93.90 20.39
N ARG E 271 -31.58 94.16 19.21
CA ARG E 271 -32.94 93.75 18.84
C ARG E 271 -32.98 92.89 17.57
N THR E 272 -32.09 93.16 16.62
CA THR E 272 -32.01 92.25 15.48
C THR E 272 -30.96 91.14 15.65
N LEU E 273 -31.03 90.12 14.79
CA LEU E 273 -30.07 89.05 14.84
C LEU E 273 -28.69 89.59 14.52
N THR E 274 -28.64 90.45 13.50
CA THR E 274 -27.37 90.99 13.01
C THR E 274 -26.66 91.77 14.13
N GLU E 275 -27.45 92.43 14.96
CA GLU E 275 -26.92 93.19 16.08
C GLU E 275 -26.42 92.28 17.19
N ALA E 276 -27.11 91.18 17.42
CA ALA E 276 -26.65 90.25 18.44
C ALA E 276 -25.35 89.58 18.01
N LEU E 277 -25.21 89.27 16.73
CA LEU E 277 -24.03 88.56 16.26
C LEU E 277 -22.81 89.43 16.04
N ARG E 278 -22.85 90.66 16.52
CA ARG E 278 -21.74 91.54 16.20
C ARG E 278 -20.79 91.34 17.36
N GLY E 279 -19.55 90.98 17.06
CA GLY E 279 -18.56 90.61 18.08
C GLY E 279 -18.86 89.31 18.83
N ALA E 280 -19.76 88.51 18.29
CA ALA E 280 -20.13 87.26 18.94
C ALA E 280 -19.15 86.14 18.59
N ASP E 281 -18.97 85.20 19.51
CA ASP E 281 -18.10 84.05 19.34
C ASP E 281 -18.81 82.88 18.66
N VAL E 282 -20.05 82.65 19.08
CA VAL E 282 -20.77 81.45 18.68
C VAL E 282 -22.12 81.75 18.08
N PHE E 283 -22.40 81.11 16.95
CA PHE E 283 -23.73 81.15 16.34
C PHE E 283 -24.38 79.77 16.36
N VAL E 284 -25.46 79.60 17.12
CA VAL E 284 -26.12 78.32 17.09
C VAL E 284 -27.38 78.46 16.25
N GLY E 285 -27.33 77.97 15.03
CA GLY E 285 -28.45 78.11 14.12
C GLY E 285 -29.38 76.92 14.17
N LEU E 286 -30.56 77.14 14.73
CA LEU E 286 -31.60 76.13 14.85
C LEU E 286 -32.79 76.65 14.08
N SER E 287 -32.53 77.11 12.85
CA SER E 287 -33.48 77.93 12.14
C SER E 287 -33.76 77.52 10.69
N VAL E 288 -33.39 78.40 9.76
CA VAL E 288 -33.79 78.29 8.35
C VAL E 288 -32.57 78.58 7.44
N ALA E 289 -32.55 77.99 6.25
CA ALA E 289 -31.45 78.14 5.31
C ALA E 289 -31.21 79.59 4.93
N GLY E 290 -29.94 79.98 4.89
CA GLY E 290 -29.57 81.32 4.46
C GLY E 290 -29.57 82.39 5.53
N ALA E 291 -30.01 82.03 6.74
CA ALA E 291 -30.13 82.99 7.84
C ALA E 291 -28.82 83.67 8.21
N LEU E 292 -27.69 83.01 7.96
CA LEU E 292 -26.41 83.58 8.32
C LEU E 292 -25.83 84.20 7.08
N THR E 293 -25.65 85.51 7.11
CA THR E 293 -25.24 86.28 5.95
C THR E 293 -23.82 86.80 6.10
N PRO E 294 -23.14 87.06 4.96
CA PRO E 294 -21.77 87.56 5.01
C PRO E 294 -21.54 88.78 5.89
N GLU E 295 -22.51 89.68 5.99
CA GLU E 295 -22.32 90.86 6.84
C GLU E 295 -22.29 90.54 8.33
N MET E 296 -23.26 89.76 8.81
CA MET E 296 -23.31 89.38 10.22
C MET E 296 -22.12 88.46 10.51
N LEU E 297 -21.76 87.65 9.52
CA LEU E 297 -20.63 86.74 9.64
C LEU E 297 -19.28 87.48 9.65
N LYS E 298 -19.15 88.52 8.84
CA LYS E 298 -17.93 89.31 8.78
C LYS E 298 -17.66 89.94 10.14
N ASP E 299 -18.72 90.24 10.88
CA ASP E 299 -18.57 90.95 12.15
C ASP E 299 -18.66 90.08 13.40
N MET E 300 -18.56 88.78 13.24
CA MET E 300 -18.37 87.93 14.41
C MET E 300 -16.93 88.06 14.82
N ALA E 301 -16.62 87.67 16.06
CA ALA E 301 -15.26 87.75 16.57
C ALA E 301 -14.30 86.87 15.79
N LYS E 302 -13.03 87.03 16.09
CA LYS E 302 -11.99 86.19 15.53
C LYS E 302 -12.25 84.74 15.89
N ASP E 303 -11.97 83.85 14.92
CA ASP E 303 -12.23 82.41 15.05
C ASP E 303 -13.69 82.10 15.34
N PRO E 304 -14.61 82.52 14.45
CA PRO E 304 -16.03 82.30 14.76
C PRO E 304 -16.42 80.83 14.69
N ILE E 305 -17.28 80.42 15.62
CA ILE E 305 -17.76 79.04 15.70
C ILE E 305 -19.20 79.00 15.20
N ILE E 306 -19.43 78.25 14.13
CA ILE E 306 -20.73 78.24 13.48
C ILE E 306 -21.37 76.85 13.56
N PHE E 307 -22.49 76.78 14.25
CA PHE E 307 -23.28 75.57 14.27
C PHE E 307 -24.54 75.79 13.41
N ALA E 308 -24.46 75.42 12.15
CA ALA E 308 -25.57 75.63 11.21
C ALA E 308 -26.36 74.34 11.03
N MET E 309 -27.33 74.14 11.90
CA MET E 309 -27.99 72.84 12.00
C MET E 309 -29.41 72.80 11.53
N ALA E 310 -29.78 73.78 10.71
CA ALA E 310 -31.10 73.75 10.13
C ALA E 310 -31.13 72.54 9.18
N ASN E 311 -32.29 71.92 9.06
CA ASN E 311 -32.49 70.86 8.06
C ASN E 311 -33.69 71.24 7.21
N PRO E 312 -33.68 70.89 5.92
CA PRO E 312 -32.70 70.09 5.17
C PRO E 312 -31.39 70.81 4.84
N GLU E 313 -31.43 72.14 4.76
CA GLU E 313 -30.25 72.93 4.42
C GLU E 313 -29.76 73.79 5.56
N PRO E 314 -28.43 73.83 5.75
CA PRO E 314 -27.82 74.59 6.84
C PRO E 314 -28.01 76.09 6.64
N GLU E 315 -27.81 76.87 7.70
CA GLU E 315 -27.87 78.33 7.62
C GLU E 315 -26.83 78.81 6.62
N ILE E 316 -25.74 78.06 6.52
CA ILE E 316 -24.67 78.33 5.57
C ILE E 316 -23.82 77.06 5.33
N THR E 317 -23.31 76.91 4.10
CA THR E 317 -22.44 75.79 3.76
C THR E 317 -21.02 76.03 4.30
N PRO E 318 -20.28 74.96 4.63
CA PRO E 318 -18.93 75.17 5.17
C PRO E 318 -18.00 75.92 4.23
N ASP E 319 -18.05 75.62 2.93
CA ASP E 319 -17.20 76.32 1.95
C ASP E 319 -17.50 77.82 1.84
N LYS E 320 -18.78 78.21 1.89
CA LYS E 320 -19.11 79.62 1.86
C LYS E 320 -18.76 80.33 3.17
N ALA E 321 -19.02 79.68 4.29
CA ALA E 321 -18.68 80.29 5.58
C ALA E 321 -17.18 80.53 5.63
N ARG E 322 -16.41 79.58 5.14
CA ARG E 322 -14.95 79.77 5.10
C ARG E 322 -14.55 80.73 4.00
N ALA E 323 -15.37 80.88 2.97
CA ALA E 323 -15.11 81.89 1.94
C ALA E 323 -15.19 83.29 2.55
N ALA E 324 -16.25 83.57 3.29
CA ALA E 324 -16.40 84.83 4.00
C ALA E 324 -15.37 85.02 5.12
N ARG E 325 -15.22 84.01 5.97
CA ARG E 325 -14.28 84.04 7.09
C ARG E 325 -13.44 82.76 7.12
N PRO E 326 -12.17 82.85 6.67
CA PRO E 326 -11.29 81.69 6.55
C PRO E 326 -11.03 80.99 7.89
N ASP E 327 -11.12 81.76 8.98
CA ASP E 327 -10.84 81.29 10.34
C ASP E 327 -12.05 80.64 11.03
N ALA E 328 -13.11 80.39 10.26
CA ALA E 328 -14.34 79.85 10.81
C ALA E 328 -14.25 78.34 11.07
N ILE E 329 -14.95 77.92 12.13
CA ILE E 329 -15.08 76.53 12.50
C ILE E 329 -16.56 76.23 12.37
N ILE E 330 -16.89 75.13 11.71
CA ILE E 330 -18.26 74.93 11.24
C ILE E 330 -18.81 73.55 11.58
N ALA E 331 -20.07 73.49 11.98
CA ALA E 331 -20.71 72.20 12.16
C ALA E 331 -22.09 72.28 11.55
N THR E 332 -22.51 71.15 10.98
CA THR E 332 -23.78 71.05 10.27
C THR E 332 -24.54 69.86 10.79
N GLY E 333 -25.81 69.74 10.43
CA GLY E 333 -26.54 68.55 10.76
C GLY E 333 -26.38 67.56 9.63
N ARG E 334 -25.60 67.92 8.63
CA ARG E 334 -25.47 67.06 7.47
C ARG E 334 -24.17 66.24 7.44
N SER E 335 -24.31 65.04 6.89
CA SER E 335 -23.22 64.08 6.78
C SER E 335 -22.23 64.37 5.67
N ASP E 336 -22.62 65.22 4.71
CA ASP E 336 -21.74 65.59 3.61
C ASP E 336 -20.53 66.36 4.10
N TYR E 337 -20.70 67.04 5.23
CA TYR E 337 -19.70 67.96 5.76
C TYR E 337 -19.12 67.47 7.09
N PRO E 338 -17.89 67.90 7.42
CA PRO E 338 -17.26 67.58 8.70
C PRO E 338 -18.09 68.04 9.90
N ASN E 339 -17.74 67.54 11.07
CA ASN E 339 -18.38 67.94 12.32
C ASN E 339 -19.89 67.79 12.32
N GLN E 340 -20.39 66.69 11.79
CA GLN E 340 -21.83 66.45 11.79
C GLN E 340 -22.42 66.41 13.20
N VAL E 341 -23.43 67.23 13.46
CA VAL E 341 -24.14 67.10 14.72
C VAL E 341 -25.33 66.20 14.44
N ASN E 342 -25.38 65.05 15.12
CA ASN E 342 -26.46 64.08 14.96
C ASN E 342 -26.84 63.49 16.30
N ASN E 343 -28.14 63.40 16.59
CA ASN E 343 -28.59 62.94 17.91
C ASN E 343 -28.17 61.51 18.25
N VAL E 344 -27.79 60.77 17.22
CA VAL E 344 -27.53 59.35 17.37
C VAL E 344 -26.25 59.12 18.21
N LEU E 345 -25.47 60.19 18.40
CA LEU E 345 -24.32 60.22 19.30
C LEU E 345 -24.75 60.38 20.75
N GLY E 346 -26.02 60.70 20.97
CA GLY E 346 -26.48 61.02 22.30
C GLY E 346 -27.31 59.98 23.03
N PHE E 347 -28.55 59.79 22.61
CA PHE E 347 -29.45 58.92 23.35
C PHE E 347 -28.99 57.47 23.52
N PRO E 348 -28.32 56.88 22.51
CA PRO E 348 -28.02 55.47 22.77
C PRO E 348 -27.15 55.24 24.00
N SER E 349 -26.02 55.93 24.14
CA SER E 349 -25.22 55.70 25.34
C SER E 349 -25.92 56.23 26.57
N ILE E 350 -26.67 57.32 26.43
CA ILE E 350 -27.32 57.94 27.58
C ILE E 350 -28.28 56.95 28.23
N PHE E 351 -29.17 56.37 27.42
CA PHE E 351 -30.10 55.34 27.91
C PHE E 351 -29.38 54.06 28.34
N ARG E 352 -28.34 53.67 27.61
CA ARG E 352 -27.58 52.51 27.99
C ARG E 352 -27.07 52.64 29.43
N GLY E 353 -26.42 53.76 29.70
CA GLY E 353 -25.89 54.02 31.02
C GLY E 353 -27.03 54.06 32.02
N ALA E 354 -28.13 54.67 31.59
CA ALA E 354 -29.27 54.85 32.48
C ALA E 354 -29.87 53.50 32.92
N LEU E 355 -30.13 52.63 31.97
CA LEU E 355 -30.73 51.35 32.23
C LEU E 355 -29.79 50.48 33.05
N ASP E 356 -28.50 50.49 32.70
CA ASP E 356 -27.56 49.54 33.33
C ASP E 356 -27.29 49.85 34.79
N THR E 357 -27.57 51.09 35.19
CA THR E 357 -27.51 51.45 36.58
C THR E 357 -28.91 51.41 37.18
N ARG E 358 -29.88 50.97 36.37
CA ARG E 358 -31.30 50.88 36.76
C ARG E 358 -31.81 52.18 37.38
N SER E 359 -31.40 53.29 36.77
CA SER E 359 -31.65 54.62 37.28
C SER E 359 -33.09 55.05 37.20
N THR E 360 -33.42 55.98 38.08
CA THR E 360 -34.74 56.55 38.20
C THR E 360 -34.89 57.77 37.27
N GLN E 361 -33.79 58.41 36.92
CA GLN E 361 -33.87 59.45 35.94
C GLN E 361 -32.60 59.65 35.07
N ILE E 362 -32.72 60.54 34.10
CA ILE E 362 -31.59 61.07 33.38
C ILE E 362 -31.48 62.55 33.76
N ASN E 363 -30.63 62.85 34.74
CA ASN E 363 -30.45 64.20 35.23
C ASN E 363 -29.41 64.98 34.43
N GLU E 364 -29.17 66.24 34.81
CA GLU E 364 -28.25 67.09 34.04
C GLU E 364 -26.83 66.55 34.14
N GLU E 365 -26.53 65.96 35.29
CA GLU E 365 -25.21 65.43 35.57
C GLU E 365 -24.79 64.36 34.56
N MET E 366 -25.77 63.51 34.21
CA MET E 366 -25.60 62.47 33.20
C MET E 366 -25.47 63.05 31.78
N LYS E 367 -26.34 64.01 31.44
CA LYS E 367 -26.24 64.70 30.16
C LYS E 367 -24.86 65.32 29.99
N LEU E 368 -24.36 65.95 31.05
CA LEU E 368 -23.01 66.50 30.99
C LEU E 368 -21.96 65.43 30.81
N ALA E 369 -22.12 64.33 31.54
CA ALA E 369 -21.21 63.18 31.39
C ALA E 369 -21.10 62.77 29.90
N ALA E 370 -22.27 62.71 29.24
CA ALA E 370 -22.31 62.45 27.81
C ALA E 370 -21.52 63.50 27.03
N VAL E 371 -21.77 64.79 27.30
CA VAL E 371 -21.04 65.85 26.60
C VAL E 371 -19.52 65.69 26.72
N HIS E 372 -19.05 65.65 27.95
CA HIS E 372 -17.63 65.59 28.20
C HIS E 372 -16.98 64.37 27.58
N ALA E 373 -17.64 63.22 27.69
CA ALA E 373 -17.07 61.99 27.15
C ALA E 373 -16.94 62.10 25.63
N LEU E 374 -18.00 62.56 24.95
CA LEU E 374 -17.95 62.78 23.49
C LEU E 374 -16.80 63.72 23.09
N ALA E 375 -16.69 64.84 23.79
CA ALA E 375 -15.60 65.75 23.50
C ALA E 375 -14.23 65.09 23.70
N LYS E 376 -14.05 64.33 24.79
CA LYS E 376 -12.76 63.72 25.09
C LYS E 376 -12.44 62.66 24.06
N LEU E 377 -13.45 61.91 23.63
CA LEU E 377 -13.23 60.87 22.66
C LEU E 377 -12.74 61.46 21.37
N ALA E 378 -13.32 62.57 20.94
CA ALA E 378 -12.77 63.18 19.72
C ALA E 378 -11.31 63.62 19.88
N ARG E 379 -10.88 64.01 21.09
CA ARG E 379 -9.51 64.51 21.25
C ARG E 379 -8.47 63.43 21.46
N GLU E 380 -8.82 62.16 21.28
CA GLU E 380 -7.81 61.10 21.42
C GLU E 380 -7.16 60.75 20.08
N GLY E 391 -10.34 49.83 15.73
CA GLY E 391 -9.43 50.23 14.66
C GLY E 391 -8.00 50.33 15.14
N GLY E 392 -7.07 50.47 14.20
CA GLY E 392 -5.64 50.57 14.51
C GLY E 392 -5.20 51.96 14.90
N LYS E 393 -5.48 52.94 14.03
CA LYS E 393 -5.14 54.36 14.17
C LYS E 393 -6.41 55.17 13.87
N SER E 394 -6.44 56.46 14.20
CA SER E 394 -7.70 57.23 14.07
C SER E 394 -7.49 58.67 13.54
N PHE E 395 -8.57 59.47 13.53
CA PHE E 395 -8.55 60.84 12.98
C PHE E 395 -7.77 61.89 13.77
N LYS E 396 -7.56 63.04 13.13
CA LYS E 396 -6.76 64.11 13.70
C LYS E 396 -7.65 65.21 14.25
N PHE E 397 -7.51 65.45 15.55
CA PHE E 397 -8.28 66.45 16.23
C PHE E 397 -7.90 67.84 15.71
N GLY E 398 -8.91 68.62 15.35
CA GLY E 398 -8.71 69.95 14.80
C GLY E 398 -10.05 70.54 14.43
N ARG E 399 -10.04 71.57 13.58
CA ARG E 399 -11.25 72.30 13.27
C ARG E 399 -12.24 71.45 12.45
N ASP E 400 -11.75 70.36 11.86
CA ASP E 400 -12.61 69.49 11.04
C ASP E 400 -12.92 68.15 11.70
N TYR E 401 -12.52 68.01 12.95
CA TYR E 401 -12.87 66.84 13.74
C TYR E 401 -13.05 67.31 15.17
N LEU E 402 -14.25 67.78 15.50
CA LEU E 402 -14.53 68.34 16.82
C LEU E 402 -15.24 67.34 17.68
N ILE E 403 -15.87 66.37 17.04
CA ILE E 403 -16.63 65.36 17.73
C ILE E 403 -16.45 64.03 17.00
N PRO E 404 -16.79 62.92 17.65
CA PRO E 404 -16.76 61.67 16.90
C PRO E 404 -17.74 61.69 15.74
N LYS E 405 -17.52 60.88 14.70
CA LYS E 405 -18.51 60.67 13.63
C LYS E 405 -19.65 59.89 14.23
N PRO E 406 -20.85 60.04 13.67
CA PRO E 406 -22.03 59.35 14.21
C PRO E 406 -21.85 57.83 14.28
N PHE E 407 -21.11 57.27 13.32
CA PHE E 407 -20.93 55.82 13.26
C PHE E 407 -19.65 55.32 13.89
N ASP E 408 -19.11 56.07 14.84
CA ASP E 408 -17.91 55.66 15.56
C ASP E 408 -18.20 54.46 16.47
N THR E 409 -17.52 53.34 16.23
CA THR E 409 -17.84 52.16 17.02
C THR E 409 -17.31 52.27 18.44
N ARG E 410 -16.55 53.31 18.74
CA ARG E 410 -16.02 53.49 20.09
C ARG E 410 -17.02 54.21 21.02
N VAL E 411 -18.05 54.82 20.45
CA VAL E 411 -18.89 55.71 21.23
C VAL E 411 -19.58 55.04 22.41
N LEU E 412 -20.17 53.87 22.20
CA LEU E 412 -20.94 53.27 23.30
C LEU E 412 -20.00 52.92 24.46
N LEU E 413 -18.85 52.33 24.12
CA LEU E 413 -17.87 51.91 25.12
C LEU E 413 -17.33 53.08 25.90
N TRP E 414 -17.24 54.23 25.24
CA TRP E 414 -16.69 55.39 25.88
C TRP E 414 -17.69 56.22 26.71
N VAL E 415 -18.88 56.40 26.18
CA VAL E 415 -19.86 57.29 26.75
C VAL E 415 -20.72 56.61 27.81
N ALA E 416 -21.20 55.40 27.50
CA ALA E 416 -22.15 54.74 28.40
C ALA E 416 -21.60 54.59 29.84
N PRO E 417 -20.33 54.19 30.00
CA PRO E 417 -19.87 54.13 31.39
C PRO E 417 -19.78 55.49 32.10
N GLU E 418 -19.53 56.58 31.40
CA GLU E 418 -19.43 57.87 32.08
C GLU E 418 -20.82 58.34 32.52
N VAL E 419 -21.81 58.01 31.71
CA VAL E 419 -23.20 58.29 32.05
C VAL E 419 -23.57 57.52 33.29
N ALA E 420 -23.22 56.24 33.27
CA ALA E 420 -23.42 55.35 34.41
C ALA E 420 -22.74 55.87 35.70
N LYS E 421 -21.48 56.25 35.59
CA LYS E 421 -20.72 56.82 36.70
C LYS E 421 -21.42 58.02 37.28
N ALA E 422 -21.86 58.93 36.41
CA ALA E 422 -22.59 60.14 36.83
C ALA E 422 -23.93 59.80 37.47
N ALA E 423 -24.56 58.75 36.97
CA ALA E 423 -25.83 58.28 37.51
C ALA E 423 -25.67 57.80 38.95
N MET E 424 -24.59 57.04 39.18
CA MET E 424 -24.27 56.55 40.51
C MET E 424 -23.89 57.68 41.46
N LYS E 425 -23.02 58.57 41.01
CA LYS E 425 -22.56 59.67 41.84
C LYS E 425 -23.68 60.63 42.23
N SER E 426 -24.61 60.87 41.29
CA SER E 426 -25.72 61.78 41.51
C SER E 426 -26.88 61.15 42.26
N GLY E 427 -26.77 59.86 42.57
CA GLY E 427 -27.76 59.15 43.37
C GLY E 427 -29.03 58.63 42.72
N VAL E 428 -29.16 58.81 41.41
CA VAL E 428 -30.35 58.34 40.73
C VAL E 428 -30.22 56.88 40.32
N ALA E 429 -29.02 56.33 40.39
CA ALA E 429 -28.82 54.90 40.10
C ALA E 429 -29.32 54.01 41.24
N THR E 430 -29.85 52.84 40.91
CA THR E 430 -30.31 51.93 41.97
C THR E 430 -29.53 50.63 41.94
N ARG E 431 -28.63 50.51 40.97
CA ARG E 431 -27.75 49.36 40.86
C ARG E 431 -26.37 49.81 40.47
N ALA E 432 -25.41 49.62 41.37
CA ALA E 432 -24.07 50.11 41.13
C ALA E 432 -23.32 49.18 40.21
N ILE E 433 -22.55 49.75 39.31
CA ILE E 433 -21.63 49.00 38.49
C ILE E 433 -20.30 49.01 39.21
N GLU E 434 -19.77 47.82 39.45
CA GLU E 434 -18.63 47.60 40.32
C GLU E 434 -17.37 47.41 39.49
N ASP E 435 -17.44 46.41 38.62
CA ASP E 435 -16.38 46.10 37.67
C ASP E 435 -16.56 46.84 36.36
N TRP E 436 -15.73 47.85 36.11
CA TRP E 436 -15.84 48.63 34.88
C TRP E 436 -15.35 47.86 33.68
N ASP E 437 -14.38 46.97 33.89
CA ASP E 437 -13.89 46.11 32.82
C ASP E 437 -14.97 45.13 32.44
N GLN E 438 -15.67 44.59 33.43
CA GLN E 438 -16.78 43.68 33.17
C GLN E 438 -17.89 44.39 32.40
N TYR E 439 -18.07 45.67 32.73
CA TYR E 439 -19.06 46.50 32.07
C TYR E 439 -18.69 46.80 30.62
N ARG E 440 -17.45 47.21 30.37
CA ARG E 440 -16.99 47.39 29.00
C ARG E 440 -17.06 46.10 28.21
N GLU E 441 -16.78 44.99 28.88
CA GLU E 441 -16.98 43.69 28.25
C GLU E 441 -18.43 43.59 27.81
N SER E 442 -19.35 43.85 28.73
CA SER E 442 -20.76 43.72 28.43
C SER E 442 -21.24 44.60 27.24
N LEU E 443 -20.70 45.82 27.18
CA LEU E 443 -21.01 46.72 26.09
C LEU E 443 -20.43 46.18 24.77
N GLU E 444 -19.20 45.65 24.82
CA GLU E 444 -18.65 44.95 23.64
C GLU E 444 -19.55 43.78 23.21
N ALA E 445 -20.11 43.05 24.18
CA ALA E 445 -21.06 41.99 23.86
C ALA E 445 -22.26 42.53 23.12
N LEU E 446 -22.62 43.78 23.44
CA LEU E 446 -23.80 44.39 22.81
C LEU E 446 -23.48 44.93 21.43
N GLN E 447 -22.20 45.25 21.20
CA GLN E 447 -21.78 45.84 19.96
C GLN E 447 -20.75 44.92 19.38
N GLY E 448 -21.19 43.69 19.15
CA GLY E 448 -20.35 42.62 18.66
C GLY E 448 -20.07 42.66 17.17
N PRO E 449 -19.33 41.66 16.71
CA PRO E 449 -18.85 41.62 15.33
C PRO E 449 -19.97 41.62 14.29
N SER E 450 -21.10 41.00 14.60
CA SER E 450 -22.22 40.95 13.65
C SER E 450 -22.74 42.35 13.31
N LYS E 451 -22.50 43.33 14.19
CA LYS E 451 -22.90 44.71 13.95
C LYS E 451 -21.75 45.57 13.45
N VAL E 452 -20.54 45.31 13.92
CA VAL E 452 -19.46 46.27 13.73
C VAL E 452 -18.17 45.78 13.09
N PHE E 453 -18.02 44.46 12.89
CA PHE E 453 -16.72 43.94 12.43
C PHE E 453 -16.39 44.51 11.05
N ILE E 454 -17.35 44.46 10.13
CA ILE E 454 -17.11 44.99 8.81
C ILE E 454 -16.97 46.51 8.86
N ARG E 455 -17.79 47.16 9.68
CA ARG E 455 -17.69 48.62 9.87
C ARG E 455 -16.29 49.06 10.28
N SER E 456 -15.73 48.35 11.26
CA SER E 456 -14.40 48.68 11.76
C SER E 456 -13.39 48.42 10.68
N ALA E 457 -13.60 47.35 9.90
CA ALA E 457 -12.67 47.08 8.80
C ALA E 457 -12.60 48.27 7.85
N ILE E 458 -13.78 48.72 7.41
CA ILE E 458 -13.88 49.82 6.48
C ILE E 458 -13.23 51.10 7.03
N ASN E 459 -13.54 51.40 8.29
CA ASN E 459 -12.91 52.51 8.96
C ASN E 459 -11.37 52.34 8.98
N ARG E 460 -10.91 51.13 9.23
CA ARG E 460 -9.47 50.86 9.33
C ARG E 460 -8.78 51.06 7.98
N VAL E 461 -9.45 50.65 6.90
CA VAL E 461 -8.93 50.84 5.54
C VAL E 461 -8.79 52.33 5.25
N HIS E 462 -9.84 53.08 5.59
CA HIS E 462 -9.86 54.52 5.37
C HIS E 462 -8.75 55.24 6.10
N GLN E 463 -8.56 54.89 7.36
CA GLN E 463 -7.51 55.49 8.18
C GLN E 463 -6.12 55.04 7.77
N ASN E 464 -5.98 53.83 7.28
CA ASN E 464 -4.71 53.43 6.70
C ASN E 464 -4.36 54.33 5.49
N SER E 465 -5.33 54.51 4.59
CA SER E 465 -5.14 55.38 3.42
C SER E 465 -4.82 56.80 3.83
N ALA E 466 -5.60 57.30 4.79
CA ALA E 466 -5.48 58.65 5.29
C ALA E 466 -4.12 58.89 5.94
N ALA E 467 -3.65 57.94 6.72
CA ALA E 467 -2.38 58.12 7.43
C ALA E 467 -1.20 57.98 6.47
N ASN E 468 -1.48 57.52 5.27
CA ASN E 468 -0.45 57.29 4.28
C ASN E 468 -0.59 58.21 3.07
N GLY E 469 -1.10 59.41 3.34
CA GLY E 469 -1.20 60.47 2.34
C GLY E 469 -2.31 60.31 1.33
N GLY E 470 -3.27 59.44 1.64
CA GLY E 470 -4.44 59.29 0.81
C GLY E 470 -4.37 58.33 -0.37
N GLU E 471 -3.24 57.64 -0.56
CA GLU E 471 -3.18 56.66 -1.65
C GLU E 471 -4.14 55.51 -1.37
N LEU E 472 -4.96 55.15 -2.36
CA LEU E 472 -5.82 53.97 -2.22
C LEU E 472 -5.06 52.75 -2.71
N PRO E 473 -5.34 51.58 -2.14
CA PRO E 473 -4.71 50.33 -2.57
C PRO E 473 -5.03 49.93 -4.00
N ARG E 474 -3.98 49.59 -4.75
CA ARG E 474 -4.14 49.11 -6.12
C ARG E 474 -4.53 47.62 -6.08
N ILE E 475 -5.79 47.35 -6.43
CA ILE E 475 -6.33 45.98 -6.44
C ILE E 475 -6.68 45.63 -7.86
N VAL E 476 -6.05 44.59 -8.41
CA VAL E 476 -6.33 44.23 -9.78
C VAL E 476 -7.36 43.12 -9.81
N PHE E 477 -8.35 43.28 -10.69
CA PHE E 477 -9.42 42.31 -10.88
C PHE E 477 -9.31 41.75 -12.28
N PRO E 478 -8.83 40.51 -12.42
CA PRO E 478 -8.57 39.94 -13.74
C PRO E 478 -9.85 39.63 -14.53
N GLU E 479 -10.99 39.57 -13.85
CA GLU E 479 -12.25 39.31 -14.53
C GLU E 479 -12.98 40.64 -14.80
N GLY E 480 -12.34 41.50 -15.60
CA GLY E 480 -12.83 42.83 -15.86
C GLY E 480 -14.20 42.85 -16.50
N THR E 481 -14.64 41.70 -17.00
CA THR E 481 -15.93 41.59 -17.68
C THR E 481 -17.00 40.89 -16.83
N SER E 482 -16.66 40.58 -15.58
CA SER E 482 -17.59 39.93 -14.65
C SER E 482 -18.62 40.90 -14.11
N THR E 483 -19.90 40.59 -14.30
CA THR E 483 -20.92 41.53 -13.87
C THR E 483 -20.94 41.66 -12.32
N LYS E 484 -20.84 40.54 -11.60
CA LYS E 484 -20.85 40.60 -10.14
C LYS E 484 -19.71 41.50 -9.63
N VAL E 485 -18.54 41.34 -10.23
CA VAL E 485 -17.34 42.10 -9.86
C VAL E 485 -17.56 43.61 -10.10
N LEU E 486 -18.06 43.96 -11.28
CA LEU E 486 -18.34 45.36 -11.61
C LEU E 486 -19.33 45.99 -10.63
N LYS E 487 -20.41 45.26 -10.35
CA LYS E 487 -21.45 45.75 -9.43
C LYS E 487 -20.87 46.01 -8.04
N ALA E 488 -20.04 45.10 -7.56
CA ALA E 488 -19.39 45.34 -6.28
C ALA E 488 -18.48 46.55 -6.32
N LEU E 489 -17.75 46.69 -7.42
CA LEU E 489 -16.81 47.79 -7.60
C LEU E 489 -17.51 49.14 -7.54
N ALA E 490 -18.76 49.21 -8.01
CA ALA E 490 -19.54 50.45 -7.88
C ALA E 490 -19.46 50.97 -6.45
N THR E 491 -19.97 50.17 -5.53
CA THR E 491 -19.89 50.46 -4.09
C THR E 491 -18.44 50.69 -3.66
N LEU E 492 -17.52 49.87 -4.16
CA LEU E 492 -16.16 49.93 -3.68
C LEU E 492 -15.42 51.24 -3.99
N VAL E 493 -15.56 51.74 -5.22
CA VAL E 493 -14.89 52.98 -5.60
C VAL E 493 -15.69 54.18 -5.03
N GLU E 494 -17.00 54.02 -4.92
CA GLU E 494 -17.86 55.03 -4.30
C GLU E 494 -17.50 55.30 -2.84
N GLU E 495 -17.06 54.27 -2.16
CA GLU E 495 -16.77 54.32 -0.73
C GLU E 495 -15.29 54.43 -0.45
N LYS E 496 -14.53 54.88 -1.44
CA LYS E 496 -13.12 55.18 -1.26
C LYS E 496 -12.37 53.97 -0.67
N ILE E 497 -12.64 52.77 -1.19
CA ILE E 497 -12.04 51.55 -0.68
C ILE E 497 -10.77 51.12 -1.41
N CYS E 498 -10.73 51.33 -2.73
CA CYS E 498 -9.52 51.00 -3.48
C CYS E 498 -9.47 51.68 -4.85
N GLN E 499 -8.33 51.48 -5.51
CA GLN E 499 -8.16 51.84 -6.92
C GLN E 499 -8.17 50.56 -7.74
N PRO E 500 -9.33 50.23 -8.33
CA PRO E 500 -9.46 49.00 -9.12
C PRO E 500 -8.74 49.07 -10.45
N ILE E 501 -8.14 47.96 -10.85
CA ILE E 501 -7.63 47.81 -12.20
C ILE E 501 -8.31 46.59 -12.82
N LEU E 502 -9.05 46.79 -13.90
CA LEU E 502 -9.78 45.71 -14.55
C LEU E 502 -8.92 45.14 -15.65
N LEU E 503 -9.08 43.84 -15.92
CA LEU E 503 -8.32 43.21 -16.98
C LEU E 503 -9.24 42.59 -18.04
N GLY E 504 -8.90 42.80 -19.30
CA GLY E 504 -9.67 42.25 -20.42
C GLY E 504 -9.44 43.13 -21.62
N TYR E 505 -10.17 42.91 -22.71
CA TYR E 505 -10.08 43.81 -23.86
C TYR E 505 -10.80 45.09 -23.47
N PRO E 506 -10.07 46.21 -23.43
CA PRO E 506 -10.62 47.52 -23.01
C PRO E 506 -11.97 47.73 -23.67
N GLU E 507 -12.08 47.43 -24.96
CA GLU E 507 -13.37 47.54 -25.62
C GLU E 507 -14.47 46.77 -24.91
N ARG E 508 -14.31 45.46 -24.70
CA ARG E 508 -15.41 44.64 -24.18
C ARG E 508 -15.78 44.99 -22.73
N VAL E 509 -14.79 45.39 -21.95
CA VAL E 509 -15.07 45.79 -20.57
C VAL E 509 -15.80 47.13 -20.51
N LYS E 510 -15.40 48.13 -21.28
CA LYS E 510 -16.22 49.36 -21.30
C LYS E 510 -17.61 49.11 -21.87
N GLU E 511 -17.70 48.20 -22.84
CA GLU E 511 -18.98 47.80 -23.42
C GLU E 511 -19.90 47.26 -22.31
N LYS E 512 -19.39 46.34 -21.49
CA LYS E 512 -20.23 45.78 -20.42
C LYS E 512 -20.53 46.81 -19.33
N ILE E 513 -19.54 47.62 -18.97
CA ILE E 513 -19.76 48.70 -18.00
C ILE E 513 -20.91 49.62 -18.46
N LYS E 514 -20.96 49.94 -19.75
CA LYS E 514 -22.05 50.77 -20.24
C LYS E 514 -23.36 49.96 -20.23
N ALA E 515 -23.27 48.67 -20.56
CA ALA E 515 -24.45 47.83 -20.61
C ALA E 515 -25.15 47.75 -19.25
N LEU E 516 -24.37 47.71 -18.17
CA LEU E 516 -24.94 47.55 -16.83
C LEU E 516 -25.25 48.87 -16.16
N ASP E 517 -24.89 49.97 -16.81
CA ASP E 517 -25.22 51.31 -16.32
C ASP E 517 -24.58 51.62 -14.96
N ILE E 518 -23.26 51.49 -14.91
CA ILE E 518 -22.48 51.80 -13.72
C ILE E 518 -21.52 52.94 -14.04
N PRO E 519 -21.95 54.18 -13.82
CA PRO E 519 -21.11 55.26 -14.36
C PRO E 519 -19.83 55.51 -13.56
N LEU E 520 -19.72 54.95 -12.36
CA LEU E 520 -18.59 55.28 -11.52
C LEU E 520 -17.30 54.62 -12.01
N LEU E 521 -17.41 53.81 -13.06
CA LEU E 521 -16.27 53.07 -13.53
C LEU E 521 -15.84 53.51 -14.92
N ASN E 522 -16.12 54.76 -15.28
CA ASN E 522 -15.67 55.23 -16.56
C ASN E 522 -14.22 55.69 -16.44
N ASP E 523 -13.77 55.88 -15.20
CA ASP E 523 -12.39 56.31 -14.94
C ASP E 523 -11.43 55.19 -14.62
N VAL E 524 -11.96 54.00 -14.32
CA VAL E 524 -11.11 52.93 -13.81
C VAL E 524 -10.13 52.49 -14.87
N SER E 525 -8.90 52.25 -14.43
CA SER E 525 -7.86 51.76 -15.33
C SER E 525 -8.23 50.38 -15.83
N ILE E 526 -8.07 50.20 -17.15
CA ILE E 526 -8.28 48.91 -17.78
C ILE E 526 -7.02 48.49 -18.55
N VAL E 527 -6.54 47.27 -18.29
CA VAL E 527 -5.31 46.79 -18.88
C VAL E 527 -5.53 45.54 -19.69
N HIS E 528 -5.04 45.56 -20.94
CA HIS E 528 -4.96 44.34 -21.71
C HIS E 528 -3.53 43.86 -21.54
N PRO E 529 -3.35 42.71 -20.88
CA PRO E 529 -2.06 42.19 -20.41
C PRO E 529 -0.92 42.26 -21.44
N SER E 530 -1.12 41.68 -22.62
CA SER E 530 -0.09 41.69 -23.64
C SER E 530 0.22 43.11 -24.14
N SER E 531 -0.65 44.07 -23.84
CA SER E 531 -0.45 45.43 -24.33
C SER E 531 0.06 46.34 -23.22
N HIS E 532 0.45 45.74 -22.09
CA HIS E 532 1.02 46.50 -20.99
C HIS E 532 2.52 46.69 -21.17
N PRO E 533 3.04 47.86 -20.75
CA PRO E 533 4.48 48.11 -20.91
C PRO E 533 5.33 47.07 -20.18
N LYS E 534 4.94 46.73 -18.96
CA LYS E 534 5.77 45.86 -18.15
C LYS E 534 5.48 44.38 -18.45
N TYR E 535 4.72 44.14 -19.52
CA TYR E 535 4.36 42.79 -19.91
C TYR E 535 5.56 41.88 -20.09
N PHE E 536 6.47 42.23 -20.99
CA PHE E 536 7.55 41.30 -21.29
C PHE E 536 8.49 41.11 -20.10
N SER E 537 8.73 42.16 -19.33
CA SER E 537 9.53 42.01 -18.11
C SER E 537 8.84 41.00 -17.18
N PHE E 538 7.51 41.04 -17.16
CA PHE E 538 6.72 40.07 -16.41
C PHE E 538 6.99 38.65 -16.92
N VAL E 539 6.92 38.43 -18.24
CA VAL E 539 7.11 37.07 -18.77
C VAL E 539 8.50 36.56 -18.41
N GLU E 540 9.53 37.39 -18.52
CA GLU E 540 10.87 36.96 -18.14
C GLU E 540 10.82 36.49 -16.70
N LYS E 541 10.21 37.29 -15.83
CA LYS E 541 10.16 36.90 -14.44
C LYS E 541 9.51 35.52 -14.29
N LEU E 542 8.36 35.31 -14.94
CA LEU E 542 7.67 34.03 -14.77
C LEU E 542 8.61 32.95 -15.25
N TYR E 543 9.24 33.19 -16.40
CA TYR E 543 10.22 32.27 -16.96
C TYR E 543 11.27 31.88 -15.90
N SER E 544 11.91 32.88 -15.30
CA SER E 544 13.01 32.59 -14.39
C SER E 544 12.52 31.83 -13.15
N LEU E 545 11.24 32.00 -12.83
CA LEU E 545 10.68 31.31 -11.70
C LEU E 545 10.34 29.84 -12.00
N ARG E 546 9.93 29.56 -13.23
CA ARG E 546 9.36 28.24 -13.51
C ARG E 546 9.99 27.55 -14.70
N GLN E 547 11.23 27.90 -15.03
CA GLN E 547 11.92 27.32 -16.18
C GLN E 547 12.24 25.83 -15.94
N ARG E 548 12.27 25.43 -14.67
CA ARG E 548 12.47 24.04 -14.32
C ARG E 548 11.18 23.41 -13.77
N LYS E 549 10.06 24.07 -14.03
CA LYS E 549 8.75 23.54 -13.66
C LYS E 549 7.83 23.48 -14.87
N GLY E 550 8.41 23.23 -16.04
CA GLY E 550 7.62 22.96 -17.22
C GLY E 550 7.27 24.16 -18.08
N ILE E 551 7.92 25.29 -17.83
CA ILE E 551 7.63 26.51 -18.55
C ILE E 551 8.87 27.12 -19.14
N ASN E 552 9.01 27.10 -20.47
CA ASN E 552 10.08 27.87 -21.11
C ASN E 552 9.51 29.22 -21.59
N LEU E 553 10.31 30.02 -22.30
CA LEU E 553 9.87 31.38 -22.67
C LEU E 553 8.57 31.48 -23.47
N GLY E 554 8.42 30.66 -24.50
CA GLY E 554 7.21 30.69 -25.31
C GLY E 554 6.02 30.49 -24.41
N GLU E 555 6.11 29.46 -23.57
CA GLU E 555 5.03 29.10 -22.69
C GLU E 555 4.79 30.18 -21.67
N ALA E 556 5.87 30.85 -21.26
CA ALA E 556 5.77 31.91 -20.27
C ALA E 556 4.98 33.08 -20.83
N GLU E 557 5.31 33.46 -22.06
CA GLU E 557 4.61 34.52 -22.79
C GLU E 557 3.12 34.19 -22.88
N ARG E 558 2.88 32.97 -23.33
CA ARG E 558 1.53 32.48 -23.51
C ARG E 558 0.71 32.62 -22.22
N LEU E 559 1.26 32.13 -21.12
CA LEU E 559 0.57 32.17 -19.83
C LEU E 559 0.36 33.60 -19.36
N MET E 560 1.38 34.43 -19.53
CA MET E 560 1.33 35.81 -19.04
C MET E 560 0.28 36.61 -19.81
N ALA E 561 -0.18 36.08 -20.93
CA ALA E 561 -1.32 36.69 -21.60
C ALA E 561 -2.64 36.39 -20.85
N ASP E 562 -2.65 35.40 -19.96
CA ASP E 562 -3.83 35.10 -19.14
C ASP E 562 -3.97 36.12 -18.03
N PRO E 563 -5.13 36.75 -17.92
CA PRO E 563 -5.40 37.71 -16.86
C PRO E 563 -5.10 37.20 -15.46
N ASN E 564 -5.37 35.93 -15.16
CA ASN E 564 -5.07 35.43 -13.82
C ASN E 564 -3.55 35.50 -13.54
N TYR E 565 -2.76 34.99 -14.48
CA TYR E 565 -1.31 35.02 -14.37
C TYR E 565 -0.78 36.44 -14.38
N PHE E 566 -1.41 37.28 -15.19
CA PHE E 566 -0.98 38.67 -15.31
C PHE E 566 -1.19 39.41 -14.01
N ALA E 567 -2.39 39.25 -13.45
CA ALA E 567 -2.72 39.84 -12.17
C ALA E 567 -1.72 39.39 -11.12
N ALA E 568 -1.55 38.08 -11.00
CA ALA E 568 -0.59 37.55 -10.03
C ALA E 568 0.80 38.19 -10.17
N MET E 569 1.31 38.29 -11.40
CA MET E 569 2.64 38.86 -11.57
C MET E 569 2.65 40.34 -11.20
N MET E 570 1.57 41.02 -11.55
CA MET E 570 1.44 42.45 -11.30
C MET E 570 1.55 42.70 -9.78
N VAL E 571 0.84 41.89 -9.00
CA VAL E 571 0.90 41.99 -7.54
C VAL E 571 2.31 41.66 -7.06
N ASN E 572 2.88 40.60 -7.63
CA ASN E 572 4.21 40.15 -7.23
C ASN E 572 5.27 41.24 -7.44
N GLN E 573 5.25 41.88 -8.60
CA GLN E 573 6.26 42.87 -8.94
C GLN E 573 5.97 44.25 -8.35
N GLY E 574 4.83 44.39 -7.68
CA GLY E 574 4.47 45.62 -7.01
C GLY E 574 3.77 46.61 -7.92
N GLU E 575 3.33 46.16 -9.08
CA GLU E 575 2.58 47.03 -10.00
C GLU E 575 1.11 47.07 -9.64
N ALA E 576 0.80 46.42 -8.52
CA ALA E 576 -0.51 46.42 -7.91
C ALA E 576 -0.30 46.07 -6.45
N ASP E 577 -1.25 46.39 -5.58
CA ASP E 577 -1.04 46.12 -4.17
C ASP E 577 -1.74 44.83 -3.75
N GLY E 578 -2.66 44.35 -4.58
CA GLY E 578 -3.35 43.11 -4.29
C GLY E 578 -4.24 42.70 -5.44
N MET E 579 -4.86 41.53 -5.34
CA MET E 579 -5.75 41.08 -6.39
C MET E 579 -6.88 40.25 -5.82
N VAL E 580 -8.03 40.25 -6.50
CA VAL E 580 -9.15 39.40 -6.12
C VAL E 580 -9.73 38.76 -7.37
N SER E 581 -9.76 37.42 -7.40
CA SER E 581 -10.30 36.69 -8.55
C SER E 581 -11.24 35.56 -8.16
N GLY E 582 -11.70 34.81 -9.15
CA GLY E 582 -12.55 33.68 -8.85
C GLY E 582 -14.05 33.91 -8.85
N SER E 583 -14.52 34.95 -9.52
CA SER E 583 -15.97 35.15 -9.57
C SER E 583 -16.60 34.29 -10.67
N SER E 584 -15.79 33.95 -11.66
CA SER E 584 -16.32 33.33 -12.86
C SER E 584 -15.49 32.13 -13.25
N ILE E 585 -14.67 31.67 -12.31
CA ILE E 585 -13.88 30.47 -12.53
C ILE E 585 -13.83 29.60 -11.23
N ASN E 586 -13.66 28.29 -11.38
CA ASN E 586 -13.54 27.45 -10.19
C ASN E 586 -12.30 27.78 -9.35
N TYR E 587 -12.32 27.44 -8.07
CA TYR E 587 -11.31 27.93 -7.15
C TYR E 587 -9.94 27.47 -7.52
N ALA E 588 -9.79 26.20 -7.91
CA ALA E 588 -8.47 25.64 -8.21
C ALA E 588 -7.78 26.38 -9.35
N ASP E 589 -8.52 26.56 -10.44
CA ASP E 589 -7.99 27.22 -11.62
C ASP E 589 -7.61 28.66 -11.34
N ALA E 590 -8.33 29.30 -10.43
CA ALA E 590 -8.08 30.68 -10.07
C ALA E 590 -6.87 30.79 -9.16
N VAL E 591 -6.74 29.87 -8.22
CA VAL E 591 -5.74 30.02 -7.18
C VAL E 591 -4.39 29.50 -7.65
N ARG E 592 -4.39 28.58 -8.62
CA ARG E 592 -3.14 27.99 -9.08
C ARG E 592 -2.11 29.00 -9.61
N PRO E 593 -2.50 29.92 -10.52
CA PRO E 593 -1.49 30.87 -11.01
C PRO E 593 -0.96 31.79 -9.90
N ILE E 594 -1.77 32.08 -8.90
CA ILE E 594 -1.31 32.83 -7.73
C ILE E 594 -0.19 32.08 -7.01
N LEU E 595 -0.42 30.79 -6.79
CA LEU E 595 0.53 29.96 -6.05
C LEU E 595 1.78 29.69 -6.85
N GLN E 596 1.64 29.56 -8.16
CA GLN E 596 2.79 29.34 -9.00
C GLN E 596 3.62 30.62 -9.10
N THR E 597 2.94 31.77 -9.10
CA THR E 597 3.59 33.06 -9.28
C THR E 597 4.07 33.72 -7.98
N ILE E 598 3.15 33.99 -7.08
CA ILE E 598 3.50 34.68 -5.83
C ILE E 598 4.10 33.71 -4.79
N GLY E 599 3.46 32.56 -4.59
CA GLY E 599 3.97 31.57 -3.66
C GLY E 599 3.83 31.82 -2.17
N VAL E 600 4.25 30.84 -1.38
CA VAL E 600 4.12 30.91 0.06
C VAL E 600 5.32 31.62 0.68
N TYR E 601 5.14 32.20 1.87
CA TYR E 601 6.29 32.69 2.64
C TYR E 601 6.95 31.53 3.40
N LYS E 602 8.09 31.77 4.06
CA LYS E 602 8.81 30.68 4.73
C LYS E 602 7.94 29.97 5.75
N GLU E 603 7.91 28.64 5.62
CA GLU E 603 7.22 27.76 6.55
C GLU E 603 5.72 27.89 6.47
N GLY E 604 5.24 28.76 5.59
CA GLY E 604 3.82 28.97 5.44
C GLY E 604 3.18 27.92 4.58
N ILE E 605 1.87 27.87 4.65
CA ILE E 605 1.08 26.97 3.86
C ILE E 605 -0.13 27.76 3.35
N PRO E 606 -0.45 27.61 2.05
CA PRO E 606 -1.63 28.28 1.51
C PRO E 606 -2.88 27.74 2.19
N ALA E 607 -3.76 28.62 2.69
CA ALA E 607 -4.93 28.15 3.43
C ALA E 607 -6.11 29.12 3.32
N GLY E 608 -7.28 28.61 2.99
CA GLY E 608 -8.46 29.45 2.99
C GLY E 608 -8.92 29.71 4.41
N LEU E 609 -9.29 30.96 4.70
CA LEU E 609 -9.71 31.31 6.06
C LEU E 609 -11.00 32.14 6.01
N ASN E 610 -12.00 31.75 6.80
CA ASN E 610 -13.24 32.52 6.89
C ASN E 610 -13.57 33.02 8.30
N PHE E 611 -14.28 34.15 8.37
CA PHE E 611 -14.82 34.67 9.61
C PHE E 611 -16.31 34.42 9.66
N VAL E 612 -16.81 33.98 10.80
CA VAL E 612 -18.24 33.92 11.03
C VAL E 612 -18.54 35.00 12.03
N LEU E 613 -19.38 35.95 11.66
CA LEU E 613 -19.59 37.12 12.49
C LEU E 613 -20.81 36.91 13.34
N LEU E 614 -20.61 36.46 14.56
CA LEU E 614 -21.71 36.21 15.48
C LEU E 614 -21.90 37.42 16.40
N GLU E 615 -22.83 37.34 17.35
CA GLU E 615 -23.17 38.52 18.12
C GLU E 615 -22.22 38.80 19.26
N ASP E 616 -21.75 37.75 19.93
CA ASP E 616 -20.82 37.93 21.04
C ASP E 616 -19.36 37.83 20.57
N LYS E 617 -19.13 37.12 19.47
CA LYS E 617 -17.77 36.80 19.00
C LYS E 617 -17.69 36.60 17.47
N PHE E 618 -16.49 36.43 16.95
CA PHE E 618 -16.37 35.88 15.60
C PHE E 618 -15.59 34.58 15.64
N LEU E 619 -15.93 33.65 14.75
CA LEU E 619 -15.25 32.36 14.65
C LEU E 619 -14.40 32.34 13.41
N VAL E 620 -13.21 31.76 13.50
CA VAL E 620 -12.39 31.65 12.32
C VAL E 620 -12.36 30.19 11.84
N LEU E 621 -12.63 29.95 10.56
CA LEU E 621 -12.58 28.58 10.02
C LEU E 621 -11.43 28.46 9.02
N ALA E 622 -10.58 27.46 9.23
CA ALA E 622 -9.49 27.22 8.25
C ALA E 622 -9.15 25.75 8.33
N ASP E 623 -8.58 25.15 7.28
CA ASP E 623 -8.41 25.70 5.92
C ASP E 623 -9.59 25.29 5.03
N THR E 624 -10.35 26.29 4.58
CA THR E 624 -11.60 26.04 3.87
C THR E 624 -11.51 25.85 2.36
N THR E 625 -10.31 25.94 1.76
CA THR E 625 -10.24 25.94 0.28
C THR E 625 -9.14 25.13 -0.42
N VAL E 626 -7.91 25.11 0.10
CA VAL E 626 -6.79 24.58 -0.70
C VAL E 626 -6.45 23.14 -0.37
N ASN E 627 -6.13 22.82 0.90
CA ASN E 627 -5.61 21.48 1.25
C ASN E 627 -6.68 20.39 1.46
N LEU E 628 -6.69 19.39 0.58
CA LEU E 628 -7.59 18.25 0.73
C LEU E 628 -7.50 17.60 2.09
N ASN E 629 -6.28 17.24 2.50
CA ASN E 629 -6.09 16.39 3.68
C ASN E 629 -4.86 16.79 4.45
N PRO E 630 -4.89 17.96 5.08
CA PRO E 630 -3.65 18.49 5.67
C PRO E 630 -3.11 17.52 6.71
N THR E 631 -1.78 17.41 6.79
CA THR E 631 -1.13 16.60 7.82
C THR E 631 -1.22 17.32 9.17
N ALA E 632 -0.74 16.66 10.22
CA ALA E 632 -0.73 17.25 11.55
C ALA E 632 0.06 18.55 11.52
N GLU E 633 1.23 18.46 10.91
CA GLU E 633 2.14 19.59 10.83
C GLU E 633 1.50 20.76 10.09
N GLN E 634 0.83 20.44 8.99
CA GLN E 634 0.14 21.43 8.19
C GLN E 634 -1.00 22.06 8.97
N CYS E 635 -1.77 21.24 9.68
CA CYS E 635 -2.85 21.76 10.51
C CYS E 635 -2.34 22.73 11.56
N ALA E 636 -1.16 22.42 12.10
CA ALA E 636 -0.54 23.28 13.10
C ALA E 636 -0.23 24.64 12.49
N GLN E 637 0.41 24.62 11.32
CA GLN E 637 0.80 25.88 10.69
C GLN E 637 -0.44 26.72 10.31
N ILE E 638 -1.46 26.05 9.79
CA ILE E 638 -2.72 26.71 9.50
C ILE E 638 -3.24 27.39 10.76
N ALA E 639 -3.23 26.66 11.87
CA ALA E 639 -3.60 27.23 13.16
C ALA E 639 -2.82 28.51 13.45
N LEU E 640 -1.50 28.46 13.30
CA LEU E 640 -0.71 29.65 13.59
C LEU E 640 -1.10 30.86 12.72
N GLN E 641 -1.35 30.61 11.45
CA GLN E 641 -1.70 31.68 10.54
C GLN E 641 -3.02 32.30 10.98
N ALA E 642 -4.01 31.46 11.24
CA ALA E 642 -5.28 31.97 11.75
C ALA E 642 -5.07 32.78 13.02
N ALA E 643 -4.21 32.27 13.92
CA ALA E 643 -3.96 32.92 15.19
C ALA E 643 -3.47 34.36 14.94
N LYS E 644 -2.47 34.51 14.08
CA LYS E 644 -1.89 35.83 13.86
C LYS E 644 -2.94 36.77 13.30
N ILE E 645 -3.77 36.27 12.39
CA ILE E 645 -4.83 37.14 11.89
C ILE E 645 -5.77 37.57 13.00
N VAL E 646 -6.22 36.64 13.84
CA VAL E 646 -7.11 37.02 14.94
C VAL E 646 -6.47 38.07 15.88
N GLU E 647 -5.17 37.92 16.14
CA GLU E 647 -4.44 38.86 16.99
C GLU E 647 -4.38 40.22 16.36
N TYR E 648 -4.29 40.25 15.04
CA TYR E 648 -4.38 41.50 14.30
C TYR E 648 -5.66 42.31 14.60
N PHE E 649 -6.75 41.62 14.94
CA PHE E 649 -8.00 42.30 15.26
C PHE E 649 -8.18 42.38 16.75
N GLY E 650 -7.10 42.22 17.50
CA GLY E 650 -7.15 42.44 18.93
C GLY E 650 -7.93 41.41 19.71
N ILE E 651 -7.97 40.17 19.23
CA ILE E 651 -8.63 39.12 20.00
C ILE E 651 -7.59 38.10 20.46
N GLU E 652 -7.80 37.52 21.65
CA GLU E 652 -6.98 36.39 22.09
C GLU E 652 -7.44 35.15 21.31
N PRO E 653 -6.58 34.61 20.43
CA PRO E 653 -7.02 33.44 19.69
C PRO E 653 -7.05 32.22 20.59
N ARG E 654 -8.10 31.41 20.47
CA ARG E 654 -8.19 30.13 21.15
C ARG E 654 -8.55 29.04 20.15
N VAL E 655 -7.64 28.08 20.00
CA VAL E 655 -7.64 27.18 18.85
C VAL E 655 -8.08 25.76 19.20
N ALA E 656 -9.01 25.23 18.40
CA ALA E 656 -9.43 23.85 18.52
C ALA E 656 -9.18 23.14 17.20
N MET E 657 -8.55 21.97 17.31
CA MET E 657 -8.32 21.07 16.20
C MET E 657 -9.49 20.10 16.08
N LEU E 658 -10.36 20.33 15.10
CA LEU E 658 -11.63 19.61 15.05
C LEU E 658 -11.50 18.17 14.59
N SER E 659 -12.36 17.34 15.15
CA SER E 659 -12.41 15.91 14.85
C SER E 659 -13.82 15.43 15.06
N TYR E 660 -14.09 14.17 14.73
CA TYR E 660 -15.37 13.55 15.06
C TYR E 660 -15.32 12.99 16.45
N SER E 661 -14.19 13.20 17.13
CA SER E 661 -13.92 12.58 18.42
C SER E 661 -13.59 13.55 19.56
N ASN E 662 -13.85 13.15 20.80
CA ASN E 662 -13.41 13.95 21.95
C ASN E 662 -12.25 13.28 22.72
N PHE E 663 -11.05 13.82 22.49
CA PHE E 663 -9.85 13.44 23.23
C PHE E 663 -9.66 11.95 23.27
N SER E 664 -9.80 11.29 22.12
CA SER E 664 -9.61 9.83 22.05
C SER E 664 -8.25 9.50 21.45
N GLY E 665 -7.80 10.30 20.48
CA GLY E 665 -6.51 10.08 19.84
C GLY E 665 -6.38 8.73 19.11
N ALA E 666 -7.52 8.12 18.77
CA ALA E 666 -7.53 6.87 18.01
C ALA E 666 -6.82 7.04 16.65
N GLU E 667 -6.38 5.94 16.05
CA GLU E 667 -5.80 6.00 14.71
C GLU E 667 -6.71 6.78 13.80
N GLY E 668 -6.12 7.56 12.91
CA GLY E 668 -6.90 8.35 11.97
C GLY E 668 -6.89 9.84 12.26
N THR E 669 -7.99 10.54 11.95
CA THR E 669 -7.93 11.97 12.16
C THR E 669 -7.96 12.34 13.66
N PRO E 670 -8.56 11.50 14.53
CA PRO E 670 -8.42 11.92 15.94
C PRO E 670 -6.96 12.09 16.36
N ARG E 671 -6.15 11.10 16.01
CA ARG E 671 -4.73 11.09 16.32
C ARG E 671 -4.07 12.31 15.68
N LYS E 672 -4.47 12.60 14.45
CA LYS E 672 -3.85 13.66 13.69
C LYS E 672 -4.09 14.99 14.38
N MET E 673 -5.33 15.21 14.81
CA MET E 673 -5.69 16.48 15.44
C MET E 673 -5.06 16.65 16.82
N LYS E 674 -4.96 15.55 17.58
CA LYS E 674 -4.28 15.61 18.86
C LYS E 674 -2.81 15.97 18.64
N LYS E 675 -2.19 15.36 17.65
CA LYS E 675 -0.80 15.67 17.37
C LYS E 675 -0.65 17.12 16.88
N ALA E 676 -1.59 17.54 16.03
CA ALA E 676 -1.62 18.91 15.47
C ALA E 676 -1.63 19.96 16.57
N ALA E 677 -2.52 19.76 17.55
CA ALA E 677 -2.56 20.60 18.72
C ALA E 677 -1.23 20.58 19.46
N GLU E 678 -0.64 19.41 19.65
CA GLU E 678 0.64 19.33 20.38
C GLU E 678 1.76 20.13 19.72
N ILE E 679 1.84 20.02 18.38
CA ILE E 679 2.80 20.77 17.61
C ILE E 679 2.53 22.27 17.68
N ALA E 680 1.28 22.66 17.47
CA ALA E 680 0.95 24.08 17.59
C ALA E 680 1.37 24.63 18.95
N ARG E 681 0.99 23.93 20.02
CA ARG E 681 1.36 24.37 21.37
C ARG E 681 2.87 24.47 21.52
N SER E 682 3.58 23.56 20.86
CA SER E 682 5.03 23.65 20.90
C SER E 682 5.51 24.91 20.19
N LEU E 683 4.89 25.29 19.08
CA LEU E 683 5.35 26.48 18.34
C LEU E 683 4.87 27.82 18.90
N ARG E 684 3.85 27.79 19.74
CA ARG E 684 3.26 28.99 20.31
C ARG E 684 2.73 28.71 21.71
N PRO E 685 3.66 28.47 22.64
CA PRO E 685 3.41 27.99 24.01
C PRO E 685 2.57 28.94 24.82
N ASP E 686 2.39 30.14 24.31
CA ASP E 686 1.66 31.19 25.00
C ASP E 686 0.15 31.06 24.75
N LEU E 687 -0.23 30.23 23.79
CA LEU E 687 -1.63 30.14 23.34
C LEU E 687 -2.44 28.93 23.83
N MET E 688 -3.75 29.11 23.95
CA MET E 688 -4.64 28.00 24.19
C MET E 688 -4.93 27.28 22.91
N ILE E 689 -4.31 26.11 22.77
CA ILE E 689 -4.52 25.26 21.61
C ILE E 689 -4.78 23.87 22.14
N GLU E 690 -5.88 23.26 21.72
CA GLU E 690 -6.28 21.99 22.26
C GLU E 690 -6.92 21.09 21.20
N GLY E 691 -6.89 19.78 21.39
CA GLY E 691 -7.53 18.84 20.48
C GLY E 691 -7.03 17.45 20.84
N ASP E 692 -7.65 16.38 20.35
CA ASP E 692 -8.83 16.39 19.49
C ASP E 692 -10.13 16.63 20.25
N MET E 693 -11.07 17.30 19.59
CA MET E 693 -12.38 17.53 20.14
C MET E 693 -13.42 17.75 19.04
N GLN E 694 -14.68 17.51 19.41
CA GLN E 694 -15.81 17.77 18.53
C GLN E 694 -16.15 19.30 18.49
N ALA E 695 -16.94 19.71 17.49
CA ALA E 695 -17.17 21.13 17.25
C ALA E 695 -17.96 21.77 18.38
N ASP E 696 -19.02 21.10 18.85
CA ASP E 696 -19.78 21.69 19.94
C ASP E 696 -18.89 21.72 21.17
N THR E 697 -18.12 20.66 21.41
CA THR E 697 -17.14 20.71 22.50
C THR E 697 -16.24 21.94 22.35
N ALA E 698 -15.83 22.24 21.11
CA ALA E 698 -14.88 23.32 20.89
C ALA E 698 -15.45 24.70 21.14
N VAL E 699 -16.58 25.03 20.53
CA VAL E 699 -17.11 26.41 20.60
C VAL E 699 -17.86 26.68 21.89
N ASN E 700 -18.30 25.62 22.55
CA ASN E 700 -19.12 25.75 23.73
C ASN E 700 -18.36 25.48 25.05
N PRO E 701 -18.20 26.49 25.90
CA PRO E 701 -17.34 26.29 27.08
C PRO E 701 -17.98 25.45 28.18
N GLU E 702 -19.30 25.39 28.22
CA GLU E 702 -19.98 24.64 29.24
C GLU E 702 -19.82 23.19 29.00
N ILE E 703 -19.99 22.78 27.75
CA ILE E 703 -19.76 21.40 27.39
C ILE E 703 -18.36 20.96 27.81
N MET E 704 -17.37 21.78 27.44
CA MET E 704 -15.98 21.51 27.77
C MET E 704 -15.75 21.31 29.26
N GLU E 705 -16.26 22.25 30.06
CA GLU E 705 -16.05 22.15 31.50
C GLU E 705 -16.81 20.96 32.12
N ARG E 706 -17.94 20.64 31.53
CA ARG E 706 -18.80 19.63 32.09
C ARG E 706 -18.20 18.24 31.80
N LEU E 707 -17.58 18.09 30.65
CA LEU E 707 -17.07 16.79 30.20
C LEU E 707 -15.57 16.64 30.18
N PHE E 708 -14.84 17.70 29.89
CA PHE E 708 -13.40 17.61 29.69
C PHE E 708 -12.61 18.72 30.35
N PRO E 709 -12.80 18.90 31.66
CA PRO E 709 -12.17 20.02 32.36
C PRO E 709 -10.65 19.95 32.38
N PHE E 710 -10.10 18.78 32.07
CA PHE E 710 -8.67 18.58 32.04
C PHE E 710 -8.04 19.37 30.91
N SER E 711 -8.86 19.69 29.91
CA SER E 711 -8.40 20.40 28.73
C SER E 711 -7.84 21.77 29.03
N GLY E 712 -6.91 22.22 28.20
CA GLY E 712 -6.31 23.53 28.38
C GLY E 712 -7.02 24.66 27.65
N LEU E 713 -8.15 24.34 27.04
CA LEU E 713 -8.93 25.35 26.34
C LEU E 713 -10.10 25.80 27.19
N LYS E 714 -10.11 27.10 27.53
CA LYS E 714 -11.11 27.64 28.46
C LYS E 714 -11.78 28.82 27.82
N GLY E 715 -13.11 28.89 27.94
CA GLY E 715 -13.86 30.04 27.48
C GLY E 715 -14.40 29.93 26.07
N GLY E 716 -14.37 28.75 25.49
CA GLY E 716 -14.80 28.55 24.12
C GLY E 716 -13.69 28.93 23.14
N ALA E 717 -13.62 28.21 22.02
CA ALA E 717 -12.64 28.46 20.96
C ALA E 717 -13.11 29.53 19.96
N ASN E 718 -12.19 30.31 19.42
CA ASN E 718 -12.54 31.24 18.32
C ASN E 718 -11.78 30.93 17.02
N VAL E 719 -10.86 29.97 17.07
CA VAL E 719 -10.24 29.50 15.83
C VAL E 719 -10.45 27.99 15.71
N LEU E 720 -11.11 27.58 14.62
CA LEU E 720 -11.43 26.19 14.37
C LEU E 720 -10.67 25.70 13.14
N VAL E 721 -9.77 24.73 13.40
CA VAL E 721 -9.00 24.09 12.32
C VAL E 721 -9.57 22.71 11.97
N PHE E 722 -9.74 22.44 10.67
CA PHE E 722 -10.47 21.26 10.23
C PHE E 722 -9.55 20.14 9.80
N PRO E 723 -10.02 18.89 9.89
CA PRO E 723 -9.13 17.80 9.52
C PRO E 723 -9.05 17.58 8.02
N ASN E 724 -10.05 18.05 7.29
CA ASN E 724 -10.04 17.90 5.84
C ASN E 724 -10.91 18.94 5.11
N LEU E 725 -10.69 19.05 3.80
CA LEU E 725 -11.34 20.06 3.00
C LEU E 725 -12.85 19.85 2.90
N GLU E 726 -13.31 18.61 2.93
CA GLU E 726 -14.74 18.38 2.90
C GLU E 726 -15.41 19.06 4.08
N SER E 727 -14.89 18.80 5.28
CA SER E 727 -15.45 19.32 6.50
C SER E 727 -15.43 20.85 6.57
N SER E 728 -14.31 21.47 6.21
CA SER E 728 -14.18 22.90 6.31
C SER E 728 -15.08 23.59 5.29
N ASN E 729 -14.98 23.11 4.05
CA ASN E 729 -15.67 23.75 2.95
C ASN E 729 -17.17 23.68 3.14
N ILE E 730 -17.65 22.46 3.41
CA ILE E 730 -19.06 22.25 3.69
C ILE E 730 -19.48 23.04 4.92
N ALA E 731 -18.67 23.07 5.97
CA ALA E 731 -19.07 23.84 7.16
C ALA E 731 -19.33 25.34 6.87
N TYR E 732 -18.34 26.05 6.34
CA TYR E 732 -18.49 27.49 6.16
C TYR E 732 -19.64 27.73 5.19
N LYS E 733 -19.75 26.93 4.12
CA LYS E 733 -20.84 27.22 3.17
C LYS E 733 -22.22 26.98 3.82
N LEU E 734 -22.34 25.92 4.63
CA LEU E 734 -23.62 25.63 5.28
C LEU E 734 -24.03 26.70 6.26
N ILE E 735 -23.09 27.06 7.12
CA ILE E 735 -23.28 28.09 8.12
C ILE E 735 -23.73 29.36 7.43
N GLN E 736 -23.02 29.70 6.36
CA GLN E 736 -23.33 30.87 5.59
C GLN E 736 -24.79 30.82 5.08
N GLN E 737 -25.22 29.69 4.55
CA GLN E 737 -26.57 29.65 4.01
C GLN E 737 -27.70 29.57 5.02
N ILE E 738 -27.61 28.69 5.99
CA ILE E 738 -28.79 28.41 6.80
C ILE E 738 -28.66 29.00 8.16
N GLY E 739 -27.42 29.27 8.56
CA GLY E 739 -27.17 29.97 9.79
C GLY E 739 -27.63 31.39 9.59
N LYS E 740 -27.77 32.14 10.67
CA LYS E 740 -28.21 33.49 10.50
C LYS E 740 -27.09 34.39 10.94
N ALA E 741 -25.95 34.19 10.30
CA ALA E 741 -24.77 34.98 10.59
C ALA E 741 -24.08 35.31 9.27
N GLU E 742 -23.61 36.55 9.15
CA GLU E 742 -22.82 36.89 7.99
C GLU E 742 -21.54 36.09 8.07
N VAL E 743 -21.10 35.53 6.94
CA VAL E 743 -19.80 34.89 6.88
C VAL E 743 -18.98 35.54 5.77
N ILE E 744 -17.76 35.93 6.09
CA ILE E 744 -16.93 36.62 5.11
C ILE E 744 -15.69 35.78 4.82
N GLY E 745 -15.26 35.80 3.55
CA GLY E 745 -14.16 34.97 3.05
C GLY E 745 -14.56 34.09 1.87
N PRO E 746 -13.74 33.07 1.56
CA PRO E 746 -12.43 32.72 2.13
C PRO E 746 -11.32 33.70 1.77
N PHE E 747 -10.34 33.80 2.65
CA PHE E 747 -9.18 34.64 2.41
C PHE E 747 -7.97 33.76 2.35
N LEU E 748 -7.19 33.87 1.29
CA LEU E 748 -5.99 33.05 1.15
C LEU E 748 -4.90 33.55 2.07
N THR E 749 -4.51 32.71 3.00
CA THR E 749 -3.43 32.98 3.94
C THR E 749 -2.20 32.16 3.57
N GLY E 750 -1.03 32.57 4.06
CA GLY E 750 0.20 31.85 3.82
C GLY E 750 1.04 32.34 2.65
N VAL E 751 0.49 33.26 1.86
CA VAL E 751 1.17 33.67 0.65
C VAL E 751 1.84 35.01 0.84
N ARG E 752 2.93 35.21 0.10
CA ARG E 752 3.82 36.36 0.26
C ARG E 752 3.20 37.74 0.02
N ARG E 753 2.26 37.81 -0.91
CA ARG E 753 1.66 39.10 -1.23
C ARG E 753 0.15 39.02 -1.10
N SER E 754 -0.54 40.14 -1.17
CA SER E 754 -1.98 40.13 -0.94
C SER E 754 -2.72 39.67 -2.19
N ALA E 755 -3.40 38.55 -2.07
CA ALA E 755 -4.23 37.98 -3.13
C ALA E 755 -5.32 37.13 -2.49
N ASN E 756 -6.55 37.25 -3.04
CA ASN E 756 -7.64 36.39 -2.58
C ASN E 756 -8.50 35.90 -3.73
N VAL E 757 -8.97 34.66 -3.58
CA VAL E 757 -9.85 34.03 -4.56
C VAL E 757 -11.21 33.87 -3.93
N LEU E 758 -12.21 34.45 -4.59
CA LEU E 758 -13.62 34.39 -4.21
C LEU E 758 -14.20 33.01 -4.36
N GLN E 759 -15.21 32.74 -3.56
CA GLN E 759 -16.06 31.61 -3.90
C GLN E 759 -16.94 32.02 -5.08
N ARG E 760 -16.95 31.19 -6.12
CA ARG E 760 -17.69 31.46 -7.32
C ARG E 760 -19.18 31.62 -7.03
N THR E 761 -19.63 31.10 -5.90
CA THR E 761 -21.03 31.26 -5.48
C THR E 761 -21.30 32.61 -4.80
N THR E 762 -20.27 33.43 -4.69
CA THR E 762 -20.38 34.71 -4.00
C THR E 762 -21.51 35.56 -4.57
N THR E 763 -22.13 36.35 -3.68
CA THR E 763 -23.05 37.36 -4.11
C THR E 763 -22.27 38.65 -4.23
N VAL E 764 -22.91 39.70 -4.74
CA VAL E 764 -22.18 40.94 -4.94
C VAL E 764 -21.71 41.55 -3.62
N ASP E 765 -22.58 41.50 -2.62
CA ASP E 765 -22.28 42.06 -1.31
C ASP E 765 -21.09 41.33 -0.73
N GLY E 766 -21.05 40.02 -1.00
CA GLY E 766 -19.93 39.18 -0.66
C GLY E 766 -18.65 39.74 -1.24
N ILE E 767 -18.67 40.13 -2.51
CA ILE E 767 -17.48 40.70 -3.13
C ILE E 767 -17.10 42.03 -2.49
N VAL E 768 -18.06 42.89 -2.15
CA VAL E 768 -17.62 44.12 -1.51
C VAL E 768 -16.91 43.79 -0.18
N ASN E 769 -17.47 42.88 0.61
CA ASN E 769 -16.80 42.53 1.86
C ASN E 769 -15.38 42.00 1.63
N SER E 770 -15.28 41.03 0.73
CA SER E 770 -14.01 40.40 0.41
C SER E 770 -12.96 41.45 -0.01
N VAL E 771 -13.38 42.38 -0.87
CA VAL E 771 -12.47 43.41 -1.33
C VAL E 771 -12.07 44.35 -0.18
N VAL E 772 -12.98 44.66 0.74
CA VAL E 772 -12.57 45.41 1.95
C VAL E 772 -11.37 44.75 2.61
N PHE E 773 -11.50 43.47 2.90
CA PHE E 773 -10.43 42.81 3.66
C PHE E 773 -9.19 42.59 2.82
N THR E 774 -9.37 42.44 1.51
CA THR E 774 -8.23 42.38 0.61
C THR E 774 -7.45 43.69 0.67
N ALA E 775 -8.18 44.80 0.71
CA ALA E 775 -7.56 46.12 0.83
C ALA E 775 -6.75 46.21 2.10
N LEU E 776 -7.32 45.73 3.20
CA LEU E 776 -6.54 45.71 4.44
C LEU E 776 -5.25 44.90 4.33
N GLU E 777 -5.34 43.68 3.81
CA GLU E 777 -4.18 42.78 3.69
C GLU E 777 -3.13 43.49 2.85
N ALA E 778 -3.59 44.10 1.77
CA ALA E 778 -2.73 44.85 0.88
C ALA E 778 -1.98 45.99 1.60
N GLN E 779 -2.73 46.81 2.35
CA GLN E 779 -2.15 47.91 3.09
C GLN E 779 -1.09 47.46 4.09
N TYR E 780 -1.45 46.43 4.87
CA TYR E 780 -0.54 45.85 5.85
C TYR E 780 0.77 45.41 5.20
N ILE E 781 0.67 44.63 4.13
CA ILE E 781 1.86 44.13 3.48
C ILE E 781 2.72 45.27 2.95
N LYS E 782 2.10 46.28 2.32
CA LYS E 782 2.89 47.41 1.83
C LYS E 782 3.64 48.06 2.99
N GLU E 783 2.98 48.21 4.15
CA GLU E 783 3.64 48.84 5.29
C GLU E 783 4.83 48.02 5.80
N VAL E 784 4.65 46.72 5.97
CA VAL E 784 5.75 45.92 6.47
C VAL E 784 6.91 45.87 5.46
N LEU E 785 6.60 45.85 4.17
CA LEU E 785 7.62 45.82 3.12
C LEU E 785 8.56 47.02 3.16
N LYS E 786 8.01 48.21 3.36
CA LYS E 786 8.79 49.44 3.50
C LYS E 786 9.76 49.42 4.69
N SER E 787 9.71 48.37 5.49
CA SER E 787 10.68 48.19 6.57
C SER E 787 11.78 47.21 6.20
N THR F 26 -37.08 27.30 46.71
CA THR F 26 -38.21 26.37 46.82
C THR F 26 -37.97 25.10 45.97
N THR F 27 -38.93 24.75 45.10
CA THR F 27 -38.89 23.49 44.34
C THR F 27 -37.87 23.50 43.19
N ASN F 28 -37.74 22.36 42.50
CA ASN F 28 -36.86 22.25 41.32
C ASN F 28 -37.39 22.93 40.06
N PHE F 29 -38.63 22.61 39.70
CA PHE F 29 -39.25 23.21 38.53
C PHE F 29 -39.29 24.73 38.56
N ASP F 30 -39.69 25.30 39.70
CA ASP F 30 -39.71 26.75 39.88
C ASP F 30 -38.34 27.33 39.62
N GLN F 31 -37.31 26.71 40.20
CA GLN F 31 -35.92 27.14 40.02
C GLN F 31 -35.51 27.11 38.55
N GLU F 32 -35.98 26.10 37.83
CA GLU F 32 -35.72 26.06 36.40
C GLU F 32 -36.33 27.22 35.69
N ALA F 33 -37.60 27.50 36.00
CA ALA F 33 -38.30 28.64 35.43
C ALA F 33 -37.61 29.96 35.72
N LEU F 34 -37.22 30.15 36.98
CA LEU F 34 -36.49 31.33 37.37
C LEU F 34 -35.26 31.47 36.50
N LEU F 35 -34.45 30.42 36.40
CA LEU F 35 -33.22 30.52 35.60
C LEU F 35 -33.55 30.77 34.13
N TYR F 36 -34.63 30.16 33.65
CA TYR F 36 -35.11 30.36 32.29
C TYR F 36 -35.35 31.83 31.99
N HIS F 37 -35.99 32.52 32.94
CA HIS F 37 -36.25 33.95 32.78
C HIS F 37 -35.03 34.83 32.98
N GLN F 38 -34.16 34.46 33.92
CA GLN F 38 -33.04 35.31 34.27
C GLN F 38 -31.75 35.14 33.42
N GLN F 39 -31.49 33.92 32.93
CA GLN F 39 -30.24 33.64 32.19
C GLN F 39 -30.10 34.44 30.90
N GLY F 40 -28.85 34.64 30.45
CA GLY F 40 -28.62 35.34 29.21
C GLY F 40 -29.27 36.71 29.23
N LYS F 41 -30.05 37.04 28.20
CA LYS F 41 -30.86 38.26 28.20
C LYS F 41 -32.06 38.08 29.11
N PRO F 42 -32.20 38.97 30.11
CA PRO F 42 -33.37 38.91 30.97
C PRO F 42 -34.68 39.07 30.19
N GLY F 43 -35.68 38.30 30.60
CA GLY F 43 -36.98 38.32 29.98
C GLY F 43 -37.11 37.31 28.86
N LYS F 44 -38.19 37.39 28.11
CA LYS F 44 -38.51 36.39 27.12
C LYS F 44 -38.70 36.96 25.75
N ILE F 45 -38.60 38.29 25.62
CA ILE F 45 -38.77 38.93 24.32
C ILE F 45 -37.67 39.91 23.98
N GLU F 46 -37.57 40.15 22.68
CA GLU F 46 -36.59 41.05 22.12
C GLU F 46 -37.19 41.62 20.84
N VAL F 47 -36.93 42.90 20.58
CA VAL F 47 -37.49 43.53 19.39
C VAL F 47 -36.39 43.69 18.36
N ILE F 48 -36.61 43.07 17.20
CA ILE F 48 -35.59 43.07 16.16
C ILE F 48 -36.12 43.66 14.86
N SER F 49 -35.19 43.97 13.98
CA SER F 49 -35.48 44.51 12.66
C SER F 49 -35.89 43.41 11.70
N SER F 50 -36.92 43.64 10.90
CA SER F 50 -37.31 42.67 9.89
C SER F 50 -36.73 43.01 8.50
N LYS F 51 -35.90 44.05 8.46
CA LYS F 51 -35.38 44.59 7.22
C LYS F 51 -33.93 44.93 7.46
N PRO F 52 -33.13 45.04 6.39
CA PRO F 52 -31.70 45.29 6.57
C PRO F 52 -31.40 46.61 7.26
N CYS F 53 -30.42 46.59 8.15
CA CYS F 53 -30.06 47.80 8.90
C CYS F 53 -28.60 47.75 9.30
N ALA F 54 -27.77 47.17 8.44
CA ALA F 54 -26.37 46.98 8.78
C ALA F 54 -25.54 48.13 8.25
N THR F 55 -25.88 48.62 7.06
CA THR F 55 -25.15 49.71 6.41
C THR F 55 -25.82 51.06 6.60
N GLU F 56 -25.04 52.13 6.39
CA GLU F 56 -25.51 53.50 6.51
C GLU F 56 -26.70 53.77 5.56
N LYS F 57 -26.65 53.17 4.38
CA LYS F 57 -27.75 53.31 3.41
C LYS F 57 -29.04 52.69 3.91
N ASP F 58 -28.90 51.50 4.48
CA ASP F 58 -30.07 50.81 4.98
C ASP F 58 -30.76 51.71 5.99
N LEU F 59 -29.97 52.39 6.81
CA LEU F 59 -30.53 53.30 7.80
C LEU F 59 -31.05 54.55 7.15
N SER F 60 -30.48 54.94 6.01
CA SER F 60 -31.04 56.08 5.28
C SER F 60 -32.41 55.71 4.68
N LEU F 61 -32.74 54.43 4.65
CA LEU F 61 -34.09 54.02 4.22
C LEU F 61 -35.03 53.75 5.40
N ALA F 62 -34.49 53.13 6.44
CA ALA F 62 -35.24 52.79 7.64
C ALA F 62 -35.56 54.02 8.50
N TYR F 63 -34.72 55.05 8.42
CA TYR F 63 -34.92 56.29 9.15
C TYR F 63 -34.83 57.45 8.16
N SER F 64 -34.44 58.63 8.65
CA SER F 64 -34.31 59.82 7.82
C SER F 64 -33.14 59.67 6.84
N PRO F 65 -33.28 60.28 5.65
CA PRO F 65 -34.44 61.08 5.21
C PRO F 65 -35.52 60.22 4.55
N GLY F 66 -35.22 58.93 4.31
CA GLY F 66 -36.10 58.04 3.58
C GLY F 66 -37.41 57.75 4.29
N VAL F 67 -37.38 57.63 5.61
CA VAL F 67 -38.57 57.24 6.36
C VAL F 67 -39.70 58.29 6.18
N ALA F 68 -39.35 59.46 5.68
CA ALA F 68 -40.37 60.47 5.44
C ALA F 68 -41.41 59.98 4.42
N ALA F 69 -40.99 59.09 3.52
CA ALA F 69 -41.87 58.68 2.42
C ALA F 69 -43.12 57.96 2.93
N PRO F 70 -42.97 56.92 3.77
CA PRO F 70 -44.19 56.29 4.29
C PRO F 70 -45.06 57.22 5.13
N CYS F 71 -44.42 58.03 5.97
CA CYS F 71 -45.14 59.02 6.78
C CYS F 71 -46.03 59.89 5.93
N LYS F 72 -45.41 60.53 4.92
CA LYS F 72 -46.11 61.42 4.00
C LYS F 72 -47.32 60.69 3.44
N ALA F 73 -47.15 59.40 3.15
CA ALA F 73 -48.20 58.63 2.53
C ALA F 73 -49.35 58.42 3.51
N ILE F 74 -48.99 57.99 4.72
CA ILE F 74 -49.98 57.67 5.72
C ILE F 74 -50.73 58.93 6.14
N ALA F 75 -50.03 60.06 6.13
CA ALA F 75 -50.64 61.34 6.45
C ALA F 75 -51.75 61.66 5.46
N LYS F 76 -51.54 61.28 4.21
CA LYS F 76 -52.49 61.60 3.16
C LYS F 76 -53.59 60.53 3.10
N ASP F 77 -53.22 59.27 3.36
CA ASP F 77 -54.19 58.18 3.38
C ASP F 77 -53.92 57.29 4.61
N PRO F 78 -54.62 57.57 5.72
CA PRO F 78 -54.39 56.99 7.05
C PRO F 78 -54.38 55.47 7.11
N ALA F 79 -55.24 54.82 6.32
CA ALA F 79 -55.33 53.36 6.29
C ALA F 79 -53.97 52.72 5.97
N LYS F 80 -53.17 53.44 5.18
CA LYS F 80 -51.87 52.97 4.76
C LYS F 80 -50.89 52.77 5.93
N VAL F 81 -51.30 53.11 7.15
CA VAL F 81 -50.46 52.77 8.30
C VAL F 81 -50.31 51.26 8.35
N TYR F 82 -51.31 50.55 7.84
CA TYR F 82 -51.26 49.09 7.83
C TYR F 82 -50.30 48.57 6.77
N ASP F 83 -49.89 49.42 5.84
CA ASP F 83 -49.09 48.95 4.72
C ASP F 83 -47.60 49.13 4.97
N TYR F 84 -47.26 50.17 5.73
CA TYR F 84 -45.87 50.57 5.88
C TYR F 84 -45.36 50.35 7.33
N THR F 85 -46.22 49.79 8.18
CA THR F 85 -45.86 49.59 9.59
C THR F 85 -46.35 48.22 10.07
N ALA F 86 -45.86 47.83 11.26
CA ALA F 86 -46.15 46.55 11.89
C ALA F 86 -47.57 46.39 12.44
N LYS F 87 -48.35 47.47 12.41
CA LYS F 87 -49.71 47.45 12.96
C LYS F 87 -50.52 46.22 12.51
N GLY F 88 -50.45 45.88 11.24
CA GLY F 88 -51.29 44.82 10.70
C GLY F 88 -51.00 43.46 11.30
N ASN F 89 -50.00 43.42 12.19
CA ASN F 89 -49.59 42.19 12.87
C ASN F 89 -49.15 42.42 14.32
N LEU F 90 -49.49 43.59 14.85
CA LEU F 90 -49.05 43.99 16.17
C LEU F 90 -50.24 44.07 17.14
N VAL F 91 -50.20 43.23 18.17
CA VAL F 91 -51.25 43.18 19.15
C VAL F 91 -50.72 43.58 20.51
N ALA F 92 -51.53 44.30 21.27
CA ALA F 92 -51.15 44.64 22.62
C ALA F 92 -51.68 43.60 23.61
N VAL F 93 -50.82 43.10 24.49
CA VAL F 93 -51.31 42.33 25.63
C VAL F 93 -51.27 43.26 26.84
N ILE F 94 -52.43 43.78 27.25
CA ILE F 94 -52.52 44.84 28.26
C ILE F 94 -53.12 44.35 29.57
N SER F 95 -52.48 44.70 30.69
CA SER F 95 -52.93 44.26 32.02
C SER F 95 -52.53 45.19 33.16
N ASN F 96 -53.32 45.23 34.23
CA ASN F 96 -52.87 45.92 35.43
C ASN F 96 -52.54 44.90 36.51
N GLY F 97 -52.62 43.62 36.15
CA GLY F 97 -52.14 42.55 36.99
C GLY F 97 -52.96 42.35 38.25
N THR F 98 -54.26 42.55 38.13
CA THR F 98 -55.13 42.40 39.30
C THR F 98 -55.76 41.02 39.38
N ALA F 99 -55.55 40.21 38.35
CA ALA F 99 -56.03 38.83 38.36
C ALA F 99 -55.11 37.91 37.57
N VAL F 100 -53.84 37.86 37.98
CA VAL F 100 -52.80 37.12 37.26
C VAL F 100 -52.89 35.60 37.47
N LEU F 101 -53.15 34.85 36.41
CA LEU F 101 -53.26 33.38 36.49
C LEU F 101 -54.17 32.90 37.63
N GLY F 102 -53.52 32.21 38.57
CA GLY F 102 -54.18 31.76 39.77
C GLY F 102 -53.50 32.40 40.98
N LEU F 103 -52.86 33.56 40.77
CA LEU F 103 -52.13 34.23 41.85
C LEU F 103 -52.88 35.48 42.34
N GLY F 104 -53.91 35.90 41.60
CA GLY F 104 -54.74 37.01 42.01
C GLY F 104 -54.15 38.39 41.76
N ASN F 105 -54.48 39.33 42.63
CA ASN F 105 -54.10 40.74 42.48
C ASN F 105 -52.69 41.01 43.00
N ILE F 106 -51.68 40.76 42.17
CA ILE F 106 -50.28 40.89 42.57
C ILE F 106 -49.54 42.11 41.99
N GLY F 107 -50.22 42.87 41.12
CA GLY F 107 -49.66 44.09 40.57
C GLY F 107 -49.19 43.97 39.14
N PRO F 108 -49.03 45.11 38.45
CA PRO F 108 -48.71 45.08 37.02
C PRO F 108 -47.28 44.59 36.74
N ALA F 109 -46.33 45.13 37.51
CA ALA F 109 -44.92 44.78 37.34
C ALA F 109 -44.66 43.29 37.58
N ALA F 110 -45.34 42.73 38.58
CA ALA F 110 -45.16 41.32 38.91
C ALA F 110 -45.93 40.48 37.89
N GLY F 111 -46.80 41.13 37.15
CA GLY F 111 -47.57 40.46 36.11
C GLY F 111 -46.86 40.49 34.76
N LYS F 112 -45.79 41.27 34.66
CA LYS F 112 -45.07 41.38 33.38
C LYS F 112 -44.58 40.04 32.75
N PRO F 113 -44.03 39.10 33.57
CA PRO F 113 -43.65 37.84 32.92
C PRO F 113 -44.80 37.11 32.24
N VAL F 114 -46.01 37.12 32.80
CA VAL F 114 -47.06 36.36 32.15
C VAL F 114 -47.52 37.08 30.87
N MET F 115 -47.36 38.40 30.82
CA MET F 115 -47.80 39.13 29.63
C MET F 115 -46.79 38.89 28.50
N GLU F 116 -45.51 38.87 28.84
CA GLU F 116 -44.50 38.45 27.88
C GLU F 116 -44.78 37.04 27.35
N GLY F 117 -45.04 36.11 28.28
CA GLY F 117 -45.44 34.76 27.93
C GLY F 117 -46.60 34.70 26.97
N LYS F 118 -47.65 35.45 27.27
CA LYS F 118 -48.84 35.50 26.43
C LYS F 118 -48.45 35.97 25.02
N GLY F 119 -47.55 36.96 24.97
CA GLY F 119 -46.99 37.39 23.71
C GLY F 119 -46.39 36.24 22.94
N ILE F 120 -45.54 35.46 23.62
CA ILE F 120 -44.96 34.25 23.05
C ILE F 120 -46.03 33.33 22.46
N LEU F 121 -47.12 33.09 23.19
CA LEU F 121 -48.19 32.25 22.62
C LEU F 121 -48.73 32.81 21.32
N PHE F 122 -49.01 34.12 21.28
CA PHE F 122 -49.42 34.80 20.02
C PHE F 122 -48.45 34.51 18.88
N LYS F 123 -47.14 34.71 19.14
CA LYS F 123 -46.15 34.49 18.10
C LYS F 123 -46.08 33.05 17.64
N GLN F 124 -46.12 32.11 18.57
CA GLN F 124 -45.93 30.72 18.21
C GLN F 124 -47.14 30.12 17.53
N PHE F 125 -48.34 30.60 17.86
CA PHE F 125 -49.54 29.95 17.33
C PHE F 125 -50.23 30.68 16.18
N ALA F 126 -49.97 31.96 16.01
CA ALA F 126 -50.56 32.67 14.88
C ALA F 126 -49.54 33.57 14.22
N GLY F 127 -48.31 33.55 14.73
CA GLY F 127 -47.23 34.35 14.21
C GLY F 127 -47.42 35.83 14.40
N ILE F 128 -48.18 36.17 15.43
CA ILE F 128 -48.52 37.55 15.76
C ILE F 128 -47.49 38.20 16.70
N ASP F 129 -47.07 39.41 16.36
CA ASP F 129 -46.18 40.22 17.18
C ASP F 129 -46.95 40.88 18.31
N VAL F 130 -46.35 40.96 19.49
CA VAL F 130 -47.04 41.49 20.67
C VAL F 130 -46.17 42.44 21.48
N PHE F 131 -46.75 43.56 21.90
CA PHE F 131 -46.13 44.36 22.96
C PHE F 131 -46.90 44.09 24.25
N ASP F 132 -46.20 43.68 25.31
CA ASP F 132 -46.84 43.51 26.62
C ASP F 132 -46.88 44.85 27.37
N ILE F 133 -48.07 45.28 27.78
CA ILE F 133 -48.20 46.58 28.44
C ILE F 133 -48.77 46.45 29.86
N GLU F 134 -47.95 46.72 30.85
CA GLU F 134 -48.39 46.67 32.22
C GLU F 134 -48.73 48.07 32.69
N VAL F 135 -50.00 48.34 32.98
CA VAL F 135 -50.39 49.72 33.31
C VAL F 135 -50.64 49.84 34.82
N ALA F 136 -50.13 50.90 35.43
CA ALA F 136 -50.27 51.04 36.88
C ALA F 136 -51.54 51.79 37.21
N ALA F 137 -52.67 51.21 36.85
CA ALA F 137 -53.95 51.87 37.07
C ALA F 137 -55.01 50.85 37.43
N THR F 138 -55.47 50.91 38.68
CA THR F 138 -56.54 50.03 39.14
C THR F 138 -57.88 50.74 39.01
N ASP F 139 -57.85 52.06 38.90
CA ASP F 139 -59.06 52.82 38.67
C ASP F 139 -59.45 52.59 37.21
N VAL F 140 -60.71 52.22 36.99
CA VAL F 140 -61.26 51.94 35.67
C VAL F 140 -61.14 53.13 34.76
N ASP F 141 -61.39 54.29 35.35
CA ASP F 141 -61.50 55.48 34.59
C ASP F 141 -60.15 55.81 34.01
N VAL F 142 -59.13 55.81 34.87
CA VAL F 142 -57.79 56.14 34.39
C VAL F 142 -57.25 55.05 33.48
N PHE F 143 -57.50 53.77 33.79
CA PHE F 143 -57.05 52.66 32.93
C PHE F 143 -57.55 52.83 31.52
N CYS F 144 -58.85 53.04 31.37
CA CYS F 144 -59.42 53.24 30.05
C CYS F 144 -58.93 54.51 29.37
N ASN F 145 -58.79 55.60 30.12
CA ASN F 145 -58.26 56.83 29.52
C ASN F 145 -56.84 56.68 29.00
N ALA F 146 -56.05 55.86 29.68
CA ALA F 146 -54.68 55.64 29.28
C ALA F 146 -54.64 54.73 28.09
N VAL F 147 -55.41 53.65 28.12
CA VAL F 147 -55.32 52.67 27.06
C VAL F 147 -55.98 53.16 25.76
N ARG F 148 -57.15 53.79 25.84
CA ARG F 148 -57.94 54.17 24.66
C ARG F 148 -57.08 54.81 23.60
N VAL F 149 -56.13 55.57 24.13
CA VAL F 149 -55.44 56.58 23.38
C VAL F 149 -54.19 55.96 22.75
N LEU F 150 -54.01 54.67 23.00
CA LEU F 150 -52.89 53.93 22.43
C LEU F 150 -53.24 53.35 21.07
N GLU F 151 -54.49 53.51 20.62
CA GLU F 151 -54.97 52.84 19.41
C GLU F 151 -54.09 52.99 18.14
N PRO F 152 -53.53 54.19 17.86
CA PRO F 152 -52.76 54.25 16.60
C PRO F 152 -51.66 53.22 16.49
N THR F 153 -51.14 52.78 17.64
CA THR F 153 -49.99 51.89 17.71
C THR F 153 -50.29 50.45 17.29
N PHE F 154 -51.48 49.97 17.63
CA PHE F 154 -51.76 48.54 17.61
C PHE F 154 -52.81 48.12 16.59
N GLY F 155 -52.75 46.85 16.19
CA GLY F 155 -53.73 46.29 15.29
C GLY F 155 -54.89 45.72 16.06
N GLY F 156 -54.63 45.39 17.32
CA GLY F 156 -55.66 44.85 18.20
C GLY F 156 -55.26 44.87 19.66
N ILE F 157 -56.25 44.78 20.55
CA ILE F 157 -55.97 44.79 21.98
C ILE F 157 -56.43 43.49 22.68
N ASN F 158 -55.50 42.81 23.32
CA ASN F 158 -55.84 41.65 24.13
C ASN F 158 -55.79 42.00 25.60
N LEU F 159 -56.92 42.31 26.21
CA LEU F 159 -56.91 42.54 27.64
C LEU F 159 -56.66 41.21 28.33
N GLU F 160 -55.88 41.22 29.40
CA GLU F 160 -55.49 39.97 30.05
C GLU F 160 -55.32 40.21 31.55
N ASP F 161 -55.82 39.28 32.35
CA ASP F 161 -55.56 39.28 33.80
C ASP F 161 -55.98 40.56 34.52
N ILE F 162 -57.24 40.90 34.33
CA ILE F 162 -57.89 42.00 35.02
C ILE F 162 -59.01 41.43 35.85
N LYS F 163 -59.08 41.79 37.13
CA LYS F 163 -60.06 41.18 38.03
C LYS F 163 -61.48 41.62 37.74
N ALA F 164 -62.43 40.79 38.13
CA ALA F 164 -63.84 41.15 38.09
C ALA F 164 -64.17 41.94 39.36
N PRO F 165 -65.14 42.88 39.28
CA PRO F 165 -65.98 43.19 38.11
C PRO F 165 -65.42 44.27 37.15
N GLU F 166 -64.25 44.82 37.46
CA GLU F 166 -63.65 45.86 36.63
C GLU F 166 -63.46 45.44 35.16
N CYS F 167 -63.07 44.18 34.93
CA CYS F 167 -62.77 43.71 33.59
C CYS F 167 -63.97 43.83 32.67
N PHE F 168 -65.16 43.69 33.25
CA PHE F 168 -66.42 43.77 32.52
C PHE F 168 -66.63 45.20 32.03
N GLU F 169 -66.52 46.12 32.96
CA GLU F 169 -66.68 47.54 32.70
C GLU F 169 -65.64 48.03 31.67
N ILE F 170 -64.37 47.66 31.88
CA ILE F 170 -63.27 48.03 31.01
C ILE F 170 -63.43 47.50 29.60
N GLU F 171 -63.70 46.20 29.48
CA GLU F 171 -63.84 45.64 28.14
C GLU F 171 -65.05 46.27 27.47
N GLU F 172 -66.22 46.32 28.13
CA GLU F 172 -67.41 46.87 27.46
C GLU F 172 -67.10 48.27 26.91
N ARG F 173 -66.48 49.10 27.75
CA ARG F 173 -66.16 50.48 27.39
C ARG F 173 -65.20 50.62 26.21
N LEU F 174 -64.07 49.95 26.33
CA LEU F 174 -63.03 50.03 25.30
C LEU F 174 -63.44 49.34 24.01
N LYS F 175 -64.37 48.39 24.07
CA LYS F 175 -64.81 47.68 22.86
C LYS F 175 -65.40 48.68 21.85
N LYS F 176 -66.26 49.60 22.28
CA LYS F 176 -66.69 50.62 21.33
C LYS F 176 -65.77 51.87 21.28
N GLU F 177 -65.33 52.44 22.42
CA GLU F 177 -64.55 53.69 22.33
C GLU F 177 -63.33 53.56 21.35
N MET F 178 -62.90 52.33 21.08
CA MET F 178 -61.72 52.11 20.25
C MET F 178 -62.14 51.53 18.90
N ASN F 179 -61.41 51.88 17.85
CA ASN F 179 -61.77 51.46 16.49
C ASN F 179 -60.90 50.32 15.99
N ILE F 180 -60.28 49.63 16.94
CA ILE F 180 -59.57 48.38 16.70
C ILE F 180 -60.13 47.36 17.68
N PRO F 181 -59.98 46.06 17.40
CA PRO F 181 -60.54 45.02 18.28
C PRO F 181 -60.09 45.10 19.73
N VAL F 182 -61.01 44.85 20.64
CA VAL F 182 -60.68 44.69 22.05
C VAL F 182 -61.21 43.35 22.55
N PHE F 183 -60.38 42.57 23.22
CA PHE F 183 -60.73 41.19 23.56
C PHE F 183 -60.03 40.78 24.84
N HIS F 184 -60.82 40.60 25.88
CA HIS F 184 -60.28 40.12 27.16
C HIS F 184 -60.31 38.58 27.18
N ASP F 185 -59.16 37.96 26.96
CA ASP F 185 -59.13 36.52 26.75
C ASP F 185 -59.65 35.78 27.96
N ASP F 186 -59.31 36.27 29.14
CA ASP F 186 -59.71 35.63 30.38
C ASP F 186 -61.22 35.47 30.49
N GLN F 187 -61.97 36.38 29.88
CA GLN F 187 -63.42 36.29 29.89
C GLN F 187 -63.99 35.27 28.90
N HIS F 188 -63.49 35.29 27.66
CA HIS F 188 -64.13 34.61 26.53
C HIS F 188 -63.48 33.31 26.01
N GLY F 189 -62.19 33.11 26.29
CA GLY F 189 -61.49 31.92 25.83
C GLY F 189 -62.20 30.64 26.23
N THR F 190 -62.35 30.44 27.54
CA THR F 190 -63.01 29.24 28.06
C THR F 190 -64.41 29.08 27.47
N ALA F 191 -65.14 30.18 27.33
CA ALA F 191 -66.48 30.20 26.74
C ALA F 191 -66.48 29.67 25.31
N ILE F 192 -65.57 30.19 24.48
CA ILE F 192 -65.45 29.75 23.10
C ILE F 192 -65.08 28.27 22.96
N VAL F 193 -63.99 27.87 23.61
CA VAL F 193 -63.49 26.50 23.45
C VAL F 193 -64.50 25.50 24.01
N SER F 194 -64.95 25.75 25.23
CA SER F 194 -65.90 24.84 25.86
C SER F 194 -67.24 24.88 25.11
N GLY F 195 -67.52 26.01 24.46
CA GLY F 195 -68.66 26.12 23.57
C GLY F 195 -68.61 25.08 22.47
N ALA F 196 -67.46 25.00 21.80
CA ALA F 196 -67.25 23.96 20.79
C ALA F 196 -67.41 22.54 21.37
N ALA F 197 -66.74 22.32 22.51
CA ALA F 197 -66.81 21.03 23.22
C ALA F 197 -68.24 20.60 23.55
N LEU F 198 -69.08 21.56 23.97
CA LEU F 198 -70.47 21.24 24.31
C LEU F 198 -71.31 21.01 23.05
N LEU F 199 -71.06 21.78 22.00
CA LEU F 199 -71.74 21.52 20.73
C LEU F 199 -71.57 20.06 20.34
N ASN F 200 -70.31 19.62 20.27
CA ASN F 200 -70.03 18.24 19.90
C ASN F 200 -70.57 17.22 20.91
N ALA F 201 -70.42 17.48 22.21
CA ALA F 201 -70.93 16.55 23.22
C ALA F 201 -72.44 16.37 23.13
N CYS F 202 -73.15 17.46 22.81
CA CYS F 202 -74.59 17.39 22.65
C CYS F 202 -74.90 16.58 21.40
N SER F 203 -74.11 16.79 20.35
CA SER F 203 -74.27 16.00 19.15
C SER F 203 -74.10 14.47 19.44
N ILE F 204 -73.06 14.10 20.18
CA ILE F 204 -72.85 12.69 20.55
C ILE F 204 -73.99 12.10 21.36
N THR F 205 -74.50 12.85 22.33
CA THR F 205 -75.49 12.23 23.20
C THR F 205 -76.92 12.45 22.73
N ASN F 206 -77.05 12.95 21.49
CA ASN F 206 -78.36 13.22 20.90
C ASN F 206 -79.18 14.18 21.76
N ARG F 207 -78.52 15.25 22.20
CA ARG F 207 -79.23 16.33 22.86
C ARG F 207 -79.36 17.52 21.93
N LYS F 208 -80.47 18.26 22.06
CA LYS F 208 -80.59 19.53 21.36
C LYS F 208 -80.53 20.58 22.45
N MET F 209 -79.76 21.64 22.23
CA MET F 209 -79.47 22.57 23.30
C MET F 209 -80.62 23.36 23.89
N GLU F 210 -81.68 23.57 23.14
CA GLU F 210 -82.74 24.35 23.74
C GLU F 210 -83.30 23.63 25.00
N THR F 211 -83.10 22.31 25.08
CA THR F 211 -83.61 21.50 26.17
C THR F 211 -82.50 21.16 27.18
N VAL F 212 -81.26 21.56 26.89
CA VAL F 212 -80.12 21.21 27.73
C VAL F 212 -80.06 22.07 28.99
N ARG F 213 -80.07 21.40 30.14
CA ARG F 213 -80.00 22.07 31.43
C ARG F 213 -78.52 22.15 31.94
N ILE F 214 -78.05 23.39 32.08
CA ILE F 214 -76.65 23.73 32.37
C ILE F 214 -76.51 24.38 33.73
N VAL F 215 -75.43 24.05 34.44
CA VAL F 215 -75.08 24.68 35.71
C VAL F 215 -73.63 25.16 35.64
N VAL F 216 -73.41 26.43 35.97
CA VAL F 216 -72.07 26.97 35.97
C VAL F 216 -71.68 27.24 37.42
N ASN F 217 -70.51 26.75 37.83
CA ASN F 217 -70.06 26.88 39.22
C ASN F 217 -68.83 27.78 39.25
N GLY F 218 -69.01 28.99 39.74
CA GLY F 218 -67.97 30.00 39.69
C GLY F 218 -68.55 31.28 39.09
N ALA F 219 -68.12 32.43 39.59
CA ALA F 219 -68.61 33.70 39.07
C ALA F 219 -67.45 34.61 38.69
N GLY F 220 -66.34 34.01 38.29
CA GLY F 220 -65.21 34.80 37.82
C GLY F 220 -65.48 35.51 36.51
N ALA F 221 -64.39 35.88 35.84
CA ALA F 221 -64.49 36.58 34.58
C ALA F 221 -65.05 35.68 33.46
N SER F 222 -64.84 34.36 33.58
CA SER F 222 -65.15 33.42 32.50
C SER F 222 -66.62 32.96 32.45
N ALA F 223 -67.32 33.09 33.57
CA ALA F 223 -68.63 32.47 33.74
C ALA F 223 -69.72 33.12 32.89
N ASN F 224 -69.79 34.44 33.00
CA ASN F 224 -70.78 35.20 32.25
C ASN F 224 -70.60 34.94 30.76
N SER F 225 -69.35 34.90 30.30
CA SER F 225 -69.14 34.70 28.89
C SER F 225 -69.57 33.30 28.48
N CYS F 226 -69.36 32.33 29.38
CA CYS F 226 -69.87 30.97 29.15
C CYS F 226 -71.38 30.95 28.94
N ALA F 227 -72.14 31.56 29.85
CA ALA F 227 -73.59 31.59 29.69
C ALA F 227 -74.01 32.30 28.39
N LYS F 228 -73.42 33.47 28.10
CA LYS F 228 -73.76 34.19 26.87
C LYS F 228 -73.48 33.35 25.62
N ILE F 229 -72.29 32.72 25.54
CA ILE F 229 -71.90 31.92 24.38
C ILE F 229 -72.78 30.68 24.23
N PHE F 230 -73.14 30.05 25.34
CA PHE F 230 -74.05 28.92 25.31
C PHE F 230 -75.42 29.34 24.77
N ILE F 231 -75.90 30.52 25.20
CA ILE F 231 -77.17 31.02 24.67
C ILE F 231 -77.08 31.36 23.17
N ALA F 232 -75.97 31.98 22.76
CA ALA F 232 -75.73 32.30 21.36
C ALA F 232 -75.75 31.02 20.52
N LEU F 233 -75.34 29.91 21.12
CA LEU F 233 -75.35 28.64 20.42
C LEU F 233 -76.72 27.97 20.46
N GLY F 234 -77.63 28.49 21.28
CA GLY F 234 -79.01 28.00 21.30
C GLY F 234 -79.67 27.53 22.58
N ALA F 235 -78.90 27.43 23.67
CA ALA F 235 -79.46 27.08 24.98
C ALA F 235 -80.37 28.20 25.52
N ARG F 236 -81.33 27.86 26.39
CA ARG F 236 -82.22 28.89 26.91
C ARG F 236 -81.79 29.31 28.30
N ARG F 237 -82.02 30.57 28.59
CA ARG F 237 -81.57 31.15 29.82
C ARG F 237 -82.15 30.48 31.05
N GLU F 238 -83.46 30.23 31.05
CA GLU F 238 -84.08 29.64 32.23
C GLU F 238 -83.52 28.28 32.58
N ASN F 239 -82.94 27.60 31.58
CA ASN F 239 -82.33 26.29 31.79
C ASN F 239 -80.89 26.38 32.27
N ILE F 240 -80.43 27.60 32.54
CA ILE F 240 -79.07 27.80 33.03
C ILE F 240 -79.08 28.41 34.43
N ILE F 241 -78.33 27.78 35.35
CA ILE F 241 -78.24 28.25 36.73
C ILE F 241 -76.79 28.56 37.09
N MET F 242 -76.54 29.75 37.64
CA MET F 242 -75.19 30.20 38.02
C MET F 242 -74.98 30.13 39.55
N CYS F 243 -73.77 29.73 39.97
CA CYS F 243 -73.40 29.64 41.38
C CYS F 243 -72.08 30.32 41.69
N ASP F 244 -71.95 30.80 42.93
CA ASP F 244 -70.66 31.28 43.42
C ASP F 244 -70.39 30.71 44.82
N SER F 245 -69.51 31.39 45.57
CA SER F 245 -69.14 30.98 46.91
C SER F 245 -70.35 30.90 47.90
N GLN F 246 -71.36 31.76 47.72
CA GLN F 246 -72.52 31.75 48.61
C GLN F 246 -73.62 30.78 48.15
N GLY F 247 -73.37 30.09 47.04
CA GLY F 247 -74.34 29.13 46.54
C GLY F 247 -74.92 29.52 45.21
N VAL F 248 -76.14 29.05 44.95
CA VAL F 248 -76.87 29.39 43.73
C VAL F 248 -77.09 30.90 43.68
N ILE F 249 -76.92 31.49 42.50
CA ILE F 249 -77.20 32.91 42.32
C ILE F 249 -78.67 33.04 41.90
N TYR F 250 -79.53 33.21 42.90
CA TYR F 250 -80.95 33.32 42.63
C TYR F 250 -81.38 34.77 42.49
N LYS F 251 -82.45 34.98 41.73
CA LYS F 251 -83.02 36.31 41.56
C LYS F 251 -83.65 36.77 42.87
N GLY F 252 -83.23 37.95 43.31
CA GLY F 252 -83.71 38.52 44.55
C GLY F 252 -82.68 38.37 45.65
N ARG F 253 -81.53 37.83 45.28
CA ARG F 253 -80.41 37.67 46.19
C ARG F 253 -79.73 39.02 46.43
N THR F 254 -79.23 39.22 47.65
CA THR F 254 -78.61 40.49 48.05
C THR F 254 -77.15 40.20 48.44
N ALA F 255 -76.97 39.05 49.08
CA ALA F 255 -75.68 38.62 49.63
C ALA F 255 -74.63 38.41 48.55
N GLY F 256 -73.73 39.38 48.39
CA GLY F 256 -72.58 39.25 47.51
C GLY F 256 -72.88 39.33 46.01
N MET F 257 -73.74 40.29 45.64
CA MET F 257 -74.16 40.47 44.25
C MET F 257 -73.57 41.73 43.59
N ASN F 258 -73.72 41.82 42.27
CA ASN F 258 -73.47 43.09 41.56
C ASN F 258 -74.20 43.09 40.22
N LYS F 259 -74.05 44.16 39.45
CA LYS F 259 -74.73 44.31 38.16
C LYS F 259 -74.58 43.09 37.25
N TYR F 260 -73.39 42.46 37.26
CA TYR F 260 -73.01 41.48 36.25
C TYR F 260 -73.40 40.08 36.69
N LYS F 261 -73.49 39.88 38.00
CA LYS F 261 -73.96 38.62 38.53
C LYS F 261 -75.48 38.49 38.41
N GLU F 262 -76.16 39.60 38.09
CA GLU F 262 -77.61 39.55 37.93
C GLU F 262 -77.94 39.22 36.48
N TYR F 263 -76.95 39.45 35.61
CA TYR F 263 -77.06 39.19 34.17
C TYR F 263 -77.64 37.81 33.87
N PHE F 264 -77.35 36.83 34.74
CA PHE F 264 -77.82 35.45 34.53
C PHE F 264 -78.34 34.79 35.83
N ALA F 265 -78.80 35.62 36.76
CA ALA F 265 -79.43 35.11 37.97
C ALA F 265 -80.69 34.36 37.58
N SER F 266 -80.86 33.17 38.13
CA SER F 266 -81.96 32.29 37.72
C SER F 266 -83.11 32.43 38.70
N GLU F 267 -84.34 32.16 38.25
CA GLU F 267 -85.48 32.19 39.15
C GLU F 267 -85.79 30.78 39.65
N THR F 268 -84.74 29.95 39.69
CA THR F 268 -84.86 28.57 40.15
C THR F 268 -85.12 28.47 41.65
N GLU F 269 -85.71 27.35 42.06
CA GLU F 269 -85.98 27.09 43.45
C GLU F 269 -84.75 26.52 44.17
N ALA F 270 -83.82 25.97 43.40
CA ALA F 270 -82.58 25.39 43.93
C ALA F 270 -81.71 26.43 44.61
N ARG F 271 -81.08 26.06 45.72
CA ARG F 271 -80.34 27.05 46.48
C ARG F 271 -78.88 26.65 46.76
N THR F 272 -78.64 25.35 46.95
CA THR F 272 -77.27 24.85 47.09
C THR F 272 -76.75 24.33 45.75
N LEU F 273 -75.44 24.10 45.66
CA LEU F 273 -74.82 23.57 44.44
C LEU F 273 -75.38 22.18 44.16
N THR F 274 -75.57 21.39 45.21
CA THR F 274 -76.14 20.03 45.08
C THR F 274 -77.57 20.07 44.55
N GLU F 275 -78.32 21.10 44.90
CA GLU F 275 -79.70 21.22 44.44
C GLU F 275 -79.79 21.68 42.98
N ALA F 276 -78.88 22.54 42.55
CA ALA F 276 -78.93 23.00 41.16
C ALA F 276 -78.65 21.87 40.18
N LEU F 277 -77.71 21.00 40.56
CA LEU F 277 -77.27 19.89 39.72
C LEU F 277 -78.15 18.67 39.74
N ARG F 278 -79.38 18.78 40.24
CA ARG F 278 -80.12 17.55 40.38
C ARG F 278 -80.91 17.31 39.08
N GLY F 279 -80.69 16.15 38.47
CA GLY F 279 -81.20 15.85 37.13
C GLY F 279 -80.53 16.65 36.03
N ALA F 280 -79.34 17.19 36.30
CA ALA F 280 -78.66 18.10 35.36
C ALA F 280 -77.89 17.46 34.20
N ASP F 281 -77.87 18.19 33.07
CA ASP F 281 -77.17 17.75 31.87
C ASP F 281 -75.69 18.13 31.85
N VAL F 282 -75.40 19.40 32.12
CA VAL F 282 -74.04 19.91 31.92
C VAL F 282 -73.51 20.64 33.15
N PHE F 283 -72.29 20.33 33.54
CA PHE F 283 -71.63 21.02 34.65
C PHE F 283 -70.43 21.83 34.14
N VAL F 284 -70.46 23.15 34.24
CA VAL F 284 -69.29 23.94 33.84
C VAL F 284 -68.55 24.41 35.09
N GLY F 285 -67.44 23.76 35.41
CA GLY F 285 -66.73 24.03 36.65
C GLY F 285 -65.66 25.08 36.52
N LEU F 286 -65.87 26.23 37.15
CA LEU F 286 -64.90 27.33 37.10
C LEU F 286 -64.45 27.73 38.51
N SER F 287 -64.17 26.72 39.33
CA SER F 287 -64.01 26.92 40.78
C SER F 287 -62.79 26.25 41.42
N VAL F 288 -63.06 25.26 42.26
CA VAL F 288 -62.05 24.67 43.15
C VAL F 288 -62.07 23.14 43.09
N ALA F 289 -60.90 22.53 43.31
CA ALA F 289 -60.76 21.08 43.31
C ALA F 289 -61.63 20.41 44.36
N GLY F 290 -62.27 19.30 43.98
CA GLY F 290 -63.07 18.50 44.89
C GLY F 290 -64.48 19.00 45.08
N ALA F 291 -64.78 20.16 44.50
CA ALA F 291 -66.08 20.81 44.63
C ALA F 291 -67.21 19.93 44.11
N LEU F 292 -66.89 19.07 43.15
CA LEU F 292 -67.88 18.18 42.57
C LEU F 292 -67.74 16.81 43.22
N THR F 293 -68.82 16.40 43.89
CA THR F 293 -68.83 15.20 44.72
C THR F 293 -69.64 14.08 44.06
N PRO F 294 -69.34 12.81 44.41
CA PRO F 294 -70.07 11.66 43.85
C PRO F 294 -71.58 11.74 44.01
N GLU F 295 -72.04 12.33 45.11
CA GLU F 295 -73.45 12.51 45.39
C GLU F 295 -74.07 13.40 44.31
N MET F 296 -73.34 14.45 43.95
CA MET F 296 -73.77 15.36 42.89
C MET F 296 -73.83 14.67 41.54
N LEU F 297 -72.85 13.80 41.31
CA LEU F 297 -72.73 13.11 40.04
C LEU F 297 -73.87 12.15 39.81
N LYS F 298 -74.27 11.46 40.89
CA LYS F 298 -75.35 10.48 40.81
C LYS F 298 -76.64 11.12 40.33
N ASP F 299 -76.83 12.38 40.64
CA ASP F 299 -78.10 13.00 40.35
C ASP F 299 -78.13 13.83 39.08
N MET F 300 -77.12 13.72 38.24
CA MET F 300 -77.18 14.32 36.92
C MET F 300 -78.00 13.49 35.93
N ALA F 301 -78.38 14.07 34.79
CA ALA F 301 -79.12 13.33 33.76
C ALA F 301 -78.25 12.24 33.16
N LYS F 302 -78.83 11.30 32.41
CA LYS F 302 -78.01 10.28 31.77
C LYS F 302 -77.12 10.95 30.72
N ASP F 303 -75.89 10.42 30.57
CA ASP F 303 -74.80 10.99 29.76
C ASP F 303 -74.41 12.39 30.20
N PRO F 304 -74.02 12.53 31.48
CA PRO F 304 -73.72 13.88 31.97
C PRO F 304 -72.45 14.45 31.35
N ILE F 305 -72.49 15.74 31.06
CA ILE F 305 -71.34 16.38 30.45
C ILE F 305 -70.62 17.21 31.51
N ILE F 306 -69.36 16.88 31.78
CA ILE F 306 -68.60 17.50 32.87
C ILE F 306 -67.43 18.35 32.36
N PHE F 307 -67.50 19.66 32.58
CA PHE F 307 -66.37 20.52 32.27
C PHE F 307 -65.70 20.98 33.58
N ALA F 308 -64.65 20.30 34.00
CA ALA F 308 -63.98 20.67 35.24
C ALA F 308 -62.76 21.53 34.95
N MET F 309 -62.92 22.86 34.94
CA MET F 309 -61.90 23.76 34.39
C MET F 309 -61.07 24.42 35.46
N ALA F 310 -61.22 24.00 36.71
CA ALA F 310 -60.51 24.63 37.81
C ALA F 310 -59.01 24.41 37.71
N ASN F 311 -58.24 25.39 38.19
CA ASN F 311 -56.79 25.28 38.25
C ASN F 311 -56.24 25.44 39.66
N PRO F 312 -55.20 24.68 40.05
CA PRO F 312 -54.31 23.66 39.45
C PRO F 312 -54.89 22.24 39.29
N GLU F 313 -55.93 21.89 40.06
CA GLU F 313 -56.61 20.59 39.92
C GLU F 313 -58.11 20.75 39.62
N PRO F 314 -58.65 19.91 38.73
CA PRO F 314 -60.07 19.97 38.31
C PRO F 314 -61.02 19.54 39.43
N GLU F 315 -62.31 19.85 39.27
CA GLU F 315 -63.33 19.54 40.27
C GLU F 315 -63.38 18.04 40.59
N ILE F 316 -63.11 17.22 39.57
CA ILE F 316 -62.92 15.77 39.71
C ILE F 316 -62.12 15.33 38.51
N THR F 317 -61.31 14.30 38.69
CA THR F 317 -60.53 13.74 37.60
C THR F 317 -61.43 12.92 36.70
N PRO F 318 -61.06 12.78 35.43
CA PRO F 318 -61.92 11.96 34.56
C PRO F 318 -62.13 10.52 35.09
N ASP F 319 -61.09 9.90 35.67
CA ASP F 319 -61.25 8.55 36.24
C ASP F 319 -62.26 8.46 37.38
N LYS F 320 -62.28 9.46 38.25
CA LYS F 320 -63.23 9.44 39.35
C LYS F 320 -64.66 9.66 38.83
N ALA F 321 -64.78 10.54 37.85
CA ALA F 321 -66.07 10.84 37.26
C ALA F 321 -66.71 9.66 36.54
N ARG F 322 -65.90 8.93 35.76
CA ARG F 322 -66.38 7.75 35.05
C ARG F 322 -66.52 6.58 36.03
N ALA F 323 -65.74 6.60 37.11
CA ALA F 323 -65.88 5.60 38.16
C ALA F 323 -67.27 5.68 38.79
N ALA F 324 -67.65 6.91 39.16
CA ALA F 324 -68.98 7.15 39.70
C ALA F 324 -70.05 6.86 38.65
N ARG F 325 -69.90 7.49 37.48
CA ARG F 325 -70.87 7.30 36.41
C ARG F 325 -70.22 7.12 35.03
N PRO F 326 -70.26 5.87 34.53
CA PRO F 326 -69.62 5.40 33.30
C PRO F 326 -70.02 6.13 32.01
N ASP F 327 -71.21 6.69 31.97
CA ASP F 327 -71.69 7.36 30.75
C ASP F 327 -71.29 8.83 30.66
N ALA F 328 -70.40 9.26 31.55
CA ALA F 328 -70.00 10.66 31.60
C ALA F 328 -69.03 11.06 30.49
N ILE F 329 -69.13 12.33 30.09
CA ILE F 329 -68.25 12.95 29.11
C ILE F 329 -67.49 14.04 29.86
N ILE F 330 -66.18 14.12 29.68
CA ILE F 330 -65.36 14.94 30.57
C ILE F 330 -64.37 15.81 29.80
N ALA F 331 -64.20 17.06 30.26
CA ALA F 331 -63.19 17.97 29.73
C ALA F 331 -62.52 18.68 30.90
N THR F 332 -61.23 18.96 30.79
CA THR F 332 -60.52 19.60 31.88
C THR F 332 -59.69 20.72 31.27
N GLY F 333 -59.04 21.51 32.11
CA GLY F 333 -58.04 22.45 31.65
C GLY F 333 -56.69 21.76 31.66
N ARG F 334 -56.65 20.46 32.00
CA ARG F 334 -55.37 19.75 32.09
C ARG F 334 -55.14 19.05 30.78
N SER F 335 -53.88 19.05 30.37
CA SER F 335 -53.44 18.35 29.17
C SER F 335 -53.24 16.86 29.46
N ASP F 336 -53.18 16.51 30.75
CA ASP F 336 -52.94 15.12 31.18
C ASP F 336 -54.10 14.25 30.73
N TYR F 337 -55.27 14.88 30.63
CA TYR F 337 -56.51 14.19 30.35
C TYR F 337 -57.03 14.66 28.99
N PRO F 338 -57.84 13.82 28.32
CA PRO F 338 -58.46 14.18 27.05
C PRO F 338 -59.36 15.43 27.14
N ASN F 339 -59.77 15.93 25.98
CA ASN F 339 -60.66 17.09 25.88
C ASN F 339 -60.18 18.31 26.63
N GLN F 340 -58.89 18.58 26.55
CA GLN F 340 -58.38 19.79 27.18
C GLN F 340 -58.96 21.02 26.48
N VAL F 341 -59.60 21.89 27.26
CA VAL F 341 -59.98 23.19 26.73
C VAL F 341 -58.82 24.08 27.15
N ASN F 342 -58.20 24.69 26.15
CA ASN F 342 -57.05 25.52 26.39
C ASN F 342 -57.30 26.79 25.62
N ASN F 343 -57.02 27.92 26.25
CA ASN F 343 -57.37 29.17 25.61
C ASN F 343 -56.58 29.39 24.33
N VAL F 344 -55.51 28.63 24.16
CA VAL F 344 -54.62 28.80 23.02
C VAL F 344 -55.32 28.40 21.71
N LEU F 345 -56.44 27.69 21.81
CA LEU F 345 -57.22 27.29 20.65
C LEU F 345 -58.04 28.45 20.07
N GLY F 346 -58.25 29.47 20.88
CA GLY F 346 -59.13 30.57 20.55
C GLY F 346 -58.40 31.83 20.12
N PHE F 347 -57.77 32.56 21.05
CA PHE F 347 -57.25 33.89 20.69
C PHE F 347 -56.26 33.95 19.49
N PRO F 348 -55.37 32.97 19.30
CA PRO F 348 -54.45 33.21 18.17
C PRO F 348 -55.16 33.25 16.83
N SER F 349 -56.03 32.30 16.57
CA SER F 349 -56.69 32.26 15.29
C SER F 349 -57.63 33.43 15.17
N ILE F 350 -58.27 33.79 16.28
CA ILE F 350 -59.25 34.88 16.29
C ILE F 350 -58.60 36.21 15.93
N PHE F 351 -57.55 36.55 16.65
CA PHE F 351 -56.80 37.76 16.36
C PHE F 351 -56.22 37.67 14.96
N ARG F 352 -55.79 36.50 14.53
CA ARG F 352 -55.26 36.34 13.18
C ARG F 352 -56.26 36.81 12.13
N GLY F 353 -57.46 36.25 12.23
CA GLY F 353 -58.53 36.55 11.29
C GLY F 353 -58.87 38.01 11.33
N ALA F 354 -58.88 38.57 12.55
CA ALA F 354 -59.21 39.97 12.73
C ALA F 354 -58.19 40.86 12.04
N LEU F 355 -56.91 40.63 12.29
CA LEU F 355 -55.83 41.44 11.73
C LEU F 355 -55.74 41.36 10.20
N ASP F 356 -55.95 40.16 9.65
CA ASP F 356 -55.78 39.98 8.20
C ASP F 356 -56.89 40.66 7.43
N THR F 357 -58.02 40.86 8.10
CA THR F 357 -59.12 41.61 7.54
C THR F 357 -59.11 43.07 8.01
N ARG F 358 -58.09 43.43 8.79
CA ARG F 358 -57.96 44.78 9.34
C ARG F 358 -59.27 45.25 10.01
N SER F 359 -59.88 44.34 10.75
CA SER F 359 -61.18 44.56 11.35
C SER F 359 -61.18 45.57 12.47
N THR F 360 -62.34 46.18 12.69
CA THR F 360 -62.48 47.18 13.75
C THR F 360 -62.87 46.56 15.09
N GLN F 361 -63.48 45.38 15.08
CA GLN F 361 -63.74 44.70 16.34
C GLN F 361 -63.65 43.17 16.29
N ILE F 362 -63.81 42.54 17.45
CA ILE F 362 -64.06 41.12 17.52
C ILE F 362 -65.46 40.98 18.11
N ASN F 363 -66.44 40.83 17.24
CA ASN F 363 -67.83 40.76 17.64
C ASN F 363 -68.28 39.34 17.90
N GLU F 364 -69.55 39.18 18.25
CA GLU F 364 -70.11 37.87 18.59
C GLU F 364 -70.16 36.96 17.37
N GLU F 365 -70.37 37.56 16.20
CA GLU F 365 -70.41 36.76 14.98
C GLU F 365 -69.07 36.07 14.76
N MET F 366 -67.98 36.78 15.01
CA MET F 366 -66.66 36.19 14.89
C MET F 366 -66.36 35.14 15.95
N LYS F 367 -66.62 35.44 17.22
CA LYS F 367 -66.40 34.47 18.29
C LYS F 367 -67.16 33.17 17.98
N LEU F 368 -68.41 33.32 17.53
CA LEU F 368 -69.22 32.16 17.16
C LEU F 368 -68.60 31.40 15.97
N ALA F 369 -68.11 32.15 14.98
CA ALA F 369 -67.40 31.54 13.85
C ALA F 369 -66.23 30.63 14.34
N ALA F 370 -65.45 31.13 15.29
CA ALA F 370 -64.39 30.35 15.92
C ALA F 370 -64.92 29.10 16.62
N VAL F 371 -65.98 29.27 17.41
CA VAL F 371 -66.59 28.16 18.15
C VAL F 371 -66.93 27.02 17.18
N HIS F 372 -67.71 27.37 16.16
CA HIS F 372 -68.09 26.39 15.15
C HIS F 372 -66.93 25.80 14.36
N ALA F 373 -65.93 26.61 14.02
CA ALA F 373 -64.80 26.10 13.26
C ALA F 373 -64.06 25.04 14.07
N LEU F 374 -63.76 25.32 15.34
CA LEU F 374 -63.13 24.32 16.23
C LEU F 374 -63.96 23.05 16.34
N ALA F 375 -65.24 23.22 16.65
CA ALA F 375 -66.16 22.09 16.82
C ALA F 375 -66.22 21.21 15.58
N LYS F 376 -66.26 21.85 14.41
CA LYS F 376 -66.28 21.13 13.14
C LYS F 376 -64.94 20.44 12.91
N LEU F 377 -63.85 21.09 13.30
CA LEU F 377 -62.54 20.51 13.09
C LEU F 377 -62.40 19.18 13.84
N ALA F 378 -62.83 19.15 15.10
CA ALA F 378 -62.82 17.92 15.88
C ALA F 378 -63.68 16.81 15.27
N ARG F 379 -64.70 17.20 14.50
CA ARG F 379 -65.67 16.26 13.94
C ARG F 379 -65.29 15.60 12.61
N GLU F 380 -64.09 15.86 12.09
CA GLU F 380 -63.72 15.20 10.85
C GLU F 380 -62.81 13.97 11.05
N GLY F 391 -49.31 10.34 5.81
CA GLY F 391 -49.88 10.21 7.14
C GLY F 391 -50.08 8.77 7.58
N GLY F 392 -50.42 8.58 8.85
CA GLY F 392 -50.64 7.24 9.39
C GLY F 392 -51.90 7.05 10.26
N LYS F 393 -52.01 7.81 11.35
CA LYS F 393 -53.20 7.72 12.22
C LYS F 393 -53.70 9.10 12.61
N SER F 394 -54.95 9.16 13.07
CA SER F 394 -55.63 10.43 13.39
C SER F 394 -56.59 10.28 14.59
N PHE F 395 -56.85 11.34 15.34
CA PHE F 395 -57.75 11.21 16.49
C PHE F 395 -59.20 10.94 16.10
N LYS F 396 -59.75 9.88 16.67
CA LYS F 396 -61.12 9.47 16.40
C LYS F 396 -62.14 10.35 17.13
N PHE F 397 -63.12 10.90 16.40
CA PHE F 397 -64.16 11.73 17.02
C PHE F 397 -65.05 10.95 17.98
N GLY F 398 -65.22 11.46 19.20
CA GLY F 398 -66.01 10.76 20.21
C GLY F 398 -66.01 11.43 21.57
N ARG F 399 -66.33 10.64 22.60
CA ARG F 399 -66.45 11.19 23.95
C ARG F 399 -65.12 11.63 24.57
N ASP F 400 -64.01 11.10 24.05
CA ASP F 400 -62.70 11.44 24.57
C ASP F 400 -61.96 12.31 23.55
N TYR F 401 -62.68 12.73 22.51
CA TYR F 401 -62.18 13.69 21.53
C TYR F 401 -63.30 14.61 21.03
N LEU F 402 -63.50 15.71 21.78
CA LEU F 402 -64.56 16.70 21.53
C LEU F 402 -64.10 17.99 20.84
N ILE F 403 -62.82 18.31 20.94
CA ILE F 403 -62.29 19.52 20.33
C ILE F 403 -60.89 19.23 19.80
N PRO F 404 -60.36 20.11 18.94
CA PRO F 404 -58.98 19.89 18.51
C PRO F 404 -58.00 19.98 19.67
N LYS F 405 -56.85 19.30 19.52
CA LYS F 405 -55.72 19.36 20.45
C LYS F 405 -54.97 20.67 20.24
N PRO F 406 -54.40 21.27 21.30
CA PRO F 406 -53.65 22.51 21.12
C PRO F 406 -52.48 22.40 20.13
N PHE F 407 -51.85 21.23 19.98
CA PHE F 407 -50.66 21.09 19.12
C PHE F 407 -51.03 20.69 17.69
N ASP F 408 -52.31 20.86 17.34
CA ASP F 408 -52.87 20.62 16.01
C ASP F 408 -52.54 21.83 15.14
N THR F 409 -51.80 21.63 14.05
CA THR F 409 -51.44 22.76 13.22
C THR F 409 -52.61 23.22 12.34
N ARG F 410 -53.69 22.46 12.31
CA ARG F 410 -54.83 22.79 11.46
C ARG F 410 -55.79 23.82 12.04
N VAL F 411 -55.75 24.05 13.35
CA VAL F 411 -56.69 24.97 13.97
C VAL F 411 -56.56 26.32 13.34
N LEU F 412 -55.33 26.75 13.07
CA LEU F 412 -55.13 28.07 12.48
C LEU F 412 -55.75 28.08 11.09
N LEU F 413 -55.46 27.04 10.33
CA LEU F 413 -55.89 26.93 8.94
C LEU F 413 -57.41 26.92 8.79
N TRP F 414 -58.08 26.34 9.78
CA TRP F 414 -59.53 26.22 9.79
C TRP F 414 -60.25 27.41 10.43
N VAL F 415 -59.72 27.86 11.54
CA VAL F 415 -60.41 28.83 12.36
C VAL F 415 -60.14 30.26 11.91
N ALA F 416 -58.88 30.59 11.67
CA ALA F 416 -58.56 31.97 11.30
C ALA F 416 -59.36 32.42 10.07
N PRO F 417 -59.48 31.56 9.04
CA PRO F 417 -60.29 32.05 7.92
C PRO F 417 -61.79 32.24 8.21
N GLU F 418 -62.39 31.43 9.09
CA GLU F 418 -63.83 31.56 9.38
C GLU F 418 -64.10 32.83 10.17
N VAL F 419 -63.12 33.19 11.00
CA VAL F 419 -63.13 34.45 11.70
C VAL F 419 -63.01 35.60 10.69
N ALA F 420 -62.11 35.44 9.72
CA ALA F 420 -62.00 36.44 8.65
C ALA F 420 -63.33 36.65 7.92
N LYS F 421 -63.93 35.53 7.54
CA LYS F 421 -65.23 35.48 6.86
C LYS F 421 -66.32 36.18 7.65
N ALA F 422 -66.39 35.87 8.95
CA ALA F 422 -67.35 36.47 9.85
C ALA F 422 -67.12 37.97 10.04
N ALA F 423 -65.86 38.38 10.05
CA ALA F 423 -65.57 39.80 10.19
C ALA F 423 -66.07 40.56 8.96
N MET F 424 -65.77 40.04 7.77
CA MET F 424 -66.25 40.71 6.55
C MET F 424 -67.77 40.65 6.44
N LYS F 425 -68.34 39.49 6.72
CA LYS F 425 -69.78 39.31 6.61
C LYS F 425 -70.50 40.26 7.58
N SER F 426 -69.88 40.54 8.72
CA SER F 426 -70.46 41.48 9.67
C SER F 426 -70.10 42.92 9.30
N GLY F 427 -69.29 43.08 8.27
CA GLY F 427 -68.93 44.40 7.78
C GLY F 427 -67.88 45.13 8.60
N VAL F 428 -67.33 44.47 9.62
CA VAL F 428 -66.33 45.08 10.49
C VAL F 428 -64.94 44.96 9.91
N ALA F 429 -64.82 44.13 8.90
CA ALA F 429 -63.58 44.03 8.16
C ALA F 429 -63.46 45.25 7.26
N THR F 430 -62.24 45.70 7.04
CA THR F 430 -61.95 46.83 6.18
C THR F 430 -61.08 46.40 5.00
N ARG F 431 -60.70 45.12 5.00
CA ARG F 431 -59.90 44.55 3.92
C ARG F 431 -60.44 43.17 3.56
N ALA F 432 -60.94 43.03 2.34
CA ALA F 432 -61.55 41.77 1.94
C ALA F 432 -60.49 40.75 1.57
N ILE F 433 -60.71 39.50 1.97
CA ILE F 433 -59.86 38.42 1.49
C ILE F 433 -60.56 37.71 0.34
N GLU F 434 -59.89 37.58 -0.80
CA GLU F 434 -60.58 37.02 -1.96
C GLU F 434 -60.13 35.57 -2.23
N ASP F 435 -58.83 35.37 -2.40
CA ASP F 435 -58.27 34.04 -2.61
C ASP F 435 -58.03 33.33 -1.28
N TRP F 436 -58.90 32.40 -0.92
CA TRP F 436 -58.79 31.70 0.35
C TRP F 436 -57.64 30.66 0.39
N ASP F 437 -57.33 30.04 -0.75
CA ASP F 437 -56.21 29.09 -0.79
C ASP F 437 -54.91 29.84 -0.57
N GLN F 438 -54.83 31.00 -1.19
CA GLN F 438 -53.66 31.87 -1.06
C GLN F 438 -53.55 32.33 0.38
N TYR F 439 -54.71 32.52 1.01
CA TYR F 439 -54.76 32.91 2.41
C TYR F 439 -54.23 31.82 3.33
N ARG F 440 -54.64 30.59 3.09
CA ARG F 440 -54.10 29.48 3.86
C ARG F 440 -52.59 29.30 3.62
N GLU F 441 -52.13 29.54 2.40
CA GLU F 441 -50.69 29.54 2.16
C GLU F 441 -50.06 30.55 3.13
N SER F 442 -50.59 31.77 3.13
CA SER F 442 -50.06 32.81 4.00
C SER F 442 -50.08 32.38 5.49
N LEU F 443 -51.10 31.62 5.89
CA LEU F 443 -51.16 31.10 7.27
C LEU F 443 -50.13 30.00 7.58
N GLU F 444 -49.97 29.04 6.66
CA GLU F 444 -48.93 28.01 6.77
C GLU F 444 -47.53 28.59 6.87
N ALA F 445 -47.26 29.64 6.11
CA ALA F 445 -45.94 30.29 6.20
C ALA F 445 -45.65 30.73 7.62
N LEU F 446 -46.72 31.00 8.37
CA LEU F 446 -46.60 31.47 9.72
C LEU F 446 -46.32 30.29 10.65
N GLN F 447 -46.51 29.08 10.13
CA GLN F 447 -46.38 27.87 10.93
C GLN F 447 -45.29 26.92 10.40
N GLY F 448 -44.05 27.38 10.33
CA GLY F 448 -42.99 26.55 9.80
C GLY F 448 -42.42 25.54 10.78
N PRO F 449 -41.48 24.72 10.33
CA PRO F 449 -40.96 23.64 11.19
C PRO F 449 -40.27 24.14 12.48
N SER F 450 -39.61 25.28 12.43
CA SER F 450 -38.97 25.80 13.63
C SER F 450 -39.98 26.14 14.70
N LYS F 451 -41.24 26.30 14.34
CA LYS F 451 -42.27 26.56 15.33
C LYS F 451 -43.03 25.29 15.66
N VAL F 452 -43.22 24.40 14.68
CA VAL F 452 -44.21 23.36 14.87
C VAL F 452 -43.76 21.91 14.68
N PHE F 453 -42.54 21.66 14.22
CA PHE F 453 -42.16 20.29 13.88
C PHE F 453 -42.21 19.32 15.07
N ILE F 454 -41.58 19.72 16.17
CA ILE F 454 -41.57 18.92 17.37
C ILE F 454 -42.95 18.82 17.99
N ARG F 455 -43.67 19.93 17.95
CA ARG F 455 -45.04 20.03 18.44
C ARG F 455 -45.90 18.96 17.73
N SER F 456 -45.73 18.88 16.42
CA SER F 456 -46.47 17.94 15.58
C SER F 456 -46.04 16.51 15.84
N ALA F 457 -44.74 16.30 16.05
CA ALA F 457 -44.22 14.97 16.36
C ALA F 457 -44.90 14.45 17.61
N ILE F 458 -44.84 15.24 18.67
CA ILE F 458 -45.45 14.90 19.94
C ILE F 458 -46.93 14.57 19.76
N ASN F 459 -47.62 15.41 19.00
CA ASN F 459 -49.00 15.13 18.70
C ASN F 459 -49.17 13.77 18.05
N ARG F 460 -48.27 13.45 17.13
CA ARG F 460 -48.37 12.21 16.40
C ARG F 460 -48.15 11.03 17.35
N VAL F 461 -47.20 11.16 18.28
CA VAL F 461 -46.98 10.14 19.29
C VAL F 461 -48.28 9.90 20.04
N HIS F 462 -48.95 10.98 20.37
CA HIS F 462 -50.23 10.90 21.04
C HIS F 462 -51.33 10.24 20.19
N GLN F 463 -51.36 10.51 18.89
CA GLN F 463 -52.37 9.89 18.03
C GLN F 463 -52.12 8.40 17.92
N ASN F 464 -50.86 8.03 17.85
CA ASN F 464 -50.46 6.65 17.81
C ASN F 464 -50.88 5.88 19.06
N SER F 465 -50.50 6.40 20.23
CA SER F 465 -50.90 5.72 21.47
C SER F 465 -52.41 5.69 21.62
N ALA F 466 -53.06 6.81 21.34
CA ALA F 466 -54.51 6.83 21.48
C ALA F 466 -55.15 5.79 20.54
N ALA F 467 -54.64 5.68 19.33
CA ALA F 467 -55.21 4.76 18.35
C ALA F 467 -54.86 3.32 18.68
N ASN F 468 -53.97 3.12 19.63
CA ASN F 468 -53.64 1.76 20.06
C ASN F 468 -54.14 1.43 21.44
N GLY F 469 -55.26 2.02 21.85
CA GLY F 469 -55.85 1.66 23.12
C GLY F 469 -55.06 2.25 24.26
N GLY F 470 -54.25 3.23 23.91
CA GLY F 470 -53.52 4.05 24.85
C GLY F 470 -52.19 3.60 25.39
N GLU F 471 -51.69 2.42 25.02
CA GLU F 471 -50.37 2.04 25.56
C GLU F 471 -49.27 2.92 24.94
N LEU F 472 -48.36 3.32 25.80
CA LEU F 472 -47.17 4.06 25.42
C LEU F 472 -46.05 3.08 25.06
N PRO F 473 -45.16 3.46 24.13
CA PRO F 473 -44.02 2.60 23.82
C PRO F 473 -43.12 2.40 25.02
N ARG F 474 -42.75 1.15 25.25
CA ARG F 474 -41.79 0.82 26.28
C ARG F 474 -40.35 1.11 25.76
N ILE F 475 -39.68 2.11 26.35
CA ILE F 475 -38.31 2.53 25.98
C ILE F 475 -37.30 2.29 27.08
N VAL F 476 -36.23 1.55 26.77
CA VAL F 476 -35.23 1.24 27.77
C VAL F 476 -34.09 2.23 27.74
N PHE F 477 -33.66 2.60 28.93
CA PHE F 477 -32.52 3.46 29.11
C PHE F 477 -31.48 2.71 29.90
N PRO F 478 -30.41 2.26 29.22
CA PRO F 478 -29.41 1.48 29.94
C PRO F 478 -28.64 2.28 30.97
N GLU F 479 -28.68 3.61 30.87
CA GLU F 479 -27.92 4.50 31.78
C GLU F 479 -28.80 5.02 32.91
N GLY F 480 -29.33 4.11 33.71
CA GLY F 480 -30.33 4.43 34.70
C GLY F 480 -29.98 5.47 35.74
N THR F 481 -28.71 5.76 35.92
CA THR F 481 -28.32 6.76 36.89
C THR F 481 -27.85 8.08 36.25
N SER F 482 -28.04 8.23 34.95
CA SER F 482 -27.61 9.44 34.27
C SER F 482 -28.47 10.65 34.66
N THR F 483 -27.85 11.71 35.16
CA THR F 483 -28.63 12.84 35.66
C THR F 483 -29.46 13.44 34.54
N LYS F 484 -28.84 13.63 33.36
CA LYS F 484 -29.55 14.19 32.19
C LYS F 484 -30.76 13.34 31.86
N VAL F 485 -30.57 12.03 31.86
CA VAL F 485 -31.61 11.08 31.48
C VAL F 485 -32.78 11.12 32.44
N LEU F 486 -32.50 11.03 33.74
CA LEU F 486 -33.59 11.06 34.70
C LEU F 486 -34.36 12.38 34.57
N LYS F 487 -33.64 13.50 34.50
CA LYS F 487 -34.32 14.80 34.39
C LYS F 487 -35.18 14.88 33.12
N ALA F 488 -34.69 14.37 32.00
CA ALA F 488 -35.52 14.33 30.80
C ALA F 488 -36.76 13.46 31.01
N LEU F 489 -36.57 12.32 31.66
CA LEU F 489 -37.67 11.38 31.89
C LEU F 489 -38.79 12.00 32.71
N ALA F 490 -38.44 12.89 33.62
CA ALA F 490 -39.48 13.65 34.31
C ALA F 490 -40.49 14.26 33.32
N THR F 491 -39.96 15.09 32.44
CA THR F 491 -40.76 15.74 31.40
C THR F 491 -41.50 14.71 30.58
N LEU F 492 -40.77 13.66 30.22
CA LEU F 492 -41.28 12.63 29.31
C LEU F 492 -42.45 11.82 29.87
N VAL F 493 -42.35 11.39 31.13
CA VAL F 493 -43.39 10.56 31.70
C VAL F 493 -44.57 11.41 31.96
N GLU F 494 -44.33 12.65 32.38
CA GLU F 494 -45.45 13.53 32.65
C GLU F 494 -46.33 13.75 31.43
N GLU F 495 -45.71 13.80 30.25
CA GLU F 495 -46.44 14.09 29.02
C GLU F 495 -46.72 12.88 28.13
N LYS F 496 -46.69 11.69 28.74
CA LYS F 496 -47.13 10.45 28.11
C LYS F 496 -46.43 10.15 26.77
N ILE F 497 -45.11 10.30 26.72
CA ILE F 497 -44.37 10.05 25.49
C ILE F 497 -43.93 8.58 25.41
N CYS F 498 -43.60 8.01 26.57
CA CYS F 498 -43.23 6.62 26.63
C CYS F 498 -43.39 6.11 28.03
N GLN F 499 -43.21 4.81 28.17
CA GLN F 499 -43.07 4.15 29.46
C GLN F 499 -41.63 3.72 29.60
N PRO F 500 -40.84 4.49 30.34
CA PRO F 500 -39.42 4.18 30.50
C PRO F 500 -39.15 2.95 31.35
N ILE F 501 -38.11 2.21 30.96
CA ILE F 501 -37.55 1.17 31.80
C ILE F 501 -36.08 1.50 32.03
N LEU F 502 -35.68 1.71 33.28
CA LEU F 502 -34.27 2.03 33.59
C LEU F 502 -33.42 0.79 33.95
N LEU F 503 -32.13 0.83 33.62
CA LEU F 503 -31.25 -0.29 33.94
C LEU F 503 -30.16 0.11 34.91
N GLY F 504 -29.99 -0.72 35.92
CA GLY F 504 -28.98 -0.46 36.93
C GLY F 504 -29.34 -1.13 38.23
N TYR F 505 -28.56 -0.88 39.26
CA TYR F 505 -28.92 -1.40 40.57
C TYR F 505 -30.07 -0.57 41.13
N PRO F 506 -31.22 -1.21 41.35
CA PRO F 506 -32.40 -0.51 41.86
C PRO F 506 -32.16 0.42 43.05
N GLU F 507 -31.52 -0.03 44.13
CA GLU F 507 -31.23 0.85 45.26
C GLU F 507 -30.49 2.13 44.81
N ARG F 508 -29.47 1.98 43.97
CA ARG F 508 -28.68 3.14 43.52
C ARG F 508 -29.42 4.16 42.63
N VAL F 509 -30.30 3.67 41.76
CA VAL F 509 -31.11 4.56 40.94
C VAL F 509 -32.25 5.19 41.75
N LYS F 510 -32.90 4.45 42.64
CA LYS F 510 -33.92 5.07 43.48
C LYS F 510 -33.25 6.18 44.29
N GLU F 511 -32.02 5.91 44.70
CA GLU F 511 -31.22 6.91 45.40
C GLU F 511 -30.90 8.14 44.57
N LYS F 512 -30.45 7.97 43.33
CA LYS F 512 -30.15 9.17 42.56
C LYS F 512 -31.42 9.94 42.28
N ILE F 513 -32.49 9.23 41.96
CA ILE F 513 -33.77 9.89 41.76
C ILE F 513 -34.20 10.71 42.97
N LYS F 514 -34.06 10.18 44.18
CA LYS F 514 -34.40 10.96 45.37
C LYS F 514 -33.46 12.12 45.64
N ALA F 515 -32.17 11.92 45.39
CA ALA F 515 -31.20 13.00 45.54
C ALA F 515 -31.53 14.16 44.60
N LEU F 516 -32.04 13.84 43.40
CA LEU F 516 -32.35 14.88 42.41
C LEU F 516 -33.77 15.36 42.58
N ASP F 517 -34.50 14.72 43.50
CA ASP F 517 -35.85 15.16 43.87
C ASP F 517 -36.79 15.18 42.68
N ILE F 518 -36.88 14.06 41.98
CA ILE F 518 -37.77 13.89 40.85
C ILE F 518 -38.84 12.87 41.23
N PRO F 519 -39.97 13.32 41.78
CA PRO F 519 -40.89 12.33 42.33
C PRO F 519 -41.71 11.61 41.25
N LEU F 520 -41.69 12.12 40.01
CA LEU F 520 -42.56 11.60 38.95
C LEU F 520 -42.13 10.23 38.51
N LEU F 521 -41.01 9.76 39.06
CA LEU F 521 -40.42 8.51 38.63
C LEU F 521 -40.40 7.44 39.72
N ASN F 522 -41.37 7.46 40.63
CA ASN F 522 -41.37 6.44 41.67
C ASN F 522 -42.00 5.14 41.18
N ASP F 523 -42.71 5.20 40.06
CA ASP F 523 -43.38 4.05 39.50
C ASP F 523 -42.60 3.34 38.46
N VAL F 524 -41.52 3.97 37.98
CA VAL F 524 -40.80 3.44 36.82
C VAL F 524 -40.09 2.13 37.12
N SER F 525 -40.21 1.22 36.16
CA SER F 525 -39.56 -0.06 36.25
C SER F 525 -38.05 0.15 36.25
N ILE F 526 -37.39 -0.53 37.17
CA ILE F 526 -35.94 -0.55 37.22
C ILE F 526 -35.45 -1.99 37.13
N VAL F 527 -34.57 -2.27 36.18
CA VAL F 527 -34.16 -3.65 36.01
C VAL F 527 -32.65 -3.76 36.10
N HIS F 528 -32.20 -4.71 36.92
CA HIS F 528 -30.81 -5.13 36.98
C HIS F 528 -30.67 -6.36 36.13
N PRO F 529 -29.87 -6.25 35.05
CA PRO F 529 -29.73 -7.26 34.00
C PRO F 529 -29.51 -8.69 34.48
N SER F 530 -28.49 -8.94 35.31
CA SER F 530 -28.12 -10.29 35.74
C SER F 530 -29.23 -10.97 36.50
N SER F 531 -30.09 -10.19 37.14
CA SER F 531 -31.12 -10.76 37.98
C SER F 531 -32.45 -10.64 37.30
N HIS F 532 -32.45 -10.32 36.03
CA HIS F 532 -33.70 -10.32 35.32
C HIS F 532 -34.02 -11.74 35.00
N PRO F 533 -35.29 -12.08 35.09
CA PRO F 533 -35.71 -13.46 34.82
C PRO F 533 -35.33 -13.89 33.41
N LYS F 534 -35.46 -13.03 32.41
CA LYS F 534 -35.18 -13.45 31.03
C LYS F 534 -33.70 -13.33 30.66
N TYR F 535 -32.85 -13.08 31.64
CA TYR F 535 -31.42 -12.92 31.39
C TYR F 535 -30.81 -14.11 30.64
N PHE F 536 -30.97 -15.32 31.16
CA PHE F 536 -30.29 -16.44 30.52
C PHE F 536 -30.80 -16.74 29.14
N SER F 537 -32.10 -16.58 28.89
CA SER F 537 -32.58 -16.76 27.52
C SER F 537 -31.92 -15.70 26.63
N PHE F 538 -31.76 -14.49 27.16
CA PHE F 538 -31.09 -13.47 26.40
C PHE F 538 -29.69 -13.91 26.03
N VAL F 539 -28.91 -14.39 27.02
CA VAL F 539 -27.52 -14.77 26.74
C VAL F 539 -27.51 -15.91 25.72
N GLU F 540 -28.44 -16.85 25.80
CA GLU F 540 -28.52 -17.90 24.80
C GLU F 540 -28.65 -17.29 23.41
N LYS F 541 -29.56 -16.33 23.27
CA LYS F 541 -29.76 -15.67 21.99
C LYS F 541 -28.48 -14.98 21.47
N LEU F 542 -27.81 -14.21 22.33
CA LEU F 542 -26.60 -13.50 21.91
C LEU F 542 -25.54 -14.51 21.48
N TYR F 543 -25.40 -15.55 22.29
CA TYR F 543 -24.52 -16.67 21.99
C TYR F 543 -24.80 -17.19 20.60
N SER F 544 -26.04 -17.54 20.33
CA SER F 544 -26.35 -18.16 19.07
C SER F 544 -26.11 -17.19 17.93
N LEU F 545 -26.24 -15.91 18.22
CA LEU F 545 -26.02 -14.93 17.18
C LEU F 545 -24.54 -14.73 16.89
N ARG F 546 -23.70 -14.86 17.90
CA ARG F 546 -22.30 -14.47 17.69
C ARG F 546 -21.26 -15.54 18.04
N GLN F 547 -21.67 -16.80 18.02
CA GLN F 547 -20.80 -17.88 18.45
C GLN F 547 -19.65 -18.07 17.48
N ARG F 548 -19.84 -17.61 16.25
CA ARG F 548 -18.74 -17.72 15.31
C ARG F 548 -18.18 -16.32 15.09
N LYS F 549 -18.50 -15.39 15.97
CA LYS F 549 -17.90 -14.07 15.94
C LYS F 549 -17.19 -13.71 17.24
N GLY F 550 -16.63 -14.72 17.92
CA GLY F 550 -15.79 -14.48 19.07
C GLY F 550 -16.53 -14.42 20.39
N ILE F 551 -17.79 -14.84 20.41
CA ILE F 551 -18.57 -14.76 21.63
C ILE F 551 -19.15 -16.13 21.99
N ASN F 552 -18.58 -16.83 22.98
CA ASN F 552 -19.24 -18.07 23.41
C ASN F 552 -20.06 -17.83 24.69
N LEU F 553 -20.59 -18.89 25.28
CA LEU F 553 -21.51 -18.73 26.41
C LEU F 553 -20.94 -17.94 27.58
N GLY F 554 -19.71 -18.19 27.95
CA GLY F 554 -19.10 -17.47 29.05
C GLY F 554 -19.12 -15.99 28.77
N GLU F 555 -18.63 -15.66 27.58
CA GLU F 555 -18.51 -14.28 27.15
C GLU F 555 -19.88 -13.65 26.91
N ALA F 556 -20.82 -14.45 26.43
CA ALA F 556 -22.17 -13.95 26.19
C ALA F 556 -22.78 -13.56 27.52
N GLU F 557 -22.61 -14.40 28.51
CA GLU F 557 -23.06 -14.09 29.85
C GLU F 557 -22.43 -12.75 30.34
N ARG F 558 -21.12 -12.63 30.15
CA ARG F 558 -20.41 -11.44 30.57
C ARG F 558 -21.03 -10.18 29.93
N LEU F 559 -21.22 -10.23 28.61
CA LEU F 559 -21.75 -9.09 27.89
C LEU F 559 -23.18 -8.78 28.29
N MET F 560 -23.99 -9.82 28.45
CA MET F 560 -25.37 -9.61 28.75
C MET F 560 -25.52 -8.99 30.11
N ALA F 561 -24.49 -9.04 30.94
CA ALA F 561 -24.61 -8.34 32.22
C ALA F 561 -24.49 -6.80 32.07
N ASP F 562 -23.93 -6.36 30.95
CA ASP F 562 -23.81 -4.95 30.58
C ASP F 562 -25.15 -4.41 30.09
N PRO F 563 -25.62 -3.31 30.71
CA PRO F 563 -26.88 -2.66 30.38
C PRO F 563 -27.02 -2.34 28.93
N ASN F 564 -25.96 -1.92 28.27
CA ASN F 564 -26.08 -1.64 26.86
C ASN F 564 -26.51 -2.85 26.11
N TYR F 565 -25.85 -3.97 26.37
CA TYR F 565 -26.21 -5.25 25.77
C TYR F 565 -27.60 -5.71 26.18
N PHE F 566 -27.94 -5.51 27.44
CA PHE F 566 -29.21 -6.03 27.93
C PHE F 566 -30.32 -5.29 27.22
N ALA F 567 -30.19 -3.96 27.16
CA ALA F 567 -31.13 -3.10 26.48
C ALA F 567 -31.30 -3.50 25.02
N ALA F 568 -30.18 -3.58 24.31
CA ALA F 568 -30.25 -4.01 22.92
C ALA F 568 -31.02 -5.33 22.79
N MET F 569 -30.75 -6.26 23.70
CA MET F 569 -31.43 -7.56 23.62
C MET F 569 -32.92 -7.48 23.95
N MET F 570 -33.29 -6.62 24.91
CA MET F 570 -34.70 -6.43 25.26
C MET F 570 -35.44 -5.94 24.03
N VAL F 571 -34.83 -4.97 23.36
CA VAL F 571 -35.43 -4.43 22.16
C VAL F 571 -35.53 -5.49 21.10
N ASN F 572 -34.44 -6.23 20.90
CA ASN F 572 -34.43 -7.27 19.89
C ASN F 572 -35.50 -8.32 20.15
N GLN F 573 -35.56 -8.79 21.39
CA GLN F 573 -36.45 -9.87 21.77
C GLN F 573 -37.89 -9.41 22.02
N GLY F 574 -38.15 -8.11 21.88
CA GLY F 574 -39.50 -7.58 21.99
C GLY F 574 -39.92 -7.31 23.42
N GLU F 575 -38.98 -7.30 24.35
CA GLU F 575 -39.32 -7.00 25.73
C GLU F 575 -39.32 -5.51 25.89
N ALA F 576 -39.02 -4.81 24.80
CA ALA F 576 -39.04 -3.37 24.75
C ALA F 576 -39.33 -2.95 23.34
N ASP F 577 -39.84 -1.71 23.21
CA ASP F 577 -40.27 -1.26 21.91
C ASP F 577 -39.20 -0.42 21.29
N GLY F 578 -38.29 0.06 22.13
CA GLY F 578 -37.16 0.84 21.67
C GLY F 578 -36.22 1.14 22.82
N MET F 579 -35.06 1.71 22.53
CA MET F 579 -34.09 2.05 23.55
C MET F 579 -33.32 3.34 23.19
N VAL F 580 -32.81 4.00 24.24
CA VAL F 580 -32.01 5.23 24.12
C VAL F 580 -30.76 5.20 24.99
N SER F 581 -29.60 5.31 24.36
CA SER F 581 -28.35 5.34 25.12
C SER F 581 -27.32 6.38 24.67
N GLY F 582 -26.17 6.40 25.32
CA GLY F 582 -25.07 7.24 24.91
C GLY F 582 -25.06 8.58 25.58
N SER F 583 -25.78 8.75 26.67
CA SER F 583 -25.78 10.07 27.29
C SER F 583 -24.50 10.21 28.08
N SER F 584 -23.88 9.08 28.43
CA SER F 584 -22.76 9.15 29.35
C SER F 584 -21.50 8.40 28.91
N ILE F 585 -21.48 7.92 27.67
CA ILE F 585 -20.30 7.30 27.06
C ILE F 585 -20.20 7.65 25.58
N ASN F 586 -19.00 7.54 25.01
CA ASN F 586 -18.73 7.83 23.61
C ASN F 586 -19.63 7.03 22.68
N TYR F 587 -19.81 7.49 21.45
CA TYR F 587 -20.84 6.94 20.60
C TYR F 587 -20.52 5.52 20.22
N ALA F 588 -19.26 5.24 19.90
CA ALA F 588 -18.91 3.91 19.42
C ALA F 588 -19.27 2.85 20.47
N ASP F 589 -18.86 3.11 21.70
CA ASP F 589 -19.15 2.15 22.75
C ASP F 589 -20.66 1.99 22.97
N ALA F 590 -21.44 3.05 22.81
CA ALA F 590 -22.86 2.95 23.07
C ALA F 590 -23.57 2.24 21.91
N VAL F 591 -23.09 2.48 20.67
CA VAL F 591 -23.75 2.02 19.44
C VAL F 591 -23.37 0.58 19.09
N ARG F 592 -22.18 0.18 19.53
CA ARG F 592 -21.66 -1.11 19.16
C ARG F 592 -22.57 -2.26 19.60
N PRO F 593 -22.99 -2.29 20.87
CA PRO F 593 -23.86 -3.42 21.20
C PRO F 593 -25.17 -3.40 20.40
N ILE F 594 -25.65 -2.23 20.03
CA ILE F 594 -26.85 -2.14 19.19
C ILE F 594 -26.62 -2.85 17.85
N LEU F 595 -25.50 -2.55 17.19
CA LEU F 595 -25.23 -3.14 15.90
C LEU F 595 -24.91 -4.63 16.01
N GLN F 596 -24.31 -5.07 17.11
CA GLN F 596 -24.03 -6.48 17.30
C GLN F 596 -25.28 -7.31 17.61
N THR F 597 -26.20 -6.74 18.36
CA THR F 597 -27.38 -7.45 18.80
C THR F 597 -28.52 -7.39 17.79
N ILE F 598 -28.98 -6.19 17.46
CA ILE F 598 -30.11 -5.96 16.55
C ILE F 598 -29.74 -6.04 15.07
N GLY F 599 -28.63 -5.41 14.71
CA GLY F 599 -28.16 -5.48 13.34
C GLY F 599 -28.93 -4.67 12.33
N VAL F 600 -28.42 -4.63 11.12
CA VAL F 600 -29.05 -3.83 10.08
C VAL F 600 -30.15 -4.64 9.43
N TYR F 601 -31.17 -3.99 8.89
CA TYR F 601 -32.11 -4.74 8.09
C TYR F 601 -31.46 -4.96 6.73
N LYS F 602 -32.11 -5.76 5.89
CA LYS F 602 -31.49 -6.16 4.64
C LYS F 602 -31.11 -4.95 3.79
N GLU F 603 -29.83 -4.89 3.43
CA GLU F 603 -29.25 -3.88 2.56
C GLU F 603 -29.15 -2.52 3.23
N GLY F 604 -29.59 -2.47 4.48
CA GLY F 604 -29.58 -1.22 5.21
C GLY F 604 -28.16 -0.93 5.65
N ILE F 605 -27.92 0.29 6.08
CA ILE F 605 -26.60 0.67 6.53
C ILE F 605 -26.78 1.50 7.80
N PRO F 606 -26.00 1.20 8.84
CA PRO F 606 -26.13 2.00 10.06
C PRO F 606 -25.68 3.43 9.78
N ALA F 607 -26.53 4.41 10.08
CA ALA F 607 -26.24 5.80 9.71
C ALA F 607 -26.96 6.82 10.59
N GLY F 608 -26.18 7.76 11.13
CA GLY F 608 -26.71 8.86 11.93
C GLY F 608 -27.35 9.95 11.09
N LEU F 609 -28.51 10.42 11.55
CA LEU F 609 -29.26 11.42 10.82
C LEU F 609 -29.83 12.49 11.74
N ASN F 610 -29.61 13.76 11.38
CA ASN F 610 -30.18 14.88 12.16
C ASN F 610 -31.14 15.78 11.36
N PHE F 611 -32.06 16.43 12.07
CA PHE F 611 -32.93 17.43 11.47
C PHE F 611 -32.46 18.81 11.89
N VAL F 612 -32.39 19.74 10.95
CA VAL F 612 -32.21 21.15 11.27
C VAL F 612 -33.54 21.83 10.99
N LEU F 613 -34.11 22.44 12.02
CA LEU F 613 -35.44 23.00 11.91
C LEU F 613 -35.35 24.49 11.63
N LEU F 614 -35.43 24.80 10.34
CA LEU F 614 -35.36 26.17 9.85
C LEU F 614 -36.78 26.73 9.75
N GLU F 615 -36.94 27.92 9.20
CA GLU F 615 -38.28 28.49 9.19
C GLU F 615 -39.15 28.09 8.01
N ASP F 616 -38.57 28.01 6.82
CA ASP F 616 -39.33 27.64 5.64
C ASP F 616 -39.23 26.11 5.40
N LYS F 617 -38.18 25.50 5.94
CA LYS F 617 -37.91 24.09 5.63
C LYS F 617 -37.24 23.38 6.81
N PHE F 618 -37.11 22.07 6.73
CA PHE F 618 -36.13 21.41 7.59
C PHE F 618 -35.13 20.68 6.71
N LEU F 619 -33.88 20.60 7.17
CA LEU F 619 -32.86 19.84 6.45
C LEU F 619 -32.54 18.59 7.19
N VAL F 620 -32.31 17.51 6.46
CA VAL F 620 -31.88 16.26 7.05
C VAL F 620 -30.41 16.05 6.73
N LEU F 621 -29.57 15.77 7.73
CA LEU F 621 -28.16 15.55 7.47
C LEU F 621 -27.77 14.09 7.80
N ALA F 622 -27.09 13.39 6.89
CA ALA F 622 -26.62 12.01 7.20
C ALA F 622 -25.43 11.69 6.33
N ASP F 623 -24.54 10.75 6.72
CA ASP F 623 -24.51 10.08 8.01
C ASP F 623 -23.59 10.82 9.00
N THR F 624 -24.17 11.29 10.11
CA THR F 624 -23.43 12.06 11.09
C THR F 624 -22.67 11.30 12.20
N THR F 625 -22.77 9.97 12.24
CA THR F 625 -22.22 9.26 13.40
C THR F 625 -21.46 7.97 13.08
N VAL F 626 -21.94 7.20 12.12
CA VAL F 626 -21.42 5.83 12.02
C VAL F 626 -20.27 5.68 11.04
N ASN F 627 -20.49 5.92 9.75
CA ASN F 627 -19.46 5.59 8.76
C ASN F 627 -18.36 6.59 8.48
N LEU F 628 -17.13 6.33 8.93
CA LEU F 628 -16.00 7.21 8.68
C LEU F 628 -15.88 7.68 7.24
N ASN F 629 -15.92 6.76 6.30
CA ASN F 629 -15.61 7.17 4.95
C ASN F 629 -16.39 6.39 3.91
N PRO F 630 -17.72 6.56 3.91
CA PRO F 630 -18.60 5.70 3.11
C PRO F 630 -18.29 5.72 1.63
N THR F 631 -18.44 4.57 1.00
CA THR F 631 -18.31 4.40 -0.43
C THR F 631 -19.46 5.07 -1.16
N ALA F 632 -19.39 5.13 -2.48
CA ALA F 632 -20.49 5.68 -3.27
C ALA F 632 -21.73 4.88 -2.95
N GLU F 633 -21.57 3.55 -2.95
CA GLU F 633 -22.67 2.64 -2.70
C GLU F 633 -23.32 2.90 -1.34
N GLN F 634 -22.47 3.06 -0.35
CA GLN F 634 -22.95 3.33 0.99
C GLN F 634 -23.63 4.69 1.08
N CYS F 635 -23.03 5.72 0.47
CA CYS F 635 -23.65 7.05 0.47
C CYS F 635 -25.02 7.01 -0.16
N ALA F 636 -25.14 6.24 -1.23
CA ALA F 636 -26.41 6.11 -1.93
C ALA F 636 -27.46 5.55 -1.01
N GLN F 637 -27.11 4.47 -0.31
CA GLN F 637 -28.06 3.84 0.58
C GLN F 637 -28.45 4.76 1.73
N ILE F 638 -27.47 5.49 2.26
CA ILE F 638 -27.78 6.49 3.28
C ILE F 638 -28.84 7.49 2.79
N ALA F 639 -28.59 8.00 1.58
CA ALA F 639 -29.52 8.87 0.90
C ALA F 639 -30.88 8.24 0.85
N LEU F 640 -30.98 6.97 0.45
CA LEU F 640 -32.30 6.33 0.39
C LEU F 640 -33.00 6.27 1.73
N GLN F 641 -32.23 5.97 2.76
CA GLN F 641 -32.79 5.89 4.09
C GLN F 641 -33.30 7.25 4.58
N ALA F 642 -32.46 8.29 4.47
CA ALA F 642 -32.91 9.62 4.85
C ALA F 642 -34.15 10.02 4.05
N ALA F 643 -34.13 9.71 2.75
CA ALA F 643 -35.24 10.07 1.90
C ALA F 643 -36.53 9.48 2.45
N LYS F 644 -36.50 8.20 2.77
CA LYS F 644 -37.72 7.53 3.22
C LYS F 644 -38.20 8.13 4.57
N ILE F 645 -37.25 8.49 5.46
CA ILE F 645 -37.66 9.18 6.69
C ILE F 645 -38.35 10.56 6.41
N VAL F 646 -37.76 11.34 5.52
CA VAL F 646 -38.32 12.63 5.16
C VAL F 646 -39.73 12.44 4.65
N GLU F 647 -39.95 11.37 3.90
CA GLU F 647 -41.27 11.07 3.35
C GLU F 647 -42.27 10.77 4.47
N TYR F 648 -41.80 10.10 5.51
CA TYR F 648 -42.64 9.84 6.70
C TYR F 648 -43.30 11.14 7.21
N PHE F 649 -42.65 12.27 6.94
CA PHE F 649 -43.14 13.56 7.33
C PHE F 649 -43.82 14.32 6.21
N GLY F 650 -44.18 13.63 5.14
CA GLY F 650 -44.94 14.26 4.09
C GLY F 650 -44.18 15.31 3.30
N ILE F 651 -42.87 15.21 3.24
CA ILE F 651 -42.10 16.14 2.42
C ILE F 651 -41.45 15.38 1.25
N GLU F 652 -41.34 16.05 0.11
CA GLU F 652 -40.63 15.53 -1.04
C GLU F 652 -39.15 15.58 -0.72
N PRO F 653 -38.49 14.42 -0.60
CA PRO F 653 -37.05 14.57 -0.35
C PRO F 653 -36.32 15.01 -1.63
N ARG F 654 -35.42 15.96 -1.48
CA ARG F 654 -34.58 16.40 -2.57
C ARG F 654 -33.17 16.33 -2.04
N VAL F 655 -32.37 15.47 -2.68
CA VAL F 655 -31.11 15.01 -2.12
C VAL F 655 -29.87 15.55 -2.80
N ALA F 656 -28.93 16.04 -2.02
CA ALA F 656 -27.67 16.47 -2.56
C ALA F 656 -26.55 15.64 -1.94
N MET F 657 -25.66 15.13 -2.79
CA MET F 657 -24.45 14.48 -2.35
C MET F 657 -23.35 15.52 -2.25
N LEU F 658 -22.99 15.93 -1.03
CA LEU F 658 -22.12 17.09 -0.80
C LEU F 658 -20.69 16.80 -1.10
N SER F 659 -19.97 17.82 -1.51
CA SER F 659 -18.56 17.68 -1.85
C SER F 659 -17.94 19.06 -1.67
N TYR F 660 -16.63 19.17 -1.89
CA TYR F 660 -16.00 20.48 -1.92
C TYR F 660 -16.01 20.97 -3.33
N SER F 661 -16.66 20.20 -4.18
CA SER F 661 -16.61 20.46 -5.60
C SER F 661 -18.00 20.71 -6.19
N ASN F 662 -18.05 21.47 -7.29
CA ASN F 662 -19.27 21.60 -8.08
C ASN F 662 -19.18 20.86 -9.42
N PHE F 663 -19.85 19.70 -9.51
CA PHE F 663 -20.02 18.95 -10.75
C PHE F 663 -18.74 18.80 -11.55
N SER F 664 -17.67 18.38 -10.88
CA SER F 664 -16.38 18.15 -11.53
C SER F 664 -16.11 16.66 -11.75
N GLY F 665 -16.58 15.81 -10.84
CA GLY F 665 -16.32 14.38 -10.90
C GLY F 665 -14.85 13.99 -10.82
N ALA F 666 -14.03 14.90 -10.31
CA ALA F 666 -12.61 14.67 -10.14
C ALA F 666 -12.30 13.49 -9.24
N GLU F 667 -11.12 12.90 -9.42
CA GLU F 667 -10.62 11.80 -8.59
C GLU F 667 -10.79 12.16 -7.12
N GLY F 668 -11.25 11.23 -6.28
CA GLY F 668 -11.43 11.52 -4.87
C GLY F 668 -12.88 11.70 -4.46
N THR F 669 -13.15 12.65 -3.57
CA THR F 669 -14.51 12.86 -3.09
C THR F 669 -15.51 13.30 -4.19
N PRO F 670 -15.06 14.11 -5.17
CA PRO F 670 -16.02 14.45 -6.23
C PRO F 670 -16.61 13.25 -6.98
N ARG F 671 -15.75 12.35 -7.43
CA ARG F 671 -16.18 11.16 -8.16
C ARG F 671 -17.07 10.28 -7.28
N LYS F 672 -16.72 10.23 -6.01
CA LYS F 672 -17.46 9.40 -5.09
C LYS F 672 -18.88 9.91 -4.98
N MET F 673 -19.03 11.23 -4.76
CA MET F 673 -20.37 11.77 -4.58
C MET F 673 -21.17 11.83 -5.88
N LYS F 674 -20.50 12.03 -7.00
CA LYS F 674 -21.20 11.99 -8.28
C LYS F 674 -21.75 10.59 -8.52
N LYS F 675 -20.91 9.59 -8.31
CA LYS F 675 -21.32 8.22 -8.54
C LYS F 675 -22.45 7.89 -7.57
N ALA F 676 -22.33 8.36 -6.32
CA ALA F 676 -23.35 8.15 -5.30
C ALA F 676 -24.71 8.65 -5.77
N ALA F 677 -24.74 9.87 -6.29
CA ALA F 677 -25.97 10.39 -6.83
C ALA F 677 -26.48 9.48 -7.97
N GLU F 678 -25.59 9.04 -8.85
CA GLU F 678 -26.02 8.20 -9.97
C GLU F 678 -26.68 6.89 -9.52
N ILE F 679 -26.06 6.25 -8.54
CA ILE F 679 -26.56 4.99 -8.03
C ILE F 679 -27.90 5.20 -7.37
N ALA F 680 -27.94 6.21 -6.51
CA ALA F 680 -29.18 6.53 -5.79
C ALA F 680 -30.32 6.71 -6.79
N ARG F 681 -30.11 7.52 -7.82
CA ARG F 681 -31.15 7.76 -8.82
C ARG F 681 -31.57 6.46 -9.49
N SER F 682 -30.64 5.55 -9.73
CA SER F 682 -31.01 4.29 -10.33
C SER F 682 -31.91 3.45 -9.42
N LEU F 683 -31.69 3.48 -8.11
CA LEU F 683 -32.59 2.74 -7.18
C LEU F 683 -33.88 3.49 -6.82
N ARG F 684 -33.92 4.79 -7.10
CA ARG F 684 -35.05 5.62 -6.68
C ARG F 684 -35.28 6.74 -7.70
N PRO F 685 -35.69 6.35 -8.91
CA PRO F 685 -35.76 7.20 -10.11
C PRO F 685 -36.75 8.36 -10.01
N ASP F 686 -37.60 8.33 -8.99
CA ASP F 686 -38.67 9.31 -8.82
C ASP F 686 -38.21 10.56 -8.05
N LEU F 687 -37.03 10.46 -7.44
CA LEU F 687 -36.53 11.49 -6.53
C LEU F 687 -35.51 12.39 -7.19
N MET F 688 -35.41 13.63 -6.70
CA MET F 688 -34.34 14.52 -7.15
C MET F 688 -33.09 14.21 -6.37
N ILE F 689 -32.13 13.60 -7.05
CA ILE F 689 -30.90 13.28 -6.35
C ILE F 689 -29.76 13.74 -7.25
N GLU F 690 -28.87 14.57 -6.70
CA GLU F 690 -27.83 15.16 -7.52
C GLU F 690 -26.53 15.29 -6.73
N GLY F 691 -25.42 15.36 -7.46
CA GLY F 691 -24.09 15.52 -6.89
C GLY F 691 -23.13 15.24 -8.02
N ASP F 692 -21.84 15.60 -7.87
CA ASP F 692 -21.31 16.30 -6.72
C ASP F 692 -21.58 17.81 -6.76
N MET F 693 -21.77 18.41 -5.59
CA MET F 693 -22.00 19.85 -5.51
C MET F 693 -21.57 20.40 -4.14
N GLN F 694 -21.28 21.71 -4.08
CA GLN F 694 -20.95 22.32 -2.81
C GLN F 694 -22.20 22.58 -1.97
N ALA F 695 -22.01 22.82 -0.68
CA ALA F 695 -23.16 22.86 0.21
C ALA F 695 -24.13 24.02 -0.09
N ASP F 696 -23.59 25.22 -0.31
CA ASP F 696 -24.49 26.34 -0.61
C ASP F 696 -25.16 26.09 -1.96
N THR F 697 -24.42 25.58 -2.96
CA THR F 697 -25.04 25.20 -4.23
C THR F 697 -26.23 24.29 -3.98
N ALA F 698 -26.07 23.39 -3.01
CA ALA F 698 -27.08 22.39 -2.71
C ALA F 698 -28.34 22.99 -2.07
N VAL F 699 -28.17 23.82 -1.03
CA VAL F 699 -29.33 24.30 -0.27
C VAL F 699 -30.04 25.50 -0.89
N ASN F 700 -29.31 26.23 -1.71
CA ASN F 700 -29.75 27.50 -2.28
C ASN F 700 -30.13 27.36 -3.76
N PRO F 701 -31.43 27.49 -4.06
CA PRO F 701 -31.85 27.10 -5.42
C PRO F 701 -31.48 28.11 -6.46
N GLU F 702 -31.26 29.35 -6.05
CA GLU F 702 -30.92 30.36 -7.01
C GLU F 702 -29.51 30.12 -7.49
N ILE F 703 -28.63 29.78 -6.55
CA ILE F 703 -27.26 29.44 -6.89
C ILE F 703 -27.22 28.30 -7.91
N MET F 704 -28.01 27.27 -7.64
CA MET F 704 -28.14 26.15 -8.56
C MET F 704 -28.60 26.60 -9.97
N GLU F 705 -29.68 27.40 -10.07
CA GLU F 705 -30.16 27.89 -11.37
C GLU F 705 -29.20 28.86 -12.07
N ARG F 706 -28.51 29.68 -11.31
CA ARG F 706 -27.62 30.68 -11.86
C ARG F 706 -26.35 30.05 -12.39
N LEU F 707 -25.85 29.02 -11.70
CA LEU F 707 -24.57 28.41 -12.06
C LEU F 707 -24.61 27.02 -12.69
N PHE F 708 -25.57 26.18 -12.31
CA PHE F 708 -25.62 24.78 -12.80
C PHE F 708 -27.06 24.41 -13.13
N PRO F 709 -27.66 25.16 -14.06
CA PRO F 709 -29.07 24.89 -14.40
C PRO F 709 -29.31 23.50 -15.01
N PHE F 710 -28.25 22.83 -15.49
CA PHE F 710 -28.35 21.47 -16.06
C PHE F 710 -28.65 20.47 -14.93
N SER F 711 -28.34 20.84 -13.71
CA SER F 711 -28.61 19.99 -12.59
C SER F 711 -30.09 19.68 -12.52
N GLY F 712 -30.41 18.47 -12.06
CA GLY F 712 -31.79 18.03 -11.93
C GLY F 712 -32.32 18.29 -10.54
N LEU F 713 -31.54 18.98 -9.75
CA LEU F 713 -31.97 19.31 -8.41
C LEU F 713 -32.56 20.70 -8.49
N LYS F 714 -33.86 20.80 -8.17
CA LYS F 714 -34.55 22.06 -8.23
C LYS F 714 -35.37 22.37 -6.97
N GLY F 715 -35.26 23.61 -6.51
CA GLY F 715 -35.99 24.11 -5.37
C GLY F 715 -35.17 23.98 -4.10
N GLY F 716 -33.90 23.65 -4.26
CA GLY F 716 -33.05 23.43 -3.10
C GLY F 716 -33.25 22.06 -2.51
N ALA F 717 -32.17 21.46 -2.05
CA ALA F 717 -32.22 20.15 -1.46
C ALA F 717 -32.65 20.24 0.00
N ASN F 718 -33.38 19.25 0.49
CA ASN F 718 -33.66 19.23 1.93
C ASN F 718 -32.97 18.03 2.61
N VAL F 719 -32.32 17.19 1.80
CA VAL F 719 -31.55 16.07 2.32
C VAL F 719 -30.11 16.17 1.89
N LEU F 720 -29.21 16.26 2.86
CA LEU F 720 -27.80 16.41 2.59
C LEU F 720 -26.98 15.21 3.09
N VAL F 721 -26.38 14.47 2.16
CA VAL F 721 -25.49 13.41 2.58
C VAL F 721 -24.01 13.79 2.37
N PHE F 722 -23.21 13.48 3.38
CA PHE F 722 -21.83 13.94 3.50
C PHE F 722 -20.84 12.84 3.04
N PRO F 723 -19.65 13.26 2.57
CA PRO F 723 -18.69 12.30 2.04
C PRO F 723 -17.84 11.61 3.08
N ASN F 724 -17.75 12.17 4.28
CA ASN F 724 -16.98 11.55 5.33
C ASN F 724 -17.49 11.96 6.70
N LEU F 725 -17.08 11.22 7.73
CA LEU F 725 -17.63 11.45 9.06
C LEU F 725 -17.23 12.81 9.65
N GLU F 726 -16.06 13.32 9.29
CA GLU F 726 -15.61 14.62 9.74
C GLU F 726 -16.57 15.76 9.34
N SER F 727 -16.89 15.79 8.05
CA SER F 727 -17.76 16.80 7.52
C SER F 727 -19.15 16.74 8.17
N SER F 728 -19.76 15.58 8.25
CA SER F 728 -21.10 15.48 8.83
C SER F 728 -21.13 15.81 10.32
N ASN F 729 -20.23 15.20 11.08
CA ASN F 729 -20.32 15.32 12.51
C ASN F 729 -20.05 16.77 12.91
N ILE F 730 -18.98 17.34 12.35
CA ILE F 730 -18.65 18.74 12.59
C ILE F 730 -19.75 19.69 12.11
N ALA F 731 -20.29 19.50 10.90
CA ALA F 731 -21.32 20.42 10.40
C ALA F 731 -22.50 20.45 11.35
N TYR F 732 -23.10 19.31 11.61
CA TYR F 732 -24.31 19.38 12.42
C TYR F 732 -23.98 19.97 13.79
N LYS F 733 -22.84 19.63 14.40
CA LYS F 733 -22.58 20.22 15.72
C LYS F 733 -22.39 21.75 15.70
N LEU F 734 -21.71 22.24 14.68
CA LEU F 734 -21.53 23.69 14.59
C LEU F 734 -22.88 24.38 14.38
N ILE F 735 -23.65 23.89 13.40
CA ILE F 735 -24.97 24.45 13.16
C ILE F 735 -25.76 24.52 14.46
N GLN F 736 -25.74 23.43 15.20
CA GLN F 736 -26.43 23.38 16.48
C GLN F 736 -25.96 24.44 17.47
N GLN F 737 -24.65 24.62 17.60
CA GLN F 737 -24.13 25.60 18.55
C GLN F 737 -24.23 27.08 18.16
N ILE F 738 -23.86 27.43 16.93
CA ILE F 738 -23.75 28.84 16.59
C ILE F 738 -24.82 29.31 15.64
N GLY F 739 -25.41 28.40 14.87
CA GLY F 739 -26.57 28.76 14.08
C GLY F 739 -27.67 28.94 15.10
N LYS F 740 -28.77 29.59 14.72
CA LYS F 740 -29.81 29.75 15.72
C LYS F 740 -31.02 28.97 15.28
N ALA F 741 -30.80 27.69 15.08
CA ALA F 741 -31.84 26.81 14.63
C ALA F 741 -31.72 25.55 15.47
N GLU F 742 -32.86 25.03 15.91
CA GLU F 742 -32.88 23.78 16.65
C GLU F 742 -32.41 22.67 15.74
N VAL F 743 -31.55 21.78 16.24
CA VAL F 743 -31.26 20.55 15.48
C VAL F 743 -31.46 19.32 16.40
N ILE F 744 -32.16 18.33 15.88
CA ILE F 744 -32.51 17.18 16.68
C ILE F 744 -31.84 15.96 16.10
N GLY F 745 -31.41 15.04 16.97
CA GLY F 745 -30.65 13.87 16.58
C GLY F 745 -29.38 13.70 17.39
N PRO F 746 -28.44 12.88 16.92
CA PRO F 746 -28.57 12.02 15.74
C PRO F 746 -29.57 10.92 15.99
N PHE F 747 -30.18 10.44 14.93
CA PHE F 747 -31.07 9.31 14.96
C PHE F 747 -30.43 8.19 14.14
N LEU F 748 -30.29 7.01 14.77
CA LEU F 748 -29.71 5.86 14.12
C LEU F 748 -30.69 5.21 13.17
N THR F 749 -30.36 5.23 11.89
CA THR F 749 -31.15 4.60 10.84
C THR F 749 -30.42 3.39 10.35
N GLY F 750 -31.15 2.52 9.65
CA GLY F 750 -30.56 1.34 9.04
C GLY F 750 -30.70 0.07 9.86
N VAL F 751 -31.16 0.19 11.10
CA VAL F 751 -31.16 -0.97 11.98
C VAL F 751 -32.59 -1.54 12.12
N ARG F 752 -32.67 -2.85 12.35
CA ARG F 752 -33.93 -3.62 12.32
C ARG F 752 -34.98 -3.24 13.38
N ARG F 753 -34.54 -2.82 14.55
CA ARG F 753 -35.46 -2.47 15.63
C ARG F 753 -35.17 -1.07 16.13
N SER F 754 -36.01 -0.52 17.00
CA SER F 754 -35.83 0.87 17.36
C SER F 754 -34.76 1.12 18.43
N ALA F 755 -33.71 1.85 18.07
CA ALA F 755 -32.68 2.26 19.02
C ALA F 755 -32.02 3.56 18.58
N ASN F 756 -31.70 4.41 19.54
CA ASN F 756 -30.93 5.63 19.25
C ASN F 756 -29.85 5.95 20.25
N VAL F 757 -28.75 6.48 19.73
CA VAL F 757 -27.66 6.83 20.60
C VAL F 757 -27.56 8.33 20.63
N LEU F 758 -27.71 8.89 21.82
CA LEU F 758 -27.57 10.30 22.04
C LEU F 758 -26.14 10.72 21.78
N GLN F 759 -25.95 11.97 21.39
CA GLN F 759 -24.64 12.58 21.53
C GLN F 759 -24.39 12.82 23.00
N ARG F 760 -23.22 12.45 23.51
CA ARG F 760 -22.94 12.60 24.93
C ARG F 760 -22.93 14.05 25.36
N THR F 761 -22.75 14.97 24.40
CA THR F 761 -22.77 16.40 24.71
C THR F 761 -24.20 16.93 24.84
N THR F 762 -25.19 16.07 24.64
CA THR F 762 -26.59 16.48 24.70
C THR F 762 -26.99 17.23 25.95
N THR F 763 -27.99 18.08 25.81
CA THR F 763 -28.67 18.64 26.96
C THR F 763 -29.91 17.84 27.32
N VAL F 764 -30.53 18.24 28.42
CA VAL F 764 -31.72 17.55 28.90
C VAL F 764 -32.87 17.75 27.94
N ASP F 765 -33.03 18.97 27.48
CA ASP F 765 -34.14 19.28 26.57
C ASP F 765 -33.87 18.53 25.24
N GLY F 766 -32.59 18.38 24.90
CA GLY F 766 -32.12 17.53 23.81
C GLY F 766 -32.55 16.07 23.90
N ILE F 767 -32.36 15.49 25.08
CA ILE F 767 -32.77 14.11 25.29
C ILE F 767 -34.27 14.02 25.15
N VAL F 768 -34.98 15.01 25.69
CA VAL F 768 -36.43 15.02 25.58
C VAL F 768 -36.91 14.99 24.12
N ASN F 769 -36.33 15.85 23.29
CA ASN F 769 -36.69 15.83 21.87
C ASN F 769 -36.36 14.46 21.26
N SER F 770 -35.16 13.96 21.55
CA SER F 770 -34.74 12.66 21.01
C SER F 770 -35.69 11.54 21.31
N VAL F 771 -36.09 11.47 22.58
CA VAL F 771 -36.98 10.44 23.01
C VAL F 771 -38.32 10.59 22.32
N VAL F 772 -38.82 11.82 22.10
CA VAL F 772 -40.03 12.00 21.28
C VAL F 772 -39.90 11.27 19.94
N PHE F 773 -38.82 11.54 19.23
CA PHE F 773 -38.75 10.86 17.94
C PHE F 773 -38.48 9.34 18.04
N THR F 774 -37.77 8.90 19.08
CA THR F 774 -37.61 7.47 19.34
C THR F 774 -38.97 6.84 19.62
N ALA F 775 -39.83 7.52 20.36
CA ALA F 775 -41.20 7.05 20.60
C ALA F 775 -41.88 6.85 19.26
N LEU F 776 -41.69 7.80 18.34
CA LEU F 776 -42.27 7.61 17.00
C LEU F 776 -41.75 6.38 16.27
N GLU F 777 -40.42 6.23 16.22
CA GLU F 777 -39.79 5.12 15.51
C GLU F 777 -40.28 3.79 16.12
N ALA F 778 -40.31 3.75 17.45
CA ALA F 778 -40.79 2.60 18.21
C ALA F 778 -42.24 2.27 17.84
N GLN F 779 -43.11 3.27 17.87
CA GLN F 779 -44.51 3.04 17.50
C GLN F 779 -44.64 2.51 16.07
N TYR F 780 -43.90 3.12 15.15
CA TYR F 780 -43.89 2.65 13.76
C TYR F 780 -43.47 1.19 13.60
N ILE F 781 -42.30 0.84 14.13
CA ILE F 781 -41.77 -0.52 14.04
C ILE F 781 -42.70 -1.52 14.71
N LYS F 782 -43.23 -1.19 15.88
CA LYS F 782 -44.18 -2.09 16.51
C LYS F 782 -45.37 -2.32 15.59
N GLU F 783 -45.84 -1.27 14.93
CA GLU F 783 -47.02 -1.40 14.07
C GLU F 783 -46.70 -2.37 12.94
N VAL F 784 -45.52 -2.19 12.35
CA VAL F 784 -45.12 -3.03 11.22
C VAL F 784 -44.96 -4.50 11.62
N LEU F 785 -44.42 -4.74 12.81
CA LEU F 785 -44.30 -6.09 13.32
C LEU F 785 -45.67 -6.73 13.53
N LYS F 786 -46.57 -5.97 14.14
CA LYS F 786 -47.96 -6.42 14.32
C LYS F 786 -48.74 -6.58 13.03
N SER F 787 -48.17 -6.20 11.89
CA SER F 787 -48.88 -6.52 10.65
C SER F 787 -48.42 -7.90 10.14
N ARG F 788 -47.16 -8.24 10.38
CA ARG F 788 -46.60 -9.53 9.96
C ARG F 788 -46.13 -10.40 11.13
N1A ACO G . 22.65 -2.44 -6.47
C2A ACO G . 23.54 -2.88 -5.57
N3A ACO G . 23.72 -4.23 -5.35
C4A ACO G . 22.97 -5.12 -6.06
C5A ACO G . 22.09 -4.70 -6.96
C6A ACO G . 21.91 -3.34 -7.18
N6A ACO G . 21.02 -2.50 -8.09
N7A ACO G . 21.49 -5.77 -7.53
C8A ACO G . 22.04 -6.85 -6.94
N9A ACO G . 22.95 -6.46 -6.05
C1B ACO G . 23.73 -7.27 -5.22
C2B ACO G . 22.98 -7.94 -4.34
O2B ACO G . 23.09 -7.38 -2.98
C3B ACO G . 23.50 -9.39 -4.32
O3B ACO G . 24.56 -9.51 -3.50
P3B ACO G . 24.34 -10.09 -1.94
O7A ACO G . 23.90 -8.90 -1.10
O8A ACO G . 23.34 -11.18 -1.97
O9A ACO G . 25.63 -10.61 -1.47
C4B ACO G . 24.06 -9.60 -5.76
O4B ACO G . 24.44 -8.41 -6.17
C5B ACO G . 23.00 -10.20 -6.69
O5B ACO G . 22.52 -11.37 -6.04
P1A ACO G . 20.79 -11.52 -5.94
O1A ACO G . 20.18 -10.30 -5.27
O2A ACO G . 20.50 -12.83 -5.12
O3A ACO G . 20.19 -11.62 -7.42
P2A ACO G . 18.70 -11.00 -7.85
O4A ACO G . 18.04 -11.95 -8.82
O5A ACO G . 17.84 -10.79 -6.64
O6A ACO G . 18.89 -9.47 -8.54
CBP ACO G . 19.73 -9.22 -10.71
CCP ACO G . 20.06 -9.21 -9.24
CDP ACO G . 19.72 -10.64 -11.22
CEP ACO G . 20.79 -8.38 -11.49
CAP ACO G . 18.35 -8.54 -10.89
OAP ACO G . 18.59 -7.14 -10.86
C9P ACO G . 17.81 -8.82 -12.27
O9P ACO G . 17.23 -9.83 -12.63
N8P ACO G . 17.98 -7.77 -13.27
C7P ACO G . 17.43 -8.15 -14.52
C6P ACO G . 18.69 -8.58 -15.41
C5P ACO G . 18.05 -8.51 -16.84
O5P ACO G . 17.35 -9.38 -17.21
N4P ACO G . 18.32 -7.36 -17.69
C3P ACO G . 17.69 -7.24 -19.07
C2P ACO G . 18.56 -7.99 -20.10
S1P ACO G . 20.22 -7.32 -20.01
C ACO G . 20.88 -7.66 -21.69
O ACO G . 20.26 -8.33 -22.46
CH3 ACO G . 22.23 -7.04 -22.11
N1A ACO H . -7.31 6.36 -22.42
C2A ACO H . -8.56 6.82 -22.59
N3A ACO H . -8.87 8.12 -22.26
C4A ACO H . -7.89 8.93 -21.77
C5A ACO H . -6.63 8.49 -21.60
C6A ACO H . -6.32 7.16 -21.93
N6A ACO H . -5.06 6.30 -21.90
N7A ACO H . -5.88 9.49 -21.10
C8A ACO H . -6.71 10.55 -20.98
N9A ACO H . -7.94 10.20 -21.37
C1B ACO H . -9.10 10.99 -21.42
C2B ACO H . -9.52 11.40 -20.21
O2B ACO H . -10.68 10.63 -19.73
C3B ACO H . -9.91 12.89 -20.40
O3B ACO H . -11.14 13.00 -20.95
P3B ACO H . -12.48 13.16 -19.94
O7A ACO H . -12.70 11.87 -19.19
O8A ACO H . -12.20 14.26 -19.00
O9A ACO H . -13.66 13.48 -20.76
C4B ACO H . -8.87 13.37 -21.47
O4B ACO H . -8.73 12.35 -22.27
C5B ACO H . -7.54 13.71 -20.81
O5B ACO H . -7.78 14.88 -20.04
P1A ACO H . -7.46 14.81 -18.33
O1A ACO H . -8.72 14.44 -17.57
O2A ACO H . -6.93 16.20 -17.85
O3A ACO H . -6.35 13.68 -18.19
P2A ACO H . -4.87 13.96 -17.49
O4A ACO H . -5.04 14.61 -16.15
O5A ACO H . -4.16 12.65 -17.34
O6A ACO H . -4.03 14.98 -18.56
CBP ACO H . -2.64 13.71 -20.09
CCP ACO H . -2.72 14.62 -18.87
CDP ACO H . -2.06 14.47 -21.27
CEP ACO H . -4.02 13.15 -20.56
CAP ACO H . -1.74 12.51 -19.75
OAP ACO H . -2.05 11.55 -20.76
C9P ACO H . -0.27 12.84 -19.83
O9P ACO H . 0.24 13.81 -19.31
N8P ACO H . 0.62 11.95 -20.56
C7P ACO H . 2.00 12.32 -20.60
C6P ACO H . 2.21 13.26 -21.89
C5P ACO H . 3.78 13.51 -21.97
O5P ACO H . 4.30 14.08 -21.07
N4P ACO H . 4.51 13.05 -23.13
C3P ACO H . 6.01 13.24 -23.24
C2P ACO H . 6.32 14.33 -24.29
S1P ACO H . 5.64 13.91 -25.89
C ACO H . 6.81 14.36 -27.22
O ACO H . 7.92 14.73 -26.97
CH3 ACO H . 6.33 14.27 -28.69
N1A ACO I . 3.70 -2.89 22.27
C2A ACO I . 3.64 -1.81 23.05
N3A ACO I . 2.45 -1.42 23.59
C4A ACO I . 1.33 -2.16 23.33
C5A ACO I . 1.38 -3.25 22.58
C6A ACO I . 2.59 -3.63 22.02
N6A ACO I . 3.01 -4.79 21.13
N7A ACO I . 0.15 -3.81 22.47
C8A ACO I . -0.66 -3.01 23.20
N9A ACO I . 0.05 -1.99 23.73
C1B ACO I . -0.45 -0.95 24.54
C2B ACO I . -1.12 -0.08 23.77
O2B ACO I . -0.34 1.13 23.45
C3B ACO I . -2.36 0.32 24.58
O3B ACO I . -2.01 1.14 25.60
P3B ACO I . -2.24 2.80 25.46
O7A ACO I . -0.93 3.41 24.97
O8A ACO I . -3.38 2.98 24.54
O9A ACO I . -2.62 3.40 26.77
C4B ACO I . -2.75 -1.03 25.27
O4B ACO I . -1.59 -1.63 25.48
C5B ACO I . -3.67 -1.92 24.40
O5B ACO I . -4.84 -1.18 24.00
P1A ACO I . -5.17 -1.23 22.29
O1A ACO I . -3.95 -1.66 21.47
O2A ACO I . -5.69 0.17 21.79
O3A ACO I . -6.24 -2.37 22.14
P2A ACO I . -5.94 -3.58 21.04
O4A ACO I . -7.08 -4.56 21.16
O5A ACO I . -5.81 -3.00 19.66
O6A ACO I . -4.45 -4.35 21.36
CBP ACO I . -4.17 -6.61 22.11
CCP ACO I . -4.32 -5.15 22.49
CDP ACO I . -5.37 -7.33 22.69
CEP ACO I . -2.86 -7.17 22.77
CAP ACO I . -4.07 -6.86 20.58
OAP ACO I . -2.70 -6.77 20.17
C9P ACO I . -4.42 -8.28 20.26
O9P ACO I . -5.57 -8.65 20.08
N8P ACO I . -3.30 -9.24 20.12
C7P ACO I . -3.62 -10.60 19.83
C6P ACO I . -3.95 -11.23 21.28
C5P ACO I . -4.45 -12.67 20.94
O5P ACO I . -5.54 -12.79 20.55
N4P ACO I . -3.59 -13.84 21.04
C3P ACO I . -4.23 -15.13 20.61
C2P ACO I . -4.30 -16.20 21.70
S1P ACO I . -3.47 -15.73 23.19
C ACO I . -3.70 -17.34 24.00
O ACO I . -4.26 -18.21 23.39
CH3 ACO I . -3.22 -17.67 25.43
N1A ACO J . 0.82 -23.03 -6.38
C2A ACO J . 0.85 -23.40 -7.70
N3A ACO J . 2.04 -23.45 -8.41
C4A ACO J . 3.16 -23.09 -7.73
C5A ACO J . 3.17 -22.71 -6.45
C6A ACO J . 1.97 -22.69 -5.74
N6A ACO J . 1.54 -22.36 -4.32
N7A ACO J . 4.43 -22.43 -6.07
C8A ACO J . 5.17 -22.63 -7.16
N9A ACO J . 4.41 -23.04 -8.18
C1B ACO J . 4.72 -23.36 -9.51
C2B ACO J . 4.89 -22.26 -10.23
O2B ACO J . 3.78 -22.08 -11.16
C3B ACO J . 6.18 -22.51 -11.04
O3B ACO J . 5.91 -23.26 -12.12
P3B ACO J . 5.84 -22.59 -13.66
O7A ACO J . 4.60 -21.74 -13.76
O8A ACO J . 7.04 -21.80 -13.92
O9A ACO J . 5.77 -23.72 -14.60
C4B ACO J . 7.03 -23.39 -10.07
O4B ACO J . 6.16 -24.17 -9.49
C5B ACO J . 7.76 -22.51 -9.06
O5B ACO J . 8.99 -22.28 -9.73
P1A ACO J . 9.72 -20.71 -9.57
O1A ACO J . 9.73 -20.00 -10.92
O2A ACO J . 11.18 -20.80 -9.02
O3A ACO J . 8.87 -19.98 -8.45
P2A ACO J . 9.53 -19.81 -6.93
O4A ACO J . 10.77 -18.98 -6.93
O5A ACO J . 8.46 -19.15 -6.08
O6A ACO J . 9.94 -21.36 -6.34
CBP ACO J . 9.51 -21.91 -4.10
CCP ACO J . 10.54 -21.42 -5.09
CDP ACO J . 10.10 -23.06 -3.36
CEP ACO J . 8.25 -22.49 -4.80
CAP ACO J . 9.02 -20.78 -3.15
OAP ACO J . 7.59 -20.86 -3.06
C9P ACO J . 9.63 -20.96 -1.79
O9P ACO J . 10.73 -20.55 -1.50
N8P ACO J . 8.87 -21.64 -0.73
C7P ACO J . 9.54 -21.75 0.52
C6P ACO J . 10.54 -23.02 0.48
C5P ACO J . 11.13 -23.09 1.96
O5P ACO J . 12.18 -22.58 2.20
N4P ACO J . 10.35 -23.75 3.01
C3P ACO J . 10.91 -23.78 4.42
C2P ACO J . 12.03 -24.80 4.42
S1P ACO J . 11.19 -26.32 4.02
C ACO J . 11.86 -27.67 5.06
O ACO J . 12.62 -27.44 5.95
CH3 ACO J . 11.45 -29.13 4.76
N1A ACO K . 1.53 23.84 0.58
C2A ACO K . 2.65 24.42 0.11
N3A ACO K . 2.78 24.69 -1.24
C4A ACO K . 1.75 24.38 -2.10
C5A ACO K . 0.63 23.82 -1.64
C6A ACO K . 0.50 23.54 -0.28
N6A ACO K . -0.58 22.92 0.61
N7A ACO K . -0.20 23.61 -2.68
C8A ACO K . 0.44 24.07 -3.79
N9A ACO K . 1.64 24.53 -3.44
C1B ACO K . 2.62 25.10 -4.28
C2B ACO K . 3.27 24.24 -5.05
O2B ACO K . 4.69 24.17 -4.67
C3B ACO K . 3.26 24.82 -6.47
O3B ACO K . 4.36 25.56 -6.72
P3B ACO K . 5.62 24.86 -7.56
O7A ACO K . 6.80 25.75 -7.44
O8A ACO K . 5.25 24.73 -8.97
O9A ACO K . 5.91 23.54 -6.99
C4B ACO K . 2.00 25.75 -6.48
O4B ACO K . 1.80 26.13 -5.26
C5B ACO K . 0.81 24.91 -6.93
O5B ACO K . 1.43 23.96 -7.77
P1A ACO K . 0.35 23.22 -8.92
O1A ACO K . 0.84 21.80 -9.28
O2A ACO K . 0.24 24.08 -10.22
O3A ACO K . -1.07 23.17 -8.17
P2A ACO K . -1.89 21.73 -8.00
O4A ACO K . -2.56 21.39 -9.30
O5A ACO K . -0.93 20.67 -7.54
O6A ACO K . -3.07 22.00 -6.78
CBP ACO K . -4.49 23.34 -5.55
CCP ACO K . -3.06 23.18 -6.05
CDP ACO K . -5.29 23.96 -6.68
CEP ACO K . -4.54 24.29 -4.31
CAP ACO K . -4.97 21.91 -5.10
OAP ACO K . -4.69 21.80 -3.71
C9P ACO K . -6.45 21.78 -5.26
O9P ACO K . -7.01 21.54 -6.33
N8P ACO K . -7.29 21.93 -4.08
C7P ACO K . -8.69 21.83 -4.38
C6P ACO K . -9.16 23.35 -4.61
C5P ACO K . -10.70 23.24 -4.29
O5P ACO K . -11.42 22.78 -5.09
N4P ACO K . -11.24 23.67 -3.02
C3P ACO K . -12.74 23.50 -2.85
C2P ACO K . -13.45 24.70 -3.51
S1P ACO K . -12.90 26.21 -2.72
C ACO K . -14.37 27.34 -2.65
O ACO K . -15.44 26.94 -2.98
CH3 ACO K . -14.22 28.80 -2.17
N1A ACO L . -22.21 -1.08 7.72
C2A ACO L . -22.76 -2.30 7.88
N3A ACO L . -22.58 -3.03 9.03
C4A ACO L . -21.81 -2.47 10.00
C5A ACO L . -21.25 -1.27 9.88
C6A ACO L . -21.45 -0.53 8.71
N6A ACO L . -21.00 0.84 8.21
N7A ACO L . -20.56 -0.98 11.00
C8A ACO L . -20.71 -2.05 11.80
N9A ACO L . -21.47 -2.95 11.19
C1B ACO L . -21.86 -4.19 11.68
C2B ACO L . -20.78 -4.94 11.81
O2B ACO L . -20.70 -5.94 10.73
C3B ACO L . -20.92 -5.60 13.20
O3B ACO L . -21.75 -6.65 13.19
P3B ACO L . -21.03 -8.14 13.01
O7A ACO L . -19.63 -8.05 13.54
O8A ACO L . -21.75 -9.15 13.79
O9A ACO L . -21.09 -8.39 11.54
C4B ACO L . -21.67 -4.53 14.06
O4B ACO L . -22.42 -3.90 13.19
C5B ACO L . -20.69 -3.61 14.81
O5B ACO L . -19.43 -3.66 14.16
P1A ACO L . -18.04 -3.95 15.17
O1A ACO L . -17.83 -5.45 15.36
O2A ACO L . -18.17 -3.26 16.55
O3A ACO L . -16.83 -3.24 14.43
P2A ACO L . -16.33 -1.72 14.89
O4A ACO L . -15.62 -1.69 16.24
O5A ACO L . -15.43 -1.20 13.78
O6A ACO L . -17.67 -0.69 15.10
CBP ACO L . -18.29 1.49 14.60
CCP ACO L . -18.15 0.09 14.06
CDP ACO L . -18.18 1.46 16.11
CEP ACO L . -19.70 2.08 14.20
CAP ACO L . -17.15 2.33 13.96
OAP ACO L . -17.46 2.51 12.58
C9P ACO L . -16.95 3.68 14.59
O9P ACO L . -16.37 3.83 15.64
N8P ACO L . -17.45 4.89 13.90
C7P ACO L . -17.22 6.18 14.51
C6P ACO L . -18.15 6.36 15.81
C5P ACO L . -17.94 7.85 16.33
O5P ACO L . -17.25 8.05 17.28
N4P ACO L . -18.61 8.95 15.60
C3P ACO L . -18.48 10.40 15.99
C2P ACO L . -19.20 10.58 17.35
S1P ACO L . -20.97 10.60 17.07
C ACO L . -21.74 11.92 18.09
O ACO L . -21.08 12.80 18.58
CH3 ACO L . -23.25 11.85 18.33
#